data_7CYY
#
_entry.id   7CYY
#
_cell.length_a   205.582
_cell.length_b   82.120
_cell.length_c   192.726
_cell.angle_alpha   90.000
_cell.angle_beta   117.930
_cell.angle_gamma   90.000
#
_symmetry.space_group_name_H-M   'C 1 2 1'
#
loop_
_entity.id
_entity.type
_entity.pdbx_description
1 polymer 'L-arabinose isomerase'
2 non-polymer (4S)-2-METHYL-2,4-PENTANEDIOL
3 non-polymer 'MANGANESE (II) ION'
4 non-polymer D-ribitol
5 water water
#
_entity_poly.entity_id   1
_entity_poly.type   'polypeptide(L)'
_entity_poly.pdbx_seq_one_letter_code
;MMLSLRPYEFWFVTGSQHLYGEEALKQVEEHSRIMVNEWNRDSVFPFPFVFKSVVTTPEEIRRVCLEANASEQCAGVVTW
MHTFSPAKMWIGGLLELRKPLLHLHTQFNRDIPWDSIDMDFMNLNQSAHGDREFGFMVTRLGMPRKVIVGHWQDAEVARR
VRGWAMTAVAAAVSRGLKVARFGDNMRQVAVTEGDKVEAEARFGWSVNGYGVGDLAERVRAVSEAEIDRLIDEYQSLYEF
APGCEKGGPLHDGVREQARIELGLRSFLEEGGFEAFTTTFEDLHGMKQLPGLAVQRLMAEGYGFGGEGDWKTAALVRLMK
VMADGKGTSFMEDYTYHFEPGNEMILGAHMLEVCPTIAATRPRIEVHPLSIGGKEDPARLVFDGGEGAAVNASLIDLGHR
FRLIVNEVDAVKPEHDMPKLPVARILWKPRPSLRDSAEAWILAGGAHHTCFSFAVTTEQLQDFAEMAGIECVVINEHTSV
SSFKNELKWNEVFWRGR
;
_entity_poly.pdbx_strand_id   A,B,C,D,E,F
#
loop_
_chem_comp.id
_chem_comp.type
_chem_comp.name
_chem_comp.formula
MN non-polymer 'MANGANESE (II) ION' 'Mn 2'
MPD non-polymer (4S)-2-METHYL-2,4-PENTANEDIOL 'C6 H14 O2'
RB0 non-polymer D-ribitol 'C5 H12 O5'
#
# COMPACT_ATOMS: atom_id res chain seq x y z
N MET A 1 31.03 11.26 9.40
CA MET A 1 31.13 12.71 9.18
C MET A 1 32.61 13.17 9.13
N MET A 2 32.89 14.18 9.96
CA MET A 2 34.13 14.95 10.12
C MET A 2 33.73 16.42 10.27
N LEU A 3 32.78 16.86 9.44
CA LEU A 3 32.11 18.15 9.57
C LEU A 3 31.53 18.31 10.98
N SER A 4 31.95 19.37 11.67
CA SER A 4 31.61 19.46 13.07
C SER A 4 30.23 20.07 13.25
N LEU A 5 29.63 19.76 14.41
CA LEU A 5 28.33 20.24 14.84
C LEU A 5 28.48 21.16 16.04
N ARG A 6 27.58 22.17 16.11
CA ARG A 6 27.44 22.99 17.31
C ARG A 6 27.26 22.11 18.52
N PRO A 7 27.66 22.56 19.70
CA PRO A 7 27.48 21.74 20.89
C PRO A 7 26.02 21.66 21.30
N TYR A 8 25.19 21.07 20.44
CA TYR A 8 23.76 21.02 20.70
C TYR A 8 23.47 20.32 22.02
N GLU A 9 22.40 20.75 22.66
CA GLU A 9 21.96 20.22 23.94
C GLU A 9 20.44 20.13 23.91
N PHE A 10 19.87 19.49 24.93
CA PHE A 10 18.43 19.35 25.04
C PHE A 10 17.99 19.82 26.41
N TRP A 11 17.04 20.76 26.46
CA TRP A 11 16.57 21.32 27.70
C TRP A 11 15.40 20.49 28.24
N PHE A 12 15.52 20.02 29.47
CA PHE A 12 14.45 19.33 30.17
C PHE A 12 13.69 20.35 31.01
N VAL A 13 12.48 20.68 30.60
CA VAL A 13 11.63 21.57 31.39
C VAL A 13 10.61 20.73 32.13
N THR A 14 10.47 21.00 33.42
CA THR A 14 9.51 20.30 34.27
C THR A 14 8.46 21.30 34.69
N GLY A 15 7.20 20.91 34.59
CA GLY A 15 6.10 21.77 34.91
C GLY A 15 5.49 21.32 36.22
N SER A 16 5.23 22.30 37.08
CA SER A 16 4.40 22.06 38.25
C SER A 16 3.64 23.34 38.57
N GLN A 17 3.11 23.43 39.77
CA GLN A 17 2.35 24.58 40.20
C GLN A 17 2.71 24.89 41.66
N HIS A 18 2.12 25.96 42.19
CA HIS A 18 2.32 26.32 43.58
C HIS A 18 1.37 25.62 44.57
N LEU A 19 0.28 25.03 44.07
CA LEU A 19 -0.74 24.42 44.91
C LEU A 19 -0.17 23.52 46.02
N TYR A 20 0.75 22.60 45.68
CA TYR A 20 1.18 21.59 46.64
C TYR A 20 2.25 22.08 47.61
N GLY A 21 2.89 23.22 47.32
CA GLY A 21 3.83 23.85 48.21
C GLY A 21 5.17 24.03 47.57
N GLU A 22 6.15 24.41 48.38
CA GLU A 22 7.50 24.56 47.88
C GLU A 22 8.40 23.39 48.25
N GLU A 23 8.18 22.72 49.37
CA GLU A 23 8.98 21.52 49.57
C GLU A 23 8.57 20.42 48.59
N ALA A 24 7.32 20.43 48.14
CA ALA A 24 6.95 19.55 47.02
C ALA A 24 7.60 20.00 45.72
N LEU A 25 7.78 21.32 45.53
CA LEU A 25 8.55 21.78 44.38
C LEU A 25 10.00 21.30 44.44
N LYS A 26 10.55 21.15 45.65
CA LYS A 26 11.91 20.63 45.77
C LYS A 26 11.96 19.15 45.40
N GLN A 27 10.97 18.37 45.82
CA GLN A 27 10.90 16.98 45.40
C GLN A 27 10.76 16.87 43.88
N VAL A 28 10.10 17.83 43.24
CA VAL A 28 10.03 17.83 41.79
C VAL A 28 11.38 18.17 41.20
N GLU A 29 12.05 19.17 41.76
CA GLU A 29 13.28 19.66 41.17
C GLU A 29 14.38 18.60 41.23
N GLU A 30 14.45 17.85 42.33
CA GLU A 30 15.55 16.90 42.45
C GLU A 30 15.24 15.61 41.73
N HIS A 31 13.96 15.20 41.67
CA HIS A 31 13.58 14.11 40.79
C HIS A 31 14.07 14.39 39.38
N SER A 32 13.72 15.56 38.84
CA SER A 32 14.17 15.95 37.51
C SER A 32 15.68 15.97 37.44
N ARG A 33 16.33 16.50 38.49
CA ARG A 33 17.79 16.54 38.50
C ARG A 33 18.38 15.14 38.43
N ILE A 34 17.72 14.17 39.08
CA ILE A 34 18.19 12.79 39.02
C ILE A 34 18.07 12.28 37.59
N MET A 35 16.88 12.44 36.99
CA MET A 35 16.60 11.93 35.65
C MET A 35 17.60 12.47 34.65
N VAL A 36 17.82 13.78 34.66
CA VAL A 36 18.71 14.40 33.68
C VAL A 36 20.13 13.87 33.85
N ASN A 37 20.64 13.90 35.08
CA ASN A 37 22.04 13.55 35.28
C ASN A 37 22.27 12.09 34.98
N GLU A 38 21.28 11.24 35.29
CA GLU A 38 21.31 9.84 34.88
C GLU A 38 21.40 9.70 33.37
N TRP A 39 20.80 10.63 32.64
CA TRP A 39 20.76 10.55 31.19
C TRP A 39 22.04 11.05 30.56
N ASN A 40 22.66 12.03 31.17
CA ASN A 40 23.97 12.47 30.73
C ASN A 40 25.08 11.51 31.16
N ARG A 41 24.73 10.38 31.77
CA ARG A 41 25.72 9.42 32.26
C ARG A 41 26.04 8.40 31.17
N ASP A 42 27.30 8.38 30.74
CA ASP A 42 27.85 7.43 29.77
C ASP A 42 27.23 7.57 28.39
N SER A 43 28.07 7.51 27.36
CA SER A 43 27.65 7.84 26.00
C SER A 43 26.63 6.83 25.44
N PHE A 45 26.15 9.67 24.22
CA PHE A 45 25.40 10.52 23.34
C PHE A 45 26.05 11.90 23.25
N PRO A 46 26.12 12.44 22.03
CA PRO A 46 26.90 13.68 21.80
C PRO A 46 26.19 14.93 22.25
N PHE A 47 24.92 14.83 22.64
CA PHE A 47 24.12 15.99 23.01
C PHE A 47 23.57 15.79 24.41
N PRO A 48 24.00 16.61 25.36
CA PRO A 48 23.58 16.42 26.75
C PRO A 48 22.12 16.80 26.95
N PHE A 49 21.61 16.43 28.12
CA PHE A 49 20.37 17.00 28.64
C PHE A 49 20.71 18.04 29.69
N VAL A 50 20.28 19.29 29.47
CA VAL A 50 20.45 20.38 30.43
C VAL A 50 19.15 20.59 31.18
N PHE A 51 19.18 20.40 32.50
CA PHE A 51 18.03 20.68 33.34
C PHE A 51 17.80 22.19 33.46
N LYS A 52 16.59 22.64 33.10
CA LYS A 52 16.14 23.99 33.40
C LYS A 52 15.18 23.91 34.56
N SER A 53 15.27 24.85 35.49
CA SER A 53 14.54 24.66 36.73
C SER A 53 13.04 24.69 36.48
N VAL A 54 12.32 23.84 37.23
CA VAL A 54 10.86 23.69 37.28
C VAL A 54 10.14 25.00 36.99
N VAL A 55 9.17 24.98 36.08
CA VAL A 55 8.43 26.17 35.71
C VAL A 55 7.09 26.14 36.40
N THR A 56 6.75 27.21 37.11
CA THR A 56 5.60 27.18 38.00
C THR A 56 4.48 28.08 37.54
N THR A 57 4.79 29.02 36.66
CA THR A 57 3.94 30.17 36.40
C THR A 57 4.05 30.49 34.93
N PRO A 58 3.08 31.23 34.38
CA PRO A 58 3.17 31.62 32.96
C PRO A 58 4.46 32.33 32.60
N GLU A 59 4.96 33.24 33.45
CA GLU A 59 6.18 33.97 33.15
C GLU A 59 7.39 33.04 33.14
N GLU A 60 7.45 32.09 34.06
CA GLU A 60 8.55 31.14 34.05
C GLU A 60 8.46 30.26 32.81
N ILE A 61 7.29 29.73 32.51
CA ILE A 61 7.15 28.93 31.30
C ILE A 61 7.54 29.76 30.08
N ARG A 62 7.17 31.04 30.08
CA ARG A 62 7.46 31.86 28.90
C ARG A 62 8.94 32.21 28.80
N ARG A 63 9.63 32.38 29.92
CA ARG A 63 11.03 32.73 29.73
C ARG A 63 11.86 31.51 29.32
N VAL A 64 11.53 30.32 29.83
CA VAL A 64 12.33 29.16 29.44
C VAL A 64 12.16 28.89 27.95
N CYS A 65 10.93 28.94 27.44
CA CYS A 65 10.71 28.78 26.01
C CYS A 65 11.36 29.90 25.22
N LEU A 66 11.36 31.11 25.74
CA LEU A 66 12.04 32.18 25.02
C LEU A 66 13.52 31.94 24.98
N GLU A 67 14.09 31.51 26.11
CA GLU A 67 15.52 31.24 26.15
C GLU A 67 15.87 30.05 25.27
N ALA A 68 15.09 28.96 25.36
CA ALA A 68 15.21 27.84 24.43
C ALA A 68 15.20 28.32 22.99
N ASN A 69 14.24 29.18 22.68
CA ASN A 69 14.08 29.67 21.32
C ASN A 69 15.35 30.35 20.82
N ALA A 70 15.97 31.18 21.67
CA ALA A 70 17.05 32.04 21.24
C ALA A 70 18.43 31.41 21.40
N SER A 71 18.51 30.26 22.03
CA SER A 71 19.78 29.61 22.29
C SER A 71 20.16 28.79 21.07
N GLU A 72 21.23 29.18 20.39
CA GLU A 72 21.53 28.45 19.16
C GLU A 72 22.11 27.07 19.43
N GLN A 73 22.41 26.72 20.69
CA GLN A 73 22.79 25.37 21.10
C GLN A 73 21.62 24.54 21.60
N CYS A 74 20.47 25.15 21.89
CA CYS A 74 19.29 24.38 22.19
C CYS A 74 18.72 23.79 20.91
N ALA A 75 18.69 22.47 20.80
CA ALA A 75 18.14 21.81 19.62
C ALA A 75 16.77 21.20 19.87
N GLY A 76 16.33 21.12 21.12
CA GLY A 76 14.98 20.70 21.41
C GLY A 76 14.68 20.90 22.88
N VAL A 77 13.39 21.03 23.18
CA VAL A 77 12.88 21.13 24.54
C VAL A 77 12.12 19.85 24.85
N VAL A 78 12.35 19.31 26.04
CA VAL A 78 11.70 18.10 26.51
C VAL A 78 10.92 18.53 27.73
N THR A 79 9.58 18.50 27.63
CA THR A 79 8.72 18.96 28.70
C THR A 79 8.09 17.77 29.40
N TRP A 80 7.93 17.90 30.70
CA TRP A 80 7.31 16.84 31.49
C TRP A 80 6.58 17.49 32.65
N MET A 81 5.25 17.33 32.70
CA MET A 81 4.44 17.77 33.82
C MET A 81 4.52 16.71 34.91
N HIS A 82 5.47 16.91 35.82
CA HIS A 82 5.61 16.07 37.02
C HIS A 82 4.30 16.06 37.81
N THR A 83 3.73 17.23 38.01
CA THR A 83 2.43 17.39 38.64
C THR A 83 1.45 18.00 37.64
N PHE A 84 0.26 18.29 38.13
CA PHE A 84 -0.65 19.16 37.40
C PHE A 84 0.03 20.50 37.21
N SER A 85 0.14 20.94 35.97
CA SER A 85 0.70 22.24 35.64
C SER A 85 -0.39 22.85 34.76
N PRO A 86 -1.36 23.56 35.38
CA PRO A 86 -2.56 23.99 34.63
C PRO A 86 -2.19 24.70 33.33
N ALA A 87 -2.63 24.12 32.21
CA ALA A 87 -1.96 24.35 30.95
C ALA A 87 -2.23 25.72 30.39
N LYS A 88 -3.07 26.57 31.00
CA LYS A 88 -3.16 27.91 30.44
C LYS A 88 -1.90 28.70 30.74
N MET A 89 -1.16 28.33 31.79
CA MET A 89 0.13 28.95 32.06
C MET A 89 1.12 28.72 30.92
N TRP A 90 0.91 27.67 30.13
CA TRP A 90 1.85 27.27 29.09
C TRP A 90 1.57 27.87 27.73
N ILE A 91 0.40 28.48 27.53
CA ILE A 91 0.04 28.97 26.21
C ILE A 91 1.03 30.03 25.74
N GLY A 92 1.32 31.02 26.61
CA GLY A 92 2.32 32.01 26.24
C GLY A 92 3.64 31.38 25.87
N GLY A 93 4.12 30.47 26.70
CA GLY A 93 5.36 29.77 26.45
C GLY A 93 5.35 28.96 25.19
N LEU A 94 4.40 28.02 25.10
CA LEU A 94 4.30 27.16 23.92
C LEU A 94 4.23 27.97 22.64
N LEU A 95 3.54 29.11 22.69
CA LEU A 95 3.36 29.92 21.51
C LEU A 95 4.64 30.56 21.01
N GLU A 96 5.64 30.76 21.87
CA GLU A 96 6.91 31.30 21.40
C GLU A 96 7.93 30.22 21.07
N LEU A 97 7.65 28.96 21.41
CA LEU A 97 8.57 27.85 21.27
C LEU A 97 8.63 27.40 19.81
N ARG A 98 9.71 27.73 19.14
CA ARG A 98 9.92 27.38 17.74
C ARG A 98 11.02 26.33 17.61
N LYS A 99 11.21 25.59 18.63
CA LYS A 99 12.17 24.53 18.75
C LYS A 99 11.42 23.22 18.89
N PRO A 100 11.98 22.12 18.39
CA PRO A 100 11.28 20.84 18.51
C PRO A 100 10.90 20.55 19.94
N LEU A 101 9.69 20.04 20.13
CA LEU A 101 9.14 19.79 21.44
C LEU A 101 8.86 18.30 21.59
N LEU A 102 9.59 17.66 22.50
CA LEU A 102 9.27 16.30 22.92
C LEU A 102 8.51 16.39 24.24
N HIS A 103 7.30 15.83 24.28
CA HIS A 103 6.54 15.69 25.51
C HIS A 103 6.89 14.34 26.10
N LEU A 104 7.79 14.33 27.08
CA LEU A 104 8.11 13.08 27.75
C LEU A 104 7.05 12.89 28.82
N HIS A 105 6.11 12.01 28.51
CA HIS A 105 5.06 11.66 29.45
C HIS A 105 5.62 10.56 30.34
N THR A 106 6.37 10.97 31.34
CA THR A 106 6.91 9.93 32.18
C THR A 106 6.45 10.03 33.61
N GLN A 107 7.24 9.45 34.50
CA GLN A 107 6.93 9.37 35.91
C GLN A 107 8.24 8.99 36.58
N PHE A 108 8.50 9.50 37.78
CA PHE A 108 9.79 9.26 38.39
C PHE A 108 9.90 7.83 38.91
N ASN A 109 9.01 7.46 39.81
CA ASN A 109 8.94 6.06 40.20
C ASN A 109 8.37 5.27 39.04
N ARG A 110 8.85 4.03 38.90
CA ARG A 110 8.26 3.10 37.95
C ARG A 110 6.95 2.53 38.46
N ASP A 111 6.92 2.13 39.74
CA ASP A 111 5.83 1.31 40.26
C ASP A 111 5.05 2.05 41.33
N ILE A 112 3.73 1.88 41.30
CA ILE A 112 2.85 2.32 42.38
C ILE A 112 3.36 1.73 43.69
N PRO A 113 3.83 2.53 44.61
CA PRO A 113 4.19 1.99 45.92
C PRO A 113 2.93 1.63 46.67
N TRP A 114 2.33 0.46 46.34
CA TRP A 114 1.06 0.07 46.95
C TRP A 114 1.10 0.20 48.46
N ASP A 115 2.25 -0.09 49.05
CA ASP A 115 2.37 -0.08 50.51
C ASP A 115 2.07 1.31 51.06
N SER A 116 2.67 2.34 50.46
CA SER A 116 2.72 3.66 51.06
C SER A 116 2.05 4.75 50.23
N ILE A 117 1.31 4.39 49.17
CA ILE A 117 0.71 5.44 48.36
C ILE A 117 -0.38 6.13 49.17
N ASP A 118 -0.32 7.45 49.21
CA ASP A 118 -1.26 8.25 49.96
C ASP A 118 -1.50 9.55 49.18
N MET A 119 -2.37 10.41 49.69
CA MET A 119 -2.29 11.81 49.33
C MET A 119 -1.01 12.37 49.93
N ASP A 120 -0.16 12.93 49.07
CA ASP A 120 1.26 13.28 49.30
C ASP A 120 1.96 12.84 48.04
N PHE A 121 1.90 11.52 47.84
CA PHE A 121 2.44 10.89 46.65
C PHE A 121 1.58 11.18 45.43
N MET A 122 0.26 11.09 45.59
CA MET A 122 -0.64 11.45 44.51
C MET A 122 -0.74 12.95 44.33
N ASN A 123 -0.27 13.73 45.31
CA ASN A 123 -0.06 15.16 45.10
C ASN A 123 1.13 15.43 44.21
N LEU A 124 2.14 14.55 44.24
CA LEU A 124 3.45 14.82 43.65
C LEU A 124 3.66 14.08 42.33
N ASN A 125 3.32 12.79 42.25
CA ASN A 125 3.58 12.00 41.04
C ASN A 125 2.30 11.87 40.22
N GLN A 126 1.89 13.01 39.69
CA GLN A 126 0.63 13.19 39.01
C GLN A 126 0.77 13.25 37.51
N SER A 127 1.95 12.95 36.98
CA SER A 127 2.15 13.06 35.56
C SER A 127 0.97 12.50 34.80
N ALA A 128 0.38 11.43 35.34
CA ALA A 128 -0.67 10.70 34.65
C ALA A 128 -1.82 11.60 34.26
N HIS A 129 -2.08 12.66 35.05
CA HIS A 129 -3.01 13.69 34.58
C HIS A 129 -2.33 15.01 34.26
N GLY A 130 -1.22 15.33 34.93
CA GLY A 130 -0.51 16.54 34.61
C GLY A 130 -0.09 16.59 33.15
N ASP A 131 0.36 15.46 32.61
CA ASP A 131 0.78 15.41 31.22
C ASP A 131 -0.40 15.40 30.27
N ARG A 132 -1.55 14.92 30.73
CA ARG A 132 -2.72 14.90 29.88
C ARG A 132 -3.28 16.30 29.69
N GLU A 133 -3.26 17.12 30.75
CA GLU A 133 -3.68 18.51 30.63
C GLU A 133 -2.71 19.29 29.75
N PHE A 134 -1.42 18.99 29.86
CA PHE A 134 -0.49 19.58 28.91
C PHE A 134 -0.70 19.00 27.52
N GLY A 135 -1.04 17.71 27.43
CA GLY A 135 -1.36 17.14 26.14
C GLY A 135 -2.44 17.93 25.43
N PHE A 136 -3.52 18.23 26.14
CA PHE A 136 -4.63 18.92 25.51
C PHE A 136 -4.21 20.28 24.99
N MET A 137 -3.49 21.03 25.82
CA MET A 137 -3.09 22.36 25.43
C MET A 137 -2.25 22.35 24.17
N VAL A 138 -1.30 21.42 24.07
CA VAL A 138 -0.47 21.40 22.88
C VAL A 138 -1.29 20.99 21.67
N THR A 139 -2.16 19.98 21.82
CA THR A 139 -3.03 19.61 20.71
C THR A 139 -3.92 20.78 20.33
N ARG A 140 -4.51 21.43 21.33
CA ARG A 140 -5.46 22.50 21.09
C ARG A 140 -4.81 23.65 20.34
N LEU A 141 -3.51 23.84 20.51
CA LEU A 141 -2.76 24.83 19.76
C LEU A 141 -2.24 24.30 18.44
N GLY A 142 -2.51 23.05 18.11
CA GLY A 142 -2.00 22.45 16.89
C GLY A 142 -0.50 22.35 16.78
N MET A 143 0.20 22.26 17.91
CA MET A 143 1.64 22.21 17.62
C MET A 143 2.08 20.78 17.36
N PRO A 144 2.99 20.62 16.41
CA PRO A 144 3.66 19.33 16.27
C PRO A 144 4.40 19.01 17.56
N ARG A 145 4.49 17.74 17.88
CA ARG A 145 5.35 17.35 18.97
C ARG A 145 5.52 15.85 18.97
N LYS A 146 6.68 15.42 19.45
CA LYS A 146 6.88 14.03 19.78
C LYS A 146 6.27 13.78 21.16
N VAL A 147 5.44 12.76 21.25
CA VAL A 147 4.95 12.27 22.53
C VAL A 147 5.55 10.90 22.79
N ILE A 148 6.26 10.77 23.90
CA ILE A 148 6.93 9.54 24.29
C ILE A 148 6.45 9.20 25.69
N VAL A 149 5.88 8.01 25.86
CA VAL A 149 5.30 7.58 27.13
C VAL A 149 6.06 6.39 27.67
N GLY A 150 6.42 6.45 28.94
CA GLY A 150 7.07 5.32 29.59
C GLY A 150 7.91 5.81 30.74
N HIS A 151 8.37 4.86 31.55
CA HIS A 151 9.20 5.23 32.68
C HIS A 151 10.54 5.74 32.17
N TRP A 152 11.13 6.71 32.88
CA TRP A 152 12.28 7.39 32.31
C TRP A 152 13.54 6.54 32.30
N GLN A 153 13.52 5.38 32.95
CA GLN A 153 14.66 4.47 32.90
C GLN A 153 14.44 3.35 31.90
N ASP A 154 13.20 3.19 31.45
CA ASP A 154 12.86 2.24 30.40
C ASP A 154 13.78 2.43 29.19
N ALA A 155 14.35 1.31 28.72
CA ALA A 155 15.32 1.41 27.62
C ALA A 155 14.63 1.75 26.30
N GLU A 156 13.42 1.23 26.07
CA GLU A 156 12.63 1.65 24.92
C GLU A 156 12.46 3.17 24.88
N VAL A 157 12.09 3.80 26.00
CA VAL A 157 11.98 5.26 26.05
C VAL A 157 13.29 5.91 25.64
N ALA A 158 14.41 5.36 26.12
CA ALA A 158 15.71 5.96 25.81
C ALA A 158 16.01 5.89 24.33
N ARG A 159 15.73 4.75 23.70
CA ARG A 159 15.96 4.63 22.26
C ARG A 159 15.13 5.65 21.50
N ARG A 160 13.86 5.81 21.86
CA ARG A 160 13.01 6.79 21.17
C ARG A 160 13.50 8.21 21.43
N VAL A 161 13.72 8.58 22.70
CA VAL A 161 14.28 9.90 23.00
C VAL A 161 15.56 10.14 22.22
N ARG A 162 16.40 9.10 22.12
CA ARG A 162 17.65 9.21 21.37
C ARG A 162 17.39 9.50 19.90
N GLY A 163 16.55 8.68 19.26
CA GLY A 163 16.20 8.92 17.88
C GLY A 163 15.57 10.28 17.63
N TRP A 164 14.61 10.67 18.49
CA TRP A 164 14.06 12.01 18.37
C TRP A 164 15.16 13.05 18.53
N ALA A 165 16.01 12.90 19.54
CA ALA A 165 17.14 13.81 19.68
C ALA A 165 17.88 13.96 18.35
N MET A 166 18.18 12.84 17.68
CA MET A 166 18.93 12.91 16.43
C MET A 166 18.16 13.68 15.37
N THR A 167 16.85 13.42 15.27
CA THR A 167 15.99 14.25 14.42
C THR A 167 16.14 15.72 14.75
N ALA A 168 16.12 16.05 16.04
CA ALA A 168 16.09 17.43 16.47
C ALA A 168 17.38 18.14 16.12
N VAL A 169 18.51 17.48 16.34
CA VAL A 169 19.78 18.03 15.92
C VAL A 169 19.77 18.25 14.42
N ALA A 170 19.23 17.29 13.67
CA ALA A 170 19.15 17.46 12.23
C ALA A 170 18.23 18.63 11.90
N ALA A 171 17.11 18.74 12.62
CA ALA A 171 16.27 19.93 12.52
C ALA A 171 17.07 21.19 12.82
N ALA A 172 17.85 21.17 13.92
CA ALA A 172 18.72 22.29 14.24
C ALA A 172 19.69 22.60 13.10
N VAL A 173 20.27 21.57 12.50
CA VAL A 173 21.14 21.80 11.34
C VAL A 173 20.34 22.37 10.17
N SER A 174 19.12 21.89 9.97
CA SER A 174 18.35 22.38 8.85
C SER A 174 18.14 23.89 8.93
N ARG A 175 17.82 24.40 10.13
CA ARG A 175 17.60 25.84 10.28
C ARG A 175 18.83 26.63 9.83
N GLY A 176 20.01 26.27 10.33
CA GLY A 176 21.22 26.97 9.89
C GLY A 176 21.62 26.75 8.44
N LEU A 177 21.07 25.72 7.78
CA LEU A 177 21.69 25.10 6.60
C LEU A 177 21.96 26.09 5.48
N LYS A 178 23.23 26.20 5.09
CA LYS A 178 23.63 26.94 3.91
C LYS A 178 24.01 25.93 2.84
N VAL A 179 23.61 26.21 1.61
CA VAL A 179 23.71 25.27 0.52
C VAL A 179 24.17 26.06 -0.70
N ALA A 180 25.32 25.68 -1.26
CA ALA A 180 25.89 26.35 -2.43
C ALA A 180 25.52 25.60 -3.69
N ARG A 181 24.93 26.29 -4.65
CA ARG A 181 24.61 25.70 -5.95
C ARG A 181 25.60 26.24 -6.96
N PHE A 182 26.43 25.34 -7.51
CA PHE A 182 27.39 25.66 -8.56
C PHE A 182 26.72 25.39 -9.91
N GLY A 183 25.98 26.38 -10.40
CA GLY A 183 25.23 26.26 -11.63
C GLY A 183 23.76 26.05 -11.35
N ASP A 184 22.97 26.08 -12.41
CA ASP A 184 21.52 25.97 -12.24
C ASP A 184 21.08 24.51 -12.27
N ASN A 185 19.78 24.30 -12.05
CA ASN A 185 19.14 23.02 -12.33
C ASN A 185 19.52 22.53 -13.72
N MET A 186 19.54 21.20 -13.86
CA MET A 186 19.67 20.64 -15.19
C MET A 186 18.49 21.13 -16.00
N ARG A 187 18.75 21.50 -17.25
CA ARG A 187 17.72 22.14 -18.05
C ARG A 187 16.54 21.20 -18.27
N GLN A 188 15.35 21.80 -18.29
CA GLN A 188 14.07 21.14 -18.54
C GLN A 188 13.71 20.04 -17.52
N VAL A 189 14.48 19.86 -16.44
CA VAL A 189 14.13 18.87 -15.42
C VAL A 189 13.14 19.47 -14.43
N ALA A 190 12.21 18.62 -13.99
CA ALA A 190 11.07 19.03 -13.16
C ALA A 190 11.35 18.86 -11.67
N VAL A 191 11.69 17.63 -11.28
CA VAL A 191 11.57 17.23 -9.89
C VAL A 191 12.59 17.96 -9.04
N THR A 192 13.72 18.33 -9.61
CA THR A 192 14.76 19.01 -8.85
C THR A 192 14.49 20.49 -8.73
N GLU A 193 13.52 21.01 -9.47
CA GLU A 193 13.12 22.39 -9.33
C GLU A 193 12.17 22.53 -8.15
N GLY A 194 12.16 23.72 -7.57
CA GLY A 194 11.19 24.02 -6.53
C GLY A 194 11.33 25.45 -6.09
N ASP A 195 10.68 25.76 -4.99
CA ASP A 195 10.59 27.11 -4.49
C ASP A 195 11.56 27.24 -3.32
N LYS A 196 12.73 27.83 -3.59
CA LYS A 196 13.72 27.98 -2.55
C LYS A 196 13.21 28.83 -1.38
N VAL A 197 12.37 29.84 -1.65
CA VAL A 197 11.85 30.64 -0.56
C VAL A 197 10.96 29.79 0.34
N GLU A 198 10.06 29.01 -0.25
CA GLU A 198 9.26 28.12 0.59
C GLU A 198 10.14 27.15 1.36
N ALA A 199 11.22 26.65 0.73
CA ALA A 199 12.12 25.74 1.44
C ALA A 199 12.77 26.43 2.62
N GLU A 200 13.21 27.68 2.39
CA GLU A 200 13.86 28.42 3.46
C GLU A 200 12.90 28.63 4.62
N ALA A 201 11.66 28.99 4.33
CA ALA A 201 10.70 29.18 5.41
C ALA A 201 10.39 27.86 6.10
N ARG A 202 10.09 26.81 5.32
CA ARG A 202 9.64 25.61 5.99
C ARG A 202 10.77 24.81 6.60
N PHE A 203 11.96 24.85 6.01
CA PHE A 203 13.04 24.07 6.57
C PHE A 203 14.19 24.90 7.14
N GLY A 204 14.35 26.17 6.74
CA GLY A 204 15.51 26.94 7.17
C GLY A 204 16.67 26.91 6.21
N TRP A 205 16.53 26.22 5.08
CA TRP A 205 17.62 26.13 4.12
C TRP A 205 17.87 27.48 3.47
N SER A 206 19.12 27.91 3.50
CA SER A 206 19.57 29.00 2.68
C SER A 206 20.20 28.37 1.45
N VAL A 207 19.52 28.47 0.31
CA VAL A 207 19.94 27.87 -0.94
C VAL A 207 20.22 28.98 -1.93
N ASN A 208 21.46 29.07 -2.39
CA ASN A 208 21.87 30.20 -3.20
C ASN A 208 22.81 29.74 -4.32
N GLY A 209 22.90 30.55 -5.36
CA GLY A 209 23.61 30.20 -6.56
C GLY A 209 24.95 30.88 -6.63
N TYR A 210 25.96 30.10 -6.97
CA TYR A 210 27.24 30.63 -7.39
C TYR A 210 27.43 30.17 -8.82
N GLY A 211 28.05 31.01 -9.64
CA GLY A 211 28.50 30.54 -10.93
C GLY A 211 29.56 29.47 -10.75
N VAL A 212 29.72 28.61 -11.75
CA VAL A 212 30.79 27.63 -11.66
C VAL A 212 32.13 28.34 -11.63
N GLY A 213 32.23 29.50 -12.27
CA GLY A 213 33.45 30.29 -12.17
C GLY A 213 33.88 30.55 -10.74
N ASP A 214 32.93 30.91 -9.87
CA ASP A 214 33.30 31.20 -8.49
C ASP A 214 34.03 30.03 -7.86
N LEU A 215 33.68 28.80 -8.28
CA LEU A 215 34.35 27.59 -7.83
C LEU A 215 35.56 27.26 -8.69
N ALA A 216 35.48 27.50 -9.99
CA ALA A 216 36.61 27.18 -10.85
C ALA A 216 37.85 27.96 -10.42
N GLU A 217 37.68 29.27 -10.14
CA GLU A 217 38.82 30.07 -9.72
C GLU A 217 39.43 29.51 -8.44
N ARG A 218 38.60 29.15 -7.46
CA ARG A 218 39.08 28.52 -6.23
C ARG A 218 39.87 27.25 -6.54
N VAL A 219 39.37 26.44 -7.48
CA VAL A 219 40.08 25.22 -7.87
C VAL A 219 41.36 25.56 -8.61
N ARG A 220 41.43 26.70 -9.28
CA ARG A 220 42.72 27.12 -9.84
C ARG A 220 43.68 27.58 -8.75
N ALA A 221 43.20 28.17 -7.66
CA ALA A 221 44.15 28.64 -6.66
C ALA A 221 44.81 27.51 -5.89
N VAL A 222 44.41 26.27 -6.13
CA VAL A 222 44.95 25.14 -5.39
C VAL A 222 46.37 24.87 -5.86
N SER A 223 47.28 24.67 -4.91
CA SER A 223 48.69 24.43 -5.20
C SER A 223 48.92 22.98 -5.60
N GLU A 224 49.85 22.77 -6.54
CA GLU A 224 50.29 21.42 -6.81
C GLU A 224 50.83 20.74 -5.56
N ALA A 225 51.30 21.52 -4.58
CA ALA A 225 51.81 20.89 -3.37
C ALA A 225 50.68 20.46 -2.45
N GLU A 226 49.59 21.23 -2.41
CA GLU A 226 48.39 20.79 -1.69
C GLU A 226 47.81 19.53 -2.29
N ILE A 227 47.71 19.47 -3.63
CA ILE A 227 47.30 18.26 -4.33
C ILE A 227 48.15 17.07 -3.90
N ASP A 228 49.48 17.21 -3.97
CA ASP A 228 50.38 16.08 -3.76
C ASP A 228 50.25 15.53 -2.36
N ARG A 229 49.90 16.39 -1.41
CA ARG A 229 49.59 15.96 -0.07
C ARG A 229 48.22 15.29 0.02
N LEU A 230 47.29 15.62 -0.88
CA LEU A 230 46.00 14.94 -0.88
C LEU A 230 46.12 13.61 -1.61
N ILE A 231 46.90 13.58 -2.69
CA ILE A 231 47.28 12.30 -3.27
C ILE A 231 47.85 11.38 -2.20
N ASP A 232 48.75 11.90 -1.37
CA ASP A 232 49.38 11.07 -0.36
C ASP A 232 48.38 10.59 0.69
N GLU A 233 47.26 11.28 0.86
CA GLU A 233 46.21 10.81 1.76
C GLU A 233 45.24 9.87 1.06
N TYR A 234 44.99 10.10 -0.23
CA TYR A 234 44.25 9.12 -1.02
C TYR A 234 44.87 7.75 -0.90
N GLN A 235 46.17 7.64 -1.15
CA GLN A 235 46.77 6.31 -1.22
C GLN A 235 46.75 5.59 0.12
N SER A 236 46.83 6.34 1.23
CA SER A 236 46.66 5.71 2.53
C SER A 236 45.23 5.19 2.76
N LEU A 237 44.29 5.50 1.89
CA LEU A 237 42.87 5.22 2.13
C LEU A 237 42.27 4.32 1.08
N TYR A 238 42.68 4.45 -0.17
CA TYR A 238 41.97 3.83 -1.27
C TYR A 238 42.93 3.04 -2.13
N GLU A 239 42.46 1.90 -2.62
CA GLU A 239 43.17 1.23 -3.71
C GLU A 239 43.10 2.11 -4.95
N PHE A 240 44.24 2.28 -5.61
CA PHE A 240 44.27 2.87 -6.93
C PHE A 240 44.21 1.74 -7.95
N ALA A 241 43.27 1.83 -8.89
CA ALA A 241 43.24 0.85 -9.98
C ALA A 241 44.44 1.07 -10.90
N PRO A 242 45.06 -0.02 -11.42
CA PRO A 242 46.16 0.14 -12.39
C PRO A 242 45.87 1.17 -13.48
N GLY A 243 46.80 2.11 -13.67
CA GLY A 243 46.59 3.30 -14.47
C GLY A 243 46.53 4.58 -13.64
N CYS A 244 45.97 4.49 -12.43
CA CYS A 244 45.62 5.64 -11.58
C CYS A 244 46.64 5.99 -10.52
N GLU A 245 47.59 5.11 -10.21
CA GLU A 245 48.57 5.44 -9.18
C GLU A 245 49.58 6.44 -9.72
N LYS A 246 50.37 7.03 -8.83
CA LYS A 246 51.36 7.99 -9.33
C LYS A 246 52.29 7.26 -10.30
N GLY A 247 52.38 7.79 -11.51
CA GLY A 247 53.22 7.19 -12.53
C GLY A 247 52.37 6.79 -13.71
N GLY A 248 51.19 6.27 -13.43
CA GLY A 248 50.31 5.80 -14.45
C GLY A 248 49.79 6.93 -15.31
N PRO A 249 49.42 6.60 -16.55
CA PRO A 249 48.93 7.63 -17.47
C PRO A 249 47.60 8.23 -17.05
N LEU A 250 46.96 7.70 -15.99
CA LEU A 250 45.67 8.19 -15.51
C LEU A 250 45.72 8.81 -14.12
N HIS A 251 46.89 8.91 -13.50
CA HIS A 251 46.95 9.53 -12.18
C HIS A 251 46.61 11.02 -12.23
N ASP A 252 46.77 11.66 -13.39
CA ASP A 252 46.39 13.07 -13.48
C ASP A 252 44.89 13.22 -13.25
N GLY A 253 44.08 12.29 -13.76
CA GLY A 253 42.67 12.32 -13.46
C GLY A 253 42.40 12.43 -11.96
N VAL A 254 43.09 11.62 -11.16
CA VAL A 254 42.92 11.66 -9.72
C VAL A 254 43.39 12.99 -9.17
N ARG A 255 44.57 13.44 -9.61
CA ARG A 255 45.11 14.72 -9.15
C ARG A 255 44.15 15.86 -9.41
N GLU A 256 43.42 15.81 -10.53
CA GLU A 256 42.46 16.84 -10.86
C GLU A 256 41.25 16.78 -9.94
N GLN A 257 40.75 15.57 -9.67
CA GLN A 257 39.75 15.43 -8.62
C GLN A 257 40.30 15.93 -7.28
N ALA A 258 41.59 15.78 -7.06
CA ALA A 258 42.15 16.20 -5.78
C ALA A 258 42.14 17.71 -5.66
N ARG A 259 42.40 18.43 -6.76
CA ARG A 259 42.31 19.88 -6.67
C ARG A 259 40.87 20.35 -6.70
N ILE A 260 39.98 19.67 -7.43
CA ILE A 260 38.56 19.97 -7.31
C ILE A 260 38.12 19.80 -5.86
N GLU A 261 38.52 18.70 -5.22
CA GLU A 261 38.13 18.51 -3.82
C GLU A 261 38.65 19.65 -2.95
N LEU A 262 39.87 20.12 -3.23
CA LEU A 262 40.46 21.18 -2.41
C LEU A 262 39.79 22.52 -2.68
N GLY A 263 39.62 22.88 -3.95
CA GLY A 263 38.76 24.01 -4.30
C GLY A 263 37.39 23.98 -3.65
N LEU A 264 36.60 22.93 -3.87
CA LEU A 264 35.29 22.81 -3.23
C LEU A 264 35.37 23.01 -1.73
N ARG A 265 36.33 22.34 -1.07
CA ARG A 265 36.40 22.41 0.37
C ARG A 265 36.67 23.83 0.84
N SER A 266 37.68 24.47 0.24
CA SER A 266 37.95 25.88 0.54
C SER A 266 36.67 26.69 0.43
N PHE A 267 36.00 26.60 -0.72
CA PHE A 267 34.75 27.33 -0.92
C PHE A 267 33.73 26.97 0.13
N LEU A 268 33.54 25.68 0.38
CA LEU A 268 32.45 25.26 1.25
C LEU A 268 32.69 25.69 2.69
N GLU A 269 33.91 25.57 3.19
CA GLU A 269 34.16 25.89 4.58
C GLU A 269 34.15 27.40 4.79
N GLU A 270 34.56 28.16 3.77
CA GLU A 270 34.63 29.60 3.90
C GLU A 270 33.25 30.24 4.04
N GLY A 271 32.25 29.66 3.38
CA GLY A 271 30.92 30.22 3.42
C GLY A 271 29.96 29.46 4.32
N GLY A 272 30.47 28.69 5.27
CA GLY A 272 29.61 27.95 6.18
C GLY A 272 28.68 26.96 5.51
N PHE A 273 29.00 26.49 4.31
CA PHE A 273 28.11 25.59 3.59
C PHE A 273 28.24 24.15 4.09
N GLU A 274 27.10 23.45 4.14
CA GLU A 274 27.11 22.03 4.47
C GLU A 274 26.51 21.16 3.38
N ALA A 275 26.02 21.74 2.30
CA ALA A 275 25.57 20.94 1.19
C ALA A 275 25.84 21.76 -0.05
N PHE A 276 25.88 21.08 -1.19
CA PHE A 276 26.12 21.79 -2.43
C PHE A 276 25.55 20.98 -3.58
N THR A 277 25.61 21.56 -4.77
CA THR A 277 25.11 20.94 -5.99
C THR A 277 26.07 21.29 -7.11
N THR A 278 26.30 20.34 -7.99
CA THR A 278 26.98 20.61 -9.25
C THR A 278 26.02 20.25 -10.37
N THR A 279 26.31 20.72 -11.57
CA THR A 279 25.51 20.33 -12.73
C THR A 279 26.47 20.06 -13.87
N PHE A 280 26.42 18.85 -14.43
CA PHE A 280 27.28 18.53 -15.56
C PHE A 280 27.03 19.46 -16.73
N GLU A 281 25.89 20.15 -16.74
CA GLU A 281 25.59 21.07 -17.84
C GLU A 281 26.39 22.36 -17.76
N ASP A 282 26.91 22.73 -16.60
CA ASP A 282 27.66 23.96 -16.42
C ASP A 282 28.94 23.62 -15.67
N LEU A 283 29.98 23.24 -16.43
CA LEU A 283 31.28 22.93 -15.86
C LEU A 283 32.39 23.82 -16.45
N HIS A 284 32.03 25.02 -16.92
CA HIS A 284 33.00 25.95 -17.48
C HIS A 284 34.13 26.18 -16.48
N GLY A 285 35.37 26.15 -16.97
CA GLY A 285 36.51 26.33 -16.11
C GLY A 285 36.88 25.12 -15.26
N MET A 286 36.18 23.99 -15.42
CA MET A 286 36.48 22.77 -14.69
C MET A 286 37.05 21.72 -15.63
N LYS A 287 38.05 20.98 -15.15
CA LYS A 287 38.60 19.90 -15.95
C LYS A 287 37.67 18.70 -15.94
N GLN A 288 37.15 18.35 -14.78
CA GLN A 288 36.24 17.24 -14.64
C GLN A 288 34.92 17.69 -14.02
N LEU A 289 33.86 16.97 -14.34
CA LEU A 289 32.73 16.95 -13.42
C LEU A 289 33.23 16.49 -12.05
N PRO A 290 32.92 17.23 -10.97
CA PRO A 290 33.36 16.79 -9.62
C PRO A 290 32.88 15.39 -9.31
N GLY A 291 33.75 14.59 -8.71
CA GLY A 291 33.44 13.17 -8.56
C GLY A 291 33.97 12.58 -7.28
N LEU A 292 35.15 11.92 -7.37
CA LEU A 292 35.89 11.56 -6.17
C LEU A 292 35.85 12.69 -5.17
N ALA A 293 36.07 13.92 -5.64
CA ALA A 293 35.96 15.09 -4.79
C ALA A 293 34.62 15.10 -4.07
N VAL A 294 33.52 14.95 -4.82
CA VAL A 294 32.20 15.03 -4.19
C VAL A 294 32.00 13.87 -3.24
N GLN A 295 32.37 12.67 -3.67
CA GLN A 295 32.25 11.50 -2.80
C GLN A 295 32.97 11.73 -1.48
N ARG A 296 34.12 12.37 -1.52
CA ARG A 296 34.85 12.60 -0.28
C ARG A 296 34.17 13.64 0.57
N LEU A 297 33.59 14.67 -0.05
CA LEU A 297 32.92 15.69 0.73
C LEU A 297 31.65 15.15 1.38
N MET A 298 30.92 14.25 0.70
CA MET A 298 29.81 13.60 1.38
C MET A 298 30.31 12.79 2.57
N ALA A 299 31.44 12.09 2.39
CA ALA A 299 31.96 11.25 3.46
C ALA A 299 32.16 12.06 4.73
N GLU A 300 32.62 13.31 4.60
CA GLU A 300 32.75 14.18 5.75
C GLU A 300 31.42 14.72 6.24
N GLY A 301 30.31 14.41 5.57
CA GLY A 301 29.01 14.80 6.05
C GLY A 301 28.32 15.83 5.18
N TYR A 302 28.98 16.30 4.12
CA TYR A 302 28.36 17.27 3.23
C TYR A 302 27.17 16.65 2.53
N GLY A 303 26.08 17.41 2.47
CA GLY A 303 25.02 17.09 1.54
C GLY A 303 25.47 17.32 0.11
N PHE A 304 24.90 16.54 -0.79
CA PHE A 304 25.12 16.79 -2.20
C PHE A 304 23.92 16.32 -2.96
N GLY A 305 23.56 17.04 -4.02
CA GLY A 305 22.70 16.48 -5.03
C GLY A 305 23.25 16.86 -6.39
N GLY A 306 23.24 15.93 -7.34
CA GLY A 306 23.66 16.26 -8.69
C GLY A 306 22.65 17.14 -9.39
N GLU A 307 23.05 17.67 -10.55
CA GLU A 307 22.13 18.37 -11.45
C GLU A 307 21.36 19.48 -10.75
N GLY A 308 22.02 20.19 -9.84
CA GLY A 308 21.41 21.35 -9.22
C GLY A 308 20.37 21.03 -8.17
N ASP A 309 20.28 19.78 -7.73
CA ASP A 309 19.16 19.29 -6.93
C ASP A 309 19.38 19.67 -5.46
N TRP A 310 19.00 20.89 -5.12
CA TRP A 310 19.31 21.40 -3.79
C TRP A 310 18.50 20.67 -2.73
N LYS A 311 17.22 20.41 -3.01
CA LYS A 311 16.36 19.70 -2.07
C LYS A 311 17.04 18.45 -1.59
N THR A 312 17.49 17.61 -2.52
CA THR A 312 18.16 16.38 -2.13
C THR A 312 19.46 16.65 -1.41
N ALA A 313 20.20 17.68 -1.84
CA ALA A 313 21.48 17.97 -1.19
C ALA A 313 21.27 18.31 0.28
N ALA A 314 20.31 19.19 0.56
CA ALA A 314 19.93 19.46 1.93
C ALA A 314 19.44 18.19 2.62
N LEU A 315 18.63 17.40 1.93
CA LEU A 315 18.11 16.18 2.52
C LEU A 315 19.23 15.22 2.88
N VAL A 316 20.23 15.11 2.02
CA VAL A 316 21.37 14.25 2.31
C VAL A 316 22.10 14.76 3.54
N ARG A 317 22.23 16.07 3.67
CA ARG A 317 22.87 16.63 4.86
C ARG A 317 22.08 16.27 6.11
N LEU A 318 20.78 16.56 6.10
CA LEU A 318 19.95 16.31 7.29
C LEU A 318 19.98 14.84 7.67
N MET A 319 19.90 13.93 6.69
CA MET A 319 19.94 12.52 7.02
C MET A 319 21.31 12.11 7.53
N LYS A 320 22.38 12.58 6.86
CA LYS A 320 23.72 12.35 7.38
C LYS A 320 23.83 12.77 8.85
N VAL A 321 23.20 13.89 9.22
CA VAL A 321 23.23 14.29 10.62
C VAL A 321 22.42 13.33 11.47
N MET A 322 21.20 13.01 11.04
CA MET A 322 20.41 12.01 11.76
C MET A 322 21.20 10.72 11.95
N ALA A 323 21.97 10.34 10.93
CA ALA A 323 22.67 9.07 10.88
C ALA A 323 24.02 9.10 11.57
N ASP A 324 24.43 10.26 12.10
CA ASP A 324 25.71 10.39 12.79
C ASP A 324 26.85 10.16 11.81
N GLY A 325 26.65 10.67 10.59
CA GLY A 325 27.59 10.54 9.49
C GLY A 325 27.72 9.19 8.85
N LYS A 326 26.83 8.24 9.14
CA LYS A 326 27.00 6.85 8.70
C LYS A 326 26.00 6.47 7.62
N GLY A 327 26.39 5.47 6.83
CA GLY A 327 25.56 4.76 5.87
C GLY A 327 24.50 5.57 5.11
N THR A 328 24.87 6.78 4.69
CA THR A 328 23.92 7.73 4.15
C THR A 328 24.52 8.37 2.89
N SER A 329 23.84 8.23 1.76
CA SER A 329 24.40 8.68 0.51
C SER A 329 23.33 9.33 -0.33
N PHE A 330 23.75 10.30 -1.13
CA PHE A 330 23.00 10.66 -2.32
C PHE A 330 22.86 9.43 -3.21
N MET A 331 21.67 9.24 -3.79
CA MET A 331 21.41 8.00 -4.51
C MET A 331 20.49 8.28 -5.67
N GLU A 332 20.56 7.41 -6.67
CA GLU A 332 19.63 7.45 -7.79
C GLU A 332 19.28 6.03 -8.20
N ASP A 333 18.00 5.77 -8.43
CA ASP A 333 17.60 4.52 -9.07
C ASP A 333 18.11 4.53 -10.51
N TYR A 334 19.02 3.62 -10.84
CA TYR A 334 19.60 3.64 -12.18
C TYR A 334 19.04 2.57 -13.09
N THR A 335 18.88 1.35 -12.61
CA THR A 335 18.27 0.35 -13.48
C THR A 335 17.63 -0.70 -12.60
N TYR A 336 16.68 -1.42 -13.18
CA TYR A 336 15.97 -2.48 -12.47
C TYR A 336 16.43 -3.86 -12.92
N HIS A 337 16.57 -4.76 -11.95
CA HIS A 337 16.65 -6.19 -12.20
C HIS A 337 15.26 -6.77 -11.95
N PHE A 338 14.60 -7.24 -13.02
CA PHE A 338 13.20 -7.67 -12.97
C PHE A 338 13.04 -9.19 -12.89
N GLU A 339 14.10 -9.94 -12.64
CA GLU A 339 14.03 -11.39 -12.54
C GLU A 339 13.01 -11.79 -11.49
N PRO A 340 11.91 -12.44 -11.88
CA PRO A 340 10.90 -12.85 -10.90
C PRO A 340 11.50 -13.51 -9.66
N GLY A 341 11.06 -13.03 -8.48
CA GLY A 341 11.55 -13.55 -7.22
C GLY A 341 12.87 -12.97 -6.76
N ASN A 342 13.58 -12.27 -7.63
CA ASN A 342 14.82 -11.62 -7.27
C ASN A 342 14.81 -10.16 -7.73
N GLU A 343 13.63 -9.54 -7.78
CA GLU A 343 13.56 -8.19 -8.30
C GLU A 343 14.31 -7.23 -7.39
N MET A 344 15.09 -6.32 -7.97
CA MET A 344 15.82 -5.37 -7.15
C MET A 344 16.19 -4.14 -7.98
N ILE A 345 16.49 -3.04 -7.28
CA ILE A 345 16.86 -1.78 -7.91
C ILE A 345 18.36 -1.60 -7.78
N LEU A 346 19.01 -1.22 -8.88
CA LEU A 346 20.44 -0.91 -8.87
C LEU A 346 20.55 0.60 -8.75
N GLY A 347 21.16 1.06 -7.65
CA GLY A 347 21.29 2.47 -7.37
C GLY A 347 22.74 2.91 -7.51
N ALA A 348 22.91 4.02 -8.21
CA ALA A 348 24.23 4.61 -8.36
C ALA A 348 24.03 6.05 -8.75
N HIS A 349 25.10 6.69 -9.20
CA HIS A 349 25.01 7.96 -9.88
C HIS A 349 26.20 8.03 -10.80
N MET A 350 26.11 8.95 -11.75
CA MET A 350 27.23 9.40 -12.57
C MET A 350 28.60 9.11 -11.96
N LEU A 351 28.84 9.63 -10.75
CA LEU A 351 30.09 9.42 -10.02
C LEU A 351 29.86 9.52 -8.52
N GLU A 352 28.86 10.32 -8.14
CA GLU A 352 28.76 10.85 -6.78
C GLU A 352 27.93 9.89 -5.93
N VAL A 353 28.61 8.87 -5.44
CA VAL A 353 28.08 7.99 -4.41
C VAL A 353 29.01 8.09 -3.20
N CYS A 354 28.44 8.42 -2.06
CA CYS A 354 29.22 8.56 -0.84
C CYS A 354 29.76 7.21 -0.39
N PRO A 355 31.04 7.10 -0.06
CA PRO A 355 31.55 5.78 0.35
C PRO A 355 31.11 5.35 1.72
N THR A 356 30.24 6.10 2.40
CA THR A 356 29.81 5.62 3.72
C THR A 356 28.85 4.45 3.63
N ILE A 357 28.28 4.21 2.46
CA ILE A 357 27.53 3.00 2.20
C ILE A 357 28.40 1.94 1.52
N ALA A 358 29.73 2.05 1.65
CA ALA A 358 30.62 1.09 0.99
C ALA A 358 30.80 -0.14 1.86
N ALA A 359 30.38 -1.29 1.34
CA ALA A 359 30.74 -2.57 1.95
C ALA A 359 32.18 -2.94 1.63
N THR A 360 32.64 -2.68 0.41
CA THR A 360 34.01 -2.97 -0.01
C THR A 360 34.87 -1.72 0.08
N ARG A 361 36.16 -1.91 0.25
CA ARG A 361 37.07 -0.78 0.21
C ARG A 361 36.91 -0.03 -1.10
N PRO A 362 36.69 1.27 -1.08
CA PRO A 362 36.58 2.00 -2.35
C PRO A 362 37.88 1.95 -3.13
N ARG A 363 37.76 1.98 -4.46
CA ARG A 363 38.91 2.00 -5.36
C ARG A 363 38.85 3.24 -6.22
N ILE A 364 39.93 3.97 -6.27
CA ILE A 364 40.00 5.13 -7.13
C ILE A 364 40.15 4.64 -8.56
N GLU A 365 39.18 4.96 -9.41
CA GLU A 365 39.18 4.57 -10.80
C GLU A 365 39.01 5.81 -11.65
N VAL A 366 39.64 5.82 -12.82
CA VAL A 366 39.41 6.87 -13.82
C VAL A 366 38.76 6.21 -15.03
N HIS A 367 37.68 6.81 -15.52
CA HIS A 367 36.93 6.27 -16.65
C HIS A 367 36.42 7.40 -17.52
N PRO A 368 36.26 7.17 -18.85
CA PRO A 368 35.48 8.09 -19.68
C PRO A 368 34.15 8.43 -19.02
N LEU A 369 33.73 9.68 -19.18
CA LEU A 369 32.38 10.12 -18.80
C LEU A 369 31.93 11.13 -19.85
N SER A 370 31.10 10.67 -20.78
CA SER A 370 30.62 11.52 -21.86
C SER A 370 29.75 12.67 -21.33
N ILE A 371 28.91 12.38 -20.34
CA ILE A 371 27.98 13.37 -19.80
C ILE A 371 28.77 14.57 -19.30
N GLY A 372 28.51 15.74 -19.87
CA GLY A 372 29.19 16.96 -19.49
C GLY A 372 30.35 17.32 -20.39
N GLY A 373 30.89 16.35 -21.14
CA GLY A 373 31.91 16.59 -22.12
C GLY A 373 33.22 17.12 -21.56
N LYS A 374 33.58 16.69 -20.36
CA LYS A 374 34.81 17.08 -19.69
C LYS A 374 35.80 15.90 -19.64
N GLU A 375 36.90 16.07 -18.91
CA GLU A 375 37.93 15.03 -18.91
C GLU A 375 37.51 13.86 -18.04
N ASP A 376 38.02 12.66 -18.38
CA ASP A 376 37.79 11.42 -17.63
C ASP A 376 37.88 11.62 -16.13
N PRO A 377 36.76 11.63 -15.41
CA PRO A 377 36.82 11.93 -13.98
C PRO A 377 37.24 10.72 -13.14
N ALA A 378 37.96 11.02 -12.07
CA ALA A 378 38.28 10.01 -11.08
C ALA A 378 37.11 9.90 -10.11
N ARG A 379 36.82 8.68 -9.68
CA ARG A 379 35.72 8.44 -8.75
C ARG A 379 35.98 7.18 -7.95
N LEU A 380 35.49 7.16 -6.72
CA LEU A 380 35.51 5.95 -5.92
C LEU A 380 34.48 4.96 -6.45
N VAL A 381 34.89 3.70 -6.60
CA VAL A 381 34.02 2.64 -7.08
C VAL A 381 34.02 1.54 -6.03
N PHE A 382 32.83 1.04 -5.72
CA PHE A 382 32.65 0.09 -4.62
C PHE A 382 31.24 -0.47 -4.64
N ASP A 383 31.06 -1.55 -3.89
CA ASP A 383 29.76 -2.17 -3.71
C ASP A 383 29.13 -1.66 -2.43
N GLY A 384 27.88 -1.21 -2.52
CA GLY A 384 27.16 -0.79 -1.32
C GLY A 384 26.87 -1.95 -0.38
N GLY A 385 26.74 -1.62 0.89
CA GLY A 385 26.46 -2.61 1.92
C GLY A 385 25.08 -3.21 1.72
N GLU A 386 24.66 -4.01 2.70
CA GLU A 386 23.37 -4.68 2.68
C GLU A 386 22.62 -4.41 3.99
N GLY A 387 21.30 -4.57 3.95
CA GLY A 387 20.44 -4.51 5.11
C GLY A 387 19.34 -3.47 4.97
N ALA A 388 18.52 -3.38 6.00
CA ALA A 388 17.43 -2.41 6.03
C ALA A 388 17.96 -1.00 5.75
N ALA A 389 17.17 -0.24 5.00
CA ALA A 389 17.57 1.11 4.63
C ALA A 389 16.33 1.92 4.31
N VAL A 390 16.52 3.23 4.20
CA VAL A 390 15.48 4.10 3.66
C VAL A 390 16.00 4.77 2.41
N ASN A 391 15.12 4.94 1.45
CA ASN A 391 15.34 5.78 0.28
C ASN A 391 14.35 6.93 0.41
N ALA A 392 14.84 8.13 0.72
CA ALA A 392 13.99 9.30 0.95
C ALA A 392 14.11 10.24 -0.23
N SER A 393 12.98 10.68 -0.74
CA SER A 393 12.89 11.77 -1.69
C SER A 393 12.07 12.90 -1.10
N LEU A 394 12.44 14.13 -1.45
CA LEU A 394 11.74 15.32 -0.99
C LEU A 394 11.38 16.22 -2.17
N ILE A 395 10.10 16.28 -2.50
CA ILE A 395 9.67 16.97 -3.71
C ILE A 395 8.92 18.24 -3.33
N ASP A 396 8.70 19.08 -4.34
CA ASP A 396 7.86 20.25 -4.24
C ASP A 396 6.63 19.96 -5.10
N LEU A 397 5.48 19.81 -4.46
CA LEU A 397 4.22 19.72 -5.18
C LEU A 397 3.73 21.07 -5.66
N GLY A 398 4.54 22.12 -5.57
CA GLY A 398 4.04 23.43 -5.95
C GLY A 398 3.56 24.24 -4.77
N HIS A 399 2.57 23.73 -4.04
CA HIS A 399 2.05 24.48 -2.91
C HIS A 399 2.68 24.06 -1.60
N ARG A 400 3.39 22.93 -1.58
CA ARG A 400 3.92 22.41 -0.35
C ARG A 400 4.88 21.30 -0.74
N PHE A 401 5.81 21.02 0.16
CA PHE A 401 6.75 19.94 -0.01
C PHE A 401 6.16 18.65 0.52
N ARG A 402 6.65 17.54 -0.02
CA ARG A 402 6.24 16.19 0.41
C ARG A 402 7.50 15.35 0.56
N LEU A 403 7.72 14.84 1.75
CA LEU A 403 8.81 13.93 2.02
C LEU A 403 8.33 12.49 1.81
N ILE A 404 9.05 11.73 0.98
CA ILE A 404 8.63 10.40 0.56
C ILE A 404 9.72 9.42 0.95
N VAL A 405 9.38 8.47 1.80
CA VAL A 405 10.35 7.48 2.28
C VAL A 405 9.92 6.10 1.82
N ASN A 406 10.83 5.38 1.18
CA ASN A 406 10.63 3.98 0.85
C ASN A 406 11.57 3.18 1.73
N GLU A 407 11.03 2.25 2.49
CA GLU A 407 11.87 1.29 3.19
C GLU A 407 12.37 0.24 2.20
N VAL A 408 13.67 -0.03 2.20
CA VAL A 408 14.24 -1.01 1.28
C VAL A 408 15.14 -1.94 2.06
N ASP A 409 15.51 -3.06 1.42
CA ASP A 409 16.51 -4.00 1.93
C ASP A 409 17.66 -4.06 0.95
N ALA A 410 18.77 -3.39 1.27
CA ALA A 410 19.95 -3.48 0.44
C ALA A 410 20.42 -4.92 0.42
N VAL A 411 20.93 -5.34 -0.72
CA VAL A 411 21.34 -6.73 -0.88
C VAL A 411 22.73 -6.77 -1.49
N LYS A 412 23.48 -7.75 -1.06
CA LYS A 412 24.82 -7.91 -1.57
C LYS A 412 24.73 -8.42 -3.00
N PRO A 413 25.50 -7.86 -3.93
CA PRO A 413 25.42 -8.35 -5.31
C PRO A 413 25.94 -9.78 -5.38
N GLU A 414 25.17 -10.65 -6.03
CA GLU A 414 25.60 -12.02 -6.25
C GLU A 414 26.57 -12.13 -7.43
N HIS A 415 26.63 -11.11 -8.27
CA HIS A 415 27.47 -11.10 -9.47
C HIS A 415 28.33 -9.86 -9.49
N ASP A 416 29.55 -10.01 -10.00
CA ASP A 416 30.37 -8.85 -10.26
C ASP A 416 29.79 -8.06 -11.43
N MET A 417 30.07 -6.76 -11.42
CA MET A 417 29.76 -5.87 -12.53
C MET A 417 31.07 -5.26 -13.01
N PRO A 418 31.96 -6.07 -13.58
CA PRO A 418 33.35 -5.63 -13.81
C PRO A 418 33.48 -4.46 -14.79
N LYS A 419 32.51 -4.28 -15.69
CA LYS A 419 32.52 -3.17 -16.65
C LYS A 419 31.68 -1.97 -16.19
N LEU A 420 31.18 -1.99 -14.95
CA LEU A 420 30.41 -0.85 -14.43
C LEU A 420 31.33 0.05 -13.64
N PRO A 421 31.48 1.30 -14.04
CA PRO A 421 32.58 2.12 -13.50
C PRO A 421 32.16 3.02 -12.34
N VAL A 422 31.02 2.76 -11.71
CA VAL A 422 30.53 3.66 -10.68
C VAL A 422 30.15 2.87 -9.44
N ALA A 423 30.34 3.49 -8.30
CA ALA A 423 29.88 2.89 -7.07
C ALA A 423 28.40 2.60 -7.21
N ARG A 424 27.98 1.49 -6.63
CA ARG A 424 26.64 1.03 -6.89
C ARG A 424 26.16 0.22 -5.72
N ILE A 425 24.85 0.03 -5.66
CA ILE A 425 24.21 -0.64 -4.55
C ILE A 425 22.94 -1.25 -5.07
N LEU A 426 22.59 -2.39 -4.50
CA LEU A 426 21.38 -3.10 -4.85
C LEU A 426 20.48 -3.14 -3.63
N TRP A 427 19.20 -2.88 -3.84
CA TRP A 427 18.25 -3.06 -2.76
C TRP A 427 17.00 -3.68 -3.33
N LYS A 428 16.23 -4.27 -2.44
CA LYS A 428 14.91 -4.76 -2.80
C LYS A 428 13.86 -3.85 -2.15
N PRO A 429 13.17 -3.00 -2.90
CA PRO A 429 12.24 -2.06 -2.28
C PRO A 429 11.01 -2.78 -1.75
N ARG A 430 10.59 -2.39 -0.52
CA ARG A 430 9.41 -2.95 0.14
C ARG A 430 8.14 -2.30 -0.41
N PRO A 431 7.03 -3.03 -0.47
CA PRO A 431 6.81 -4.46 -0.21
C PRO A 431 7.37 -5.32 -1.33
N SER A 432 7.43 -4.73 -2.52
CA SER A 432 7.91 -5.37 -3.73
C SER A 432 8.40 -4.27 -4.66
N LEU A 433 9.03 -4.68 -5.76
CA LEU A 433 9.38 -3.71 -6.79
C LEU A 433 8.13 -3.18 -7.47
N ARG A 434 7.22 -4.08 -7.85
CA ARG A 434 5.99 -3.68 -8.52
C ARG A 434 5.30 -2.53 -7.77
N ASP A 435 5.15 -2.69 -6.44
CA ASP A 435 4.25 -1.85 -5.67
C ASP A 435 4.96 -0.61 -5.13
N SER A 436 6.22 -0.74 -4.73
CA SER A 436 6.95 0.41 -4.22
C SER A 436 7.12 1.46 -5.31
N ALA A 437 7.66 1.03 -6.46
CA ALA A 437 7.85 1.90 -7.62
C ALA A 437 6.55 2.57 -8.01
N GLU A 438 5.47 1.79 -8.10
CA GLU A 438 4.19 2.39 -8.42
C GLU A 438 3.80 3.41 -7.36
N ALA A 439 3.84 3.00 -6.08
CA ALA A 439 3.52 3.95 -5.02
C ALA A 439 4.45 5.13 -5.04
N TRP A 440 5.75 4.90 -5.25
CA TRP A 440 6.68 5.99 -5.45
C TRP A 440 6.19 6.93 -6.54
N ILE A 441 5.85 6.38 -7.71
CA ILE A 441 5.44 7.21 -8.84
C ILE A 441 4.18 7.97 -8.50
N LEU A 442 3.19 7.27 -7.93
CA LEU A 442 1.98 7.97 -7.50
C LEU A 442 2.31 9.09 -6.52
N ALA A 443 3.30 8.88 -5.64
CA ALA A 443 3.64 9.94 -4.69
C ALA A 443 4.47 11.03 -5.35
N GLY A 444 4.97 10.80 -6.55
CA GLY A 444 5.74 11.78 -7.27
C GLY A 444 7.19 11.86 -6.84
N GLY A 445 7.67 10.87 -6.10
CA GLY A 445 9.03 10.84 -5.64
C GLY A 445 10.06 11.09 -6.72
N ALA A 446 11.10 11.81 -6.36
CA ALA A 446 12.19 12.06 -7.27
C ALA A 446 12.93 10.77 -7.57
N HIS A 447 13.74 10.83 -8.62
CA HIS A 447 14.70 9.78 -8.86
C HIS A 447 15.95 9.98 -8.05
N HIS A 448 16.21 11.23 -7.63
CA HIS A 448 17.28 11.53 -6.72
C HIS A 448 16.75 11.33 -5.32
N THR A 449 17.54 10.68 -4.48
CA THR A 449 17.11 10.41 -3.14
C THR A 449 18.28 10.55 -2.22
N CYS A 450 18.00 10.50 -0.93
CA CYS A 450 19.01 10.19 0.05
C CYS A 450 18.70 8.78 0.54
N PHE A 451 19.67 7.90 0.41
CA PHE A 451 19.58 6.51 0.81
C PHE A 451 20.37 6.33 2.09
N SER A 452 19.80 5.67 3.09
CA SER A 452 20.53 5.58 4.33
C SER A 452 20.26 4.28 5.07
N PHE A 453 21.33 3.70 5.62
CA PHE A 453 21.23 2.53 6.50
C PHE A 453 20.93 2.89 7.93
N ALA A 454 21.04 4.18 8.28
CA ALA A 454 21.06 4.57 9.67
C ALA A 454 19.86 5.41 10.06
N VAL A 455 19.33 6.20 9.13
CA VAL A 455 18.11 6.95 9.37
C VAL A 455 16.92 6.01 9.34
N THR A 456 16.08 6.08 10.37
CA THR A 456 14.88 5.25 10.37
C THR A 456 13.73 6.01 9.76
N THR A 457 12.68 5.26 9.44
CA THR A 457 11.45 5.86 8.94
C THR A 457 10.86 6.84 9.95
N GLU A 458 10.86 6.51 11.26
CA GLU A 458 10.24 7.38 12.24
C GLU A 458 11.03 8.67 12.42
N GLN A 459 12.34 8.60 12.28
CA GLN A 459 13.12 9.83 12.29
C GLN A 459 12.64 10.80 11.24
N LEU A 460 12.40 10.32 10.02
CA LEU A 460 11.94 11.20 8.95
C LEU A 460 10.48 11.58 9.11
N GLN A 461 9.65 10.71 9.65
CA GLN A 461 8.31 11.13 10.00
C GLN A 461 8.35 12.23 11.06
N ASP A 462 9.29 12.10 12.00
CA ASP A 462 9.46 13.07 13.08
C ASP A 462 9.97 14.41 12.54
N PHE A 463 11.01 14.38 11.71
CA PHE A 463 11.48 15.60 11.07
C PHE A 463 10.38 16.23 10.23
N ALA A 464 9.53 15.40 9.61
CA ALA A 464 8.46 15.99 8.82
C ALA A 464 7.42 16.63 9.71
N GLU A 465 7.08 15.99 10.82
CA GLU A 465 6.19 16.60 11.79
C GLU A 465 6.74 17.95 12.25
N MET A 466 8.02 17.97 12.65
CA MET A 466 8.70 19.20 13.02
C MET A 466 8.56 20.28 11.96
N ALA A 467 8.77 19.94 10.70
CA ALA A 467 8.79 21.00 9.71
C ALA A 467 7.40 21.29 9.19
N GLY A 468 6.40 20.54 9.63
CA GLY A 468 5.04 20.75 9.14
C GLY A 468 4.90 20.49 7.65
N ILE A 469 5.38 19.32 7.22
CA ILE A 469 5.20 18.83 5.85
C ILE A 469 4.70 17.40 5.91
N GLU A 470 4.03 17.01 4.83
CA GLU A 470 3.59 15.63 4.66
C GLU A 470 4.78 14.69 4.58
N CYS A 471 4.67 13.56 5.25
CA CYS A 471 5.64 12.49 5.06
C CYS A 471 4.89 11.21 4.78
N VAL A 472 5.09 10.67 3.58
CA VAL A 472 4.43 9.45 3.15
C VAL A 472 5.50 8.35 3.05
N VAL A 473 5.15 7.17 3.56
CA VAL A 473 6.10 6.09 3.79
C VAL A 473 5.60 4.87 3.05
N ILE A 474 6.50 4.21 2.34
CA ILE A 474 6.21 3.02 1.56
C ILE A 474 7.05 1.89 2.11
N ASN A 475 6.41 0.86 2.64
CA ASN A 475 7.13 -0.21 3.30
C ASN A 475 6.31 -1.50 3.16
N GLU A 476 6.74 -2.53 3.88
CA GLU A 476 6.13 -3.87 3.79
C GLU A 476 4.62 -3.88 3.99
N HIS A 477 4.06 -2.84 4.59
CA HIS A 477 2.61 -2.76 4.80
C HIS A 477 1.88 -2.02 3.71
N THR A 478 2.60 -1.40 2.79
CA THR A 478 1.94 -0.49 1.89
C THR A 478 1.12 -1.27 0.89
N SER A 479 -0.14 -0.84 0.77
CA SER A 479 -1.04 -1.23 -0.30
C SER A 479 -1.22 -0.03 -1.22
N VAL A 480 -1.10 -0.24 -2.51
CA VAL A 480 -1.18 0.86 -3.46
C VAL A 480 -2.57 1.49 -3.42
N SER A 481 -3.61 0.70 -3.24
CA SER A 481 -4.93 1.29 -3.14
C SER A 481 -5.11 2.05 -1.83
N SER A 482 -4.56 1.54 -0.73
CA SER A 482 -4.62 2.30 0.50
C SER A 482 -3.71 3.53 0.44
N PHE A 483 -2.56 3.40 -0.24
CA PHE A 483 -1.60 4.49 -0.36
C PHE A 483 -2.17 5.66 -1.15
N LYS A 484 -2.99 5.38 -2.18
CA LYS A 484 -3.58 6.51 -2.90
C LYS A 484 -4.57 7.25 -2.02
N ASN A 485 -5.30 6.55 -1.16
CA ASN A 485 -6.20 7.26 -0.26
C ASN A 485 -5.42 8.17 0.68
N GLU A 486 -4.39 7.63 1.31
CA GLU A 486 -3.51 8.47 2.11
C GLU A 486 -3.12 9.74 1.37
N LEU A 487 -2.71 9.62 0.10
CA LEU A 487 -2.30 10.80 -0.66
C LEU A 487 -3.46 11.77 -0.85
N LYS A 488 -4.65 11.27 -1.19
CA LYS A 488 -5.76 12.20 -1.37
C LYS A 488 -6.12 12.85 -0.05
N TRP A 489 -6.25 12.05 1.00
CA TRP A 489 -6.65 12.58 2.29
C TRP A 489 -5.59 13.53 2.84
N ASN A 490 -4.32 13.17 2.72
CA ASN A 490 -3.28 14.06 3.22
C ASN A 490 -3.35 15.41 2.52
N GLU A 491 -3.69 15.40 1.23
CA GLU A 491 -3.64 16.64 0.46
C GLU A 491 -4.60 17.68 1.01
N VAL A 492 -5.79 17.27 1.46
CA VAL A 492 -6.72 18.27 1.96
C VAL A 492 -6.33 18.69 3.36
N PHE A 493 -5.64 17.83 4.11
CA PHE A 493 -5.16 18.27 5.41
C PHE A 493 -4.09 19.33 5.26
N TRP A 494 -3.10 19.06 4.41
CA TRP A 494 -1.90 19.87 4.29
C TRP A 494 -2.10 21.10 3.46
N ARG A 495 -3.25 21.24 2.79
CA ARG A 495 -3.49 22.36 1.92
C ARG A 495 -3.59 23.65 2.73
N GLY A 496 -2.81 24.64 2.32
CA GLY A 496 -2.90 25.95 2.91
C GLY A 496 -2.27 26.10 4.28
N ARG A 497 -1.65 25.06 4.81
CA ARG A 497 -1.01 25.14 6.13
C ARG A 497 0.49 24.94 6.04
N MET B 1 -32.17 5.79 45.60
CA MET B 1 -32.99 5.81 44.36
C MET B 1 -32.06 5.81 43.15
N MET B 2 -32.48 6.54 42.11
CA MET B 2 -31.72 6.75 40.85
C MET B 2 -32.42 7.91 40.15
N LEU B 3 -31.67 8.83 39.55
CA LEU B 3 -32.30 9.99 38.85
C LEU B 3 -33.32 9.49 37.83
N SER B 4 -34.50 10.09 37.87
CA SER B 4 -35.70 9.77 37.05
C SER B 4 -35.53 10.06 35.56
N LEU B 5 -36.21 9.27 34.73
CA LEU B 5 -36.20 9.41 33.28
C LEU B 5 -37.63 9.64 32.79
N ARG B 6 -37.82 10.66 31.94
CA ARG B 6 -39.11 10.86 31.29
C ARG B 6 -39.49 9.56 30.58
N PRO B 7 -40.77 9.19 30.53
CA PRO B 7 -41.15 8.00 29.76
C PRO B 7 -40.85 8.22 28.28
N TYR B 8 -39.75 7.64 27.80
CA TYR B 8 -39.33 7.84 26.42
C TYR B 8 -39.85 6.70 25.53
N GLU B 9 -40.29 7.05 24.34
CA GLU B 9 -40.75 6.05 23.37
C GLU B 9 -40.05 6.27 22.03
N PHE B 10 -39.87 5.19 21.30
CA PHE B 10 -39.31 5.23 19.96
C PHE B 10 -40.42 4.97 18.94
N TRP B 11 -40.54 5.88 17.98
CA TRP B 11 -41.57 5.82 16.95
C TRP B 11 -41.11 4.95 15.78
N PHE B 12 -41.88 3.92 15.46
CA PHE B 12 -41.63 3.09 14.28
C PHE B 12 -42.47 3.62 13.13
N VAL B 13 -41.81 4.13 12.11
CA VAL B 13 -42.48 4.67 10.94
C VAL B 13 -42.16 3.76 9.77
N THR B 14 -43.15 3.51 8.93
CA THR B 14 -43.00 2.60 7.80
C THR B 14 -43.47 3.31 6.55
N GLY B 15 -42.64 3.33 5.51
CA GLY B 15 -42.94 4.06 4.30
C GLY B 15 -43.44 3.16 3.20
N SER B 16 -44.38 3.67 2.40
CA SER B 16 -44.76 3.03 1.13
C SER B 16 -45.59 4.04 0.32
N GLN B 17 -46.05 3.59 -0.85
CA GLN B 17 -46.71 4.45 -1.84
C GLN B 17 -48.08 3.89 -2.24
N HIS B 18 -48.77 4.63 -3.12
CA HIS B 18 -50.09 4.27 -3.62
C HIS B 18 -50.07 3.45 -4.90
N LEU B 19 -48.89 3.24 -5.49
CA LEU B 19 -48.81 2.45 -6.72
C LEU B 19 -49.32 1.03 -6.52
N TYR B 20 -49.40 0.59 -5.27
CA TYR B 20 -50.13 -0.61 -4.87
C TYR B 20 -51.38 -0.19 -4.11
N GLY B 21 -52.40 -1.04 -4.14
CA GLY B 21 -53.72 -0.64 -3.70
C GLY B 21 -53.86 -0.23 -2.25
N GLU B 22 -55.12 -0.04 -1.84
CA GLU B 22 -55.41 0.11 -0.41
C GLU B 22 -55.08 -1.16 0.35
N GLU B 23 -55.24 -2.33 -0.28
CA GLU B 23 -55.10 -3.61 0.42
C GLU B 23 -53.66 -3.82 0.89
N ALA B 24 -52.68 -3.45 0.06
CA ALA B 24 -51.29 -3.69 0.45
C ALA B 24 -50.90 -2.78 1.61
N LEU B 25 -51.40 -1.56 1.62
CA LEU B 25 -51.20 -0.71 2.79
C LEU B 25 -51.66 -1.43 4.05
N LYS B 26 -52.83 -2.08 4.00
CA LYS B 26 -53.34 -2.82 5.15
C LYS B 26 -52.31 -3.84 5.64
N GLN B 27 -51.70 -4.58 4.72
CA GLN B 27 -50.76 -5.63 5.13
C GLN B 27 -49.47 -5.03 5.67
N VAL B 28 -48.98 -3.96 5.05
CA VAL B 28 -47.82 -3.27 5.59
C VAL B 28 -48.11 -2.81 7.02
N GLU B 29 -49.27 -2.19 7.21
CA GLU B 29 -49.68 -1.73 8.53
C GLU B 29 -49.70 -2.88 9.53
N GLU B 30 -50.31 -4.00 9.17
CA GLU B 30 -50.32 -5.12 10.11
C GLU B 30 -48.90 -5.61 10.36
N HIS B 31 -48.08 -5.66 9.32
CA HIS B 31 -46.72 -6.18 9.46
C HIS B 31 -45.95 -5.38 10.49
N SER B 32 -45.98 -4.06 10.38
CA SER B 32 -45.27 -3.21 11.33
C SER B 32 -45.83 -3.35 12.74
N ARG B 33 -47.15 -3.34 12.87
CA ARG B 33 -47.77 -3.51 14.18
C ARG B 33 -47.36 -4.83 14.81
N ILE B 34 -47.32 -5.90 14.02
CA ILE B 34 -46.78 -7.16 14.53
C ILE B 34 -45.35 -6.96 15.03
N MET B 35 -44.49 -6.37 14.20
CA MET B 35 -43.07 -6.25 14.56
C MET B 35 -42.91 -5.44 15.84
N VAL B 36 -43.65 -4.33 15.96
CA VAL B 36 -43.56 -3.47 17.14
C VAL B 36 -44.01 -4.23 18.38
N ASN B 37 -45.15 -4.93 18.28
CA ASN B 37 -45.68 -5.67 19.41
C ASN B 37 -44.71 -6.75 19.86
N GLU B 38 -44.14 -7.50 18.92
CA GLU B 38 -43.19 -8.52 19.32
C GLU B 38 -41.94 -7.89 19.93
N TRP B 39 -41.59 -6.67 19.50
CA TRP B 39 -40.43 -6.00 20.06
C TRP B 39 -40.68 -5.60 21.50
N ASN B 40 -41.87 -5.06 21.79
CA ASN B 40 -42.16 -4.73 23.17
C ASN B 40 -42.32 -5.96 24.04
N ARG B 41 -42.19 -7.15 23.44
CA ARG B 41 -42.06 -8.44 24.11
C ARG B 41 -43.29 -8.69 24.97
N PHE B 45 -36.38 -5.00 24.37
CA PHE B 45 -35.89 -3.68 24.01
C PHE B 45 -36.02 -2.75 25.21
N PRO B 46 -35.14 -1.76 25.32
CA PRO B 46 -35.09 -1.02 26.60
C PRO B 46 -36.25 -0.07 26.81
N PHE B 47 -36.77 0.55 25.77
CA PHE B 47 -37.85 1.50 25.92
C PHE B 47 -38.98 1.11 24.97
N PRO B 48 -40.21 1.54 25.25
CA PRO B 48 -41.32 1.12 24.40
C PRO B 48 -41.12 1.61 22.98
N PHE B 49 -41.57 0.79 22.03
CA PHE B 49 -41.72 1.18 20.65
C PHE B 49 -43.18 1.48 20.38
N VAL B 50 -43.43 2.50 19.56
CA VAL B 50 -44.77 2.94 19.22
C VAL B 50 -44.86 2.93 17.71
N PHE B 51 -45.60 1.97 17.15
CA PHE B 51 -45.92 2.05 15.73
C PHE B 51 -46.73 3.32 15.50
N LYS B 52 -46.25 4.18 14.62
CA LYS B 52 -46.96 5.44 14.39
C LYS B 52 -47.96 5.27 13.25
N SER B 53 -47.45 5.12 12.04
CA SER B 53 -48.30 5.18 10.86
C SER B 53 -47.52 4.61 9.71
N VAL B 54 -48.25 4.16 8.71
CA VAL B 54 -47.66 3.95 7.40
C VAL B 54 -47.76 5.29 6.69
N VAL B 55 -46.60 5.82 6.28
CA VAL B 55 -46.54 7.13 5.64
C VAL B 55 -46.40 6.91 4.14
N THR B 56 -47.11 7.72 3.37
CA THR B 56 -47.23 7.43 1.95
C THR B 56 -47.13 8.65 1.09
N THR B 57 -47.12 9.83 1.65
CA THR B 57 -47.16 11.08 0.93
C THR B 57 -46.09 11.99 1.51
N PRO B 58 -45.72 13.05 0.82
CA PRO B 58 -44.92 14.09 1.45
C PRO B 58 -45.49 14.51 2.81
N GLU B 59 -46.72 15.01 2.79
CA GLU B 59 -47.31 15.63 3.98
C GLU B 59 -47.47 14.64 5.13
N GLU B 60 -47.67 13.36 4.83
CA GLU B 60 -47.68 12.40 5.93
C GLU B 60 -46.29 12.23 6.53
N ILE B 61 -45.26 12.12 5.67
CA ILE B 61 -43.90 12.02 6.18
C ILE B 61 -43.54 13.24 7.00
N ARG B 62 -43.89 14.43 6.51
CA ARG B 62 -43.48 15.63 7.23
C ARG B 62 -44.17 15.72 8.58
N ARG B 63 -45.46 15.35 8.64
CA ARG B 63 -46.22 15.53 9.87
C ARG B 63 -45.69 14.63 10.97
N VAL B 64 -45.46 13.36 10.64
CA VAL B 64 -44.90 12.47 11.64
C VAL B 64 -43.54 12.98 12.11
N CYS B 65 -42.76 13.56 11.19
CA CYS B 65 -41.47 14.14 11.56
C CYS B 65 -41.63 15.35 12.47
N LEU B 66 -42.51 16.27 12.10
CA LEU B 66 -42.81 17.36 13.01
C LEU B 66 -43.26 16.82 14.37
N GLU B 67 -44.12 15.81 14.37
CA GLU B 67 -44.58 15.21 15.63
C GLU B 67 -43.42 14.61 16.40
N ALA B 68 -42.46 14.00 15.70
CA ALA B 68 -41.26 13.51 16.36
C ALA B 68 -40.49 14.65 17.06
N ASN B 69 -40.16 15.74 16.34
CA ASN B 69 -39.46 16.84 16.99
C ASN B 69 -40.23 17.37 18.19
N ALA B 70 -41.55 17.50 18.03
CA ALA B 70 -42.37 18.09 19.08
C ALA B 70 -42.47 17.16 20.28
N SER B 71 -42.76 15.88 20.01
CA SER B 71 -42.93 14.88 21.03
C SER B 71 -41.71 14.80 21.94
N GLU B 72 -41.74 15.49 23.07
CA GLU B 72 -40.65 15.32 24.03
C GLU B 72 -40.54 13.88 24.53
N GLN B 73 -41.56 13.06 24.33
CA GLN B 73 -41.52 11.64 24.73
C GLN B 73 -40.79 10.79 23.70
N CYS B 74 -40.59 11.30 22.49
CA CYS B 74 -40.02 10.55 21.39
C CYS B 74 -38.51 10.68 21.43
N ALA B 75 -37.81 9.57 21.65
CA ALA B 75 -36.36 9.63 21.74
C ALA B 75 -35.64 9.35 20.43
N GLY B 76 -36.34 8.74 19.48
CA GLY B 76 -35.77 8.35 18.22
C GLY B 76 -36.84 7.89 17.27
N VAL B 77 -36.62 8.10 15.98
CA VAL B 77 -37.49 7.61 14.93
C VAL B 77 -36.84 6.42 14.26
N VAL B 78 -37.64 5.39 14.03
CA VAL B 78 -37.17 4.16 13.40
C VAL B 78 -37.94 4.04 12.09
N THR B 79 -37.28 4.29 10.98
CA THR B 79 -37.95 4.24 9.69
C THR B 79 -37.65 2.91 9.02
N TRP B 80 -38.66 2.39 8.33
CA TRP B 80 -38.49 1.17 7.57
C TRP B 80 -39.33 1.29 6.33
N MET B 81 -38.74 1.03 5.18
CA MET B 81 -39.42 1.12 3.89
C MET B 81 -39.88 -0.28 3.57
N HIS B 82 -41.14 -0.59 3.89
CA HIS B 82 -41.68 -1.90 3.61
C HIS B 82 -41.64 -2.17 2.12
N THR B 83 -42.24 -1.28 1.36
CA THR B 83 -42.19 -1.32 -0.08
C THR B 83 -41.29 -0.18 -0.57
N PHE B 84 -41.35 0.07 -1.87
CA PHE B 84 -40.71 1.25 -2.42
C PHE B 84 -41.44 2.48 -1.94
N SER B 85 -40.71 3.42 -1.36
CA SER B 85 -41.29 4.66 -0.88
C SER B 85 -40.48 5.78 -1.49
N PRO B 86 -40.81 6.17 -2.74
CA PRO B 86 -40.05 7.22 -3.45
C PRO B 86 -39.55 8.31 -2.53
N ALA B 87 -38.21 8.42 -2.43
CA ALA B 87 -37.61 9.11 -1.31
C ALA B 87 -37.70 10.63 -1.40
N LYS B 88 -37.89 11.19 -2.60
CA LYS B 88 -38.15 12.62 -2.65
C LYS B 88 -39.34 13.00 -1.81
N MET B 89 -40.26 12.07 -1.58
CA MET B 89 -41.31 12.28 -0.60
C MET B 89 -40.73 12.59 0.76
N TRP B 90 -39.61 11.96 1.09
CA TRP B 90 -39.09 12.02 2.45
C TRP B 90 -38.23 13.26 2.71
N ILE B 91 -37.96 14.05 1.68
CA ILE B 91 -37.07 15.19 1.86
C ILE B 91 -37.62 16.15 2.92
N GLY B 92 -38.87 16.57 2.76
CA GLY B 92 -39.44 17.54 3.70
C GLY B 92 -39.46 17.04 5.12
N GLY B 93 -39.85 15.78 5.31
CA GLY B 93 -39.82 15.21 6.63
C GLY B 93 -38.42 15.11 7.18
N LEU B 94 -37.51 14.55 6.40
CA LEU B 94 -36.16 14.33 6.93
C LEU B 94 -35.48 15.66 7.24
N LEU B 95 -35.77 16.70 6.47
CA LEU B 95 -35.13 17.97 6.75
C LEU B 95 -35.63 18.54 8.06
N GLU B 96 -36.85 18.16 8.46
CA GLU B 96 -37.45 18.66 9.69
C GLU B 96 -37.02 17.84 10.89
N LEU B 97 -36.83 16.54 10.68
CA LEU B 97 -36.54 15.63 11.78
C LEU B 97 -35.27 16.04 12.51
N ARG B 98 -35.34 16.08 13.85
CA ARG B 98 -34.20 16.40 14.67
C ARG B 98 -34.03 15.37 15.77
N LYS B 99 -34.77 14.31 15.72
CA LYS B 99 -34.65 13.22 16.65
C LYS B 99 -33.71 12.16 16.07
N PRO B 100 -32.90 11.49 16.91
CA PRO B 100 -32.03 10.45 16.38
C PRO B 100 -32.81 9.49 15.51
N LEU B 101 -32.33 9.30 14.30
CA LEU B 101 -32.99 8.41 13.36
C LEU B 101 -32.23 7.09 13.29
N LEU B 102 -32.92 6.00 13.54
CA LEU B 102 -32.47 4.67 13.14
C LEU B 102 -33.16 4.33 11.84
N HIS B 103 -32.39 3.86 10.87
CA HIS B 103 -32.95 3.29 9.66
C HIS B 103 -32.84 1.78 9.81
N LEU B 104 -33.98 1.12 9.99
CA LEU B 104 -34.01 -0.32 10.17
C LEU B 104 -34.23 -0.90 8.79
N HIS B 105 -33.17 -1.44 8.20
CA HIS B 105 -33.24 -2.11 6.90
C HIS B 105 -33.62 -3.55 7.17
N THR B 106 -34.90 -3.86 7.03
CA THR B 106 -35.40 -5.16 7.41
C THR B 106 -36.54 -5.54 6.48
N GLN B 107 -37.23 -6.60 6.88
CA GLN B 107 -38.09 -7.38 6.01
C GLN B 107 -38.95 -8.21 6.94
N PHE B 108 -40.26 -8.15 6.77
CA PHE B 108 -41.14 -8.95 7.63
C PHE B 108 -40.76 -10.42 7.56
N ASN B 109 -40.82 -10.99 6.36
CA ASN B 109 -40.49 -12.40 6.19
C ASN B 109 -38.98 -12.58 6.23
N ARG B 110 -38.52 -13.59 6.96
CA ARG B 110 -37.08 -13.84 7.03
C ARG B 110 -36.56 -14.52 5.76
N ASP B 111 -37.35 -15.40 5.16
CA ASP B 111 -36.87 -16.20 4.05
C ASP B 111 -37.72 -15.96 2.80
N ILE B 112 -37.12 -16.24 1.65
CA ILE B 112 -37.80 -16.19 0.37
C ILE B 112 -38.70 -17.42 0.26
N PRO B 113 -40.00 -17.24 0.12
CA PRO B 113 -40.88 -18.39 -0.12
C PRO B 113 -40.72 -18.91 -1.54
N TRP B 114 -39.86 -19.92 -1.72
CA TRP B 114 -39.41 -20.26 -3.07
C TRP B 114 -40.55 -20.76 -3.95
N ASP B 115 -41.48 -21.53 -3.38
CA ASP B 115 -42.62 -22.05 -4.15
C ASP B 115 -43.69 -20.99 -4.36
N SER B 116 -43.75 -20.02 -3.47
CA SER B 116 -44.85 -19.06 -3.44
C SER B 116 -44.58 -17.81 -4.28
N ILE B 117 -43.31 -17.39 -4.37
CA ILE B 117 -42.98 -15.99 -4.65
C ILE B 117 -43.38 -15.59 -6.07
N ASP B 118 -43.87 -14.37 -6.20
CA ASP B 118 -44.57 -13.89 -7.39
C ASP B 118 -44.58 -12.37 -7.34
N MET B 119 -45.17 -11.75 -8.36
CA MET B 119 -45.13 -10.29 -8.43
C MET B 119 -45.75 -9.65 -7.19
N ASP B 120 -46.88 -10.21 -6.71
CA ASP B 120 -47.54 -9.61 -5.54
C ASP B 120 -46.62 -9.58 -4.33
N PHE B 121 -45.87 -10.64 -4.10
CA PHE B 121 -44.89 -10.64 -3.02
C PHE B 121 -43.75 -9.68 -3.33
N MET B 122 -43.23 -9.70 -4.56
CA MET B 122 -42.20 -8.76 -4.97
C MET B 122 -42.69 -7.32 -4.94
N ASN B 123 -44.00 -7.10 -5.04
CA ASN B 123 -44.54 -5.75 -4.99
C ASN B 123 -44.74 -5.26 -3.56
N LEU B 124 -44.77 -6.16 -2.57
CA LEU B 124 -45.09 -5.80 -1.19
C LEU B 124 -43.89 -5.84 -0.26
N ASN B 125 -42.97 -6.78 -0.42
CA ASN B 125 -41.78 -6.90 0.43
C ASN B 125 -40.56 -6.41 -0.36
N GLN B 126 -40.46 -5.08 -0.51
CA GLN B 126 -39.52 -4.43 -1.41
C GLN B 126 -38.36 -3.74 -0.72
N SER B 127 -38.21 -3.90 0.61
CA SER B 127 -37.23 -3.10 1.36
C SER B 127 -35.83 -3.22 0.80
N ALA B 128 -35.49 -4.38 0.27
CA ALA B 128 -34.21 -4.60 -0.39
C ALA B 128 -33.85 -3.42 -1.27
N HIS B 129 -34.85 -2.85 -1.94
CA HIS B 129 -34.60 -1.62 -2.66
C HIS B 129 -35.29 -0.40 -2.08
N GLY B 130 -36.45 -0.56 -1.46
CA GLY B 130 -37.12 0.61 -0.89
C GLY B 130 -36.28 1.27 0.18
N ASP B 131 -35.58 0.46 0.99
CA ASP B 131 -34.67 1.00 1.98
C ASP B 131 -33.43 1.59 1.33
N ARG B 132 -33.02 1.06 0.18
CA ARG B 132 -31.86 1.62 -0.50
C ARG B 132 -32.19 2.99 -1.07
N GLU B 133 -33.32 3.10 -1.76
CA GLU B 133 -33.79 4.40 -2.20
C GLU B 133 -33.89 5.36 -1.05
N PHE B 134 -34.24 4.85 0.14
CA PHE B 134 -34.28 5.70 1.31
C PHE B 134 -32.88 5.98 1.82
N GLY B 135 -32.00 4.98 1.75
CA GLY B 135 -30.62 5.21 2.14
C GLY B 135 -29.99 6.29 1.30
N PHE B 136 -30.34 6.34 0.01
CA PHE B 136 -29.80 7.38 -0.84
C PHE B 136 -30.20 8.75 -0.34
N MET B 137 -31.48 8.92 -0.05
CA MET B 137 -31.96 10.26 0.28
C MET B 137 -31.40 10.76 1.58
N VAL B 138 -31.26 9.87 2.56
CA VAL B 138 -30.69 10.30 3.82
C VAL B 138 -29.23 10.68 3.65
N THR B 139 -28.48 9.86 2.91
CA THR B 139 -27.08 10.16 2.66
C THR B 139 -26.91 11.46 1.89
N ARG B 140 -27.83 11.71 0.94
CA ARG B 140 -27.76 12.90 0.09
C ARG B 140 -28.07 14.19 0.85
N LEU B 141 -28.78 14.10 1.96
CA LEU B 141 -28.94 15.24 2.85
C LEU B 141 -27.83 15.31 3.88
N GLY B 142 -26.87 14.39 3.82
CA GLY B 142 -25.82 14.35 4.83
C GLY B 142 -26.33 14.16 6.23
N MET B 143 -27.45 13.46 6.40
CA MET B 143 -27.89 13.36 7.80
C MET B 143 -27.24 12.17 8.46
N PRO B 144 -26.87 12.29 9.73
CA PRO B 144 -26.39 11.13 10.47
C PRO B 144 -27.57 10.26 10.88
N ARG B 145 -27.41 8.97 10.72
CA ARG B 145 -28.39 8.03 11.24
C ARG B 145 -27.66 6.73 11.53
N LYS B 146 -28.31 5.88 12.29
CA LYS B 146 -27.87 4.52 12.43
C LYS B 146 -28.53 3.72 11.32
N VAL B 147 -27.85 2.67 10.89
CA VAL B 147 -28.36 1.80 9.86
C VAL B 147 -28.15 0.39 10.37
N ILE B 148 -29.23 -0.32 10.63
CA ILE B 148 -29.18 -1.69 11.12
C ILE B 148 -29.88 -2.58 10.11
N VAL B 149 -29.20 -3.62 9.66
CA VAL B 149 -29.72 -4.51 8.64
C VAL B 149 -29.81 -5.92 9.19
N GLY B 150 -30.99 -6.52 9.07
CA GLY B 150 -31.25 -7.86 9.51
C GLY B 150 -32.74 -8.09 9.53
N HIS B 151 -33.15 -9.35 9.59
CA HIS B 151 -34.57 -9.64 9.79
C HIS B 151 -34.98 -9.13 11.16
N TRP B 152 -36.22 -8.66 11.25
CA TRP B 152 -36.66 -7.95 12.45
C TRP B 152 -36.76 -8.84 13.68
N GLN B 153 -36.72 -10.17 13.53
CA GLN B 153 -36.63 -11.10 14.67
C GLN B 153 -35.20 -11.41 15.08
N ASP B 154 -34.19 -10.84 14.42
CA ASP B 154 -32.83 -11.30 14.62
C ASP B 154 -32.31 -10.90 16.00
N ALA B 155 -31.61 -11.82 16.65
CA ALA B 155 -31.07 -11.53 17.97
C ALA B 155 -30.08 -10.36 17.92
N GLU B 156 -29.14 -10.40 16.96
CA GLU B 156 -28.20 -9.31 16.82
C GLU B 156 -28.91 -8.01 16.51
N VAL B 157 -29.97 -8.05 15.69
CA VAL B 157 -30.72 -6.82 15.41
C VAL B 157 -31.24 -6.23 16.72
N ALA B 158 -31.67 -7.07 17.65
CA ALA B 158 -32.15 -6.57 18.95
C ALA B 158 -31.00 -5.97 19.77
N ARG B 159 -29.89 -6.71 19.92
CA ARG B 159 -28.72 -6.20 20.62
C ARG B 159 -28.29 -4.83 20.10
N ARG B 160 -28.25 -4.68 18.77
CA ARG B 160 -27.85 -3.41 18.17
C ARG B 160 -28.90 -2.31 18.36
N VAL B 161 -30.19 -2.66 18.29
CA VAL B 161 -31.22 -1.63 18.48
C VAL B 161 -31.25 -1.20 19.94
N ARG B 162 -31.03 -2.13 20.88
CA ARG B 162 -30.95 -1.77 22.29
C ARG B 162 -29.80 -0.82 22.55
N GLY B 163 -28.61 -1.16 22.05
CA GLY B 163 -27.50 -0.24 22.16
C GLY B 163 -27.86 1.15 21.64
N TRP B 164 -28.43 1.20 20.43
CA TRP B 164 -28.72 2.50 19.84
C TRP B 164 -29.82 3.24 20.60
N ALA B 165 -30.82 2.52 21.10
CA ALA B 165 -31.89 3.19 21.84
C ALA B 165 -31.36 3.79 23.13
N MET B 166 -30.58 3.02 23.89
CA MET B 166 -29.88 3.59 25.05
C MET B 166 -29.18 4.87 24.67
N THR B 167 -28.49 4.86 23.53
CA THR B 167 -27.82 6.06 23.05
C THR B 167 -28.82 7.19 22.83
N ALA B 168 -29.88 6.94 22.06
CA ALA B 168 -30.82 8.00 21.70
C ALA B 168 -31.56 8.54 22.91
N VAL B 169 -31.65 7.75 23.97
CA VAL B 169 -32.22 8.26 25.21
C VAL B 169 -31.20 9.09 25.97
N ALA B 170 -29.92 8.70 25.91
CA ALA B 170 -28.88 9.61 26.36
C ALA B 170 -28.94 10.92 25.60
N ALA B 171 -29.27 10.87 24.30
CA ALA B 171 -29.33 12.09 23.51
C ALA B 171 -30.51 12.96 23.93
N ALA B 172 -31.66 12.34 24.17
CA ALA B 172 -32.84 13.09 24.55
C ALA B 172 -32.67 13.69 25.94
N VAL B 173 -31.87 13.06 26.81
CA VAL B 173 -31.51 13.67 28.08
C VAL B 173 -30.54 14.82 27.84
N SER B 174 -29.58 14.62 26.96
CA SER B 174 -28.66 15.70 26.60
C SER B 174 -29.39 16.97 26.18
N ARG B 175 -30.46 16.87 25.39
CA ARG B 175 -31.17 18.10 24.98
C ARG B 175 -31.75 18.83 26.18
N GLY B 176 -32.44 18.11 27.05
CA GLY B 176 -32.89 18.75 28.28
C GLY B 176 -31.77 19.23 29.20
N LEU B 177 -30.63 18.54 29.15
CA LEU B 177 -29.70 18.51 30.28
C LEU B 177 -29.37 19.90 30.81
N LYS B 178 -29.49 20.07 32.13
CA LYS B 178 -29.15 21.30 32.84
C LYS B 178 -28.01 21.01 33.81
N VAL B 179 -26.91 21.77 33.70
CA VAL B 179 -25.71 21.60 34.50
C VAL B 179 -25.56 22.80 35.43
N ALA B 180 -25.23 22.56 36.69
CA ALA B 180 -25.05 23.63 37.67
C ALA B 180 -23.58 23.66 38.10
N ARG B 181 -22.91 24.77 37.80
CA ARG B 181 -21.52 24.97 38.21
C ARG B 181 -21.54 25.78 39.48
N PHE B 182 -21.13 25.17 40.59
CA PHE B 182 -20.90 25.89 41.85
C PHE B 182 -19.43 26.28 41.88
N GLY B 183 -19.14 27.47 41.41
CA GLY B 183 -17.78 27.95 41.27
C GLY B 183 -17.35 27.92 39.81
N ASP B 184 -16.21 28.56 39.55
CA ASP B 184 -15.70 28.61 38.19
C ASP B 184 -14.72 27.47 37.93
N ASN B 185 -14.12 27.50 36.75
CA ASN B 185 -13.05 26.57 36.43
C ASN B 185 -11.91 26.76 37.41
N MET B 186 -11.26 25.66 37.75
CA MET B 186 -9.97 25.74 38.41
C MET B 186 -9.05 26.64 37.61
N ARG B 187 -8.53 27.67 38.29
CA ARG B 187 -7.78 28.70 37.60
C ARG B 187 -6.60 28.11 36.86
N GLN B 188 -6.37 28.63 35.65
CA GLN B 188 -5.28 28.33 34.75
C GLN B 188 -5.43 26.97 34.05
N VAL B 189 -6.48 26.18 34.34
CA VAL B 189 -6.70 24.89 33.67
C VAL B 189 -7.30 25.12 32.28
N ALA B 190 -6.81 24.36 31.29
CA ALA B 190 -7.24 24.50 29.91
C ALA B 190 -8.37 23.55 29.53
N VAL B 191 -8.25 22.27 29.85
CA VAL B 191 -9.12 21.29 29.20
C VAL B 191 -10.55 21.37 29.73
N THR B 192 -10.72 21.75 30.99
CA THR B 192 -12.06 21.95 31.52
C THR B 192 -12.71 23.22 31.00
N GLU B 193 -11.96 24.07 30.33
CA GLU B 193 -12.54 25.24 29.70
C GLU B 193 -13.21 24.83 28.39
N GLY B 194 -14.03 25.73 27.86
CA GLY B 194 -14.67 25.52 26.58
C GLY B 194 -15.81 26.51 26.37
N ASP B 195 -16.54 26.29 25.28
CA ASP B 195 -17.64 27.18 24.90
C ASP B 195 -18.95 26.54 25.34
N LYS B 196 -19.56 27.10 26.38
CA LYS B 196 -20.87 26.63 26.81
C LYS B 196 -21.92 26.89 25.74
N VAL B 197 -21.82 28.03 25.05
CA VAL B 197 -22.74 28.32 23.93
C VAL B 197 -22.66 27.23 22.88
N GLU B 198 -21.45 26.93 22.38
CA GLU B 198 -21.33 25.88 21.37
C GLU B 198 -21.88 24.56 21.88
N ALA B 199 -21.67 24.29 23.16
CA ALA B 199 -22.05 23.00 23.67
C ALA B 199 -23.55 22.90 23.86
N GLU B 200 -24.21 24.04 24.10
CA GLU B 200 -25.67 24.08 24.16
C GLU B 200 -26.24 23.96 22.75
N ALA B 201 -25.56 24.51 21.76
CA ALA B 201 -25.97 24.33 20.38
C ALA B 201 -25.71 22.90 19.92
N ARG B 202 -24.56 22.32 20.25
CA ARG B 202 -24.32 20.98 19.73
C ARG B 202 -25.04 19.91 20.53
N PHE B 203 -24.88 19.91 21.85
CA PHE B 203 -25.40 18.80 22.62
C PHE B 203 -26.70 19.12 23.34
N GLY B 204 -27.06 20.39 23.44
CA GLY B 204 -28.28 20.82 24.08
C GLY B 204 -28.12 21.16 25.54
N TRP B 205 -26.89 21.14 26.07
CA TRP B 205 -26.70 21.28 27.51
C TRP B 205 -26.83 22.72 27.94
N SER B 206 -27.68 22.96 28.92
CA SER B 206 -27.71 24.25 29.60
C SER B 206 -26.69 24.21 30.75
N VAL B 207 -25.70 25.10 30.71
CA VAL B 207 -24.60 25.10 31.67
C VAL B 207 -24.51 26.49 32.29
N ASN B 208 -24.79 26.59 33.60
CA ASN B 208 -24.81 27.92 34.20
C ASN B 208 -24.19 27.98 35.58
N GLY B 209 -23.62 29.14 35.88
CA GLY B 209 -22.86 29.32 37.09
C GLY B 209 -23.73 29.80 38.23
N TYR B 210 -23.65 29.10 39.35
CA TYR B 210 -24.13 29.61 40.62
C TYR B 210 -22.92 29.84 41.51
N GLY B 211 -22.95 30.91 42.27
CA GLY B 211 -21.94 31.06 43.31
C GLY B 211 -22.06 29.89 44.27
N VAL B 212 -20.92 29.43 44.77
CA VAL B 212 -20.98 28.45 45.85
C VAL B 212 -21.75 29.02 47.03
N GLY B 213 -21.84 30.35 47.14
CA GLY B 213 -22.74 30.95 48.11
C GLY B 213 -24.17 30.46 47.99
N ASP B 214 -24.67 30.33 46.76
CA ASP B 214 -26.03 29.84 46.56
C ASP B 214 -26.20 28.44 47.11
N LEU B 215 -25.14 27.63 47.05
CA LEU B 215 -25.18 26.27 47.61
C LEU B 215 -24.83 26.25 49.09
N ALA B 216 -23.86 27.07 49.53
CA ALA B 216 -23.54 27.19 50.95
C ALA B 216 -24.79 27.49 51.76
N GLU B 217 -25.57 28.49 51.32
CA GLU B 217 -26.77 28.89 52.05
C GLU B 217 -27.82 27.79 52.00
N ARG B 218 -27.83 26.98 50.95
CA ARG B 218 -28.79 25.90 50.84
C ARG B 218 -28.43 24.74 51.77
N VAL B 219 -27.14 24.58 52.11
CA VAL B 219 -26.77 23.55 53.06
C VAL B 219 -26.93 24.03 54.48
N ARG B 220 -26.81 25.34 54.73
CA ARG B 220 -27.11 25.87 56.05
C ARG B 220 -28.57 25.59 56.44
N ALA B 221 -29.49 25.59 55.47
CA ALA B 221 -30.92 25.37 55.73
C ALA B 221 -31.30 23.90 55.88
N VAL B 222 -30.36 22.98 55.79
CA VAL B 222 -30.68 21.58 56.04
C VAL B 222 -31.00 21.42 57.52
N SER B 223 -32.11 20.75 57.82
CA SER B 223 -32.40 20.38 59.20
C SER B 223 -31.23 19.58 59.76
N GLU B 224 -31.11 19.53 61.09
CA GLU B 224 -30.31 18.44 61.64
C GLU B 224 -31.13 17.19 61.87
N ALA B 225 -32.45 17.23 61.62
CA ALA B 225 -33.30 16.03 61.65
C ALA B 225 -33.18 15.22 60.36
N GLU B 226 -33.08 15.89 59.20
CA GLU B 226 -32.87 15.18 57.94
C GLU B 226 -31.46 14.62 57.86
N ILE B 227 -30.47 15.37 58.37
CA ILE B 227 -29.10 14.85 58.49
C ILE B 227 -29.09 13.55 59.28
N ASP B 228 -29.91 13.45 60.34
CA ASP B 228 -30.01 12.21 61.10
C ASP B 228 -30.68 11.12 60.27
N ARG B 229 -31.72 11.49 59.51
CA ARG B 229 -32.36 10.53 58.62
C ARG B 229 -31.38 9.98 57.59
N LEU B 230 -30.38 10.78 57.20
CA LEU B 230 -29.45 10.36 56.17
C LEU B 230 -28.35 9.48 56.73
N ILE B 231 -27.87 9.76 57.95
CA ILE B 231 -26.90 8.89 58.58
C ILE B 231 -27.50 7.51 58.81
N ASP B 232 -28.79 7.46 59.14
CA ASP B 232 -29.47 6.17 59.24
C ASP B 232 -29.45 5.46 57.89
N GLU B 233 -29.42 6.22 56.80
CA GLU B 233 -29.25 5.59 55.49
C GLU B 233 -27.79 5.27 55.20
N TYR B 234 -26.83 6.03 55.74
CA TYR B 234 -25.43 5.65 55.57
C TYR B 234 -25.17 4.35 56.32
N GLN B 235 -25.80 4.18 57.50
CA GLN B 235 -25.74 2.90 58.18
C GLN B 235 -26.47 1.82 57.41
N SER B 236 -27.54 2.18 56.70
CA SER B 236 -28.22 1.23 55.85
C SER B 236 -27.31 0.66 54.77
N LEU B 237 -26.18 1.33 54.48
CA LEU B 237 -25.50 1.11 53.21
C LEU B 237 -24.01 0.85 53.33
N TYR B 238 -23.30 1.65 54.13
CA TYR B 238 -21.85 1.77 54.03
C TYR B 238 -21.17 1.44 55.35
N GLU B 239 -20.05 0.71 55.26
CA GLU B 239 -19.21 0.46 56.43
C GLU B 239 -18.46 1.73 56.82
N PHE B 240 -18.30 1.96 58.12
CA PHE B 240 -17.64 3.15 58.65
C PHE B 240 -16.26 2.80 59.17
N ALA B 241 -15.25 3.56 58.74
CA ALA B 241 -13.90 3.40 59.27
C ALA B 241 -13.90 3.64 60.78
N PRO B 242 -12.88 3.13 61.49
CA PRO B 242 -12.78 3.42 62.94
C PRO B 242 -12.92 4.91 63.22
N GLY B 243 -13.88 5.26 64.07
CA GLY B 243 -14.10 6.64 64.47
C GLY B 243 -15.04 7.44 63.58
N CYS B 244 -15.87 6.78 62.77
CA CYS B 244 -16.70 7.50 61.83
C CYS B 244 -18.18 7.15 61.90
N GLU B 245 -18.58 6.14 62.66
CA GLU B 245 -20.01 6.07 62.85
C GLU B 245 -20.42 6.85 64.09
N LYS B 246 -21.74 6.98 64.26
CA LYS B 246 -22.35 7.87 65.24
C LYS B 246 -21.71 7.70 66.60
N GLY B 247 -21.19 8.80 67.13
CA GLY B 247 -20.49 8.82 68.39
C GLY B 247 -18.99 8.99 68.25
N GLY B 248 -18.42 8.48 67.15
CA GLY B 248 -16.99 8.54 66.94
C GLY B 248 -16.44 9.94 66.79
N PRO B 249 -15.14 10.11 67.00
CA PRO B 249 -14.55 11.45 66.93
C PRO B 249 -14.73 12.12 65.60
N LEU B 250 -14.51 11.40 64.50
CA LEU B 250 -14.58 11.97 63.17
C LEU B 250 -15.93 11.74 62.49
N HIS B 251 -16.98 11.44 63.27
CA HIS B 251 -18.33 11.38 62.73
C HIS B 251 -18.90 12.77 62.47
N ASP B 252 -18.31 13.80 63.07
CA ASP B 252 -18.56 15.17 62.63
C ASP B 252 -18.49 15.26 61.11
N GLY B 253 -17.36 14.84 60.53
CA GLY B 253 -17.14 14.98 59.10
C GLY B 253 -18.18 14.29 58.23
N VAL B 254 -18.74 13.16 58.68
CA VAL B 254 -19.77 12.51 57.89
C VAL B 254 -21.04 13.34 57.92
N ARG B 255 -21.38 13.90 59.08
CA ARG B 255 -22.59 14.74 59.18
C ARG B 255 -22.51 15.89 58.21
N GLU B 256 -21.35 16.55 58.15
CA GLU B 256 -21.15 17.63 57.21
C GLU B 256 -21.40 17.18 55.77
N GLN B 257 -20.95 15.96 55.41
CA GLN B 257 -21.14 15.44 54.07
C GLN B 257 -22.58 15.00 53.85
N ALA B 258 -23.26 14.58 54.92
CA ALA B 258 -24.71 14.40 54.85
C ALA B 258 -25.41 15.71 54.57
N ARG B 259 -24.95 16.79 55.20
CA ARG B 259 -25.63 18.06 55.05
C ARG B 259 -25.44 18.61 53.65
N ILE B 260 -24.22 18.54 53.13
CA ILE B 260 -23.94 18.92 51.76
C ILE B 260 -24.78 18.10 50.79
N GLU B 261 -24.82 16.78 50.99
CA GLU B 261 -25.62 15.94 50.11
C GLU B 261 -27.07 16.40 50.06
N LEU B 262 -27.65 16.74 51.22
CA LEU B 262 -29.07 17.08 51.23
C LEU B 262 -29.31 18.47 50.68
N GLY B 263 -28.36 19.39 50.88
CA GLY B 263 -28.46 20.70 50.25
C GLY B 263 -28.25 20.63 48.76
N LEU B 264 -27.15 19.99 48.34
CA LEU B 264 -26.92 19.68 46.92
C LEU B 264 -28.13 19.03 46.28
N ARG B 265 -28.69 18.02 46.92
CA ARG B 265 -29.83 17.38 46.29
C ARG B 265 -31.00 18.33 46.20
N SER B 266 -31.15 19.25 47.16
CA SER B 266 -32.30 20.14 47.11
C SER B 266 -32.09 21.23 46.07
N PHE B 267 -30.85 21.72 45.93
CA PHE B 267 -30.56 22.67 44.86
C PHE B 267 -30.81 22.06 43.48
N LEU B 268 -30.30 20.84 43.26
CA LEU B 268 -30.37 20.21 41.94
C LEU B 268 -31.75 19.65 41.63
N GLU B 269 -32.44 19.11 42.63
CA GLU B 269 -33.84 18.75 42.43
C GLU B 269 -34.70 19.99 42.17
N GLU B 270 -34.44 21.08 42.92
CA GLU B 270 -35.24 22.29 42.72
C GLU B 270 -35.09 22.81 41.30
N GLY B 271 -33.84 22.96 40.84
CA GLY B 271 -33.57 23.47 39.53
C GLY B 271 -33.76 22.50 38.37
N GLY B 272 -33.95 21.21 38.63
CA GLY B 272 -33.99 20.27 37.54
C GLY B 272 -32.62 19.89 36.98
N PHE B 273 -31.55 20.15 37.72
CA PHE B 273 -30.21 19.83 37.26
C PHE B 273 -29.93 18.34 37.39
N GLU B 274 -29.32 17.76 36.36
CA GLU B 274 -28.94 16.36 36.35
C GLU B 274 -27.44 16.21 36.39
N ALA B 275 -26.72 17.31 36.39
CA ALA B 275 -25.27 17.30 36.46
C ALA B 275 -24.83 18.61 37.09
N PHE B 276 -23.75 18.56 37.85
CA PHE B 276 -23.26 19.76 38.48
C PHE B 276 -21.75 19.65 38.59
N THR B 277 -21.13 20.75 38.97
CA THR B 277 -19.70 20.74 39.19
C THR B 277 -19.38 21.53 40.45
N THR B 278 -18.29 21.15 41.10
CA THR B 278 -17.73 21.94 42.18
C THR B 278 -16.29 22.30 41.84
N THR B 279 -15.72 23.21 42.62
CA THR B 279 -14.32 23.55 42.49
C THR B 279 -13.75 23.75 43.88
N PHE B 280 -12.66 23.03 44.19
CA PHE B 280 -12.02 23.21 45.48
C PHE B 280 -11.46 24.62 45.67
N GLU B 281 -11.27 25.38 44.59
CA GLU B 281 -10.75 26.73 44.77
C GLU B 281 -11.83 27.71 45.23
N ASP B 282 -13.05 27.24 45.46
CA ASP B 282 -14.16 28.13 45.77
C ASP B 282 -15.09 27.37 46.72
N LEU B 283 -14.79 27.44 48.02
CA LEU B 283 -15.55 26.69 49.01
C LEU B 283 -16.06 27.57 50.15
N HIS B 284 -16.18 28.87 49.93
CA HIS B 284 -16.68 29.77 50.96
C HIS B 284 -18.07 29.37 51.40
N GLY B 285 -18.25 29.21 52.71
CA GLY B 285 -19.53 28.84 53.25
C GLY B 285 -19.80 27.35 53.27
N MET B 286 -18.81 26.55 52.91
CA MET B 286 -18.92 25.10 52.99
C MET B 286 -17.81 24.61 53.89
N LYS B 287 -18.11 23.62 54.73
CA LYS B 287 -17.07 23.21 55.66
C LYS B 287 -16.11 22.22 55.03
N GLN B 288 -16.52 21.57 53.96
CA GLN B 288 -15.68 20.60 53.27
C GLN B 288 -15.93 20.73 51.78
N LEU B 289 -14.93 20.35 51.01
CA LEU B 289 -15.18 20.11 49.60
C LEU B 289 -16.19 18.98 49.50
N PRO B 290 -17.24 19.10 48.70
CA PRO B 290 -18.21 18.02 48.60
C PRO B 290 -17.53 16.76 48.09
N GLY B 291 -17.99 15.62 48.59
CA GLY B 291 -17.30 14.38 48.27
C GLY B 291 -18.19 13.17 48.39
N LEU B 292 -18.32 12.63 49.61
CA LEU B 292 -19.26 11.56 49.81
C LEU B 292 -20.63 11.96 49.27
N ALA B 293 -20.99 13.22 49.49
CA ALA B 293 -22.23 13.77 48.93
C ALA B 293 -22.28 13.60 47.42
N VAL B 294 -21.23 14.08 46.73
CA VAL B 294 -21.11 13.89 45.29
C VAL B 294 -21.16 12.41 44.95
N GLN B 295 -20.33 11.61 45.61
CA GLN B 295 -20.31 10.18 45.35
C GLN B 295 -21.70 9.59 45.47
N ARG B 296 -22.43 9.98 46.52
CA ARG B 296 -23.81 9.55 46.65
C ARG B 296 -24.64 10.03 45.47
N LEU B 297 -24.48 11.29 45.07
CA LEU B 297 -25.35 11.86 44.06
C LEU B 297 -25.09 11.26 42.67
N MET B 298 -23.81 11.09 42.32
CA MET B 298 -23.47 10.32 41.13
C MET B 298 -24.07 8.93 41.18
N ALA B 299 -24.00 8.29 42.34
CA ALA B 299 -24.56 6.95 42.46
C ALA B 299 -26.03 6.95 42.10
N GLU B 300 -26.72 8.06 42.37
CA GLU B 300 -28.12 8.20 42.03
C GLU B 300 -28.32 8.53 40.55
N GLY B 301 -27.25 8.78 39.81
CA GLY B 301 -27.36 9.08 38.40
C GLY B 301 -27.06 10.49 38.02
N TYR B 302 -26.51 11.28 38.92
CA TYR B 302 -26.12 12.63 38.56
C TYR B 302 -24.77 12.61 37.87
N GLY B 303 -24.62 13.48 36.89
CA GLY B 303 -23.30 13.73 36.37
C GLY B 303 -22.55 14.73 37.23
N PHE B 304 -21.22 14.62 37.19
CA PHE B 304 -20.38 15.48 38.00
C PHE B 304 -19.02 15.57 37.36
N GLY B 305 -18.39 16.72 37.51
CA GLY B 305 -17.02 16.89 37.10
C GLY B 305 -16.34 17.77 38.10
N GLY B 306 -15.16 17.37 38.58
CA GLY B 306 -14.42 18.21 39.49
C GLY B 306 -13.88 19.44 38.79
N GLU B 307 -13.54 20.44 39.61
CA GLU B 307 -12.85 21.64 39.14
C GLU B 307 -13.64 22.37 38.07
N GLY B 308 -14.95 22.39 38.22
CA GLY B 308 -15.78 23.16 37.33
C GLY B 308 -16.01 22.55 35.97
N ASP B 309 -15.68 21.29 35.78
CA ASP B 309 -15.64 20.64 34.47
C ASP B 309 -17.04 20.25 34.06
N TRP B 310 -17.76 21.18 33.42
CA TRP B 310 -19.10 20.87 32.95
C TRP B 310 -19.08 19.85 31.84
N LYS B 311 -18.07 19.91 30.96
CA LYS B 311 -18.02 18.93 29.89
C LYS B 311 -18.05 17.50 30.43
N THR B 312 -17.19 17.19 31.41
CA THR B 312 -17.21 15.83 31.93
C THR B 312 -18.47 15.56 32.71
N ALA B 313 -18.97 16.59 33.43
CA ALA B 313 -20.23 16.46 34.18
C ALA B 313 -21.36 16.03 33.28
N ALA B 314 -21.54 16.75 32.17
CA ALA B 314 -22.51 16.36 31.16
C ALA B 314 -22.22 14.96 30.65
N LEU B 315 -20.95 14.68 30.37
CA LEU B 315 -20.60 13.36 29.84
C LEU B 315 -20.95 12.27 30.84
N VAL B 316 -20.64 12.48 32.13
CA VAL B 316 -20.93 11.45 33.12
C VAL B 316 -22.42 11.18 33.21
N ARG B 317 -23.23 12.23 33.13
CA ARG B 317 -24.69 12.05 33.17
C ARG B 317 -25.18 11.29 31.93
N LEU B 318 -24.66 11.64 30.75
CA LEU B 318 -25.09 10.98 29.52
C LEU B 318 -24.71 9.51 29.52
N MET B 319 -23.47 9.21 29.91
CA MET B 319 -23.04 7.82 29.89
C MET B 319 -23.78 7.00 30.93
N LYS B 320 -24.03 7.58 32.10
CA LYS B 320 -24.87 6.90 33.09
C LYS B 320 -26.25 6.58 32.52
N VAL B 321 -26.85 7.51 31.78
CA VAL B 321 -28.10 7.21 31.08
C VAL B 321 -27.86 6.08 30.07
N MET B 322 -26.79 6.17 29.28
CA MET B 322 -26.51 5.12 28.32
C MET B 322 -26.39 3.77 29.01
N ALA B 323 -25.83 3.77 30.22
CA ALA B 323 -25.49 2.55 30.96
C ALA B 323 -26.55 2.17 31.99
N ASP B 324 -27.76 2.73 31.90
CA ASP B 324 -28.84 2.36 32.80
C ASP B 324 -28.47 2.58 34.27
N GLY B 325 -27.66 3.59 34.53
CA GLY B 325 -27.18 3.84 35.87
C GLY B 325 -26.02 3.00 36.33
N LYS B 326 -25.67 1.93 35.62
CA LYS B 326 -24.75 0.92 36.14
C LYS B 326 -23.31 1.18 35.73
N GLY B 327 -22.39 1.02 36.68
CA GLY B 327 -20.96 0.92 36.40
C GLY B 327 -20.33 2.09 35.67
N THR B 328 -20.79 3.31 35.96
CA THR B 328 -20.31 4.52 35.30
C THR B 328 -19.94 5.53 36.36
N SER B 329 -18.77 6.17 36.21
CA SER B 329 -18.35 7.14 37.20
C SER B 329 -17.40 8.18 36.59
N PHE B 330 -17.50 9.41 37.08
CA PHE B 330 -16.43 10.38 36.90
C PHE B 330 -15.10 9.73 37.27
N MET B 331 -14.02 10.15 36.60
CA MET B 331 -12.73 9.50 36.74
C MET B 331 -11.59 10.45 36.42
N GLU B 332 -10.41 10.20 36.99
CA GLU B 332 -9.22 10.94 36.62
C GLU B 332 -7.99 10.03 36.72
N ASP B 333 -7.12 10.07 35.72
CA ASP B 333 -5.89 9.28 35.78
C ASP B 333 -4.99 9.84 36.87
N TYR B 334 -4.87 9.14 38.00
CA TYR B 334 -4.06 9.77 39.03
C TYR B 334 -2.60 9.39 38.94
N THR B 335 -2.29 8.14 38.67
CA THR B 335 -0.90 7.76 38.73
C THR B 335 -0.74 6.44 37.98
N TYR B 336 0.49 6.18 37.54
CA TYR B 336 0.77 5.03 36.69
C TYR B 336 1.57 3.96 37.42
N HIS B 337 1.19 2.70 37.18
CA HIS B 337 2.01 1.54 37.49
C HIS B 337 2.65 1.05 36.20
N PHE B 338 3.95 1.32 36.06
CA PHE B 338 4.72 1.10 34.85
C PHE B 338 5.44 -0.25 34.79
N GLU B 339 5.29 -1.10 35.80
CA GLU B 339 5.92 -2.42 35.83
C GLU B 339 5.82 -3.12 34.47
N PRO B 340 6.93 -3.54 33.87
CA PRO B 340 6.86 -4.26 32.59
C PRO B 340 5.96 -5.47 32.69
N GLY B 341 4.99 -5.55 31.76
CA GLY B 341 4.06 -6.67 31.68
C GLY B 341 2.81 -6.51 32.50
N ASN B 342 2.81 -5.58 33.47
CA ASN B 342 1.69 -5.32 34.36
C ASN B 342 1.32 -3.83 34.36
N GLU B 343 1.51 -3.14 33.24
CA GLU B 343 1.33 -1.70 33.24
C GLU B 343 -0.13 -1.36 33.50
N MET B 344 -0.35 -0.39 34.40
CA MET B 344 -1.67 0.00 34.85
C MET B 344 -1.72 1.51 35.05
N ILE B 345 -2.94 2.04 35.06
CA ILE B 345 -3.23 3.38 35.55
C ILE B 345 -4.06 3.26 36.82
N LEU B 346 -3.64 3.93 37.89
CA LEU B 346 -4.50 4.09 39.05
C LEU B 346 -5.38 5.32 38.79
N GLY B 347 -6.68 5.09 38.75
CA GLY B 347 -7.61 6.17 38.50
C GLY B 347 -8.49 6.46 39.69
N ALA B 348 -8.50 7.73 40.11
CA ALA B 348 -9.34 8.15 41.22
C ALA B 348 -9.77 9.59 40.97
N HIS B 349 -10.29 10.23 42.01
CA HIS B 349 -10.27 11.68 42.14
C HIS B 349 -9.96 11.96 43.59
N MET B 350 -9.89 13.24 43.96
CA MET B 350 -9.51 13.55 45.33
C MET B 350 -10.55 13.09 46.35
N LEU B 351 -11.81 12.89 45.94
CA LEU B 351 -12.87 12.35 46.79
C LEU B 351 -13.91 11.63 45.97
N GLU B 352 -14.11 12.15 44.76
CA GLU B 352 -15.37 12.00 44.02
C GLU B 352 -15.20 10.87 43.01
N VAL B 353 -15.44 9.65 43.48
CA VAL B 353 -15.53 8.48 42.62
C VAL B 353 -16.86 7.82 42.94
N CYS B 354 -17.68 7.62 41.92
CA CYS B 354 -19.01 7.12 42.14
C CYS B 354 -18.95 5.65 42.55
N PRO B 355 -19.73 5.24 43.57
CA PRO B 355 -19.66 3.85 44.02
C PRO B 355 -20.29 2.85 43.08
N THR B 356 -20.97 3.28 42.02
CA THR B 356 -21.54 2.30 41.10
C THR B 356 -20.47 1.51 40.33
N ILE B 357 -19.18 1.84 40.48
CA ILE B 357 -18.08 1.07 39.90
C ILE B 357 -17.33 0.29 40.97
N ALA B 358 -17.84 0.25 42.19
CA ALA B 358 -17.12 -0.37 43.30
C ALA B 358 -17.23 -1.88 43.22
N ALA B 359 -16.12 -2.56 43.54
CA ALA B 359 -16.14 -4.01 43.73
C ALA B 359 -16.10 -4.39 45.20
N THR B 360 -15.43 -3.59 46.02
CA THR B 360 -15.60 -3.67 47.45
C THR B 360 -16.86 -2.92 47.86
N ARG B 361 -17.45 -3.34 48.97
CA ARG B 361 -18.53 -2.56 49.55
C ARG B 361 -17.97 -1.24 50.06
N PRO B 362 -18.57 -0.10 49.70
CA PRO B 362 -17.94 1.20 49.99
C PRO B 362 -17.90 1.48 51.48
N ARG B 363 -16.82 2.13 51.92
CA ARG B 363 -16.60 2.42 53.33
C ARG B 363 -16.47 3.93 53.52
N ILE B 364 -17.34 4.50 54.36
CA ILE B 364 -17.18 5.92 54.71
C ILE B 364 -15.88 6.09 55.48
N GLU B 365 -15.08 7.06 55.07
CA GLU B 365 -13.81 7.36 55.70
C GLU B 365 -13.69 8.87 55.81
N VAL B 366 -12.83 9.32 56.72
CA VAL B 366 -12.53 10.73 56.91
C VAL B 366 -11.03 10.88 57.01
N HIS B 367 -10.46 11.78 56.22
CA HIS B 367 -9.04 12.05 56.19
C HIS B 367 -8.84 13.53 55.95
N PRO B 368 -7.69 14.08 56.35
CA PRO B 368 -7.35 15.45 55.94
C PRO B 368 -7.38 15.56 54.41
N LEU B 369 -7.55 16.80 53.95
CA LEU B 369 -7.43 17.08 52.52
C LEU B 369 -6.86 18.49 52.39
N SER B 370 -5.56 18.57 52.12
CA SER B 370 -4.88 19.85 51.92
C SER B 370 -5.59 20.73 50.90
N ILE B 371 -6.12 20.11 49.84
CA ILE B 371 -6.39 20.81 48.58
C ILE B 371 -7.35 21.98 48.81
N GLY B 372 -8.56 21.69 49.31
CA GLY B 372 -9.58 22.72 49.41
C GLY B 372 -9.33 23.77 50.48
N GLY B 373 -8.46 23.49 51.45
CA GLY B 373 -8.30 24.35 52.60
C GLY B 373 -9.41 24.22 53.62
N LYS B 374 -10.27 23.23 53.49
CA LYS B 374 -11.40 23.05 54.38
C LYS B 374 -11.18 21.82 55.28
N GLU B 375 -12.24 21.42 55.98
CA GLU B 375 -12.17 20.35 56.97
C GLU B 375 -11.92 19.00 56.30
N ASP B 376 -11.53 18.02 57.11
CA ASP B 376 -11.35 16.64 56.68
C ASP B 376 -12.63 16.13 56.02
N PRO B 377 -12.61 15.87 54.71
CA PRO B 377 -13.83 15.44 54.02
C PRO B 377 -14.09 13.95 54.17
N ALA B 378 -15.33 13.61 54.48
CA ALA B 378 -15.77 12.22 54.40
C ALA B 378 -15.95 11.80 52.93
N ARG B 379 -15.85 10.51 52.68
CA ARG B 379 -15.93 10.04 51.30
C ARG B 379 -16.08 8.53 51.28
N LEU B 380 -16.81 8.04 50.29
CA LEU B 380 -16.79 6.61 50.03
C LEU B 380 -15.43 6.18 49.47
N VAL B 381 -14.94 5.05 49.93
CA VAL B 381 -13.65 4.49 49.55
C VAL B 381 -13.87 3.04 49.17
N PHE B 382 -13.28 2.64 48.04
CA PHE B 382 -13.52 1.30 47.52
C PHE B 382 -12.46 1.05 46.46
N ASP B 383 -12.37 -0.22 46.06
CA ASP B 383 -11.57 -0.64 44.93
C ASP B 383 -12.51 -0.85 43.75
N GLY B 384 -12.18 -0.25 42.61
CA GLY B 384 -13.01 -0.44 41.44
C GLY B 384 -13.04 -1.88 41.00
N GLY B 385 -14.11 -2.24 40.30
CA GLY B 385 -14.26 -3.59 39.80
C GLY B 385 -13.36 -3.86 38.60
N GLU B 386 -13.64 -4.96 37.93
CA GLU B 386 -12.74 -5.44 36.89
C GLU B 386 -13.53 -5.68 35.61
N GLY B 387 -12.85 -5.58 34.46
CA GLY B 387 -13.45 -6.01 33.22
C GLY B 387 -13.38 -4.95 32.15
N ALA B 388 -14.09 -5.20 31.05
CA ALA B 388 -14.11 -4.25 29.95
C ALA B 388 -14.77 -2.97 30.42
N ALA B 389 -14.22 -1.85 29.97
CA ALA B 389 -14.81 -0.56 30.28
C ALA B 389 -14.27 0.45 29.29
N VAL B 390 -14.91 1.59 29.18
CA VAL B 390 -14.40 2.64 28.32
C VAL B 390 -14.12 3.85 29.17
N ASN B 391 -13.09 4.58 28.79
CA ASN B 391 -12.73 5.83 29.43
C ASN B 391 -12.90 6.91 28.39
N ALA B 392 -13.82 7.83 28.64
CA ALA B 392 -14.28 8.78 27.63
C ALA B 392 -13.97 10.19 28.07
N SER B 393 -13.56 11.00 27.12
CA SER B 393 -13.28 12.41 27.39
C SER B 393 -13.82 13.24 26.25
N LEU B 394 -14.44 14.37 26.59
CA LEU B 394 -14.97 15.30 25.61
C LEU B 394 -14.23 16.61 25.83
N ILE B 395 -13.57 17.10 24.78
CA ILE B 395 -12.76 18.30 24.89
C ILE B 395 -13.26 19.32 23.85
N ASP B 396 -12.73 20.55 23.98
CA ASP B 396 -13.07 21.68 23.11
C ASP B 396 -11.81 22.01 22.34
N LEU B 397 -11.81 21.72 21.05
CA LEU B 397 -10.67 22.10 20.25
C LEU B 397 -10.73 23.56 19.86
N GLY B 398 -11.70 24.30 20.38
CA GLY B 398 -11.89 25.71 20.06
C GLY B 398 -12.93 25.93 18.97
N HIS B 399 -12.78 25.25 17.86
CA HIS B 399 -13.78 25.33 16.80
C HIS B 399 -14.77 24.19 16.83
N ARG B 400 -14.54 23.16 17.65
CA ARG B 400 -15.43 22.00 17.67
C ARG B 400 -15.07 21.07 18.82
N PHE B 401 -16.03 20.24 19.19
CA PHE B 401 -15.79 19.26 20.24
C PHE B 401 -15.21 18.00 19.64
N ARG B 402 -14.50 17.26 20.47
CA ARG B 402 -13.91 15.99 20.08
C ARG B 402 -14.13 15.02 21.22
N LEU B 403 -14.79 13.91 20.94
CA LEU B 403 -14.99 12.84 21.89
C LEU B 403 -13.87 11.81 21.73
N ILE B 404 -13.14 11.52 22.81
CA ILE B 404 -12.06 10.56 22.81
C ILE B 404 -12.48 9.42 23.73
N VAL B 405 -12.33 8.19 23.24
CA VAL B 405 -12.77 7.01 23.98
C VAL B 405 -11.66 5.99 23.96
N ASN B 406 -11.17 5.62 25.13
CA ASN B 406 -10.17 4.58 25.27
C ASN B 406 -10.87 3.35 25.82
N GLU B 407 -10.69 2.21 25.16
CA GLU B 407 -11.14 0.95 25.70
C GLU B 407 -10.08 0.43 26.65
N VAL B 408 -10.52 -0.04 27.81
CA VAL B 408 -9.64 -0.43 28.90
C VAL B 408 -10.23 -1.67 29.56
N ASP B 409 -9.38 -2.36 30.33
CA ASP B 409 -9.77 -3.54 31.09
C ASP B 409 -9.43 -3.25 32.54
N ALA B 410 -10.45 -3.14 33.37
CA ALA B 410 -10.22 -2.86 34.79
C ALA B 410 -9.77 -4.14 35.47
N VAL B 411 -8.86 -3.98 36.43
CA VAL B 411 -8.21 -5.10 37.10
C VAL B 411 -8.46 -5.02 38.60
N LYS B 412 -8.60 -6.18 39.22
CA LYS B 412 -8.70 -6.22 40.67
C LYS B 412 -7.33 -5.92 41.28
N PRO B 413 -7.26 -5.06 42.29
CA PRO B 413 -5.94 -4.81 42.89
C PRO B 413 -5.37 -6.10 43.46
N GLU B 414 -4.11 -6.35 43.15
CA GLU B 414 -3.44 -7.49 43.76
C GLU B 414 -2.94 -7.14 45.15
N HIS B 415 -2.47 -5.91 45.33
CA HIS B 415 -1.92 -5.42 46.60
C HIS B 415 -2.83 -4.33 47.15
N ASP B 416 -3.28 -4.49 48.39
CA ASP B 416 -4.04 -3.45 49.06
C ASP B 416 -3.20 -2.18 49.18
N MET B 417 -3.90 -1.05 49.31
CA MET B 417 -3.31 0.28 49.39
C MET B 417 -3.78 0.93 50.69
N PRO B 418 -3.27 0.46 51.83
CA PRO B 418 -3.87 0.81 53.12
C PRO B 418 -3.78 2.30 53.47
N LYS B 419 -2.80 3.01 52.96
CA LYS B 419 -2.68 4.43 53.27
C LYS B 419 -3.21 5.33 52.15
N LEU B 420 -4.12 4.84 51.30
CA LEU B 420 -4.69 5.65 50.23
C LEU B 420 -6.12 6.04 50.59
N PRO B 421 -6.38 7.31 50.87
CA PRO B 421 -7.66 7.69 51.48
C PRO B 421 -8.83 7.76 50.52
N VAL B 422 -8.65 7.53 49.22
CA VAL B 422 -9.70 7.73 48.24
C VAL B 422 -10.05 6.42 47.57
N ALA B 423 -11.30 6.32 47.13
CA ALA B 423 -11.72 5.25 46.25
C ALA B 423 -10.87 5.30 44.98
N ARG B 424 -10.80 4.17 44.29
CA ARG B 424 -9.81 3.99 43.25
C ARG B 424 -10.23 2.85 42.34
N ILE B 425 -9.68 2.87 41.13
CA ILE B 425 -9.82 1.77 40.18
C ILE B 425 -8.52 1.67 39.40
N LEU B 426 -8.21 0.45 38.97
CA LEU B 426 -7.00 0.14 38.21
C LEU B 426 -7.38 -0.43 36.86
N TRP B 427 -6.82 0.11 35.79
CA TRP B 427 -7.19 -0.42 34.49
C TRP B 427 -5.96 -0.51 33.62
N LYS B 428 -6.08 -1.32 32.58
CA LYS B 428 -5.00 -1.61 31.65
C LYS B 428 -5.44 -1.16 30.27
N PRO B 429 -4.95 -0.01 29.78
CA PRO B 429 -5.54 0.61 28.59
C PRO B 429 -5.19 -0.14 27.32
N ARG B 430 -6.18 -0.36 26.47
CA ARG B 430 -5.86 -1.00 25.21
C ARG B 430 -5.22 0.01 24.26
N PRO B 431 -4.22 -0.39 23.47
CA PRO B 431 -3.71 -1.76 23.32
C PRO B 431 -2.60 -2.01 24.30
N SER B 432 -2.11 -0.89 24.83
CA SER B 432 -1.00 -0.84 25.75
C SER B 432 -1.11 0.48 26.48
N LEU B 433 -0.51 0.53 27.69
CA LEU B 433 -0.42 1.79 28.39
C LEU B 433 0.34 2.81 27.57
N ARG B 434 1.56 2.48 27.14
CA ARG B 434 2.37 3.48 26.46
C ARG B 434 1.71 3.96 25.17
N ASP B 435 0.90 3.13 24.52
CA ASP B 435 0.37 3.55 23.23
C ASP B 435 -0.92 4.31 23.38
N SER B 436 -1.78 3.89 24.30
CA SER B 436 -3.02 4.62 24.52
C SER B 436 -2.71 6.01 25.05
N ALA B 437 -1.84 6.11 26.07
CA ALA B 437 -1.54 7.42 26.61
C ALA B 437 -0.97 8.33 25.55
N GLU B 438 -0.18 7.76 24.63
CA GLU B 438 0.31 8.57 23.53
C GLU B 438 -0.85 9.01 22.63
N ALA B 439 -1.65 8.05 22.16
CA ALA B 439 -2.78 8.46 21.32
C ALA B 439 -3.71 9.40 22.08
N TRP B 440 -3.90 9.16 23.37
CA TRP B 440 -4.76 10.04 24.16
C TRP B 440 -4.20 11.45 24.15
N ILE B 441 -2.91 11.57 24.47
CA ILE B 441 -2.27 12.88 24.54
C ILE B 441 -2.29 13.55 23.18
N LEU B 442 -2.10 12.77 22.11
CA LEU B 442 -2.14 13.35 20.77
C LEU B 442 -3.54 13.84 20.45
N ALA B 443 -4.56 13.06 20.81
CA ALA B 443 -5.96 13.49 20.70
C ALA B 443 -6.28 14.70 21.56
N GLY B 444 -5.45 14.99 22.56
CA GLY B 444 -5.76 16.07 23.48
C GLY B 444 -6.69 15.67 24.58
N GLY B 445 -6.84 14.38 24.86
CA GLY B 445 -7.69 13.90 25.93
C GLY B 445 -7.52 14.67 27.23
N ALA B 446 -8.63 15.06 27.83
CA ALA B 446 -8.61 15.58 29.18
C ALA B 446 -8.11 14.51 30.16
N HIS B 447 -7.70 14.98 31.34
CA HIS B 447 -7.43 14.08 32.45
C HIS B 447 -8.71 13.68 33.15
N HIS B 448 -9.74 14.51 33.05
CA HIS B 448 -11.05 14.11 33.52
C HIS B 448 -11.69 13.25 32.46
N THR B 449 -12.18 12.10 32.88
CA THR B 449 -12.88 11.20 31.99
C THR B 449 -14.18 10.80 32.64
N CYS B 450 -15.07 10.22 31.85
CA CYS B 450 -16.15 9.40 32.38
C CYS B 450 -15.83 7.94 32.10
N PHE B 451 -15.83 7.14 33.15
CA PHE B 451 -15.43 5.74 33.10
C PHE B 451 -16.68 4.88 33.23
N SER B 452 -16.91 3.98 32.28
CA SER B 452 -18.08 3.12 32.37
C SER B 452 -17.76 1.69 31.99
N PHE B 453 -18.29 0.76 32.78
CA PHE B 453 -18.29 -0.66 32.49
C PHE B 453 -19.43 -1.09 31.59
N ALA B 454 -20.37 -0.21 31.32
CA ALA B 454 -21.60 -0.58 30.64
C ALA B 454 -21.89 0.29 29.42
N VAL B 455 -21.01 1.23 29.10
CA VAL B 455 -21.13 2.01 27.89
C VAL B 455 -20.15 1.46 26.88
N THR B 456 -20.62 1.20 25.67
CA THR B 456 -19.69 0.70 24.70
C THR B 456 -19.11 1.85 23.88
N THR B 457 -18.12 1.51 23.06
CA THR B 457 -17.62 2.51 22.14
C THR B 457 -18.62 2.77 21.01
N GLU B 458 -19.31 1.73 20.54
CA GLU B 458 -20.29 1.97 19.48
C GLU B 458 -21.37 2.92 19.96
N GLN B 459 -21.70 2.90 21.25
CA GLN B 459 -22.71 3.85 21.74
C GLN B 459 -22.19 5.28 21.75
N LEU B 460 -20.95 5.46 22.21
CA LEU B 460 -20.40 6.81 22.24
C LEU B 460 -20.19 7.33 20.83
N GLN B 461 -19.80 6.44 19.91
CA GLN B 461 -19.73 6.81 18.50
C GLN B 461 -21.10 7.22 17.98
N ASP B 462 -22.11 6.39 18.25
CA ASP B 462 -23.47 6.75 17.87
C ASP B 462 -23.88 8.06 18.51
N PHE B 463 -23.46 8.29 19.75
CA PHE B 463 -23.83 9.56 20.34
C PHE B 463 -23.16 10.69 19.60
N ALA B 464 -21.86 10.53 19.28
CA ALA B 464 -21.12 11.57 18.56
C ALA B 464 -21.66 11.73 17.15
N GLU B 465 -22.10 10.65 16.52
CA GLU B 465 -22.75 10.78 15.22
C GLU B 465 -24.03 11.60 15.33
N MET B 466 -24.79 11.43 16.43
CA MET B 466 -26.06 12.16 16.56
C MET B 466 -25.82 13.65 16.81
N ALA B 467 -24.79 13.97 17.58
CA ALA B 467 -24.48 15.35 17.93
C ALA B 467 -23.73 16.07 16.83
N GLY B 468 -23.23 15.36 15.84
CA GLY B 468 -22.41 15.98 14.82
C GLY B 468 -21.03 16.37 15.29
N ILE B 469 -20.37 15.51 16.08
CA ILE B 469 -19.00 15.77 16.50
C ILE B 469 -18.13 14.57 16.15
N GLU B 470 -16.82 14.85 16.09
CA GLU B 470 -15.83 13.80 15.94
C GLU B 470 -15.75 12.93 17.20
N CYS B 471 -15.64 11.62 16.98
CA CYS B 471 -15.28 10.68 18.05
C CYS B 471 -14.09 9.87 17.59
N VAL B 472 -13.07 9.78 18.44
CA VAL B 472 -11.89 8.96 18.17
C VAL B 472 -11.81 7.88 19.23
N VAL B 473 -11.55 6.66 18.81
CA VAL B 473 -11.51 5.52 19.70
C VAL B 473 -10.09 5.02 19.75
N ILE B 474 -9.62 4.78 20.97
CA ILE B 474 -8.32 4.17 21.23
C ILE B 474 -8.59 2.80 21.82
N ASN B 475 -8.25 1.74 21.09
CA ASN B 475 -8.49 0.40 21.62
C ASN B 475 -7.41 -0.59 21.19
N GLU B 476 -7.76 -1.88 21.15
CA GLU B 476 -6.75 -2.90 20.83
C GLU B 476 -6.21 -2.75 19.40
N HIS B 477 -7.04 -2.32 18.44
CA HIS B 477 -6.60 -2.17 17.04
C HIS B 477 -5.94 -0.84 16.75
N THR B 478 -5.87 0.06 17.72
CA THR B 478 -5.32 1.39 17.46
C THR B 478 -3.80 1.33 17.39
N SER B 479 -3.24 1.76 16.27
CA SER B 479 -1.82 2.01 16.15
C SER B 479 -1.60 3.52 16.08
N VAL B 480 -0.51 4.01 16.68
CA VAL B 480 -0.35 5.44 16.88
C VAL B 480 -0.08 6.17 15.57
N SER B 481 0.58 5.52 14.60
CA SER B 481 0.79 6.16 13.31
C SER B 481 -0.53 6.38 12.59
N SER B 482 -1.35 5.33 12.45
CA SER B 482 -2.65 5.51 11.80
C SER B 482 -3.59 6.37 12.64
N PHE B 483 -3.46 6.36 13.97
CA PHE B 483 -4.27 7.26 14.79
C PHE B 483 -4.00 8.72 14.44
N LYS B 484 -2.72 9.10 14.38
CA LYS B 484 -2.35 10.47 14.02
C LYS B 484 -2.97 10.90 12.71
N ASN B 485 -3.06 9.98 11.75
CA ASN B 485 -3.68 10.29 10.45
C ASN B 485 -5.18 10.46 10.58
N GLU B 486 -5.83 9.61 11.37
CA GLU B 486 -7.24 9.82 11.68
C GLU B 486 -7.48 11.24 12.15
N LEU B 487 -6.71 11.69 13.15
CA LEU B 487 -6.88 13.04 13.67
C LEU B 487 -6.74 14.07 12.54
N LYS B 488 -5.69 13.94 11.74
CA LYS B 488 -5.52 14.87 10.63
C LYS B 488 -6.72 14.83 9.71
N TRP B 489 -7.09 13.64 9.23
CA TRP B 489 -8.15 13.56 8.23
C TRP B 489 -9.51 13.90 8.82
N ASN B 490 -9.76 13.54 10.08
CA ASN B 490 -11.01 13.94 10.72
C ASN B 490 -11.12 15.45 10.81
N GLU B 491 -10.01 16.12 11.11
CA GLU B 491 -10.05 17.56 11.28
C GLU B 491 -10.55 18.23 10.01
N VAL B 492 -10.03 17.84 8.85
CA VAL B 492 -10.47 18.46 7.62
C VAL B 492 -11.95 18.20 7.42
N PHE B 493 -12.43 17.02 7.82
CA PHE B 493 -13.84 16.75 7.65
C PHE B 493 -14.68 17.58 8.61
N TRP B 494 -14.25 17.72 9.86
CA TRP B 494 -15.14 18.34 10.85
C TRP B 494 -15.01 19.86 10.93
N ARG B 495 -14.10 20.46 10.16
CA ARG B 495 -13.89 21.90 10.21
C ARG B 495 -15.13 22.67 9.78
N GLY B 496 -15.66 22.36 8.62
CA GLY B 496 -16.82 23.09 8.17
C GLY B 496 -17.99 22.99 9.14
N ARG B 497 -18.29 21.78 9.59
CA ARG B 497 -19.59 21.45 10.14
C ARG B 497 -19.76 21.76 11.61
N MET C 1 29.74 -16.16 26.65
CA MET C 1 30.21 -17.54 26.73
C MET C 1 31.24 -17.74 27.87
N MET C 2 30.74 -17.85 29.10
CA MET C 2 31.62 -18.12 30.25
C MET C 2 32.27 -19.50 30.18
N LEU C 3 31.75 -20.41 29.36
CA LEU C 3 32.31 -21.76 29.23
C LEU C 3 33.49 -21.73 28.28
N SER C 4 34.63 -22.25 28.75
CA SER C 4 35.90 -21.99 28.10
C SER C 4 36.15 -22.96 26.96
N LEU C 5 36.62 -22.43 25.84
CA LEU C 5 37.14 -23.21 24.74
C LEU C 5 38.60 -23.55 24.98
N ARG C 6 39.06 -24.61 24.34
CA ARG C 6 40.48 -24.87 24.24
C ARG C 6 41.13 -23.76 23.40
N PRO C 7 42.43 -23.52 23.56
CA PRO C 7 43.08 -22.50 22.70
C PRO C 7 43.33 -23.01 21.28
N TYR C 8 42.26 -23.13 20.51
CA TYR C 8 42.33 -23.74 19.20
C TYR C 8 43.12 -22.88 18.22
N GLU C 9 43.82 -23.54 17.31
CA GLU C 9 44.66 -22.86 16.35
C GLU C 9 44.43 -23.49 14.99
N PHE C 10 44.90 -22.84 13.95
CA PHE C 10 44.74 -23.37 12.59
C PHE C 10 46.10 -23.44 11.92
N TRP C 11 46.40 -24.58 11.33
CA TRP C 11 47.72 -24.88 10.84
C TRP C 11 47.81 -24.52 9.37
N PHE C 12 48.71 -23.61 9.04
CA PHE C 12 49.00 -23.35 7.65
C PHE C 12 50.03 -24.38 7.20
N VAL C 13 49.79 -25.00 6.05
CA VAL C 13 50.72 -25.95 5.45
C VAL C 13 50.84 -25.56 4.00
N THR C 14 52.06 -25.38 3.53
CA THR C 14 52.32 -24.85 2.20
C THR C 14 53.02 -25.93 1.41
N GLY C 15 52.42 -26.35 0.30
CA GLY C 15 52.97 -27.42 -0.50
C GLY C 15 53.94 -26.91 -1.55
N SER C 16 55.07 -27.58 -1.67
CA SER C 16 55.93 -27.37 -2.84
C SER C 16 56.56 -28.70 -3.23
N GLN C 17 57.67 -28.65 -3.97
CA GLN C 17 58.41 -29.82 -4.42
C GLN C 17 59.91 -29.51 -4.45
N HIS C 18 60.73 -30.46 -3.97
CA HIS C 18 62.18 -30.37 -4.11
C HIS C 18 62.55 -30.27 -5.59
N LEU C 19 62.63 -29.04 -6.08
CA LEU C 19 62.71 -28.65 -7.49
C LEU C 19 62.71 -27.13 -7.49
N TYR C 20 63.19 -26.55 -8.60
CA TYR C 20 63.49 -25.13 -8.73
C TYR C 20 64.63 -24.70 -7.81
N GLY C 21 65.37 -25.64 -7.22
CA GLY C 21 66.38 -25.32 -6.22
C GLY C 21 65.79 -25.34 -4.82
N GLU C 22 66.65 -25.09 -3.83
CA GLU C 22 66.15 -24.76 -2.48
C GLU C 22 66.03 -23.26 -2.27
N GLU C 23 66.59 -22.43 -3.16
CA GLU C 23 66.34 -21.00 -3.06
C GLU C 23 64.85 -20.72 -3.14
N ALA C 24 64.16 -21.34 -4.10
CA ALA C 24 62.71 -21.20 -4.21
C ALA C 24 62.02 -21.70 -2.95
N LEU C 25 62.47 -22.84 -2.40
CA LEU C 25 61.86 -23.33 -1.17
C LEU C 25 61.96 -22.31 -0.04
N LYS C 26 63.08 -21.57 0.05
CA LYS C 26 63.17 -20.51 1.07
C LYS C 26 62.05 -19.49 0.87
N GLN C 27 61.92 -18.96 -0.35
CA GLN C 27 60.94 -17.90 -0.58
C GLN C 27 59.51 -18.41 -0.44
N VAL C 28 59.29 -19.73 -0.54
CA VAL C 28 57.96 -20.27 -0.29
C VAL C 28 57.66 -20.25 1.20
N GLU C 29 58.65 -20.58 2.03
CA GLU C 29 58.53 -20.36 3.47
C GLU C 29 58.35 -18.88 3.79
N GLU C 30 59.12 -18.03 3.12
CA GLU C 30 59.06 -16.58 3.28
C GLU C 30 57.63 -16.08 3.09
N HIS C 31 57.11 -16.30 1.89
CA HIS C 31 55.75 -15.86 1.58
C HIS C 31 54.76 -16.44 2.56
N SER C 32 54.89 -17.73 2.86
CA SER C 32 53.94 -18.35 3.75
C SER C 32 53.99 -17.71 5.13
N ARG C 33 55.21 -17.50 5.65
CA ARG C 33 55.36 -16.94 6.99
C ARG C 33 54.77 -15.52 7.06
N ILE C 34 55.00 -14.70 6.03
CA ILE C 34 54.38 -13.38 5.97
C ILE C 34 52.86 -13.51 6.10
N MET C 35 52.27 -14.33 5.22
CA MET C 35 50.82 -14.45 5.13
C MET C 35 50.24 -14.79 6.50
N VAL C 36 50.73 -15.87 7.11
CA VAL C 36 50.31 -16.25 8.46
C VAL C 36 50.52 -15.10 9.44
N ASN C 37 51.52 -14.26 9.18
CA ASN C 37 51.85 -13.24 10.15
C ASN C 37 50.93 -12.03 10.02
N GLU C 38 50.70 -11.57 8.79
CA GLU C 38 49.75 -10.46 8.62
C GLU C 38 48.36 -10.86 9.11
N TRP C 39 47.97 -12.12 8.92
CA TRP C 39 46.65 -12.55 9.37
C TRP C 39 46.55 -12.53 10.89
N ASN C 40 47.59 -13.00 11.58
CA ASN C 40 47.59 -12.89 13.03
C ASN C 40 47.82 -11.46 13.51
N ARG C 41 48.54 -10.64 12.74
CA ARG C 41 48.86 -9.26 13.14
C ARG C 41 47.60 -8.40 13.19
N ASP C 42 46.80 -8.45 12.13
CA ASP C 42 45.53 -7.73 12.12
C ASP C 42 44.59 -8.19 13.24
N SER C 43 44.96 -9.23 13.99
CA SER C 43 44.28 -9.63 15.21
C SER C 43 42.79 -9.84 14.96
N VAL C 44 42.48 -10.49 13.83
CA VAL C 44 41.10 -10.57 13.34
C VAL C 44 40.18 -11.16 14.41
N PHE C 45 40.49 -12.37 14.90
CA PHE C 45 39.48 -13.08 15.72
C PHE C 45 40.12 -14.10 16.68
N PRO C 46 39.35 -14.83 17.50
CA PRO C 46 39.96 -15.60 18.59
C PRO C 46 40.95 -16.69 18.19
N PHE C 47 41.00 -17.15 16.94
CA PHE C 47 41.77 -18.35 16.68
C PHE C 47 42.98 -18.12 15.81
N PRO C 48 44.20 -18.27 16.32
CA PRO C 48 45.38 -17.95 15.54
C PRO C 48 45.74 -19.01 14.52
N PHE C 49 46.37 -18.55 13.45
CA PHE C 49 46.99 -19.43 12.48
C PHE C 49 48.42 -19.74 12.94
N VAL C 50 48.80 -21.02 12.86
CA VAL C 50 50.16 -21.43 13.18
C VAL C 50 50.80 -21.97 11.91
N PHE C 51 51.80 -21.26 11.41
CA PHE C 51 52.53 -21.79 10.28
C PHE C 51 53.32 -23.03 10.72
N LYS C 52 53.24 -24.07 9.89
CA LYS C 52 53.86 -25.35 10.22
C LYS C 52 55.15 -25.55 9.44
N SER C 53 55.03 -25.92 8.18
CA SER C 53 56.21 -26.18 7.38
C SER C 53 55.83 -26.09 5.91
N VAL C 54 56.83 -25.78 5.08
CA VAL C 54 56.71 -26.04 3.65
C VAL C 54 56.97 -27.52 3.49
N VAL C 55 55.92 -28.27 3.29
CA VAL C 55 56.06 -29.69 2.98
C VAL C 55 56.38 -29.81 1.50
N THR C 56 57.17 -30.84 1.17
CA THR C 56 57.65 -30.99 -0.20
C THR C 56 57.98 -32.43 -0.57
N THR C 57 57.78 -33.39 0.33
CA THR C 57 58.00 -34.81 0.11
C THR C 57 56.85 -35.54 0.79
N PRO C 58 56.62 -36.81 0.45
CA PRO C 58 55.52 -37.56 1.08
C PRO C 58 55.60 -37.67 2.59
N GLU C 59 56.75 -38.03 3.17
CA GLU C 59 56.73 -38.20 4.62
C GLU C 59 56.59 -36.86 5.32
N GLU C 60 57.06 -35.78 4.69
CA GLU C 60 56.81 -34.47 5.27
C GLU C 60 55.32 -34.19 5.33
N ILE C 61 54.60 -34.45 4.24
CA ILE C 61 53.16 -34.20 4.20
C ILE C 61 52.45 -35.07 5.21
N ARG C 62 52.86 -36.33 5.32
CA ARG C 62 52.20 -37.25 6.24
C ARG C 62 52.53 -36.95 7.70
N ARG C 63 53.73 -36.44 7.97
CA ARG C 63 54.11 -36.02 9.31
C ARG C 63 53.15 -34.93 9.82
N VAL C 64 53.03 -33.84 9.05
CA VAL C 64 52.11 -32.76 9.43
C VAL C 64 50.73 -33.33 9.74
N CYS C 65 50.19 -34.11 8.80
CA CYS C 65 48.82 -34.59 8.93
C CYS C 65 48.63 -35.43 10.18
N LEU C 66 49.56 -36.34 10.44
CA LEU C 66 49.50 -37.10 11.68
C LEU C 66 49.60 -36.15 12.87
N GLU C 67 50.60 -35.26 12.83
CA GLU C 67 50.75 -34.26 13.89
C GLU C 67 49.47 -33.47 14.10
N ALA C 68 48.79 -33.11 12.99
CA ALA C 68 47.54 -32.36 13.08
C ALA C 68 46.46 -33.14 13.84
N ASN C 69 46.35 -34.46 13.62
CA ASN C 69 45.32 -35.24 14.32
C ASN C 69 45.61 -35.32 15.81
N ALA C 70 46.89 -35.47 16.18
CA ALA C 70 47.28 -35.58 17.57
C ALA C 70 47.17 -34.25 18.32
N SER C 71 47.22 -33.15 17.58
CA SER C 71 47.21 -31.83 18.21
C SER C 71 45.82 -31.54 18.71
N GLU C 72 45.64 -31.58 20.03
CA GLU C 72 44.31 -31.28 20.55
C GLU C 72 43.97 -29.80 20.40
N GLN C 73 44.95 -28.98 20.00
CA GLN C 73 44.71 -27.57 19.75
C GLN C 73 44.40 -27.28 18.30
N CYS C 74 44.78 -28.16 17.39
CA CYS C 74 44.58 -27.89 15.98
C CYS C 74 43.13 -28.17 15.64
N ALA C 75 42.38 -27.10 15.33
CA ALA C 75 41.00 -27.20 14.92
C ALA C 75 40.82 -27.35 13.41
N GLY C 76 41.86 -27.13 12.64
CA GLY C 76 41.79 -27.44 11.23
C GLY C 76 43.12 -27.13 10.59
N VAL C 77 43.30 -27.69 9.39
CA VAL C 77 44.49 -27.51 8.58
C VAL C 77 44.10 -26.70 7.35
N VAL C 78 44.87 -25.65 7.08
CA VAL C 78 44.75 -24.85 5.85
C VAL C 78 45.95 -25.20 4.97
N THR C 79 45.68 -25.67 3.76
CA THR C 79 46.74 -26.10 2.86
C THR C 79 46.73 -25.24 1.61
N TRP C 80 47.93 -24.88 1.16
CA TRP C 80 48.06 -24.04 0.00
C TRP C 80 49.29 -24.52 -0.77
N MET C 81 49.08 -24.81 -2.05
CA MET C 81 50.17 -25.17 -2.96
C MET C 81 50.75 -23.88 -3.51
N HIS C 82 51.83 -23.39 -2.91
CA HIS C 82 52.52 -22.23 -3.46
C HIS C 82 53.00 -22.54 -4.88
N THR C 83 53.59 -23.71 -5.07
CA THR C 83 54.05 -24.24 -6.35
C THR C 83 53.33 -25.55 -6.62
N PHE C 84 53.52 -26.08 -7.83
CA PHE C 84 53.20 -27.48 -8.08
C PHE C 84 53.81 -28.31 -6.95
N SER C 85 52.99 -29.19 -6.40
CA SER C 85 53.42 -30.06 -5.30
C SER C 85 52.75 -31.39 -5.61
N PRO C 86 53.40 -32.22 -6.43
CA PRO C 86 52.72 -33.37 -7.06
C PRO C 86 51.85 -34.18 -6.10
N ALA C 87 50.59 -34.43 -6.51
CA ALA C 87 49.54 -34.74 -5.54
C ALA C 87 49.64 -36.14 -4.96
N LYS C 88 50.30 -37.10 -5.64
CA LYS C 88 50.48 -38.41 -5.02
C LYS C 88 51.19 -38.31 -3.68
N MET C 89 52.16 -37.38 -3.57
CA MET C 89 52.82 -37.12 -2.29
C MET C 89 51.85 -36.88 -1.14
N TRP C 90 50.70 -36.30 -1.44
CA TRP C 90 49.76 -35.90 -0.41
C TRP C 90 48.85 -37.02 0.04
N ILE C 91 48.86 -38.15 -0.65
CA ILE C 91 47.84 -39.18 -0.46
C ILE C 91 47.94 -39.78 0.95
N GLY C 92 49.14 -40.16 1.37
CA GLY C 92 49.33 -40.64 2.73
C GLY C 92 48.82 -39.66 3.76
N GLY C 93 49.15 -38.38 3.60
CA GLY C 93 48.70 -37.37 4.56
C GLY C 93 47.20 -37.17 4.53
N LEU C 94 46.64 -36.93 3.35
CA LEU C 94 45.20 -36.74 3.27
C LEU C 94 44.42 -37.92 3.87
N LEU C 95 44.84 -39.15 3.58
CA LEU C 95 44.18 -40.30 4.18
C LEU C 95 44.39 -40.40 5.68
N GLU C 96 45.44 -39.76 6.22
CA GLU C 96 45.63 -39.68 7.66
C GLU C 96 44.75 -38.60 8.28
N LEU C 97 44.56 -37.50 7.55
CA LEU C 97 43.99 -36.29 8.13
C LEU C 97 42.58 -36.54 8.62
N ARG C 98 42.30 -36.10 9.82
CA ARG C 98 40.97 -36.18 10.37
C ARG C 98 40.57 -34.85 10.99
N LYS C 99 41.25 -33.81 10.64
CA LYS C 99 40.83 -32.51 11.07
C LYS C 99 40.24 -31.78 9.89
N PRO C 100 39.27 -30.91 10.12
CA PRO C 100 38.72 -30.13 9.01
C PRO C 100 39.85 -29.49 8.19
N LEU C 101 39.69 -29.52 6.88
CA LEU C 101 40.72 -29.05 5.96
C LEU C 101 40.14 -27.94 5.11
N LEU C 102 40.78 -26.77 5.14
CA LEU C 102 40.49 -25.69 4.21
C LEU C 102 41.59 -25.67 3.18
N HIS C 103 41.22 -25.81 1.92
CA HIS C 103 42.19 -25.67 0.83
C HIS C 103 42.16 -24.22 0.40
N LEU C 104 43.13 -23.43 0.86
CA LEU C 104 43.17 -22.04 0.45
C LEU C 104 43.88 -21.97 -0.91
N HIS C 105 43.12 -21.59 -1.92
CA HIS C 105 43.60 -21.48 -3.29
C HIS C 105 43.95 -20.03 -3.50
N THR C 106 45.21 -19.69 -3.27
CA THR C 106 45.57 -18.28 -3.20
C THR C 106 46.85 -18.07 -4.00
N GLN C 107 47.39 -16.86 -3.86
CA GLN C 107 48.58 -16.41 -4.57
C GLN C 107 49.22 -15.37 -3.67
N PHE C 108 50.55 -15.32 -3.62
CA PHE C 108 51.19 -14.41 -2.68
C PHE C 108 51.03 -12.98 -3.14
N ASN C 109 51.48 -12.69 -4.36
CA ASN C 109 51.16 -11.44 -5.03
C ASN C 109 49.72 -11.48 -5.53
N ARG C 110 49.12 -10.29 -5.65
CA ARG C 110 47.78 -10.16 -6.20
C ARG C 110 47.78 -10.02 -7.72
N ASP C 111 48.68 -9.21 -8.27
CA ASP C 111 48.63 -8.84 -9.67
C ASP C 111 49.79 -9.44 -10.42
N ILE C 112 49.52 -9.91 -11.64
CA ILE C 112 50.58 -10.27 -12.57
C ILE C 112 51.53 -9.08 -12.73
N PRO C 113 52.79 -9.18 -12.28
CA PRO C 113 53.74 -8.10 -12.55
C PRO C 113 54.14 -8.09 -14.02
N TRP C 114 53.34 -7.43 -14.86
CA TRP C 114 53.43 -7.61 -16.30
C TRP C 114 54.82 -7.26 -16.84
N ASP C 115 55.52 -6.36 -16.17
CA ASP C 115 56.87 -5.98 -16.56
C ASP C 115 57.83 -6.51 -15.50
N SER C 116 58.04 -7.84 -15.46
CA SER C 116 59.02 -8.52 -14.61
C SER C 116 58.70 -10.02 -14.43
N ILE C 117 57.47 -10.42 -14.77
CA ILE C 117 56.94 -11.77 -14.61
C ILE C 117 57.79 -12.77 -15.40
N ASP C 118 58.76 -13.45 -14.78
CA ASP C 118 59.50 -14.35 -15.66
C ASP C 118 59.23 -15.80 -15.33
N MET C 119 59.75 -16.66 -16.22
CA MET C 119 59.80 -18.10 -16.07
C MET C 119 60.21 -18.49 -14.65
N ASP C 120 61.03 -17.66 -14.02
CA ASP C 120 61.31 -17.87 -12.60
C ASP C 120 60.11 -17.47 -11.73
N PHE C 121 59.28 -16.53 -12.18
CA PHE C 121 58.09 -16.17 -11.41
C PHE C 121 56.94 -17.13 -11.68
N MET C 122 56.79 -17.60 -12.92
CA MET C 122 55.86 -18.71 -13.18
C MET C 122 56.28 -19.95 -12.41
N ASN C 123 57.59 -20.15 -12.24
CA ASN C 123 58.05 -21.35 -11.55
C ASN C 123 57.89 -21.25 -10.04
N LEU C 124 57.71 -20.06 -9.49
CA LEU C 124 57.48 -19.93 -8.06
C LEU C 124 56.01 -19.68 -7.71
N ASN C 125 55.29 -18.92 -8.54
CA ASN C 125 53.93 -18.51 -8.25
C ASN C 125 52.99 -19.20 -9.24
N GLN C 126 52.92 -20.53 -9.09
CA GLN C 126 52.17 -21.41 -9.96
C GLN C 126 51.08 -22.14 -9.20
N SER C 127 50.63 -21.58 -8.08
CA SER C 127 49.49 -22.13 -7.37
C SER C 127 48.28 -22.28 -8.29
N ALA C 128 48.15 -21.38 -9.27
CA ALA C 128 47.17 -21.50 -10.34
C ALA C 128 46.96 -22.95 -10.75
N HIS C 129 48.05 -23.66 -11.02
CA HIS C 129 47.94 -25.07 -11.29
C HIS C 129 48.41 -25.94 -10.14
N GLY C 130 49.30 -25.44 -9.29
CA GLY C 130 49.63 -26.15 -8.07
C GLY C 130 48.38 -26.54 -7.30
N ASP C 131 47.45 -25.59 -7.12
CA ASP C 131 46.25 -25.86 -6.34
C ASP C 131 45.22 -26.69 -7.09
N ARG C 132 45.23 -26.68 -8.41
CA ARG C 132 44.29 -27.52 -9.16
C ARG C 132 44.65 -28.99 -9.02
N GLU C 133 45.96 -29.30 -9.11
CA GLU C 133 46.41 -30.69 -9.00
C GLU C 133 46.15 -31.24 -7.60
N PHE C 134 46.36 -30.43 -6.57
CA PHE C 134 45.93 -30.82 -5.24
C PHE C 134 44.42 -30.97 -5.17
N GLY C 135 43.70 -30.04 -5.81
CA GLY C 135 42.26 -30.11 -5.92
C GLY C 135 41.82 -31.47 -6.41
N PHE C 136 42.36 -31.90 -7.57
CA PHE C 136 42.05 -33.22 -8.09
C PHE C 136 42.24 -34.31 -7.03
N MET C 137 43.41 -34.36 -6.40
CA MET C 137 43.66 -35.41 -5.42
C MET C 137 42.62 -35.39 -4.32
N VAL C 138 42.28 -34.21 -3.80
CA VAL C 138 41.33 -34.17 -2.69
C VAL C 138 39.94 -34.60 -3.16
N THR C 139 39.51 -34.12 -4.33
CA THR C 139 38.24 -34.58 -4.88
C THR C 139 38.27 -36.09 -5.08
N ARG C 140 39.35 -36.61 -5.65
CA ARG C 140 39.42 -38.04 -5.95
C ARG C 140 39.46 -38.90 -4.70
N LEU C 141 39.89 -38.36 -3.57
CA LEU C 141 39.83 -39.12 -2.33
C LEU C 141 38.47 -39.03 -1.64
N GLY C 142 37.47 -38.42 -2.27
CA GLY C 142 36.17 -38.25 -1.63
C GLY C 142 36.20 -37.47 -0.35
N MET C 143 37.22 -36.62 -0.15
CA MET C 143 37.04 -36.12 1.20
C MET C 143 36.45 -34.72 1.18
N PRO C 144 35.74 -34.35 2.24
CA PRO C 144 35.22 -32.99 2.33
C PRO C 144 36.34 -32.02 2.69
N ARG C 145 36.40 -30.94 1.95
CA ARG C 145 37.20 -29.80 2.35
C ARG C 145 36.42 -28.55 1.97
N LYS C 146 36.85 -27.44 2.52
CA LYS C 146 36.42 -26.14 2.06
C LYS C 146 37.45 -25.64 1.06
N VAL C 147 36.96 -24.92 0.06
CA VAL C 147 37.79 -24.37 -1.01
C VAL C 147 37.49 -22.89 -1.08
N ILE C 148 38.43 -22.07 -0.63
CA ILE C 148 38.30 -20.62 -0.65
C ILE C 148 39.30 -20.12 -1.68
N VAL C 149 38.83 -19.37 -2.67
CA VAL C 149 39.67 -18.87 -3.75
C VAL C 149 39.77 -17.37 -3.68
N GLY C 150 41.00 -16.87 -3.57
CA GLY C 150 41.28 -15.46 -3.75
C GLY C 150 42.67 -15.09 -3.26
N HIS C 151 43.17 -13.92 -3.64
CA HIS C 151 44.39 -13.43 -3.04
C HIS C 151 44.22 -13.34 -1.52
N TRP C 152 45.30 -13.55 -0.79
CA TRP C 152 45.22 -13.76 0.64
C TRP C 152 44.93 -12.49 1.45
N GLN C 153 45.01 -11.31 0.84
CA GLN C 153 44.72 -10.07 1.53
C GLN C 153 43.34 -9.52 1.19
N ASP C 154 42.70 -10.10 0.18
CA ASP C 154 41.27 -9.91 -0.06
C ASP C 154 40.48 -10.10 1.24
N ALA C 155 39.49 -9.23 1.42
CA ALA C 155 38.70 -9.23 2.65
C ALA C 155 37.62 -10.30 2.62
N GLU C 156 37.05 -10.57 1.44
CA GLU C 156 36.08 -11.65 1.32
C GLU C 156 36.71 -12.99 1.64
N VAL C 157 37.93 -13.23 1.13
CA VAL C 157 38.73 -14.38 1.58
C VAL C 157 38.77 -14.44 3.09
N ALA C 158 39.08 -13.31 3.75
CA ALA C 158 39.23 -13.34 5.20
C ALA C 158 37.91 -13.62 5.92
N ARG C 159 36.80 -13.04 5.45
CA ARG C 159 35.50 -13.33 6.06
C ARG C 159 35.18 -14.82 5.94
N ARG C 160 35.38 -15.38 4.75
CA ARG C 160 35.06 -16.79 4.56
C ARG C 160 35.92 -17.68 5.45
N VAL C 161 37.23 -17.41 5.49
CA VAL C 161 38.12 -18.20 6.36
C VAL C 161 37.73 -18.03 7.81
N ARG C 162 37.20 -16.86 8.16
CA ARG C 162 36.72 -16.60 9.52
C ARG C 162 35.49 -17.45 9.84
N GLY C 163 34.48 -17.39 8.96
CA GLY C 163 33.30 -18.22 9.17
C GLY C 163 33.66 -19.70 9.23
N TRP C 164 34.56 -20.13 8.35
CA TRP C 164 35.00 -21.52 8.34
C TRP C 164 35.72 -21.88 9.63
N ALA C 165 36.68 -21.05 10.03
CA ALA C 165 37.39 -21.29 11.27
C ALA C 165 36.42 -21.42 12.44
N MET C 166 35.38 -20.60 12.46
CA MET C 166 34.38 -20.77 13.51
C MET C 166 33.68 -22.11 13.39
N THR C 167 33.40 -22.54 12.16
CA THR C 167 32.79 -23.86 11.94
C THR C 167 33.74 -24.98 12.38
N ALA C 168 35.02 -24.86 12.01
CA ALA C 168 36.01 -25.87 12.35
C ALA C 168 36.24 -25.93 13.85
N VAL C 169 36.12 -24.80 14.56
CA VAL C 169 36.28 -24.81 16.00
C VAL C 169 35.07 -25.48 16.64
N ALA C 170 33.89 -25.32 16.05
CA ALA C 170 32.74 -26.06 16.56
C ALA C 170 32.96 -27.56 16.38
N ALA C 171 33.47 -27.95 15.21
CA ALA C 171 33.81 -29.35 14.95
C ALA C 171 34.81 -29.85 15.97
N ALA C 172 35.84 -29.06 16.27
CA ALA C 172 36.79 -29.45 17.32
C ALA C 172 36.09 -29.62 18.67
N VAL C 173 35.15 -28.74 19.00
CA VAL C 173 34.33 -28.95 20.18
C VAL C 173 33.44 -30.17 20.00
N SER C 174 33.00 -30.42 18.77
CA SER C 174 32.13 -31.57 18.54
C SER C 174 32.84 -32.88 18.89
N ARG C 175 34.06 -33.08 18.36
CA ARG C 175 34.78 -34.35 18.55
C ARG C 175 34.86 -34.76 20.01
N GLY C 176 35.18 -33.81 20.91
CA GLY C 176 35.24 -34.13 22.33
C GLY C 176 33.90 -34.07 23.07
N LEU C 177 32.91 -33.36 22.52
CA LEU C 177 31.67 -32.99 23.21
C LEU C 177 31.11 -34.11 24.06
N LYS C 178 30.97 -33.84 25.36
CA LYS C 178 30.29 -34.74 26.27
C LYS C 178 28.98 -34.11 26.68
N VAL C 179 27.90 -34.89 26.59
CA VAL C 179 26.54 -34.49 26.93
C VAL C 179 26.04 -35.36 28.06
N ALA C 180 25.48 -34.74 29.09
CA ALA C 180 24.91 -35.48 30.20
C ALA C 180 23.39 -35.43 30.12
N ARG C 181 22.75 -36.59 30.15
CA ARG C 181 21.30 -36.70 30.04
C ARG C 181 20.73 -37.12 31.39
N PHE C 182 19.89 -36.26 31.96
CA PHE C 182 19.27 -36.50 33.25
C PHE C 182 17.84 -36.99 32.98
N GLY C 183 17.67 -38.31 32.87
CA GLY C 183 16.40 -38.90 32.54
C GLY C 183 16.32 -39.27 31.06
N ASP C 184 15.39 -40.19 30.76
CA ASP C 184 15.26 -40.67 29.38
C ASP C 184 14.56 -39.63 28.50
N ASN C 185 14.46 -39.94 27.20
CA ASN C 185 13.57 -39.18 26.32
C ASN C 185 12.17 -39.17 26.90
N MET C 186 11.44 -38.09 26.64
CA MET C 186 10.02 -38.09 26.92
C MET C 186 9.37 -39.22 26.15
N ARG C 187 8.53 -39.98 26.83
CA ARG C 187 8.09 -41.26 26.31
C ARG C 187 7.24 -41.08 25.06
N GLN C 188 7.34 -42.06 24.17
CA GLN C 188 6.61 -42.13 22.91
C GLN C 188 6.95 -41.01 21.93
N VAL C 189 7.93 -40.17 22.24
CA VAL C 189 8.35 -39.12 21.31
C VAL C 189 9.45 -39.68 20.39
N ALA C 190 9.32 -39.40 19.09
CA ALA C 190 10.17 -39.98 18.05
C ALA C 190 11.41 -39.15 17.76
N VAL C 191 11.24 -37.85 17.52
CA VAL C 191 12.36 -37.12 16.94
C VAL C 191 13.46 -36.89 17.95
N THR C 192 13.15 -36.96 19.24
CA THR C 192 14.20 -36.86 20.24
C THR C 192 15.03 -38.14 20.34
N GLU C 193 14.53 -39.27 19.83
CA GLU C 193 15.27 -40.51 19.80
C GLU C 193 16.36 -40.46 18.74
N GLY C 194 17.17 -41.51 18.68
CA GLY C 194 18.30 -41.52 17.77
C GLY C 194 19.35 -42.47 18.27
N ASP C 195 20.31 -42.76 17.39
CA ASP C 195 21.43 -43.64 17.70
C ASP C 195 22.56 -42.81 18.29
N LYS C 196 22.77 -42.92 19.61
CA LYS C 196 23.90 -42.23 20.23
C LYS C 196 25.22 -42.77 19.70
N VAL C 197 25.26 -44.06 19.37
CA VAL C 197 26.47 -44.64 18.81
C VAL C 197 26.75 -44.06 17.43
N GLU C 198 25.73 -43.97 16.57
CA GLU C 198 25.96 -43.29 15.30
C GLU C 198 26.41 -41.85 15.53
N ALA C 199 25.86 -41.20 16.57
CA ALA C 199 26.20 -39.81 16.86
C ALA C 199 27.68 -39.68 17.25
N GLU C 200 28.12 -40.49 18.21
CA GLU C 200 29.52 -40.45 18.61
C GLU C 200 30.43 -40.71 17.42
N ALA C 201 30.11 -41.76 16.64
CA ALA C 201 30.92 -42.08 15.46
C ALA C 201 31.00 -40.90 14.51
N ARG C 202 29.89 -40.22 14.29
CA ARG C 202 29.81 -39.29 13.17
C ARG C 202 30.19 -37.87 13.58
N PHE C 203 29.78 -37.45 14.78
CA PHE C 203 30.03 -36.11 15.26
C PHE C 203 31.06 -36.04 16.38
N GLY C 204 31.17 -37.10 17.19
CA GLY C 204 32.12 -37.16 18.29
C GLY C 204 31.48 -37.02 19.66
N TRP C 205 30.16 -36.89 19.71
CA TRP C 205 29.47 -36.62 20.96
C TRP C 205 29.43 -37.86 21.83
N SER C 206 29.89 -37.72 23.06
CA SER C 206 29.61 -38.73 24.04
C SER C 206 28.29 -38.34 24.68
N VAL C 207 27.33 -39.24 24.65
CA VAL C 207 26.00 -38.95 25.16
C VAL C 207 25.63 -40.04 26.14
N ASN C 208 25.46 -39.69 27.41
CA ASN C 208 25.34 -40.70 28.43
C ASN C 208 24.33 -40.29 29.49
N GLY C 209 23.54 -41.28 29.93
CA GLY C 209 22.48 -41.02 30.87
C GLY C 209 23.00 -41.09 32.30
N TYR C 210 22.71 -40.04 33.06
CA TYR C 210 22.82 -40.09 34.51
C TYR C 210 21.42 -40.01 35.07
N GLY C 211 21.11 -40.86 36.05
CA GLY C 211 19.80 -40.79 36.68
C GLY C 211 19.54 -39.42 37.27
N VAL C 212 18.27 -39.06 37.36
CA VAL C 212 17.92 -37.74 37.91
C VAL C 212 18.45 -37.61 39.33
N GLY C 213 18.36 -38.67 40.12
CA GLY C 213 18.91 -38.66 41.46
C GLY C 213 20.37 -38.23 41.52
N ASP C 214 21.17 -38.56 40.51
CA ASP C 214 22.54 -38.07 40.49
C ASP C 214 22.54 -36.55 40.53
N LEU C 215 21.55 -35.93 39.88
CA LEU C 215 21.45 -34.47 39.88
C LEU C 215 20.87 -33.96 41.19
N ALA C 216 19.95 -34.74 41.77
CA ALA C 216 19.26 -34.35 42.99
C ALA C 216 20.20 -34.33 44.19
N GLU C 217 20.98 -35.40 44.42
CA GLU C 217 21.90 -35.37 45.54
C GLU C 217 22.94 -34.27 45.35
N ARG C 218 23.26 -33.94 44.11
CA ARG C 218 24.19 -32.84 43.89
C ARG C 218 23.53 -31.49 44.21
N VAL C 219 22.21 -31.35 44.02
CA VAL C 219 21.61 -30.07 44.36
C VAL C 219 21.24 -30.03 45.84
N ARG C 220 20.89 -31.18 46.44
CA ARG C 220 20.67 -31.22 47.87
C ARG C 220 21.92 -30.85 48.65
N ALA C 221 23.09 -31.08 48.05
CA ALA C 221 24.37 -30.72 48.65
C ALA C 221 24.85 -29.34 48.20
N VAL C 222 23.96 -28.49 47.75
CA VAL C 222 24.39 -27.15 47.33
C VAL C 222 24.58 -26.29 48.56
N SER C 223 25.64 -25.49 48.53
CA SER C 223 25.87 -24.42 49.49
C SER C 223 24.57 -23.70 49.84
N GLU C 224 23.93 -24.10 50.94
CA GLU C 224 22.83 -23.30 51.48
C GLU C 224 23.24 -21.83 51.64
N ALA C 225 24.53 -21.55 51.56
CA ALA C 225 25.10 -20.21 51.59
C ALA C 225 25.30 -19.64 50.20
N GLU C 226 26.08 -20.33 49.35
CA GLU C 226 26.43 -19.75 48.04
C GLU C 226 25.25 -19.75 47.07
N ILE C 227 24.11 -20.34 47.45
CA ILE C 227 22.84 -19.88 46.92
C ILE C 227 22.74 -18.36 47.10
N ASP C 228 22.85 -17.91 48.36
CA ASP C 228 22.80 -16.47 48.65
C ASP C 228 23.80 -15.71 47.81
N ARG C 229 24.97 -16.28 47.52
CA ARG C 229 25.91 -15.57 46.65
C ARG C 229 25.40 -15.55 45.22
N LEU C 230 24.74 -16.62 44.78
CA LEU C 230 24.18 -16.64 43.43
C LEU C 230 23.05 -15.63 43.30
N ILE C 231 22.17 -15.57 44.30
CA ILE C 231 21.07 -14.63 44.25
C ILE C 231 21.57 -13.19 44.31
N ASP C 232 22.70 -12.96 44.97
CA ASP C 232 23.36 -11.67 44.83
C ASP C 232 23.65 -11.38 43.35
N GLU C 233 24.11 -12.39 42.60
CA GLU C 233 24.39 -12.19 41.19
C GLU C 233 23.13 -12.12 40.31
N TYR C 234 22.02 -12.72 40.75
CA TYR C 234 20.76 -12.50 40.06
C TYR C 234 20.32 -11.04 40.18
N GLN C 235 20.17 -10.55 41.42
CA GLN C 235 19.90 -9.14 41.64
C GLN C 235 20.87 -8.27 40.86
N SER C 236 22.11 -8.74 40.71
CA SER C 236 23.10 -7.99 39.96
C SER C 236 22.70 -7.87 38.48
N LEU C 237 22.21 -8.96 37.90
CA LEU C 237 21.98 -9.03 36.45
C LEU C 237 20.52 -8.90 36.06
N TYR C 238 19.61 -9.37 36.88
CA TYR C 238 18.23 -9.58 36.45
C TYR C 238 17.27 -8.75 37.28
N GLU C 239 16.44 -7.98 36.59
CA GLU C 239 15.14 -7.60 37.10
C GLU C 239 14.50 -8.80 37.78
N PHE C 240 13.93 -8.58 38.96
CA PHE C 240 13.01 -9.54 39.58
C PHE C 240 11.58 -9.08 39.36
N ALA C 241 10.65 -10.02 39.51
CA ALA C 241 9.25 -9.65 39.42
C ALA C 241 8.71 -9.37 40.82
N PRO C 242 7.62 -8.61 40.93
CA PRO C 242 7.00 -8.41 42.25
C PRO C 242 6.58 -9.74 42.87
N GLY C 243 6.96 -9.91 44.14
CA GLY C 243 6.72 -11.16 44.84
C GLY C 243 7.86 -12.14 44.78
N CYS C 244 8.92 -11.84 44.02
CA CYS C 244 10.03 -12.75 43.82
C CYS C 244 11.37 -12.22 44.31
N GLU C 245 11.53 -10.90 44.42
CA GLU C 245 12.67 -10.32 45.11
C GLU C 245 12.72 -10.84 46.56
N LYS C 246 13.92 -10.80 47.15
CA LYS C 246 14.13 -11.28 48.51
C LYS C 246 13.11 -10.68 49.48
N GLY C 247 12.27 -11.53 50.05
CA GLY C 247 11.21 -11.05 50.92
C GLY C 247 9.83 -11.53 50.52
N GLY C 248 9.49 -11.38 49.25
CA GLY C 248 8.18 -11.73 48.76
C GLY C 248 7.86 -13.22 48.86
N PRO C 249 6.59 -13.58 48.63
CA PRO C 249 6.16 -14.96 48.89
C PRO C 249 6.64 -15.97 47.86
N LEU C 250 7.36 -15.54 46.82
CA LEU C 250 7.81 -16.44 45.76
C LEU C 250 9.33 -16.45 45.62
N HIS C 251 10.08 -15.99 46.61
CA HIS C 251 11.53 -16.02 46.48
C HIS C 251 12.09 -17.44 46.62
N ASP C 252 11.37 -18.35 47.28
CA ASP C 252 11.86 -19.72 47.34
C ASP C 252 12.05 -20.27 45.94
N GLY C 253 11.04 -20.11 45.08
CA GLY C 253 11.15 -20.42 43.67
C GLY C 253 12.44 -19.95 43.01
N VAL C 254 12.87 -18.72 43.30
CA VAL C 254 14.16 -18.27 42.76
C VAL C 254 15.31 -18.96 43.47
N ARG C 255 15.16 -19.21 44.78
CA ARG C 255 16.20 -19.92 45.52
C ARG C 255 16.40 -21.32 44.95
N GLU C 256 15.29 -22.06 44.80
CA GLU C 256 15.35 -23.44 44.34
C GLU C 256 15.99 -23.55 42.94
N GLN C 257 15.73 -22.57 42.06
CA GLN C 257 16.45 -22.51 40.80
C GLN C 257 17.92 -22.18 41.00
N ALA C 258 18.23 -21.36 42.01
CA ALA C 258 19.63 -21.03 42.24
C ALA C 258 20.36 -22.26 42.73
N ARG C 259 19.70 -23.04 43.59
CA ARG C 259 20.17 -24.36 43.95
C ARG C 259 20.46 -25.19 42.71
N ILE C 260 19.41 -25.49 41.94
CA ILE C 260 19.51 -26.33 40.76
C ILE C 260 20.63 -25.86 39.84
N GLU C 261 20.77 -24.55 39.66
CA GLU C 261 21.85 -24.07 38.81
C GLU C 261 23.21 -24.50 39.36
N LEU C 262 23.34 -24.50 40.69
CA LEU C 262 24.64 -24.79 41.30
C LEU C 262 24.94 -26.28 41.33
N GLY C 263 23.93 -27.11 41.63
CA GLY C 263 24.09 -28.55 41.44
C GLY C 263 24.33 -28.91 39.99
N LEU C 264 23.58 -28.31 39.07
CA LEU C 264 23.83 -28.50 37.65
C LEU C 264 25.28 -28.18 37.31
N ARG C 265 25.73 -26.97 37.64
CA ARG C 265 27.08 -26.58 37.27
C ARG C 265 28.11 -27.47 37.97
N SER C 266 27.83 -27.92 39.19
CA SER C 266 28.76 -28.83 39.87
C SER C 266 28.99 -30.08 39.03
N PHE C 267 27.91 -30.82 38.79
CA PHE C 267 27.94 -32.01 37.95
C PHE C 267 28.65 -31.77 36.61
N LEU C 268 28.15 -30.81 35.83
CA LEU C 268 28.66 -30.61 34.47
C LEU C 268 30.14 -30.25 34.45
N GLU C 269 30.54 -29.27 35.25
CA GLU C 269 31.96 -28.94 35.34
C GLU C 269 32.77 -30.14 35.79
N GLU C 270 32.21 -30.97 36.69
CA GLU C 270 32.95 -32.14 37.17
C GLU C 270 33.22 -33.11 36.04
N GLY C 271 32.22 -33.35 35.20
CA GLY C 271 32.32 -34.35 34.16
C GLY C 271 32.78 -33.83 32.83
N GLY C 272 33.08 -32.55 32.72
CA GLY C 272 33.44 -32.01 31.43
C GLY C 272 32.30 -31.78 30.47
N PHE C 273 31.05 -32.01 30.90
CA PHE C 273 29.91 -31.91 29.98
C PHE C 273 29.69 -30.47 29.51
N GLU C 274 29.63 -30.27 28.20
CA GLU C 274 29.34 -28.95 27.67
C GLU C 274 27.93 -28.86 27.09
N ALA C 275 27.03 -29.76 27.48
CA ALA C 275 25.62 -29.74 27.08
C ALA C 275 24.89 -30.83 27.83
N PHE C 276 23.58 -30.67 28.01
CA PHE C 276 22.82 -31.61 28.80
C PHE C 276 21.36 -31.49 28.43
N THR C 277 20.56 -32.44 28.93
CA THR C 277 19.13 -32.45 28.73
C THR C 277 18.44 -32.77 30.05
N THR C 278 17.25 -32.21 30.24
CA THR C 278 16.36 -32.61 31.33
C THR C 278 15.07 -33.16 30.73
N THR C 279 14.39 -34.04 31.48
CA THR C 279 13.07 -34.51 31.09
C THR C 279 12.12 -34.28 32.25
N PHE C 280 11.08 -33.49 32.01
CA PHE C 280 10.10 -33.20 33.06
C PHE C 280 9.39 -34.44 33.55
N GLU C 281 9.35 -35.51 32.74
CA GLU C 281 8.72 -36.74 33.19
C GLU C 281 9.51 -37.45 34.28
N ASP C 282 10.76 -37.04 34.52
CA ASP C 282 11.62 -37.65 35.52
C ASP C 282 12.24 -36.52 36.34
N LEU C 283 11.64 -36.24 37.50
CA LEU C 283 12.08 -35.12 38.33
C LEU C 283 12.03 -35.49 39.80
N HIS C 284 12.20 -36.76 40.11
CA HIS C 284 12.20 -37.21 41.49
C HIS C 284 13.36 -36.56 42.23
N GLY C 285 13.07 -36.01 43.41
CA GLY C 285 14.11 -35.37 44.18
C GLY C 285 14.43 -33.96 43.75
N MET C 286 13.74 -33.44 42.74
CA MET C 286 13.81 -32.04 42.38
C MET C 286 12.54 -31.32 42.84
N LYS C 287 12.72 -30.10 43.35
CA LYS C 287 11.56 -29.29 43.68
C LYS C 287 11.04 -28.51 42.47
N GLN C 288 11.87 -28.31 41.45
CA GLN C 288 11.41 -27.65 40.24
C GLN C 288 12.06 -28.28 39.01
N LEU C 289 11.29 -28.36 37.93
CA LEU C 289 11.89 -28.60 36.63
C LEU C 289 12.91 -27.49 36.37
N PRO C 290 14.17 -27.82 36.07
CA PRO C 290 15.17 -26.76 35.88
C PRO C 290 14.72 -25.76 34.82
N GLY C 291 14.95 -24.49 35.11
CA GLY C 291 14.45 -23.43 34.24
C GLY C 291 15.41 -22.27 34.17
N LEU C 292 15.29 -21.34 35.11
CA LEU C 292 16.25 -20.24 35.17
C LEU C 292 17.66 -20.79 35.30
N ALA C 293 17.81 -21.90 36.01
CA ALA C 293 19.06 -22.67 35.98
C ALA C 293 19.50 -22.93 34.55
N VAL C 294 18.63 -23.58 33.78
CA VAL C 294 19.00 -23.99 32.43
C VAL C 294 19.32 -22.78 31.57
N GLN C 295 18.50 -21.73 31.67
CA GLN C 295 18.74 -20.55 30.85
C GLN C 295 20.09 -19.91 31.17
N ARG C 296 20.49 -19.89 32.43
CA ARG C 296 21.77 -19.26 32.75
C ARG C 296 22.93 -20.12 32.25
N LEU C 297 22.78 -21.44 32.31
CA LEU C 297 23.80 -22.33 31.79
C LEU C 297 23.96 -22.15 30.30
N MET C 298 22.86 -22.04 29.56
CA MET C 298 22.94 -21.77 28.14
C MET C 298 23.62 -20.43 27.88
N ALA C 299 23.27 -19.42 28.67
CA ALA C 299 23.89 -18.12 28.51
C ALA C 299 25.38 -18.26 28.68
N GLU C 300 25.80 -19.14 29.58
CA GLU C 300 27.21 -19.42 29.78
C GLU C 300 27.83 -20.10 28.56
N GLY C 301 27.05 -20.89 27.82
CA GLY C 301 27.59 -21.55 26.63
C GLY C 301 27.17 -22.99 26.50
N TYR C 302 26.41 -23.49 27.47
CA TYR C 302 26.04 -24.90 27.46
C TYR C 302 24.99 -25.17 26.40
N GLY C 303 25.15 -26.29 25.71
CA GLY C 303 24.05 -26.80 24.93
C GLY C 303 22.98 -27.34 25.85
N PHE C 304 21.72 -27.10 25.49
CA PHE C 304 20.65 -27.75 26.23
C PHE C 304 19.60 -28.16 25.22
N GLY C 305 18.99 -29.30 25.48
CA GLY C 305 17.80 -29.74 24.79
C GLY C 305 16.89 -30.32 25.83
N GLY C 306 15.57 -30.07 25.75
CA GLY C 306 14.65 -30.55 26.75
C GLY C 306 14.05 -31.89 26.39
N GLU C 307 13.27 -32.44 27.33
CA GLU C 307 12.71 -33.78 27.19
C GLU C 307 13.74 -34.77 26.66
N GLY C 308 14.97 -34.66 27.15
CA GLY C 308 16.01 -35.60 26.80
C GLY C 308 16.58 -35.46 25.41
N ASP C 309 16.40 -34.30 24.76
CA ASP C 309 16.78 -34.13 23.37
C ASP C 309 18.28 -33.87 23.27
N TRP C 310 19.05 -34.95 23.16
CA TRP C 310 20.51 -34.76 23.18
C TRP C 310 21.00 -34.15 21.88
N LYS C 311 20.39 -34.52 20.74
CA LYS C 311 20.84 -33.99 19.46
C LYS C 311 20.76 -32.47 19.44
N THR C 312 19.62 -31.90 19.84
CA THR C 312 19.53 -30.45 19.90
C THR C 312 20.47 -29.89 20.96
N ALA C 313 20.49 -30.51 22.16
CA ALA C 313 21.44 -30.12 23.19
C ALA C 313 22.84 -30.04 22.63
N ALA C 314 23.27 -31.12 21.97
CA ALA C 314 24.55 -31.09 21.29
C ALA C 314 24.59 -29.99 20.24
N LEU C 315 23.53 -29.88 19.44
CA LEU C 315 23.53 -28.89 18.38
C LEU C 315 23.55 -27.47 18.97
N VAL C 316 22.79 -27.24 20.04
CA VAL C 316 22.81 -25.92 20.67
C VAL C 316 24.23 -25.57 21.10
N ARG C 317 25.00 -26.56 21.58
CA ARG C 317 26.37 -26.31 22.01
C ARG C 317 27.26 -25.88 20.85
N LEU C 318 27.33 -26.74 19.81
CA LEU C 318 28.12 -26.44 18.62
C LEU C 318 27.78 -25.08 18.05
N MET C 319 26.49 -24.79 18.00
CA MET C 319 26.06 -23.55 17.39
C MET C 319 26.45 -22.35 18.24
N LYS C 320 26.27 -22.46 19.58
CA LYS C 320 26.80 -21.43 20.46
C LYS C 320 28.29 -21.21 20.21
N VAL C 321 29.06 -22.28 20.06
CA VAL C 321 30.48 -22.13 19.77
C VAL C 321 30.68 -21.41 18.45
N MET C 322 30.03 -21.92 17.39
CA MET C 322 30.06 -21.26 16.08
C MET C 322 29.68 -19.79 16.17
N ALA C 323 28.71 -19.47 17.02
CA ALA C 323 28.16 -18.12 17.13
C ALA C 323 28.95 -17.23 18.06
N ASP C 324 30.07 -17.72 18.61
CA ASP C 324 30.89 -16.98 19.57
C ASP C 324 30.11 -16.68 20.85
N GLY C 325 29.17 -17.55 21.20
CA GLY C 325 28.35 -17.38 22.37
C GLY C 325 27.10 -16.54 22.19
N LYS C 326 27.01 -15.76 21.11
CA LYS C 326 25.95 -14.76 20.95
C LYS C 326 24.70 -15.36 20.32
N GLY C 327 23.55 -14.80 20.70
CA GLY C 327 22.26 -15.02 20.06
C GLY C 327 21.89 -16.43 19.64
N THR C 328 22.23 -17.42 20.47
CA THR C 328 22.01 -18.81 20.14
C THR C 328 21.34 -19.51 21.30
N SER C 329 20.19 -20.14 21.04
CA SER C 329 19.39 -20.70 22.11
C SER C 329 18.74 -21.98 21.64
N PHE C 330 18.48 -22.85 22.60
CA PHE C 330 17.41 -23.82 22.46
C PHE C 330 16.11 -23.13 22.05
N MET C 331 15.41 -23.73 21.09
CA MET C 331 14.18 -23.15 20.57
C MET C 331 13.16 -24.23 20.29
N GLU C 332 11.90 -23.82 20.31
CA GLU C 332 10.80 -24.69 19.93
C GLU C 332 9.71 -23.83 19.31
N ASP C 333 9.12 -24.30 18.21
CA ASP C 333 7.92 -23.64 17.69
C ASP C 333 6.75 -23.94 18.60
N TYR C 334 6.00 -22.93 18.98
CA TYR C 334 4.93 -23.18 19.93
C TYR C 334 3.56 -22.84 19.40
N THR C 335 3.45 -21.76 18.65
CA THR C 335 2.14 -21.39 18.15
C THR C 335 2.34 -20.49 16.95
N TYR C 336 1.38 -20.51 16.03
CA TYR C 336 1.46 -19.74 14.81
C TYR C 336 0.54 -18.53 14.87
N HIS C 337 0.96 -17.49 14.18
CA HIS C 337 0.13 -16.34 13.84
C HIS C 337 -0.10 -16.40 12.33
N PHE C 338 -1.35 -16.63 11.92
CA PHE C 338 -1.69 -16.84 10.52
C PHE C 338 -2.32 -15.61 9.87
N GLU C 339 -2.21 -14.44 10.49
CA GLU C 339 -2.73 -13.20 9.89
C GLU C 339 -2.10 -13.01 8.53
N PRO C 340 -2.87 -12.91 7.46
CA PRO C 340 -2.27 -12.73 6.13
C PRO C 340 -1.40 -11.48 6.09
N GLY C 341 -0.19 -11.65 5.54
CA GLY C 341 0.80 -10.60 5.45
C GLY C 341 1.63 -10.40 6.68
N ASN C 342 1.23 -11.00 7.80
CA ASN C 342 1.93 -10.89 9.07
C ASN C 342 2.13 -12.28 9.66
N GLU C 343 2.27 -13.30 8.80
CA GLU C 343 2.46 -14.67 9.27
C GLU C 343 3.75 -14.76 10.09
N MET C 344 3.69 -15.46 11.21
CA MET C 344 4.74 -15.44 12.21
C MET C 344 4.73 -16.74 13.01
N ILE C 345 5.90 -17.22 13.38
CA ILE C 345 6.00 -18.33 14.33
C ILE C 345 6.41 -17.77 15.67
N LEU C 346 5.66 -18.12 16.71
CA LEU C 346 6.04 -17.79 18.09
C LEU C 346 6.82 -18.96 18.68
N GLY C 347 8.07 -18.70 19.04
CA GLY C 347 8.95 -19.71 19.61
C GLY C 347 9.14 -19.48 21.10
N ALA C 348 9.08 -20.56 21.87
CA ALA C 348 9.40 -20.52 23.28
C ALA C 348 9.87 -21.92 23.69
N HIS C 349 10.01 -22.11 24.99
CA HIS C 349 9.93 -23.41 25.63
C HIS C 349 9.27 -23.17 26.99
N MET C 350 8.73 -24.23 27.59
CA MET C 350 8.02 -24.05 28.86
C MET C 350 8.80 -23.21 29.88
N LEU C 351 10.12 -23.08 29.70
CA LEU C 351 11.00 -22.26 30.54
C LEU C 351 12.32 -21.97 29.83
N GLU C 352 12.89 -22.98 29.20
CA GLU C 352 14.31 -22.98 28.85
C GLU C 352 14.53 -22.21 27.55
N VAL C 353 14.68 -20.89 27.66
CA VAL C 353 15.08 -20.06 26.53
C VAL C 353 16.32 -19.28 26.92
N CYS C 354 17.33 -19.30 26.06
CA CYS C 354 18.58 -18.67 26.49
C CYS C 354 18.47 -17.14 26.39
N PRO C 355 18.95 -16.43 27.40
CA PRO C 355 18.91 -14.95 27.36
C PRO C 355 19.87 -14.33 26.35
N THR C 356 20.67 -15.09 25.63
CA THR C 356 21.52 -14.41 24.66
C THR C 356 20.74 -13.96 23.43
N ILE C 357 19.48 -14.40 23.29
CA ILE C 357 18.61 -13.88 22.25
C ILE C 357 17.66 -12.82 22.77
N ALA C 358 17.82 -12.41 24.03
CA ALA C 358 16.94 -11.39 24.60
C ALA C 358 17.26 -10.03 24.00
N ALA C 359 16.20 -9.28 23.69
CA ALA C 359 16.27 -7.86 23.38
C ALA C 359 15.82 -7.00 24.55
N THR C 360 14.70 -7.38 25.18
CA THR C 360 14.35 -6.92 26.53
C THR C 360 15.37 -7.46 27.54
N ARG C 361 15.63 -6.68 28.57
CA ARG C 361 16.43 -7.18 29.66
C ARG C 361 15.66 -8.26 30.41
N PRO C 362 16.24 -9.44 30.62
CA PRO C 362 15.49 -10.53 31.25
C PRO C 362 14.99 -10.19 32.65
N ARG C 363 13.80 -10.69 32.97
CA ARG C 363 13.13 -10.46 34.24
C ARG C 363 12.79 -11.80 34.88
N ILE C 364 13.37 -12.06 36.05
CA ILE C 364 13.03 -13.27 36.78
C ILE C 364 11.55 -13.28 37.09
N GLU C 365 10.88 -14.39 36.79
CA GLU C 365 9.51 -14.60 37.20
C GLU C 365 9.35 -16.03 37.69
N VAL C 366 8.34 -16.22 38.53
CA VAL C 366 7.94 -17.54 39.01
C VAL C 366 6.45 -17.67 38.70
N HIS C 367 6.07 -18.81 38.15
CA HIS C 367 4.69 -19.06 37.73
C HIS C 367 4.35 -20.52 37.98
N PRO C 368 3.08 -20.84 38.16
CA PRO C 368 2.65 -22.23 38.02
C PRO C 368 3.23 -22.86 36.76
N LEU C 369 3.57 -24.14 36.88
CA LEU C 369 3.87 -24.99 35.71
C LEU C 369 3.35 -26.38 36.06
N SER C 370 2.32 -26.82 35.36
CA SER C 370 1.70 -28.10 35.70
C SER C 370 2.44 -29.25 35.06
N ILE C 371 2.97 -29.03 33.85
CA ILE C 371 3.83 -30.03 33.22
C ILE C 371 4.97 -30.37 34.16
N GLY C 372 5.13 -31.66 34.44
CA GLY C 372 6.11 -32.13 35.37
C GLY C 372 5.61 -32.29 36.79
N GLY C 373 4.54 -31.58 37.17
CA GLY C 373 3.94 -31.72 38.47
C GLY C 373 4.77 -31.21 39.63
N LYS C 374 5.76 -30.37 39.37
CA LYS C 374 6.63 -29.85 40.41
C LYS C 374 6.21 -28.44 40.79
N GLU C 375 6.96 -27.89 41.75
CA GLU C 375 6.64 -26.56 42.28
C GLU C 375 6.95 -25.51 41.22
N ASP C 376 6.29 -24.36 41.38
CA ASP C 376 6.38 -23.23 40.46
C ASP C 376 7.84 -22.87 40.18
N PRO C 377 8.32 -23.02 38.94
CA PRO C 377 9.72 -22.70 38.64
C PRO C 377 9.94 -21.23 38.34
N ALA C 378 11.12 -20.77 38.77
CA ALA C 378 11.58 -19.45 38.36
C ALA C 378 12.20 -19.51 36.97
N ARG C 379 11.95 -18.48 36.17
CA ARG C 379 12.54 -18.41 34.84
C ARG C 379 12.74 -16.95 34.46
N LEU C 380 13.76 -16.70 33.65
CA LEU C 380 13.92 -15.40 33.01
C LEU C 380 12.95 -15.29 31.85
N VAL C 381 12.27 -14.15 31.76
CA VAL C 381 11.26 -13.89 30.75
C VAL C 381 11.70 -12.70 29.93
N PHE C 382 11.50 -12.77 28.62
CA PHE C 382 12.02 -11.70 27.78
C PHE C 382 11.48 -11.87 26.38
N ASP C 383 11.58 -10.80 25.61
CA ASP C 383 11.25 -10.81 24.19
C ASP C 383 12.53 -11.10 23.41
N GLY C 384 12.46 -12.05 22.49
CA GLY C 384 13.60 -12.29 21.63
C GLY C 384 13.90 -11.10 20.75
N GLY C 385 15.17 -10.96 20.38
CA GLY C 385 15.55 -9.90 19.45
C GLY C 385 15.00 -10.08 18.05
N GLU C 386 15.53 -9.36 17.09
CA GLU C 386 15.03 -9.43 15.73
C GLU C 386 16.19 -9.36 14.75
N GLY C 387 15.94 -9.84 13.54
CA GLY C 387 16.94 -9.84 12.48
C GLY C 387 17.13 -11.23 11.91
N ALA C 388 17.85 -11.26 10.79
CA ALA C 388 18.13 -12.52 10.11
C ALA C 388 18.68 -13.55 11.09
N ALA C 389 18.24 -14.79 10.93
CA ALA C 389 18.65 -15.82 11.86
C ALA C 389 18.41 -17.18 11.22
N VAL C 390 18.95 -18.22 11.86
CA VAL C 390 18.82 -19.58 11.39
C VAL C 390 18.13 -20.39 12.48
N ASN C 391 17.25 -21.28 12.07
CA ASN C 391 16.60 -22.21 12.98
C ASN C 391 16.94 -23.61 12.51
N ALA C 392 17.71 -24.35 13.31
CA ALA C 392 18.30 -25.59 12.83
C ALA C 392 17.92 -26.75 13.72
N SER C 393 17.68 -27.88 13.07
CA SER C 393 17.34 -29.14 13.73
C SER C 393 18.19 -30.24 13.13
N LEU C 394 18.67 -31.12 13.98
CA LEU C 394 19.40 -32.30 13.53
C LEU C 394 18.60 -33.52 13.95
N ILE C 395 18.18 -34.32 12.97
CA ILE C 395 17.32 -35.46 13.20
C ILE C 395 18.05 -36.73 12.81
N ASP C 396 17.62 -37.84 13.42
CA ASP C 396 18.09 -39.17 13.04
C ASP C 396 17.04 -39.79 12.12
N LEU C 397 17.37 -39.93 10.85
CA LEU C 397 16.52 -40.68 9.92
C LEU C 397 16.71 -42.19 10.02
N GLY C 398 17.46 -42.68 11.02
CA GLY C 398 17.65 -44.10 11.17
C GLY C 398 19.01 -44.57 10.72
N HIS C 399 19.32 -44.40 9.44
CA HIS C 399 20.61 -44.83 8.91
C HIS C 399 21.62 -43.69 8.86
N ARG C 400 21.14 -42.46 8.86
CA ARG C 400 22.00 -41.29 8.79
C ARG C 400 21.25 -40.15 9.45
N PHE C 401 22.00 -39.12 9.79
CA PHE C 401 21.47 -37.86 10.29
C PHE C 401 21.19 -36.92 9.15
N ARG C 402 20.31 -35.95 9.42
CA ARG C 402 19.98 -34.87 8.50
C ARG C 402 19.90 -33.59 9.28
N LEU C 403 20.73 -32.63 8.90
CA LEU C 403 20.69 -31.27 9.40
C LEU C 403 19.77 -30.43 8.50
N ILE C 404 18.73 -29.86 9.10
CA ILE C 404 17.76 -29.00 8.43
C ILE C 404 17.90 -27.62 9.04
N VAL C 405 18.19 -26.63 8.22
CA VAL C 405 18.34 -25.28 8.71
C VAL C 405 17.37 -24.40 7.93
N ASN C 406 16.43 -23.79 8.62
CA ASN C 406 15.49 -22.88 8.01
C ASN C 406 15.92 -21.46 8.36
N GLU C 407 16.24 -20.67 7.33
CA GLU C 407 16.51 -19.25 7.54
C GLU C 407 15.20 -18.55 7.88
N VAL C 408 15.25 -17.68 8.88
CA VAL C 408 14.07 -17.00 9.38
C VAL C 408 14.44 -15.54 9.65
N ASP C 409 13.42 -14.71 9.70
CA ASP C 409 13.57 -13.30 10.06
C ASP C 409 12.79 -13.08 11.34
N ALA C 410 13.50 -12.72 12.41
CA ALA C 410 12.89 -12.49 13.71
C ALA C 410 12.42 -11.04 13.80
N VAL C 411 11.31 -10.82 14.52
CA VAL C 411 10.62 -9.54 14.53
C VAL C 411 10.26 -9.15 15.95
N LYS C 412 10.43 -7.86 16.27
CA LYS C 412 9.99 -7.33 17.55
C LYS C 412 8.46 -7.41 17.63
N PRO C 413 7.91 -7.72 18.80
CA PRO C 413 6.46 -7.83 18.90
C PRO C 413 5.82 -6.47 18.72
N GLU C 414 4.70 -6.46 17.98
CA GLU C 414 3.81 -5.31 17.93
C GLU C 414 2.92 -5.26 19.17
N HIS C 415 2.43 -6.41 19.58
CA HIS C 415 1.54 -6.53 20.73
C HIS C 415 2.29 -7.15 21.90
N ASP C 416 1.99 -6.70 23.10
CA ASP C 416 2.54 -7.33 24.28
C ASP C 416 1.85 -8.67 24.52
N MET C 417 2.56 -9.56 25.19
CA MET C 417 1.98 -10.83 25.62
C MET C 417 2.06 -10.90 27.13
N PRO C 418 1.30 -10.04 27.82
CA PRO C 418 1.47 -9.89 29.27
C PRO C 418 1.10 -11.13 30.06
N LYS C 419 0.40 -12.10 29.48
CA LYS C 419 0.11 -13.32 30.21
C LYS C 419 0.89 -14.52 29.70
N LEU C 420 1.88 -14.31 28.82
CA LEU C 420 2.81 -15.37 28.43
C LEU C 420 3.92 -15.47 29.46
N PRO C 421 3.97 -16.51 30.26
CA PRO C 421 4.94 -16.54 31.36
C PRO C 421 6.29 -17.11 30.99
N VAL C 422 6.62 -17.15 29.69
CA VAL C 422 7.86 -17.72 29.21
C VAL C 422 8.53 -16.74 28.27
N ALA C 423 9.85 -16.80 28.22
CA ALA C 423 10.57 -16.08 27.19
C ALA C 423 10.09 -16.52 25.83
N ARG C 424 9.98 -15.57 24.90
CA ARG C 424 9.39 -15.82 23.60
C ARG C 424 10.13 -15.01 22.56
N ILE C 425 9.94 -15.39 21.32
CA ILE C 425 10.52 -14.65 20.22
C ILE C 425 9.65 -14.90 19.00
N LEU C 426 9.60 -13.91 18.11
CA LEU C 426 8.75 -13.97 16.93
C LEU C 426 9.62 -13.98 15.69
N TRP C 427 9.38 -14.94 14.80
CA TRP C 427 10.05 -14.91 13.51
C TRP C 427 9.08 -15.25 12.40
N LYS C 428 9.30 -14.61 11.26
CA LYS C 428 8.69 -14.98 10.00
C LYS C 428 9.69 -15.84 9.25
N PRO C 429 9.38 -17.10 8.93
CA PRO C 429 10.37 -17.96 8.26
C PRO C 429 10.36 -17.78 6.75
N ARG C 430 11.55 -17.87 6.15
CA ARG C 430 11.65 -17.78 4.70
C ARG C 430 11.37 -19.15 4.07
N PRO C 431 10.78 -19.17 2.87
CA PRO C 431 10.30 -18.01 2.12
C PRO C 431 9.00 -17.44 2.68
N SER C 432 8.34 -18.27 3.48
CA SER C 432 7.03 -17.97 4.03
C SER C 432 6.72 -19.01 5.08
N LEU C 433 5.81 -18.68 5.98
CA LEU C 433 5.35 -19.66 6.96
C LEU C 433 4.81 -20.89 6.27
N ARG C 434 4.02 -20.69 5.21
CA ARG C 434 3.38 -21.82 4.54
C ARG C 434 4.42 -22.77 3.93
N ASP C 435 5.28 -22.25 3.06
CA ASP C 435 6.20 -23.15 2.36
C ASP C 435 7.34 -23.66 3.23
N SER C 436 7.83 -22.85 4.17
CA SER C 436 8.92 -23.32 5.03
C SER C 436 8.47 -24.50 5.89
N ALA C 437 7.36 -24.32 6.62
CA ALA C 437 6.83 -25.39 7.47
C ALA C 437 6.49 -26.63 6.66
N GLU C 438 5.94 -26.44 5.46
CA GLU C 438 5.76 -27.58 4.57
C GLU C 438 7.11 -28.23 4.25
N ALA C 439 8.09 -27.44 3.80
CA ALA C 439 9.42 -27.98 3.53
C ALA C 439 10.02 -28.59 4.78
N TRP C 440 9.98 -27.83 5.89
CA TRP C 440 10.50 -28.31 7.15
C TRP C 440 9.90 -29.65 7.53
N ILE C 441 8.58 -29.80 7.39
CA ILE C 441 7.92 -31.04 7.75
C ILE C 441 8.38 -32.17 6.83
N LEU C 442 8.34 -31.94 5.51
CA LEU C 442 8.84 -32.93 4.57
C LEU C 442 10.28 -33.32 4.86
N ALA C 443 11.09 -32.40 5.37
CA ALA C 443 12.44 -32.73 5.76
C ALA C 443 12.49 -33.49 7.07
N GLY C 444 11.36 -33.70 7.72
CA GLY C 444 11.31 -34.37 8.99
C GLY C 444 11.87 -33.57 10.13
N GLY C 445 12.26 -32.31 9.88
CA GLY C 445 12.83 -31.44 10.90
C GLY C 445 12.07 -31.44 12.20
N ALA C 446 12.78 -31.38 13.33
CA ALA C 446 12.14 -31.52 14.63
C ALA C 446 11.45 -30.23 15.03
N HIS C 447 10.65 -30.34 16.07
CA HIS C 447 10.09 -29.18 16.74
C HIS C 447 11.11 -28.54 17.68
N HIS C 448 12.05 -29.32 18.20
CA HIS C 448 13.18 -28.77 18.93
C HIS C 448 14.20 -28.31 17.93
N THR C 449 14.57 -27.05 18.00
CA THR C 449 15.63 -26.55 17.17
C THR C 449 16.62 -25.80 18.03
N CYS C 450 17.71 -25.42 17.41
CA CYS C 450 18.56 -24.39 17.95
C CYS C 450 18.38 -23.17 17.05
N PHE C 451 17.92 -22.09 17.64
CA PHE C 451 17.70 -20.83 16.95
C PHE C 451 18.93 -19.95 17.17
N SER C 452 19.39 -19.27 16.12
CA SER C 452 20.55 -18.42 16.35
C SER C 452 20.54 -17.23 15.40
N PHE C 453 20.92 -16.05 15.94
CA PHE C 453 21.14 -14.83 15.17
C PHE C 453 22.53 -14.71 14.59
N ALA C 454 23.47 -15.57 15.01
CA ALA C 454 24.88 -15.39 14.71
C ALA C 454 25.50 -16.45 13.81
N VAL C 455 24.84 -17.59 13.61
CA VAL C 455 25.39 -18.66 12.80
C VAL C 455 24.80 -18.52 11.41
N THR C 456 25.64 -18.64 10.39
CA THR C 456 25.10 -18.55 9.04
C THR C 456 24.76 -19.92 8.49
N THR C 457 23.89 -19.91 7.48
CA THR C 457 23.61 -21.11 6.69
C THR C 457 24.91 -21.80 6.28
N GLU C 458 25.90 -21.00 5.87
CA GLU C 458 27.13 -21.52 5.30
C GLU C 458 27.96 -22.25 6.35
N GLN C 459 27.92 -21.78 7.60
CA GLN C 459 28.65 -22.47 8.66
C GLN C 459 28.05 -23.84 8.94
N LEU C 460 26.72 -23.94 9.00
CA LEU C 460 26.12 -25.24 9.26
C LEU C 460 26.28 -26.17 8.07
N GLN C 461 26.28 -25.61 6.85
CA GLN C 461 26.63 -26.44 5.71
C GLN C 461 28.06 -26.94 5.84
N ASP C 462 28.99 -26.03 6.17
CA ASP C 462 30.38 -26.41 6.37
C ASP C 462 30.49 -27.49 7.44
N PHE C 463 29.72 -27.36 8.53
CA PHE C 463 29.80 -28.36 9.58
C PHE C 463 29.27 -29.71 9.11
N ALA C 464 28.13 -29.70 8.44
CA ALA C 464 27.57 -30.92 7.89
C ALA C 464 28.56 -31.57 6.94
N GLU C 465 29.19 -30.75 6.10
CA GLU C 465 30.13 -31.30 5.15
C GLU C 465 31.35 -31.85 5.86
N MET C 466 31.79 -31.15 6.91
CA MET C 466 32.88 -31.62 7.74
C MET C 466 32.55 -32.96 8.37
N ALA C 467 31.29 -33.18 8.72
CA ALA C 467 30.87 -34.35 9.47
C ALA C 467 30.33 -35.49 8.61
N GLY C 468 30.12 -35.26 7.31
CA GLY C 468 29.57 -36.29 6.45
C GLY C 468 28.08 -36.50 6.65
N ILE C 469 27.32 -35.42 6.73
CA ILE C 469 25.88 -35.52 6.89
C ILE C 469 25.20 -34.52 5.98
N GLU C 470 24.04 -34.93 5.45
CA GLU C 470 23.23 -34.10 4.60
C GLU C 470 22.79 -32.84 5.33
N CYS C 471 22.82 -31.73 4.63
CA CYS C 471 22.36 -30.47 5.17
C CYS C 471 21.43 -29.87 4.15
N VAL C 472 20.15 -29.78 4.49
CA VAL C 472 19.17 -29.15 3.63
C VAL C 472 18.86 -27.78 4.21
N VAL C 473 18.70 -26.81 3.32
CA VAL C 473 18.47 -25.42 3.70
C VAL C 473 17.12 -24.98 3.14
N ILE C 474 16.32 -24.35 3.99
CA ILE C 474 15.07 -23.74 3.62
C ILE C 474 15.26 -22.25 3.79
N ASN C 475 15.09 -21.50 2.70
CA ASN C 475 15.23 -20.04 2.77
C ASN C 475 14.42 -19.43 1.63
N GLU C 476 14.75 -18.19 1.25
CA GLU C 476 13.91 -17.45 0.32
C GLU C 476 13.88 -18.11 -1.06
N HIS C 477 14.94 -18.82 -1.43
CA HIS C 477 15.03 -19.45 -2.74
C HIS C 477 14.34 -20.83 -2.78
N THR C 478 13.83 -21.28 -1.65
CA THR C 478 13.27 -22.61 -1.53
C THR C 478 11.87 -22.65 -2.11
N SER C 479 11.67 -23.50 -3.11
CA SER C 479 10.33 -23.94 -3.49
C SER C 479 10.22 -25.41 -3.15
N VAL C 480 9.00 -25.84 -2.80
CA VAL C 480 8.83 -27.14 -2.17
C VAL C 480 9.00 -28.27 -3.18
N SER C 481 8.48 -28.09 -4.38
CA SER C 481 8.62 -29.12 -5.41
C SER C 481 10.08 -29.51 -5.58
N SER C 482 10.95 -28.53 -5.80
CA SER C 482 12.37 -28.82 -5.96
C SER C 482 13.04 -29.20 -4.65
N PHE C 483 12.57 -28.65 -3.52
CA PHE C 483 13.07 -29.08 -2.22
C PHE C 483 12.84 -30.57 -2.01
N LYS C 484 11.69 -31.08 -2.46
CA LYS C 484 11.41 -32.52 -2.38
C LYS C 484 12.38 -33.32 -3.23
N ASN C 485 12.80 -32.77 -4.36
CA ASN C 485 13.73 -33.49 -5.24
C ASN C 485 15.10 -33.55 -4.60
N GLU C 486 15.56 -32.41 -4.08
CA GLU C 486 16.77 -32.38 -3.29
C GLU C 486 16.76 -33.48 -2.22
N LEU C 487 15.68 -33.55 -1.43
CA LEU C 487 15.62 -34.62 -0.42
C LEU C 487 15.75 -36.00 -1.07
N LYS C 488 15.13 -36.21 -2.23
CA LYS C 488 15.19 -37.52 -2.85
C LYS C 488 16.58 -37.81 -3.41
N TRP C 489 17.15 -36.83 -4.13
CA TRP C 489 18.48 -37.05 -4.69
C TRP C 489 19.56 -37.11 -3.61
N ASN C 490 19.41 -36.37 -2.51
CA ASN C 490 20.38 -36.48 -1.44
C ASN C 490 20.33 -37.87 -0.80
N GLU C 491 19.15 -38.44 -0.70
CA GLU C 491 19.02 -39.72 0.01
C GLU C 491 19.82 -40.82 -0.68
N VAL C 492 19.82 -40.84 -2.01
CA VAL C 492 20.59 -41.87 -2.71
C VAL C 492 22.08 -41.58 -2.60
N PHE C 493 22.47 -40.30 -2.61
CA PHE C 493 23.88 -39.99 -2.39
C PHE C 493 24.33 -40.43 -1.01
N TRP C 494 23.65 -39.95 0.05
CA TRP C 494 24.11 -40.21 1.41
C TRP C 494 23.89 -41.65 1.88
N ARG C 495 23.09 -42.43 1.16
CA ARG C 495 22.93 -43.84 1.51
C ARG C 495 24.28 -44.53 1.56
N GLY C 496 24.60 -45.09 2.72
CA GLY C 496 25.81 -45.89 2.89
C GLY C 496 27.00 -45.11 3.36
N ARG C 497 27.13 -43.87 2.89
CA ARG C 497 28.20 -42.99 3.33
C ARG C 497 28.14 -42.74 4.84
N MET D 2 -24.66 -7.52 -31.13
CA MET D 2 -23.25 -7.20 -31.31
C MET D 2 -23.04 -5.71 -31.70
N LEU D 3 -23.34 -4.83 -30.74
CA LEU D 3 -23.14 -3.38 -30.93
C LEU D 3 -21.66 -3.06 -31.07
N SER D 4 -21.27 -2.48 -32.22
CA SER D 4 -19.87 -2.35 -32.57
C SER D 4 -19.25 -1.08 -32.00
N LEU D 5 -18.01 -1.20 -31.57
CA LEU D 5 -17.18 -0.06 -31.25
C LEU D 5 -16.39 0.35 -32.48
N ARG D 6 -15.98 1.62 -32.48
CA ARG D 6 -14.93 2.06 -33.37
C ARG D 6 -13.70 1.17 -33.17
N PRO D 7 -12.78 1.09 -34.17
CA PRO D 7 -11.55 0.33 -33.94
C PRO D 7 -10.60 1.09 -33.03
N TYR D 8 -10.80 0.98 -31.71
CA TYR D 8 -10.04 1.79 -30.76
C TYR D 8 -8.61 1.31 -30.70
N GLU D 9 -7.67 2.26 -30.65
CA GLU D 9 -6.25 1.93 -30.60
C GLU D 9 -5.60 2.65 -29.43
N PHE D 10 -4.46 2.10 -29.01
CA PHE D 10 -3.68 2.65 -27.91
C PHE D 10 -2.32 3.11 -28.43
N TRP D 11 -2.02 4.38 -28.16
CA TRP D 11 -0.84 5.05 -28.66
C TRP D 11 0.27 4.90 -27.63
N PHE D 12 1.22 4.03 -27.91
CA PHE D 12 2.43 3.95 -27.09
C PHE D 12 3.33 5.12 -27.44
N VAL D 13 3.69 5.91 -26.44
CA VAL D 13 4.62 7.02 -26.61
C VAL D 13 5.81 6.75 -25.70
N THR D 14 7.00 6.88 -26.25
CA THR D 14 8.25 6.69 -25.53
C THR D 14 8.94 8.04 -25.44
N GLY D 15 9.40 8.40 -24.25
CA GLY D 15 10.03 9.70 -24.03
C GLY D 15 11.53 9.57 -23.87
N SER D 16 12.29 10.49 -24.50
CA SER D 16 13.74 10.49 -24.35
C SER D 16 14.36 11.89 -24.42
N GLN D 17 15.61 11.97 -24.86
CA GLN D 17 16.37 13.22 -24.91
C GLN D 17 17.66 12.98 -25.71
N HIS D 18 18.23 14.07 -26.22
CA HIS D 18 19.41 14.02 -27.09
C HIS D 18 20.72 14.02 -26.33
N LEU D 19 20.70 13.89 -24.99
CA LEU D 19 21.94 13.91 -24.22
C LEU D 19 22.83 12.71 -24.52
N TYR D 20 22.27 11.64 -25.05
CA TYR D 20 23.02 10.44 -25.39
C TYR D 20 23.24 10.26 -26.89
N GLY D 21 22.54 11.01 -27.74
CA GLY D 21 22.83 11.02 -29.16
C GLY D 21 21.65 10.57 -30.00
N GLU D 22 21.94 10.32 -31.28
CA GLU D 22 20.91 9.91 -32.23
C GLU D 22 20.91 8.42 -32.53
N GLU D 23 22.01 7.70 -32.27
CA GLU D 23 21.94 6.26 -32.35
C GLU D 23 21.37 5.66 -31.06
N ALA D 24 21.54 6.34 -29.93
CA ALA D 24 20.79 5.97 -28.73
C ALA D 24 19.29 6.13 -28.96
N LEU D 25 18.88 7.20 -29.64
CA LEU D 25 17.48 7.34 -30.04
C LEU D 25 17.07 6.22 -30.97
N LYS D 26 17.97 5.83 -31.88
CA LYS D 26 17.65 4.73 -32.79
C LYS D 26 17.34 3.46 -32.01
N GLN D 27 18.09 3.20 -30.93
CA GLN D 27 17.83 2.05 -30.08
C GLN D 27 16.54 2.23 -29.28
N VAL D 28 16.28 3.44 -28.76
CA VAL D 28 15.02 3.67 -28.05
C VAL D 28 13.83 3.40 -28.97
N GLU D 29 13.90 3.86 -30.22
CA GLU D 29 12.81 3.57 -31.16
C GLU D 29 12.75 2.08 -31.49
N GLU D 30 13.88 1.39 -31.53
CA GLU D 30 13.88 -0.03 -31.88
C GLU D 30 13.27 -0.87 -30.77
N HIS D 31 13.68 -0.60 -29.53
CA HIS D 31 13.07 -1.26 -28.38
C HIS D 31 11.57 -1.08 -28.36
N SER D 32 11.09 0.15 -28.60
CA SER D 32 9.65 0.41 -28.53
C SER D 32 8.90 -0.32 -29.62
N ARG D 33 9.43 -0.36 -30.85
CA ARG D 33 8.75 -1.10 -31.90
C ARG D 33 8.77 -2.60 -31.61
N ILE D 34 9.86 -3.12 -31.04
CA ILE D 34 9.88 -4.52 -30.66
C ILE D 34 8.77 -4.80 -29.65
N MET D 35 8.63 -3.93 -28.65
CA MET D 35 7.61 -4.11 -27.62
C MET D 35 6.22 -4.03 -28.22
N VAL D 36 5.91 -2.93 -28.94
CA VAL D 36 4.57 -2.77 -29.48
C VAL D 36 4.24 -3.95 -30.40
N ASN D 37 5.18 -4.34 -31.24
CA ASN D 37 4.94 -5.45 -32.15
C ASN D 37 4.64 -6.73 -31.40
N GLU D 38 5.42 -7.02 -30.36
CA GLU D 38 5.15 -8.26 -29.64
C GLU D 38 3.79 -8.23 -28.93
N TRP D 39 3.41 -7.08 -28.36
CA TRP D 39 2.10 -7.04 -27.71
C TRP D 39 0.99 -7.26 -28.71
N ASN D 40 1.21 -6.90 -29.96
CA ASN D 40 0.14 -6.97 -30.94
C ASN D 40 -0.11 -8.38 -31.47
N ARG D 41 0.85 -9.30 -31.31
CA ARG D 41 0.52 -10.72 -31.39
C ARG D 41 -0.24 -11.15 -30.13
N ASP D 42 -1.57 -11.06 -30.19
CA ASP D 42 -2.53 -11.25 -29.07
C ASP D 42 -2.00 -10.94 -27.66
N PRO D 46 -6.27 -7.24 -27.13
CA PRO D 46 -7.67 -6.78 -27.18
C PRO D 46 -7.94 -5.73 -28.28
N PHE D 47 -7.18 -4.62 -28.22
CA PHE D 47 -7.16 -3.46 -29.11
C PHE D 47 -5.71 -3.19 -29.53
N PRO D 48 -5.48 -2.79 -30.78
CA PRO D 48 -4.08 -2.67 -31.25
C PRO D 48 -3.31 -1.58 -30.52
N PHE D 49 -2.04 -1.86 -30.23
CA PHE D 49 -1.11 -0.83 -29.79
C PHE D 49 -0.38 -0.26 -31.00
N VAL D 50 -0.25 1.06 -31.01
CA VAL D 50 0.38 1.80 -32.09
C VAL D 50 1.58 2.52 -31.52
N PHE D 51 2.78 2.07 -31.87
CA PHE D 51 3.94 2.88 -31.57
C PHE D 51 3.84 4.22 -32.30
N LYS D 52 4.17 5.30 -31.58
CA LYS D 52 3.87 6.65 -32.03
C LYS D 52 5.09 7.57 -32.11
N SER D 53 6.30 7.01 -32.14
CA SER D 53 7.58 7.73 -32.20
C SER D 53 8.14 7.96 -30.81
N VAL D 54 9.45 8.15 -30.75
CA VAL D 54 10.10 8.64 -29.54
C VAL D 54 9.99 10.15 -29.54
N VAL D 55 9.45 10.70 -28.47
CA VAL D 55 9.28 12.13 -28.32
C VAL D 55 10.43 12.64 -27.46
N THR D 56 11.03 13.76 -27.85
CA THR D 56 12.24 14.22 -27.20
C THR D 56 12.28 15.71 -26.98
N THR D 57 11.27 16.43 -27.45
CA THR D 57 11.20 17.87 -27.36
C THR D 57 9.84 18.21 -26.77
N PRO D 58 9.71 19.37 -26.13
CA PRO D 58 8.35 19.81 -25.74
C PRO D 58 7.36 19.70 -26.88
N GLU D 59 7.80 20.11 -28.07
CA GLU D 59 6.91 20.26 -29.21
C GLU D 59 6.51 18.91 -29.79
N GLU D 60 7.46 17.96 -29.85
CA GLU D 60 7.10 16.59 -30.20
C GLU D 60 6.12 16.01 -29.17
N ILE D 61 6.37 16.28 -27.88
CA ILE D 61 5.48 15.81 -26.82
C ILE D 61 4.11 16.45 -26.94
N ARG D 62 4.08 17.76 -27.10
CA ARG D 62 2.80 18.44 -27.26
C ARG D 62 2.06 17.95 -28.51
N ARG D 63 2.81 17.68 -29.58
CA ARG D 63 2.19 17.24 -30.83
C ARG D 63 1.42 15.95 -30.63
N VAL D 64 2.08 14.91 -30.12
CA VAL D 64 1.42 13.61 -30.05
C VAL D 64 0.19 13.68 -29.18
N CYS D 65 0.19 14.57 -28.18
CA CYS D 65 -0.96 14.72 -27.29
C CYS D 65 -2.13 15.35 -28.00
N LEU D 66 -1.91 16.52 -28.60
CA LEU D 66 -2.90 17.10 -29.48
C LEU D 66 -3.39 16.07 -30.50
N GLU D 67 -2.48 15.22 -30.99
CA GLU D 67 -2.89 14.19 -31.93
C GLU D 67 -3.76 13.15 -31.23
N ALA D 68 -3.35 12.77 -30.02
CA ALA D 68 -4.17 11.86 -29.22
C ALA D 68 -5.52 12.48 -28.89
N ASN D 69 -5.53 13.76 -28.53
CA ASN D 69 -6.79 14.36 -28.14
C ASN D 69 -7.80 14.29 -29.26
N ALA D 70 -7.36 14.49 -30.49
CA ALA D 70 -8.26 14.58 -31.63
C ALA D 70 -8.51 13.25 -32.32
N SER D 71 -7.70 12.23 -32.07
CA SER D 71 -7.90 10.94 -32.73
C SER D 71 -9.02 10.20 -32.03
N GLU D 72 -10.22 10.19 -32.65
CA GLU D 72 -11.31 9.52 -31.97
C GLU D 72 -11.14 8.02 -31.94
N GLN D 73 -10.13 7.48 -32.62
CA GLN D 73 -9.71 6.11 -32.42
C GLN D 73 -8.80 5.94 -31.21
N CYS D 74 -8.12 7.00 -30.78
CA CYS D 74 -7.22 6.88 -29.63
C CYS D 74 -8.06 6.83 -28.36
N ALA D 75 -8.09 5.66 -27.74
CA ALA D 75 -8.79 5.46 -26.48
C ALA D 75 -7.88 5.63 -25.27
N GLY D 76 -6.56 5.57 -25.45
CA GLY D 76 -5.64 5.82 -24.35
C GLY D 76 -4.25 6.09 -24.88
N VAL D 77 -3.45 6.76 -24.06
CA VAL D 77 -2.03 6.99 -24.34
C VAL D 77 -1.22 6.18 -23.36
N VAL D 78 -0.24 5.44 -23.84
CA VAL D 78 0.66 4.68 -22.98
C VAL D 78 2.05 5.29 -23.12
N THR D 79 2.58 5.83 -22.03
CA THR D 79 3.84 6.56 -22.05
C THR D 79 4.89 5.80 -21.26
N TRP D 80 6.12 5.87 -21.74
CA TRP D 80 7.21 5.15 -21.10
C TRP D 80 8.46 5.97 -21.25
N MET D 81 9.13 6.27 -20.15
CA MET D 81 10.39 6.99 -20.24
C MET D 81 11.48 5.94 -20.41
N HIS D 82 11.89 5.73 -21.65
CA HIS D 82 12.99 4.80 -21.88
C HIS D 82 14.27 5.32 -21.26
N THR D 83 14.54 6.61 -21.44
CA THR D 83 15.66 7.28 -20.81
C THR D 83 15.13 8.36 -19.90
N PHE D 84 16.05 9.08 -19.27
CA PHE D 84 15.67 10.32 -18.65
C PHE D 84 15.04 11.16 -19.72
N SER D 85 13.91 11.78 -19.41
CA SER D 85 13.16 12.55 -20.39
C SER D 85 12.67 13.77 -19.66
N PRO D 86 13.53 14.74 -19.47
CA PRO D 86 13.28 15.90 -18.60
C PRO D 86 11.83 16.38 -18.57
N ALA D 87 11.21 16.35 -17.39
CA ALA D 87 9.75 16.29 -17.32
C ALA D 87 9.06 17.61 -17.67
N LYS D 88 9.68 18.77 -17.42
CA LYS D 88 9.05 20.01 -17.89
C LYS D 88 8.76 19.97 -19.38
N MET D 89 9.59 19.26 -20.14
CA MET D 89 9.31 19.05 -21.55
C MET D 89 7.91 18.51 -21.74
N TRP D 90 7.42 17.74 -20.76
CA TRP D 90 6.15 17.05 -20.86
C TRP D 90 4.95 17.88 -20.42
N ILE D 91 5.18 19.03 -19.77
CA ILE D 91 4.08 19.79 -19.19
C ILE D 91 3.03 20.14 -20.24
N GLY D 92 3.44 20.86 -21.28
CA GLY D 92 2.48 21.39 -22.23
C GLY D 92 1.69 20.31 -22.96
N GLY D 93 2.27 19.13 -23.09
CA GLY D 93 1.56 18.00 -23.66
C GLY D 93 0.66 17.32 -22.65
N LEU D 94 1.15 17.11 -21.42
CA LEU D 94 0.30 16.55 -20.38
C LEU D 94 -0.86 17.46 -20.03
N LEU D 95 -0.65 18.78 -20.12
CA LEU D 95 -1.75 19.72 -19.90
C LEU D 95 -2.82 19.57 -20.97
N GLU D 96 -2.42 19.33 -22.22
CA GLU D 96 -3.40 19.16 -23.28
C GLU D 96 -4.12 17.83 -23.19
N LEU D 97 -3.45 16.79 -22.73
CA LEU D 97 -3.97 15.43 -22.85
C LEU D 97 -5.30 15.26 -22.12
N ARG D 98 -6.31 14.76 -22.83
CA ARG D 98 -7.64 14.53 -22.27
C ARG D 98 -8.13 13.11 -22.56
N LYS D 99 -7.22 12.22 -22.94
CA LYS D 99 -7.43 10.79 -23.11
C LYS D 99 -6.78 10.05 -21.96
N PRO D 100 -7.32 8.91 -21.55
CA PRO D 100 -6.71 8.17 -20.45
C PRO D 100 -5.21 7.96 -20.66
N LEU D 101 -4.43 8.31 -19.65
CA LEU D 101 -3.00 8.12 -19.65
C LEU D 101 -2.65 6.88 -18.82
N LEU D 102 -1.98 5.93 -19.42
CA LEU D 102 -1.34 4.86 -18.69
C LEU D 102 0.14 5.16 -18.72
N HIS D 103 0.74 5.26 -17.55
CA HIS D 103 2.17 5.36 -17.39
C HIS D 103 2.69 3.94 -17.19
N LEU D 104 3.26 3.36 -18.25
CA LEU D 104 3.80 2.01 -18.17
C LEU D 104 5.26 2.15 -17.80
N HIS D 105 5.54 1.93 -16.52
CA HIS D 105 6.88 2.07 -15.99
C HIS D 105 7.53 0.71 -16.16
N THR D 106 8.33 0.58 -17.20
CA THR D 106 8.88 -0.71 -17.60
C THR D 106 10.34 -0.52 -18.02
N GLN D 107 10.85 -1.45 -18.81
CA GLN D 107 12.26 -1.52 -19.12
C GLN D 107 12.42 -2.63 -20.16
N PHE D 108 13.35 -2.47 -21.10
CA PHE D 108 13.38 -3.35 -22.25
C PHE D 108 13.94 -4.72 -21.91
N ASN D 109 15.19 -4.78 -21.49
CA ASN D 109 15.69 -6.01 -20.94
C ASN D 109 14.89 -6.36 -19.70
N ARG D 110 14.90 -7.64 -19.34
CA ARG D 110 14.33 -7.99 -18.05
C ARG D 110 15.35 -7.91 -16.92
N ASP D 111 16.56 -8.39 -17.19
CA ASP D 111 17.58 -8.59 -16.17
C ASP D 111 18.70 -7.57 -16.34
N ILE D 112 19.46 -7.39 -15.27
CA ILE D 112 20.70 -6.61 -15.30
C ILE D 112 21.78 -7.51 -15.90
N PRO D 113 22.31 -7.19 -17.06
CA PRO D 113 23.35 -8.03 -17.65
C PRO D 113 24.65 -7.83 -16.89
N TRP D 114 24.84 -8.60 -15.80
CA TRP D 114 25.86 -8.26 -14.83
C TRP D 114 27.24 -8.21 -15.48
N ASP D 115 27.58 -9.23 -16.27
CA ASP D 115 28.91 -9.32 -16.85
C ASP D 115 29.21 -8.13 -17.74
N SER D 116 28.18 -7.58 -18.39
CA SER D 116 28.39 -6.61 -19.44
C SER D 116 28.09 -5.17 -19.02
N ILE D 117 27.27 -4.95 -17.99
CA ILE D 117 26.61 -3.65 -17.83
C ILE D 117 27.64 -2.54 -17.66
N ASP D 118 27.61 -1.57 -18.57
CA ASP D 118 28.55 -0.46 -18.60
C ASP D 118 27.76 0.85 -18.68
N MET D 119 28.50 1.96 -18.60
CA MET D 119 27.85 3.27 -18.61
C MET D 119 26.99 3.48 -19.85
N ASP D 120 27.39 2.92 -20.98
CA ASP D 120 26.55 3.09 -22.16
C ASP D 120 25.24 2.36 -22.02
N PHE D 121 25.18 1.32 -21.17
CA PHE D 121 23.91 0.68 -20.88
C PHE D 121 23.08 1.55 -19.95
N MET D 122 23.69 2.08 -18.88
CA MET D 122 22.93 2.87 -17.90
C MET D 122 22.61 4.26 -18.38
N ASN D 123 23.26 4.71 -19.44
CA ASN D 123 22.77 5.86 -20.17
C ASN D 123 21.45 5.54 -20.87
N LEU D 124 21.32 4.32 -21.42
CA LEU D 124 20.21 3.98 -22.29
C LEU D 124 19.01 3.37 -21.55
N ASN D 125 19.24 2.43 -20.66
CA ASN D 125 18.15 1.71 -20.01
C ASN D 125 17.89 2.28 -18.62
N GLN D 126 17.53 3.56 -18.60
CA GLN D 126 17.32 4.31 -17.37
C GLN D 126 15.87 4.71 -17.15
N SER D 127 14.92 3.83 -17.51
CA SER D 127 13.53 4.03 -17.09
C SER D 127 13.47 4.19 -15.59
N ALA D 128 14.21 3.36 -14.87
CA ALA D 128 14.32 3.39 -13.42
C ALA D 128 14.21 4.82 -12.87
N HIS D 129 14.93 5.78 -13.46
CA HIS D 129 14.76 7.14 -12.98
C HIS D 129 14.02 8.07 -13.92
N GLY D 130 14.10 7.86 -15.24
CA GLY D 130 13.31 8.69 -16.14
C GLY D 130 11.82 8.57 -15.88
N ASP D 131 11.34 7.36 -15.60
CA ASP D 131 9.92 7.16 -15.27
C ASP D 131 9.57 7.76 -13.93
N ARG D 132 10.52 7.78 -13.00
CA ARG D 132 10.27 8.43 -11.72
C ARG D 132 10.15 9.94 -11.90
N GLU D 133 10.94 10.53 -12.78
CA GLU D 133 10.86 11.95 -13.04
C GLU D 133 9.58 12.29 -13.80
N PHE D 134 9.19 11.44 -14.74
CA PHE D 134 7.86 11.62 -15.33
C PHE D 134 6.79 11.38 -14.27
N GLY D 135 7.03 10.40 -13.41
CA GLY D 135 6.14 10.22 -12.28
C GLY D 135 5.86 11.51 -11.57
N PHE D 136 6.92 12.23 -11.17
CA PHE D 136 6.75 13.48 -10.43
C PHE D 136 5.90 14.46 -11.21
N MET D 137 6.19 14.66 -12.50
CA MET D 137 5.47 15.70 -13.22
C MET D 137 3.98 15.40 -13.38
N VAL D 138 3.58 14.13 -13.55
CA VAL D 138 2.16 13.85 -13.67
C VAL D 138 1.49 14.04 -12.33
N THR D 139 2.08 13.51 -11.27
CA THR D 139 1.57 13.78 -9.93
C THR D 139 1.50 15.27 -9.67
N ARG D 140 2.59 15.98 -10.01
CA ARG D 140 2.67 17.40 -9.75
C ARG D 140 1.60 18.17 -10.52
N LEU D 141 1.11 17.60 -11.62
CA LEU D 141 0.04 18.21 -12.39
C LEU D 141 -1.33 17.80 -11.92
N GLY D 142 -1.41 16.92 -10.92
CA GLY D 142 -2.69 16.40 -10.50
C GLY D 142 -3.33 15.50 -11.53
N MET D 143 -2.52 14.81 -12.31
CA MET D 143 -3.33 14.18 -13.33
C MET D 143 -3.68 12.76 -12.92
N PRO D 144 -4.92 12.34 -13.17
CA PRO D 144 -5.23 10.93 -13.05
C PRO D 144 -4.43 10.15 -14.07
N ARG D 145 -3.79 9.09 -13.62
CA ARG D 145 -3.27 8.14 -14.58
C ARG D 145 -3.12 6.81 -13.87
N LYS D 146 -3.13 5.75 -14.69
CA LYS D 146 -2.75 4.45 -14.19
C LYS D 146 -1.23 4.40 -14.20
N VAL D 147 -0.69 3.64 -13.27
CA VAL D 147 0.72 3.31 -13.31
C VAL D 147 0.82 1.80 -13.15
N ILE D 148 1.47 1.17 -14.11
CA ILE D 148 1.75 -0.26 -14.08
C ILE D 148 3.26 -0.42 -14.15
N VAL D 149 3.81 -1.20 -13.22
CA VAL D 149 5.25 -1.35 -13.11
C VAL D 149 5.59 -2.80 -13.41
N GLY D 150 6.59 -3.01 -14.25
CA GLY D 150 7.07 -4.36 -14.49
C GLY D 150 7.66 -4.50 -15.88
N HIS D 151 8.31 -5.64 -16.09
CA HIS D 151 8.85 -5.91 -17.40
C HIS D 151 7.74 -5.97 -18.42
N TRP D 152 8.05 -5.55 -19.64
CA TRP D 152 6.98 -5.38 -20.63
C TRP D 152 6.45 -6.72 -21.14
N GLN D 153 7.15 -7.83 -20.87
CA GLN D 153 6.74 -9.17 -21.27
C GLN D 153 6.12 -9.95 -20.14
N ASP D 154 6.35 -9.52 -18.90
CA ASP D 154 5.73 -10.07 -17.72
C ASP D 154 4.23 -10.28 -17.93
N ALA D 155 3.76 -11.49 -17.59
CA ALA D 155 2.36 -11.83 -17.79
C ALA D 155 1.45 -10.93 -16.97
N GLU D 156 1.88 -10.58 -15.76
CA GLU D 156 1.00 -9.77 -14.93
C GLU D 156 0.86 -8.36 -15.47
N VAL D 157 1.98 -7.78 -15.92
CA VAL D 157 1.93 -6.47 -16.58
C VAL D 157 0.86 -6.48 -17.65
N ALA D 158 0.82 -7.57 -18.44
CA ALA D 158 -0.14 -7.69 -19.53
C ALA D 158 -1.57 -7.74 -19.01
N ARG D 159 -1.85 -8.56 -17.99
CA ARG D 159 -3.21 -8.62 -17.45
C ARG D 159 -3.67 -7.24 -17.03
N ARG D 160 -2.75 -6.46 -16.46
CA ARG D 160 -3.16 -5.16 -15.94
C ARG D 160 -3.36 -4.16 -17.06
N VAL D 161 -2.53 -4.21 -18.11
CA VAL D 161 -2.78 -3.32 -19.24
C VAL D 161 -4.07 -3.70 -19.94
N ARG D 162 -4.26 -4.99 -20.21
CA ARG D 162 -5.51 -5.44 -20.80
C ARG D 162 -6.71 -4.93 -20.00
N GLY D 163 -6.64 -5.03 -18.67
CA GLY D 163 -7.72 -4.49 -17.86
C GLY D 163 -7.89 -2.99 -18.07
N TRP D 164 -6.80 -2.24 -17.94
CA TRP D 164 -6.87 -0.81 -18.15
C TRP D 164 -7.29 -0.47 -19.56
N ALA D 165 -6.90 -1.30 -20.55
CA ALA D 165 -7.32 -1.04 -21.92
C ALA D 165 -8.83 -1.12 -22.05
N MET D 166 -9.47 -2.05 -21.31
CA MET D 166 -10.92 -2.15 -21.34
C MET D 166 -11.57 -0.90 -20.73
N THR D 167 -11.06 -0.45 -19.58
CA THR D 167 -11.58 0.78 -18.99
C THR D 167 -11.41 1.97 -19.93
N ALA D 168 -10.27 2.04 -20.62
CA ALA D 168 -10.05 3.18 -21.52
C ALA D 168 -11.02 3.14 -22.70
N VAL D 169 -11.31 1.95 -23.22
CA VAL D 169 -12.27 1.83 -24.30
C VAL D 169 -13.66 2.24 -23.80
N ALA D 170 -14.05 1.73 -22.63
CA ALA D 170 -15.30 2.18 -22.03
C ALA D 170 -15.29 3.70 -21.84
N ALA D 171 -14.14 4.27 -21.47
CA ALA D 171 -14.08 5.73 -21.30
C ALA D 171 -14.34 6.45 -22.62
N ALA D 172 -13.80 5.92 -23.73
CA ALA D 172 -14.10 6.50 -25.04
C ALA D 172 -15.57 6.32 -25.41
N VAL D 173 -16.14 5.14 -25.13
CA VAL D 173 -17.57 4.98 -25.30
C VAL D 173 -18.32 6.01 -24.46
N SER D 174 -17.89 6.20 -23.21
CA SER D 174 -18.52 7.21 -22.36
C SER D 174 -18.55 8.57 -23.04
N ARG D 175 -17.43 8.97 -23.67
CA ARG D 175 -17.36 10.29 -24.30
C ARG D 175 -18.29 10.41 -25.51
N GLY D 176 -18.45 9.35 -26.29
CA GLY D 176 -19.51 9.36 -27.29
C GLY D 176 -20.90 9.27 -26.68
N LEU D 177 -21.06 8.40 -25.67
CA LEU D 177 -22.34 7.85 -25.21
C LEU D 177 -23.51 8.83 -25.29
N LYS D 178 -24.55 8.41 -26.00
CA LYS D 178 -25.78 9.17 -26.14
C LYS D 178 -26.92 8.32 -25.58
N VAL D 179 -27.72 8.91 -24.70
CA VAL D 179 -28.76 8.19 -23.95
C VAL D 179 -30.11 8.81 -24.25
N ALA D 180 -31.08 7.97 -24.58
CA ALA D 180 -32.43 8.42 -24.89
C ALA D 180 -33.34 8.04 -23.75
N ARG D 181 -34.07 9.02 -23.22
CA ARG D 181 -34.99 8.82 -22.11
C ARG D 181 -36.40 8.93 -22.64
N PHE D 182 -37.12 7.80 -22.65
CA PHE D 182 -38.52 7.77 -23.04
C PHE D 182 -39.35 7.94 -21.78
N GLY D 183 -39.72 9.19 -21.49
CA GLY D 183 -40.34 9.54 -20.23
C GLY D 183 -39.34 10.09 -19.23
N ASP D 184 -39.86 10.79 -18.23
CA ASP D 184 -39.07 11.39 -17.15
C ASP D 184 -38.68 10.34 -16.12
N ASN D 185 -38.21 10.81 -14.98
CA ASN D 185 -37.94 9.91 -13.87
C ASN D 185 -39.25 9.40 -13.30
N MET D 186 -39.24 8.18 -12.78
CA MET D 186 -40.39 7.77 -12.00
C MET D 186 -40.63 8.78 -10.88
N ARG D 187 -41.84 8.80 -10.37
CA ARG D 187 -42.29 9.97 -9.66
C ARG D 187 -41.96 9.95 -8.16
N GLN D 188 -41.40 11.08 -7.71
CA GLN D 188 -40.89 11.32 -6.37
C GLN D 188 -39.72 10.41 -6.02
N VAL D 189 -39.07 9.83 -7.02
CA VAL D 189 -37.90 8.98 -6.81
C VAL D 189 -36.65 9.84 -6.83
N ALA D 190 -35.76 9.59 -5.86
CA ALA D 190 -34.61 10.48 -5.60
C ALA D 190 -33.35 10.04 -6.33
N VAL D 191 -32.94 8.78 -6.15
CA VAL D 191 -31.61 8.36 -6.56
C VAL D 191 -31.45 8.39 -8.08
N THR D 192 -32.52 8.13 -8.82
CA THR D 192 -32.45 8.14 -10.28
C THR D 192 -32.41 9.54 -10.83
N GLU D 193 -32.50 10.54 -9.96
CA GLU D 193 -32.39 11.91 -10.41
C GLU D 193 -30.93 12.35 -10.31
N GLY D 194 -30.65 13.48 -10.92
CA GLY D 194 -29.29 14.00 -10.90
C GLY D 194 -29.19 15.13 -11.89
N ASP D 195 -27.98 15.47 -12.22
CA ASP D 195 -27.71 16.60 -13.08
C ASP D 195 -27.15 16.05 -14.38
N LYS D 196 -27.95 16.07 -15.42
CA LYS D 196 -27.50 15.61 -16.74
C LYS D 196 -26.36 16.47 -17.26
N VAL D 197 -26.44 17.80 -17.06
CA VAL D 197 -25.34 18.69 -17.43
C VAL D 197 -24.02 18.22 -16.83
N GLU D 198 -23.95 18.13 -15.49
CA GLU D 198 -22.71 17.72 -14.83
C GLU D 198 -22.23 16.37 -15.34
N ALA D 199 -23.15 15.41 -15.43
CA ALA D 199 -22.79 14.10 -15.96
C ALA D 199 -22.27 14.21 -17.37
N GLU D 200 -22.71 15.23 -18.12
CA GLU D 200 -22.13 15.39 -19.45
C GLU D 200 -20.71 15.92 -19.34
N ALA D 201 -20.47 16.85 -18.42
CA ALA D 201 -19.14 17.42 -18.23
C ALA D 201 -18.17 16.40 -17.63
N ARG D 202 -18.65 15.50 -16.77
CA ARG D 202 -17.74 14.56 -16.13
C ARG D 202 -17.54 13.26 -16.90
N PHE D 203 -18.60 12.74 -17.51
CA PHE D 203 -18.52 11.45 -18.20
C PHE D 203 -18.66 11.56 -19.70
N GLY D 204 -19.12 12.70 -20.22
CA GLY D 204 -19.34 12.86 -21.63
C GLY D 204 -20.67 12.31 -22.09
N TRP D 205 -21.59 12.06 -21.16
CA TRP D 205 -22.88 11.46 -21.46
C TRP D 205 -23.88 12.50 -21.97
N SER D 206 -24.49 12.24 -23.13
CA SER D 206 -25.55 13.11 -23.66
C SER D 206 -26.91 12.50 -23.34
N VAL D 207 -27.53 12.99 -22.29
CA VAL D 207 -28.76 12.40 -21.79
C VAL D 207 -29.90 13.28 -22.26
N ASN D 208 -30.78 12.73 -23.10
CA ASN D 208 -31.83 13.52 -23.71
C ASN D 208 -33.14 12.77 -23.70
N GLY D 209 -34.18 13.50 -23.35
CA GLY D 209 -35.48 12.93 -23.10
C GLY D 209 -36.38 13.10 -24.31
N TYR D 210 -36.85 11.98 -24.82
CA TYR D 210 -37.86 11.96 -25.85
C TYR D 210 -39.16 11.50 -25.23
N GLY D 211 -40.24 12.26 -25.44
CA GLY D 211 -41.54 11.78 -25.03
C GLY D 211 -41.86 10.45 -25.69
N VAL D 212 -42.49 9.55 -24.92
CA VAL D 212 -42.71 8.19 -25.39
C VAL D 212 -43.62 8.14 -26.62
N GLY D 213 -44.32 9.24 -26.92
CA GLY D 213 -45.03 9.31 -28.19
C GLY D 213 -44.12 9.05 -29.37
N ASP D 214 -42.88 9.57 -29.33
CA ASP D 214 -41.92 9.34 -30.41
C ASP D 214 -41.62 7.85 -30.58
N LEU D 215 -41.41 7.13 -29.47
CA LEU D 215 -41.13 5.71 -29.59
C LEU D 215 -42.38 4.93 -29.90
N ALA D 216 -43.54 5.45 -29.51
CA ALA D 216 -44.81 4.82 -29.86
C ALA D 216 -45.09 4.94 -31.35
N GLU D 217 -44.68 6.04 -31.99
CA GLU D 217 -44.89 6.12 -33.41
C GLU D 217 -43.97 5.19 -34.18
N ARG D 218 -42.75 4.95 -33.70
CA ARG D 218 -41.84 4.15 -34.50
C ARG D 218 -42.14 2.66 -34.45
N VAL D 219 -42.92 2.20 -33.46
CA VAL D 219 -43.34 0.79 -33.42
C VAL D 219 -44.65 0.58 -34.16
N ARG D 220 -45.39 1.64 -34.48
CA ARG D 220 -46.38 1.55 -35.55
C ARG D 220 -45.66 1.50 -36.90
N ALA D 221 -44.74 0.54 -37.02
CA ALA D 221 -44.06 0.18 -38.25
C ALA D 221 -43.49 -1.21 -38.03
N VAL D 222 -43.23 -1.91 -39.15
CA VAL D 222 -43.20 -3.36 -39.14
C VAL D 222 -41.97 -3.91 -39.85
N SER D 223 -41.85 -5.25 -39.79
CA SER D 223 -41.10 -6.04 -40.75
C SER D 223 -41.82 -7.35 -41.08
N GLU D 224 -42.99 -7.61 -40.53
CA GLU D 224 -43.83 -8.66 -41.08
C GLU D 224 -44.35 -8.21 -42.43
N ASP D 228 -41.85 -9.73 -37.33
CA ASP D 228 -42.18 -11.13 -37.71
C ASP D 228 -40.99 -12.03 -37.99
N ARG D 229 -40.16 -11.61 -38.95
CA ARG D 229 -38.82 -12.20 -39.07
C ARG D 229 -38.16 -12.29 -37.70
N LEU D 230 -38.46 -11.34 -36.81
CA LEU D 230 -37.93 -11.36 -35.46
C LEU D 230 -38.32 -12.64 -34.72
N ILE D 231 -39.58 -13.09 -34.86
CA ILE D 231 -40.01 -14.24 -34.08
C ILE D 231 -39.33 -15.51 -34.55
N ASP D 232 -39.02 -15.60 -35.85
CA ASP D 232 -38.24 -16.74 -36.34
C ASP D 232 -37.01 -16.97 -35.48
N GLU D 233 -36.27 -15.90 -35.19
CA GLU D 233 -35.09 -16.06 -34.38
C GLU D 233 -35.37 -16.09 -32.88
N TYR D 234 -36.53 -15.60 -32.41
CA TYR D 234 -36.91 -15.83 -31.01
C TYR D 234 -36.87 -17.32 -30.70
N GLN D 235 -37.47 -18.13 -31.57
CA GLN D 235 -37.43 -19.59 -31.39
C GLN D 235 -36.06 -20.16 -31.72
N SER D 236 -35.29 -19.45 -32.56
CA SER D 236 -33.89 -19.81 -32.77
C SER D 236 -33.05 -19.67 -31.51
N LEU D 237 -33.53 -18.92 -30.51
CA LEU D 237 -32.79 -18.67 -29.28
C LEU D 237 -33.48 -19.20 -28.03
N TYR D 238 -34.76 -18.88 -27.82
CA TYR D 238 -35.41 -18.99 -26.52
C TYR D 238 -36.50 -20.06 -26.52
N GLU D 239 -36.56 -20.85 -25.44
CA GLU D 239 -37.73 -21.67 -25.17
C GLU D 239 -38.97 -20.79 -25.16
N PHE D 240 -40.11 -21.40 -25.41
CA PHE D 240 -41.37 -20.67 -25.33
C PHE D 240 -42.26 -21.33 -24.29
N ALA D 241 -43.30 -20.64 -23.94
CA ALA D 241 -44.25 -21.22 -23.02
C ALA D 241 -45.59 -21.32 -23.72
N PRO D 242 -46.56 -22.05 -23.16
CA PRO D 242 -47.94 -21.96 -23.64
C PRO D 242 -48.39 -20.50 -23.72
N GLY D 243 -48.56 -20.01 -24.94
CA GLY D 243 -48.55 -18.60 -25.27
C GLY D 243 -47.54 -18.42 -26.39
N CYS D 244 -47.10 -19.58 -26.90
CA CYS D 244 -46.10 -19.81 -27.96
C CYS D 244 -46.42 -19.12 -29.28
N GLU D 245 -46.39 -19.90 -30.37
CA GLU D 245 -46.62 -19.35 -31.71
C GLU D 245 -48.11 -19.30 -32.06
N LYS D 246 -48.70 -20.48 -32.28
CA LYS D 246 -50.15 -20.60 -32.32
C LYS D 246 -50.69 -19.83 -31.12
N GLY D 247 -50.37 -20.34 -29.93
CA GLY D 247 -50.56 -19.67 -28.65
C GLY D 247 -51.63 -18.60 -28.63
N GLY D 248 -52.78 -18.93 -29.23
CA GLY D 248 -53.93 -18.07 -29.31
C GLY D 248 -54.07 -17.10 -28.17
N PRO D 249 -53.92 -17.60 -26.92
CA PRO D 249 -53.89 -16.69 -25.77
C PRO D 249 -52.89 -15.55 -25.91
N LEU D 250 -51.59 -15.85 -25.93
CA LEU D 250 -50.58 -14.88 -25.54
C LEU D 250 -49.59 -14.48 -26.61
N HIS D 251 -49.73 -14.94 -27.85
CA HIS D 251 -48.66 -14.69 -28.81
C HIS D 251 -48.57 -13.21 -29.17
N ASP D 252 -49.70 -12.50 -29.28
CA ASP D 252 -49.58 -11.06 -29.50
C ASP D 252 -48.89 -10.36 -28.34
N GLY D 253 -48.76 -11.03 -27.19
CA GLY D 253 -47.81 -10.54 -26.21
C GLY D 253 -46.40 -10.47 -26.76
N VAL D 254 -45.93 -11.58 -27.33
CA VAL D 254 -44.58 -11.64 -27.88
C VAL D 254 -44.46 -10.86 -29.17
N ARG D 255 -45.51 -10.86 -30.00
CA ARG D 255 -45.51 -10.03 -31.19
C ARG D 255 -45.58 -8.54 -30.87
N GLU D 256 -45.90 -8.18 -29.62
CA GLU D 256 -45.88 -6.78 -29.23
C GLU D 256 -44.53 -6.36 -28.67
N GLN D 257 -43.85 -7.26 -27.95
CA GLN D 257 -42.47 -6.98 -27.56
C GLN D 257 -41.56 -6.95 -28.76
N ALA D 258 -41.69 -7.94 -29.64
CA ALA D 258 -40.98 -7.93 -30.92
C ALA D 258 -41.27 -6.65 -31.70
N ARG D 259 -42.51 -6.19 -31.67
CA ARG D 259 -42.81 -4.88 -32.23
C ARG D 259 -42.03 -3.80 -31.50
N ILE D 260 -42.10 -3.77 -30.16
CA ILE D 260 -41.39 -2.76 -29.38
C ILE D 260 -39.89 -2.82 -29.66
N GLU D 261 -39.34 -4.05 -29.83
CA GLU D 261 -37.91 -4.22 -30.04
C GLU D 261 -37.44 -3.53 -31.32
N LEU D 262 -38.21 -3.64 -32.40
CA LEU D 262 -37.77 -3.12 -33.70
C LEU D 262 -37.94 -1.61 -33.81
N GLY D 263 -38.93 -1.04 -33.14
CA GLY D 263 -39.07 0.40 -33.11
C GLY D 263 -38.05 1.05 -32.19
N LEU D 264 -37.79 0.41 -31.04
CA LEU D 264 -36.69 0.82 -30.18
C LEU D 264 -35.37 0.79 -30.93
N ARG D 265 -35.02 -0.36 -31.51
CA ARG D 265 -33.79 -0.47 -32.28
C ARG D 265 -33.74 0.56 -33.41
N SER D 266 -34.87 0.78 -34.08
CA SER D 266 -34.90 1.79 -35.14
C SER D 266 -34.69 3.18 -34.56
N PHE D 267 -35.29 3.47 -33.41
CA PHE D 267 -35.05 4.77 -32.78
C PHE D 267 -33.62 4.88 -32.28
N LEU D 268 -33.10 3.82 -31.66
CA LEU D 268 -31.77 3.89 -31.06
C LEU D 268 -30.69 3.95 -32.12
N GLU D 269 -30.77 3.10 -33.15
CA GLU D 269 -29.77 3.14 -34.21
C GLU D 269 -29.85 4.43 -35.01
N GLU D 270 -31.05 5.01 -35.15
CA GLU D 270 -31.18 6.27 -35.87
C GLU D 270 -30.40 7.38 -35.17
N GLY D 271 -30.60 7.53 -33.85
CA GLY D 271 -30.01 8.62 -33.13
C GLY D 271 -28.62 8.39 -32.57
N GLY D 272 -28.09 7.18 -32.70
CA GLY D 272 -26.77 6.87 -32.18
C GLY D 272 -26.73 6.54 -30.71
N PHE D 273 -27.85 6.12 -30.14
CA PHE D 273 -27.95 5.88 -28.70
C PHE D 273 -27.44 4.49 -28.37
N GLU D 274 -26.51 4.40 -27.44
CA GLU D 274 -26.08 3.12 -26.91
C GLU D 274 -26.71 2.84 -25.57
N ALA D 275 -27.66 3.67 -25.14
CA ALA D 275 -28.35 3.49 -23.87
C ALA D 275 -29.68 4.23 -23.89
N PHE D 276 -30.63 3.69 -23.16
CA PHE D 276 -31.96 4.27 -23.10
C PHE D 276 -32.60 3.89 -21.78
N THR D 277 -33.68 4.60 -21.48
CA THR D 277 -34.49 4.34 -20.30
C THR D 277 -35.96 4.42 -20.68
N THR D 278 -36.74 3.53 -20.08
CA THR D 278 -38.19 3.60 -20.13
C THR D 278 -38.71 3.90 -18.73
N THR D 279 -39.83 4.63 -18.66
CA THR D 279 -40.59 4.76 -17.43
C THR D 279 -41.96 4.13 -17.61
N PHE D 280 -42.40 3.36 -16.62
CA PHE D 280 -43.71 2.71 -16.70
C PHE D 280 -44.87 3.67 -16.46
N GLU D 281 -44.60 4.90 -16.03
CA GLU D 281 -45.63 5.90 -15.76
C GLU D 281 -46.00 6.73 -16.99
N ASP D 282 -45.25 6.60 -18.08
CA ASP D 282 -45.57 7.22 -19.38
C ASP D 282 -45.52 6.09 -20.40
N LEU D 283 -46.68 5.57 -20.79
CA LEU D 283 -46.75 4.51 -21.78
C LEU D 283 -47.89 4.77 -22.77
N HIS D 284 -48.08 6.05 -23.12
CA HIS D 284 -49.14 6.48 -24.04
C HIS D 284 -48.79 6.09 -25.47
N GLY D 285 -49.54 5.13 -26.02
CA GLY D 285 -49.25 4.58 -27.32
C GLY D 285 -48.50 3.26 -27.30
N MET D 286 -48.10 2.79 -26.11
CA MET D 286 -47.45 1.50 -25.96
C MET D 286 -48.48 0.50 -25.46
N LYS D 287 -48.66 -0.60 -26.18
CA LYS D 287 -49.53 -1.63 -25.66
C LYS D 287 -48.88 -2.37 -24.49
N GLN D 288 -47.55 -2.37 -24.41
CA GLN D 288 -46.83 -3.07 -23.34
C GLN D 288 -45.65 -2.22 -22.89
N LEU D 289 -45.50 -2.08 -21.58
CA LEU D 289 -44.22 -1.62 -21.05
C LEU D 289 -43.11 -2.49 -21.62
N PRO D 290 -42.06 -1.92 -22.18
CA PRO D 290 -41.03 -2.74 -22.82
C PRO D 290 -40.37 -3.67 -21.81
N GLY D 291 -40.08 -4.89 -22.26
CA GLY D 291 -39.58 -5.93 -21.39
C GLY D 291 -38.69 -6.93 -22.10
N LEU D 292 -39.29 -7.83 -22.87
CA LEU D 292 -38.49 -8.73 -23.70
C LEU D 292 -37.72 -7.95 -24.76
N ALA D 293 -38.32 -6.87 -25.26
CA ALA D 293 -37.62 -5.99 -26.19
C ALA D 293 -36.34 -5.42 -25.57
N VAL D 294 -36.47 -4.90 -24.33
CA VAL D 294 -35.35 -4.25 -23.65
C VAL D 294 -34.26 -5.26 -23.29
N GLN D 295 -34.65 -6.42 -22.76
CA GLN D 295 -33.67 -7.45 -22.42
C GLN D 295 -32.82 -7.83 -23.63
N ARG D 296 -33.41 -7.83 -24.83
CA ARG D 296 -32.67 -8.20 -26.04
C ARG D 296 -31.73 -7.09 -26.49
N LEU D 297 -32.21 -5.84 -26.48
CA LEU D 297 -31.33 -4.72 -26.79
C LEU D 297 -30.14 -4.67 -25.84
N MET D 298 -30.37 -4.93 -24.54
CA MET D 298 -29.27 -5.01 -23.59
C MET D 298 -28.25 -6.04 -23.99
N ALA D 299 -28.72 -7.22 -24.43
CA ALA D 299 -27.82 -8.31 -24.80
C ALA D 299 -26.99 -8.00 -26.05
N GLU D 300 -27.44 -7.05 -26.88
CA GLU D 300 -26.58 -6.53 -27.95
C GLU D 300 -25.47 -5.62 -27.41
N GLY D 301 -25.63 -5.10 -26.18
CA GLY D 301 -24.63 -4.23 -25.59
C GLY D 301 -25.22 -2.91 -25.12
N TYR D 302 -26.49 -2.68 -25.40
CA TYR D 302 -27.12 -1.45 -24.98
C TYR D 302 -27.17 -1.32 -23.46
N GLY D 303 -27.10 -0.08 -22.99
CA GLY D 303 -27.32 0.19 -21.59
C GLY D 303 -28.77 0.55 -21.33
N PHE D 304 -29.33 -0.03 -20.28
CA PHE D 304 -30.72 0.20 -19.94
C PHE D 304 -30.87 0.62 -18.48
N GLY D 305 -31.76 1.56 -18.23
CA GLY D 305 -32.15 1.86 -16.88
C GLY D 305 -33.66 2.04 -16.74
N GLY D 306 -34.28 1.31 -15.83
CA GLY D 306 -35.70 1.43 -15.63
C GLY D 306 -36.06 2.72 -14.93
N GLU D 307 -37.35 3.08 -14.98
CA GLU D 307 -37.91 4.26 -14.29
C GLU D 307 -37.10 5.51 -14.58
N GLY D 308 -36.63 5.64 -15.82
CA GLY D 308 -35.92 6.84 -16.23
C GLY D 308 -34.51 6.99 -15.72
N ASP D 309 -33.87 5.90 -15.27
CA ASP D 309 -32.56 5.94 -14.61
C ASP D 309 -31.45 6.03 -15.65
N TRP D 310 -31.08 7.27 -16.02
CA TRP D 310 -30.07 7.46 -17.05
C TRP D 310 -28.70 7.08 -16.57
N LYS D 311 -28.38 7.41 -15.30
CA LYS D 311 -27.07 7.08 -14.72
C LYS D 311 -26.79 5.59 -14.75
N THR D 312 -27.79 4.76 -14.39
CA THR D 312 -27.57 3.32 -14.51
C THR D 312 -27.61 2.88 -15.96
N ALA D 313 -28.50 3.47 -16.75
CA ALA D 313 -28.49 3.21 -18.19
C ALA D 313 -27.08 3.37 -18.76
N ALA D 314 -26.48 4.54 -18.53
CA ALA D 314 -25.11 4.79 -18.99
C ALA D 314 -24.15 3.80 -18.35
N LEU D 315 -24.29 3.59 -17.04
CA LEU D 315 -23.36 2.71 -16.33
C LEU D 315 -23.39 1.31 -16.91
N VAL D 316 -24.57 0.79 -17.22
CA VAL D 316 -24.68 -0.53 -17.83
C VAL D 316 -23.92 -0.57 -19.16
N ARG D 317 -24.14 0.43 -20.01
CA ARG D 317 -23.41 0.52 -21.28
C ARG D 317 -21.90 0.39 -21.06
N LEU D 318 -21.34 1.20 -20.15
CA LEU D 318 -19.90 1.23 -19.95
C LEU D 318 -19.38 -0.05 -19.32
N MET D 319 -20.23 -0.69 -18.50
CA MET D 319 -19.79 -1.95 -17.93
C MET D 319 -19.91 -3.08 -18.93
N LYS D 320 -20.92 -3.04 -19.79
CA LYS D 320 -20.97 -3.99 -20.90
C LYS D 320 -19.75 -3.83 -21.80
N VAL D 321 -19.35 -2.58 -22.06
CA VAL D 321 -18.13 -2.37 -22.83
C VAL D 321 -16.91 -2.87 -22.07
N MET D 322 -16.81 -2.58 -20.77
CA MET D 322 -15.71 -3.13 -20.00
C MET D 322 -15.76 -4.64 -20.01
N ALA D 323 -16.96 -5.20 -19.99
CA ALA D 323 -17.10 -6.64 -19.88
C ALA D 323 -16.98 -7.34 -21.21
N ASP D 324 -16.77 -6.59 -22.30
CA ASP D 324 -16.83 -7.14 -23.65
C ASP D 324 -18.17 -7.83 -23.86
N GLY D 325 -19.25 -7.09 -23.63
CA GLY D 325 -20.59 -7.60 -23.82
C GLY D 325 -21.04 -8.69 -22.88
N LYS D 326 -20.14 -9.29 -22.09
CA LYS D 326 -20.49 -10.48 -21.32
C LYS D 326 -21.04 -10.15 -19.93
N GLY D 327 -21.86 -11.08 -19.42
CA GLY D 327 -22.32 -11.16 -18.04
C GLY D 327 -22.66 -9.89 -17.29
N THR D 328 -23.37 -8.98 -17.94
CA THR D 328 -23.54 -7.65 -17.41
C THR D 328 -24.98 -7.22 -17.64
N SER D 329 -25.63 -6.70 -16.59
CA SER D 329 -27.05 -6.42 -16.74
C SER D 329 -27.47 -5.34 -15.76
N PHE D 330 -28.42 -4.51 -16.20
CA PHE D 330 -29.23 -3.74 -15.28
C PHE D 330 -29.73 -4.66 -14.17
N MET D 331 -29.69 -4.19 -12.93
CA MET D 331 -30.08 -5.03 -11.81
C MET D 331 -30.86 -4.21 -10.80
N GLU D 332 -31.58 -4.92 -9.92
CA GLU D 332 -32.25 -4.29 -8.78
C GLU D 332 -32.35 -5.30 -7.66
N ASP D 333 -31.84 -4.95 -6.49
CA ASP D 333 -32.09 -5.73 -5.27
C ASP D 333 -33.60 -5.82 -5.06
N TYR D 334 -34.20 -7.02 -5.18
CA TYR D 334 -35.65 -7.08 -5.03
C TYR D 334 -36.13 -7.52 -3.67
N THR D 335 -35.50 -8.52 -3.07
CA THR D 335 -35.94 -9.04 -1.79
C THR D 335 -34.79 -9.83 -1.19
N TYR D 336 -34.90 -10.15 0.09
CA TYR D 336 -33.80 -10.76 0.81
C TYR D 336 -34.16 -12.15 1.29
N HIS D 337 -33.11 -12.89 1.57
CA HIS D 337 -33.21 -14.21 2.20
C HIS D 337 -32.26 -14.12 3.38
N PHE D 338 -32.82 -13.90 4.58
CA PHE D 338 -32.05 -13.68 5.79
C PHE D 338 -31.76 -14.96 6.55
N GLU D 339 -32.00 -16.13 5.96
CA GLU D 339 -31.76 -17.41 6.61
C GLU D 339 -30.33 -17.42 7.17
N PRO D 340 -30.16 -17.42 8.50
CA PRO D 340 -28.80 -17.44 9.08
C PRO D 340 -27.88 -18.41 8.37
N GLY D 341 -26.62 -18.01 8.17
CA GLY D 341 -25.61 -18.84 7.53
C GLY D 341 -25.76 -19.01 6.04
N ASN D 342 -26.80 -18.43 5.45
CA ASN D 342 -27.08 -18.60 4.04
C ASN D 342 -27.85 -17.36 3.58
N GLU D 343 -27.34 -16.19 3.91
CA GLU D 343 -28.00 -14.94 3.59
C GLU D 343 -27.67 -14.51 2.16
N MET D 344 -28.69 -14.14 1.40
CA MET D 344 -28.49 -13.79 0.00
C MET D 344 -29.59 -12.88 -0.49
N ILE D 345 -29.31 -12.16 -1.59
CA ILE D 345 -30.22 -11.20 -2.20
C ILE D 345 -30.81 -11.82 -3.45
N LEU D 346 -32.06 -11.48 -3.75
CA LEU D 346 -32.67 -11.83 -5.02
C LEU D 346 -32.72 -10.56 -5.87
N GLY D 347 -31.80 -10.45 -6.81
CA GLY D 347 -31.86 -9.37 -7.78
C GLY D 347 -32.80 -9.74 -8.91
N ALA D 348 -33.61 -8.76 -9.31
CA ALA D 348 -34.42 -8.90 -10.51
C ALA D 348 -34.80 -7.50 -10.99
N HIS D 349 -35.63 -7.42 -12.02
CA HIS D 349 -36.42 -6.23 -12.25
C HIS D 349 -37.79 -6.67 -12.74
N MET D 350 -38.73 -5.72 -12.75
CA MET D 350 -40.10 -6.04 -13.12
C MET D 350 -40.19 -6.72 -14.49
N LEU D 351 -39.20 -6.51 -15.37
CA LEU D 351 -39.08 -7.24 -16.62
C LEU D 351 -37.63 -7.35 -17.05
N GLU D 352 -36.92 -6.23 -17.02
CA GLU D 352 -35.75 -6.00 -17.87
C GLU D 352 -34.49 -6.49 -17.16
N VAL D 353 -34.23 -7.78 -17.26
CA VAL D 353 -32.95 -8.35 -16.87
C VAL D 353 -32.31 -8.93 -18.12
N CYS D 354 -31.03 -8.58 -18.35
CA CYS D 354 -30.36 -8.94 -19.60
C CYS D 354 -29.98 -10.42 -19.59
N PRO D 355 -30.35 -11.17 -20.63
CA PRO D 355 -30.08 -12.61 -20.61
C PRO D 355 -28.62 -12.98 -20.53
N THR D 356 -27.68 -12.05 -20.73
CA THR D 356 -26.29 -12.47 -20.74
C THR D 356 -25.75 -12.82 -19.36
N ILE D 357 -26.57 -12.71 -18.30
CA ILE D 357 -26.22 -13.23 -16.98
C ILE D 357 -26.92 -14.56 -16.69
N ALA D 358 -27.48 -15.20 -17.72
CA ALA D 358 -28.25 -16.42 -17.51
C ALA D 358 -27.34 -17.63 -17.45
N ALA D 359 -27.64 -18.54 -16.53
CA ALA D 359 -27.05 -19.86 -16.52
C ALA D 359 -28.00 -20.90 -17.07
N THR D 360 -29.23 -20.50 -17.32
CA THR D 360 -30.28 -21.32 -17.90
C THR D 360 -30.53 -20.90 -19.34
N ARG D 361 -31.22 -21.74 -20.06
CA ARG D 361 -31.81 -21.33 -21.32
C ARG D 361 -32.86 -20.27 -21.01
N PRO D 362 -32.83 -19.11 -21.66
CA PRO D 362 -33.90 -18.13 -21.45
C PRO D 362 -35.23 -18.66 -21.96
N ARG D 363 -36.29 -18.44 -21.18
CA ARG D 363 -37.65 -18.82 -21.53
C ARG D 363 -38.47 -17.55 -21.74
N ILE D 364 -39.26 -17.53 -22.81
CA ILE D 364 -40.22 -16.45 -23.03
C ILE D 364 -41.49 -16.81 -22.27
N GLU D 365 -41.92 -15.92 -21.40
CA GLU D 365 -43.19 -16.05 -20.71
C GLU D 365 -44.00 -14.79 -20.94
N VAL D 366 -45.30 -14.90 -20.70
CA VAL D 366 -46.22 -13.76 -20.76
C VAL D 366 -47.09 -13.83 -19.52
N HIS D 367 -46.95 -12.86 -18.63
CA HIS D 367 -47.61 -12.79 -17.34
C HIS D 367 -48.22 -11.41 -17.20
N PRO D 368 -49.18 -11.24 -16.29
CA PRO D 368 -49.71 -9.91 -16.05
C PRO D 368 -48.68 -9.00 -15.42
N LEU D 369 -48.83 -7.70 -15.64
CA LEU D 369 -48.05 -6.72 -14.90
C LEU D 369 -48.94 -5.49 -14.64
N SER D 370 -49.61 -5.52 -13.49
CA SER D 370 -50.19 -4.37 -12.80
C SER D 370 -49.50 -3.05 -13.11
N ILE D 371 -48.18 -3.01 -12.94
CA ILE D 371 -47.41 -1.77 -12.93
C ILE D 371 -47.42 -1.14 -14.32
N GLY D 372 -47.87 0.10 -14.41
CA GLY D 372 -48.06 0.75 -15.69
C GLY D 372 -49.40 0.52 -16.34
N GLY D 373 -50.15 -0.49 -15.88
CA GLY D 373 -51.50 -0.73 -16.33
C GLY D 373 -51.62 -0.96 -17.83
N LYS D 374 -50.79 -1.85 -18.37
CA LYS D 374 -50.83 -2.16 -19.80
C LYS D 374 -50.93 -3.66 -20.01
N GLU D 375 -50.81 -4.12 -21.26
CA GLU D 375 -51.03 -5.52 -21.56
C GLU D 375 -49.96 -6.39 -20.91
N ASP D 376 -50.32 -7.63 -20.64
CA ASP D 376 -49.45 -8.64 -20.05
C ASP D 376 -48.17 -8.75 -20.85
N PRO D 377 -47.03 -8.26 -20.34
CA PRO D 377 -45.82 -8.19 -21.17
C PRO D 377 -45.09 -9.52 -21.31
N ALA D 378 -44.56 -9.76 -22.50
CA ALA D 378 -43.63 -10.86 -22.70
C ALA D 378 -42.23 -10.45 -22.25
N ARG D 379 -41.46 -11.42 -21.78
CA ARG D 379 -40.14 -11.13 -21.25
C ARG D 379 -39.35 -12.42 -21.21
N LEU D 380 -38.03 -12.28 -21.13
CA LEU D 380 -37.19 -13.44 -20.81
C LEU D 380 -37.21 -13.69 -19.32
N VAL D 381 -37.50 -14.94 -18.95
CA VAL D 381 -37.40 -15.42 -17.58
C VAL D 381 -36.31 -16.48 -17.55
N PHE D 382 -35.43 -16.38 -16.57
CA PHE D 382 -34.31 -17.30 -16.47
C PHE D 382 -33.69 -17.11 -15.10
N ASP D 383 -32.94 -18.11 -14.65
CA ASP D 383 -32.16 -17.98 -13.42
C ASP D 383 -30.75 -17.51 -13.79
N GLY D 384 -30.21 -16.62 -12.95
CA GLY D 384 -28.89 -16.09 -13.20
C GLY D 384 -27.76 -17.03 -12.75
N GLY D 385 -26.57 -16.72 -13.27
CA GLY D 385 -25.39 -17.56 -13.08
C GLY D 385 -24.79 -17.43 -11.70
N GLU D 386 -23.65 -18.10 -11.52
CA GLU D 386 -22.92 -18.05 -10.26
C GLU D 386 -21.48 -17.63 -10.50
N GLY D 387 -20.78 -17.34 -9.41
CA GLY D 387 -19.38 -16.94 -9.44
C GLY D 387 -19.21 -15.49 -9.03
N ALA D 388 -17.94 -15.12 -8.82
CA ALA D 388 -17.57 -13.77 -8.40
C ALA D 388 -18.16 -12.71 -9.30
N ALA D 389 -18.60 -11.60 -8.71
CA ALA D 389 -19.18 -10.52 -9.50
C ALA D 389 -19.07 -9.19 -8.76
N VAL D 390 -19.53 -8.13 -9.42
CA VAL D 390 -19.64 -6.81 -8.81
C VAL D 390 -21.02 -6.28 -9.11
N ASN D 391 -21.46 -5.38 -8.24
CA ASN D 391 -22.76 -4.73 -8.36
C ASN D 391 -22.52 -3.24 -8.14
N ALA D 392 -22.70 -2.44 -9.18
CA ALA D 392 -22.22 -1.06 -9.20
C ALA D 392 -23.38 -0.10 -9.33
N SER D 393 -23.44 0.87 -8.41
CA SER D 393 -24.36 1.99 -8.51
C SER D 393 -23.56 3.27 -8.72
N LEU D 394 -24.14 4.22 -9.46
CA LEU D 394 -23.56 5.55 -9.64
C LEU D 394 -24.61 6.59 -9.30
N ILE D 395 -24.34 7.42 -8.31
CA ILE D 395 -25.34 8.32 -7.78
C ILE D 395 -24.85 9.74 -7.88
N ASP D 396 -25.78 10.67 -7.87
CA ASP D 396 -25.48 12.09 -7.82
C ASP D 396 -25.65 12.54 -6.38
N LEU D 397 -24.53 12.92 -5.72
CA LEU D 397 -24.65 13.47 -4.38
C LEU D 397 -24.96 14.97 -4.39
N GLY D 398 -25.19 15.55 -5.58
CA GLY D 398 -25.61 16.92 -5.64
C GLY D 398 -24.50 17.83 -6.09
N HIS D 399 -23.30 17.64 -5.56
CA HIS D 399 -22.15 18.42 -5.94
C HIS D 399 -21.14 17.62 -6.74
N ARG D 400 -21.41 16.32 -6.95
CA ARG D 400 -20.45 15.40 -7.51
C ARG D 400 -21.10 14.02 -7.52
N PHE D 401 -20.53 13.12 -8.31
CA PHE D 401 -21.03 11.75 -8.42
C PHE D 401 -20.21 10.82 -7.55
N ARG D 402 -20.84 9.72 -7.16
CA ARG D 402 -20.17 8.69 -6.40
C ARG D 402 -20.45 7.37 -7.07
N LEU D 403 -19.41 6.65 -7.41
CA LEU D 403 -19.53 5.30 -7.89
C LEU D 403 -19.39 4.37 -6.68
N ILE D 404 -20.43 3.59 -6.38
CA ILE D 404 -20.38 2.58 -5.33
C ILE D 404 -20.33 1.20 -5.98
N VAL D 405 -19.36 0.39 -5.56
CA VAL D 405 -19.15 -0.93 -6.13
C VAL D 405 -19.13 -1.95 -5.00
N ASN D 406 -20.00 -2.95 -5.09
CA ASN D 406 -20.04 -4.04 -4.12
C ASN D 406 -19.63 -5.33 -4.82
N GLU D 407 -18.59 -5.96 -4.30
CA GLU D 407 -18.18 -7.29 -4.75
C GLU D 407 -19.12 -8.34 -4.15
N VAL D 408 -19.67 -9.21 -5.00
CA VAL D 408 -20.65 -10.18 -4.54
C VAL D 408 -20.28 -11.55 -5.08
N ASP D 409 -20.89 -12.57 -4.50
CA ASP D 409 -20.75 -13.96 -4.92
C ASP D 409 -22.12 -14.44 -5.38
N ALA D 410 -22.30 -14.60 -6.69
CA ALA D 410 -23.55 -15.12 -7.26
C ALA D 410 -23.62 -16.63 -7.06
N VAL D 411 -24.83 -17.12 -6.74
CA VAL D 411 -25.00 -18.49 -6.27
C VAL D 411 -26.08 -19.19 -7.09
N LYS D 412 -25.89 -20.47 -7.34
CA LYS D 412 -26.96 -21.24 -7.96
C LYS D 412 -28.14 -21.28 -7.00
N PRO D 413 -29.36 -21.04 -7.48
CA PRO D 413 -30.53 -21.25 -6.62
C PRO D 413 -30.80 -22.73 -6.39
N GLU D 414 -30.98 -23.10 -5.11
CA GLU D 414 -31.22 -24.50 -4.77
C GLU D 414 -32.68 -24.88 -4.98
N HIS D 415 -33.59 -23.94 -4.76
CA HIS D 415 -35.01 -24.14 -4.96
C HIS D 415 -35.48 -23.35 -6.17
N ASP D 416 -36.38 -23.92 -6.96
CA ASP D 416 -36.82 -23.07 -8.03
C ASP D 416 -37.95 -22.19 -7.54
N MET D 417 -38.24 -21.15 -8.34
CA MET D 417 -39.24 -20.14 -8.06
C MET D 417 -40.24 -20.17 -9.22
N PRO D 418 -41.11 -21.18 -9.24
CA PRO D 418 -41.87 -21.47 -10.46
C PRO D 418 -42.98 -20.48 -10.75
N LYS D 419 -43.45 -19.71 -9.77
CA LYS D 419 -44.49 -18.71 -10.01
C LYS D 419 -43.94 -17.28 -10.01
N LEU D 420 -42.61 -17.12 -10.08
CA LEU D 420 -41.97 -15.82 -10.20
C LEU D 420 -41.84 -15.41 -11.67
N PRO D 421 -42.56 -14.38 -12.13
CA PRO D 421 -42.68 -14.13 -13.58
C PRO D 421 -41.55 -13.34 -14.21
N VAL D 422 -40.41 -13.15 -13.53
CA VAL D 422 -39.33 -12.30 -14.04
C VAL D 422 -38.00 -13.05 -13.89
N ALA D 423 -37.04 -12.69 -14.75
CA ALA D 423 -35.69 -13.21 -14.61
C ALA D 423 -35.07 -12.72 -13.30
N ARG D 424 -34.22 -13.55 -12.72
CA ARG D 424 -33.72 -13.26 -11.37
C ARG D 424 -32.34 -13.86 -11.18
N ILE D 425 -31.59 -13.29 -10.24
CA ILE D 425 -30.29 -13.80 -9.85
C ILE D 425 -30.18 -13.73 -8.32
N LEU D 426 -29.46 -14.69 -7.76
CA LEU D 426 -29.18 -14.71 -6.33
C LEU D 426 -27.70 -14.41 -6.13
N TRP D 427 -27.40 -13.59 -5.13
CA TRP D 427 -26.00 -13.42 -4.75
C TRP D 427 -25.87 -13.25 -3.25
N LYS D 428 -24.69 -13.59 -2.78
CA LYS D 428 -24.26 -13.43 -1.40
C LYS D 428 -23.23 -12.30 -1.33
N PRO D 429 -23.63 -11.07 -1.01
CA PRO D 429 -22.73 -9.92 -1.08
C PRO D 429 -21.65 -9.96 0.00
N ARG D 430 -20.40 -9.64 -0.43
CA ARG D 430 -19.24 -9.58 0.46
C ARG D 430 -19.29 -8.31 1.30
N PRO D 431 -18.92 -8.37 2.59
CA PRO D 431 -18.59 -9.57 3.37
C PRO D 431 -19.80 -10.28 3.99
N SER D 432 -20.99 -9.71 3.82
CA SER D 432 -22.19 -10.24 4.44
C SER D 432 -23.36 -9.37 4.03
N LEU D 433 -24.56 -9.95 4.11
CA LEU D 433 -25.77 -9.18 3.83
C LEU D 433 -25.88 -7.99 4.78
N ARG D 434 -25.57 -8.20 6.06
CA ARG D 434 -25.82 -7.15 7.04
C ARG D 434 -24.87 -5.97 6.85
N ASP D 435 -23.59 -6.27 6.62
CA ASP D 435 -22.61 -5.19 6.60
C ASP D 435 -22.58 -4.51 5.24
N SER D 436 -22.64 -5.30 4.18
CA SER D 436 -22.61 -4.73 2.85
C SER D 436 -23.83 -3.86 2.61
N ALA D 437 -25.01 -4.30 3.04
CA ALA D 437 -26.20 -3.46 2.91
C ALA D 437 -26.05 -2.18 3.71
N GLU D 438 -25.53 -2.30 4.93
CA GLU D 438 -25.26 -1.14 5.76
C GLU D 438 -24.32 -0.18 5.05
N ALA D 439 -23.17 -0.70 4.58
CA ALA D 439 -22.24 0.15 3.83
C ALA D 439 -22.95 0.76 2.62
N TRP D 440 -23.60 -0.10 1.83
CA TRP D 440 -24.34 0.36 0.65
C TRP D 440 -25.27 1.52 0.95
N ILE D 441 -25.95 1.46 2.10
CA ILE D 441 -26.89 2.49 2.49
C ILE D 441 -26.15 3.74 3.01
N LEU D 442 -25.12 3.56 3.85
CA LEU D 442 -24.31 4.72 4.24
C LEU D 442 -23.77 5.43 3.01
N ALA D 443 -23.26 4.66 2.04
CA ALA D 443 -22.73 5.28 0.82
C ALA D 443 -23.83 5.88 -0.05
N GLY D 444 -25.08 5.50 0.16
CA GLY D 444 -26.18 6.05 -0.60
C GLY D 444 -26.45 5.35 -1.91
N GLY D 445 -25.98 4.12 -2.06
CA GLY D 445 -26.07 3.45 -3.34
C GLY D 445 -27.51 3.22 -3.76
N ALA D 446 -27.75 3.32 -5.08
CA ALA D 446 -29.08 3.18 -5.61
C ALA D 446 -29.60 1.75 -5.45
N HIS D 447 -30.91 1.59 -5.67
CA HIS D 447 -31.53 0.28 -5.87
C HIS D 447 -31.25 -0.26 -7.26
N HIS D 448 -31.36 0.57 -8.28
CA HIS D 448 -30.85 0.21 -9.59
C HIS D 448 -29.34 0.15 -9.56
N THR D 449 -28.80 -0.92 -10.15
CA THR D 449 -27.37 -1.11 -10.33
C THR D 449 -27.09 -1.80 -11.65
N CYS D 450 -25.78 -1.88 -11.96
CA CYS D 450 -25.25 -2.73 -13.01
C CYS D 450 -24.54 -3.89 -12.32
N PHE D 451 -25.08 -5.08 -12.47
CA PHE D 451 -24.44 -6.30 -12.06
C PHE D 451 -23.52 -6.77 -13.18
N SER D 452 -22.29 -7.17 -12.85
CA SER D 452 -21.52 -7.80 -13.91
C SER D 452 -20.66 -8.92 -13.34
N PHE D 453 -20.52 -9.99 -14.13
CA PHE D 453 -19.62 -11.10 -13.84
C PHE D 453 -18.21 -10.89 -14.35
N ALA D 454 -18.01 -9.86 -15.19
CA ALA D 454 -16.80 -9.76 -15.97
C ALA D 454 -16.19 -8.36 -15.94
N VAL D 455 -16.65 -7.49 -15.05
CA VAL D 455 -15.98 -6.25 -14.71
C VAL D 455 -15.36 -6.43 -13.33
N THR D 456 -14.09 -6.09 -13.20
CA THR D 456 -13.45 -6.16 -11.88
C THR D 456 -13.59 -4.83 -11.18
N THR D 457 -13.45 -4.86 -9.86
CA THR D 457 -13.47 -3.60 -9.12
C THR D 457 -12.35 -2.67 -9.59
N GLU D 458 -11.16 -3.21 -9.85
CA GLU D 458 -10.03 -2.39 -10.29
C GLU D 458 -10.41 -1.59 -11.53
N GLN D 459 -11.18 -2.20 -12.42
CA GLN D 459 -11.59 -1.50 -13.63
C GLN D 459 -12.49 -0.34 -13.30
N LEU D 460 -13.50 -0.57 -12.45
CA LEU D 460 -14.43 0.50 -12.11
C LEU D 460 -13.71 1.61 -11.37
N GLN D 461 -12.80 1.26 -10.46
CA GLN D 461 -11.95 2.24 -9.78
C GLN D 461 -11.16 3.07 -10.80
N ASP D 462 -10.46 2.40 -11.71
CA ASP D 462 -9.74 3.09 -12.77
C ASP D 462 -10.66 3.98 -13.59
N PHE D 463 -11.91 3.56 -13.82
CA PHE D 463 -12.82 4.44 -14.56
C PHE D 463 -13.10 5.71 -13.78
N ALA D 464 -13.38 5.57 -12.47
CA ALA D 464 -13.57 6.74 -11.62
C ALA D 464 -12.40 7.69 -11.72
N GLU D 465 -11.17 7.16 -11.65
CA GLU D 465 -9.98 7.98 -11.83
C GLU D 465 -10.02 8.75 -13.13
N MET D 466 -10.22 8.03 -14.24
CA MET D 466 -10.34 8.68 -15.55
C MET D 466 -11.37 9.78 -15.51
N ALA D 467 -12.50 9.50 -14.86
CA ALA D 467 -13.64 10.40 -14.82
C ALA D 467 -13.47 11.52 -13.80
N GLY D 468 -12.63 11.34 -12.79
CA GLY D 468 -12.50 12.36 -11.76
C GLY D 468 -13.59 12.32 -10.72
N ILE D 469 -14.00 11.13 -10.30
CA ILE D 469 -15.05 10.97 -9.32
C ILE D 469 -14.58 9.97 -8.27
N GLU D 470 -15.24 10.01 -7.12
CA GLU D 470 -15.00 9.04 -6.08
C GLU D 470 -15.56 7.69 -6.44
N CYS D 471 -14.81 6.65 -6.12
CA CYS D 471 -15.31 5.29 -6.18
C CYS D 471 -15.13 4.64 -4.81
N VAL D 472 -16.22 4.18 -4.22
CA VAL D 472 -16.14 3.40 -2.99
C VAL D 472 -16.44 1.95 -3.32
N VAL D 473 -15.78 1.06 -2.60
CA VAL D 473 -15.91 -0.36 -2.85
C VAL D 473 -16.24 -1.08 -1.53
N ILE D 474 -17.20 -1.99 -1.61
CA ILE D 474 -17.58 -2.80 -0.46
C ILE D 474 -17.25 -4.25 -0.83
N ASN D 475 -16.34 -4.85 -0.08
CA ASN D 475 -15.82 -6.15 -0.48
C ASN D 475 -15.53 -6.97 0.78
N GLU D 476 -14.73 -8.02 0.62
CA GLU D 476 -14.41 -8.92 1.72
C GLU D 476 -13.68 -8.22 2.86
N HIS D 477 -13.04 -7.09 2.60
CA HIS D 477 -12.21 -6.44 3.61
C HIS D 477 -12.89 -5.21 4.22
N THR D 478 -14.14 -4.96 3.90
CA THR D 478 -14.82 -3.74 4.33
C THR D 478 -15.33 -3.89 5.76
N SER D 479 -14.84 -3.01 6.64
CA SER D 479 -15.45 -2.72 7.93
C SER D 479 -16.43 -1.55 7.74
N VAL D 480 -17.56 -1.60 8.43
CA VAL D 480 -18.52 -0.50 8.27
C VAL D 480 -17.96 0.78 8.89
N SER D 481 -17.28 0.66 10.03
CA SER D 481 -16.80 1.86 10.72
C SER D 481 -15.68 2.55 9.95
N SER D 482 -14.71 1.78 9.45
CA SER D 482 -13.69 2.41 8.60
C SER D 482 -14.27 2.88 7.28
N PHE D 483 -15.35 2.26 6.80
CA PHE D 483 -15.97 2.67 5.55
C PHE D 483 -16.62 4.03 5.70
N LYS D 484 -17.16 4.32 6.89
CA LYS D 484 -17.72 5.66 7.16
C LYS D 484 -16.64 6.71 7.21
N ASN D 485 -15.48 6.37 7.76
CA ASN D 485 -14.31 7.23 7.69
C ASN D 485 -13.92 7.49 6.24
N GLU D 486 -13.83 6.42 5.45
CA GLU D 486 -13.48 6.60 4.06
C GLU D 486 -14.46 7.55 3.36
N LEU D 487 -15.76 7.44 3.65
CA LEU D 487 -16.75 8.36 3.09
C LEU D 487 -16.49 9.79 3.53
N LYS D 488 -16.21 9.97 4.83
CA LYS D 488 -15.95 11.32 5.33
C LYS D 488 -14.70 11.91 4.69
N TRP D 489 -13.61 11.15 4.70
CA TRP D 489 -12.35 11.63 4.17
C TRP D 489 -12.41 11.85 2.67
N ASN D 490 -13.02 10.91 1.92
CA ASN D 490 -13.20 11.14 0.48
C ASN D 490 -14.01 12.41 0.23
N GLU D 491 -15.07 12.63 1.00
CA GLU D 491 -15.97 13.75 0.69
C GLU D 491 -15.21 15.05 0.80
N VAL D 492 -14.24 15.11 1.70
CA VAL D 492 -13.47 16.31 1.87
C VAL D 492 -12.48 16.49 0.74
N PHE D 493 -11.92 15.38 0.24
CA PHE D 493 -11.06 15.48 -0.93
C PHE D 493 -11.87 15.82 -2.18
N TRP D 494 -13.06 15.25 -2.32
CA TRP D 494 -13.71 15.33 -3.62
C TRP D 494 -14.53 16.60 -3.82
N ARG D 495 -14.94 17.28 -2.76
CA ARG D 495 -15.77 18.46 -2.94
C ARG D 495 -14.94 19.58 -3.53
N GLY D 496 -15.52 20.25 -4.51
CA GLY D 496 -14.83 21.26 -5.28
C GLY D 496 -14.39 20.62 -6.58
N ARG D 497 -13.47 19.66 -6.47
CA ARG D 497 -12.87 18.97 -7.61
C ARG D 497 -13.80 18.64 -8.75
N LEU E 3 11.42 41.42 -33.26
CA LEU E 3 11.30 39.97 -33.06
C LEU E 3 9.98 39.47 -33.61
N SER E 4 10.06 38.60 -34.63
CA SER E 4 8.89 38.23 -35.41
C SER E 4 7.88 37.41 -34.60
N LEU E 5 6.61 37.56 -34.96
CA LEU E 5 5.51 36.76 -34.41
C LEU E 5 5.13 35.67 -35.40
N ARG E 6 4.53 34.61 -34.86
CA ARG E 6 3.80 33.68 -35.71
C ARG E 6 2.65 34.43 -36.36
N PRO E 7 2.24 34.05 -37.57
CA PRO E 7 1.06 34.70 -38.16
C PRO E 7 -0.21 34.29 -37.43
N TYR E 8 -0.50 34.92 -36.30
CA TYR E 8 -1.61 34.49 -35.46
C TYR E 8 -2.92 34.99 -36.03
N GLU E 9 -3.97 34.20 -35.84
CA GLU E 9 -5.31 34.59 -36.28
C GLU E 9 -6.30 34.27 -35.19
N PHE E 10 -7.52 34.79 -35.36
CA PHE E 10 -8.62 34.55 -34.43
C PHE E 10 -9.79 33.92 -35.17
N TRP E 11 -10.31 32.84 -34.59
CA TRP E 11 -11.36 32.02 -35.20
C TRP E 11 -12.74 32.46 -34.75
N PHE E 12 -13.62 32.80 -35.69
CA PHE E 12 -14.99 33.17 -35.36
C PHE E 12 -15.89 31.94 -35.56
N VAL E 13 -16.31 31.36 -34.45
CA VAL E 13 -17.19 30.19 -34.46
C VAL E 13 -18.59 30.65 -34.10
N THR E 14 -19.56 30.32 -34.94
CA THR E 14 -20.94 30.74 -34.77
C THR E 14 -21.82 29.51 -34.57
N GLY E 15 -22.63 29.53 -33.52
CA GLY E 15 -23.38 28.35 -33.12
C GLY E 15 -24.86 28.52 -33.40
N SER E 16 -25.50 27.40 -33.72
CA SER E 16 -26.91 27.39 -34.09
C SER E 16 -27.45 25.97 -33.96
N GLN E 17 -28.56 25.69 -34.65
CA GLN E 17 -29.28 24.42 -34.56
C GLN E 17 -30.22 24.27 -35.75
N HIS E 18 -30.51 23.02 -36.12
CA HIS E 18 -31.34 22.71 -37.29
C HIS E 18 -32.83 22.88 -37.04
N LEU E 19 -33.19 23.72 -36.08
CA LEU E 19 -34.57 23.76 -35.60
C LEU E 19 -35.48 24.63 -36.46
N TYR E 20 -34.95 25.67 -37.10
CA TYR E 20 -35.75 26.58 -37.91
C TYR E 20 -35.56 26.36 -39.41
N GLY E 21 -34.84 25.32 -39.81
CA GLY E 21 -34.62 25.01 -41.20
C GLY E 21 -33.14 24.92 -41.55
N GLU E 22 -32.90 24.47 -42.79
CA GLU E 22 -31.55 24.37 -43.33
C GLU E 22 -31.10 25.64 -44.02
N GLU E 23 -32.04 26.45 -44.53
CA GLU E 23 -31.71 27.71 -45.16
C GLU E 23 -31.64 28.86 -44.17
N ALA E 24 -32.34 28.76 -43.03
CA ALA E 24 -32.06 29.67 -41.94
C ALA E 24 -30.58 29.61 -41.55
N LEU E 25 -30.01 28.40 -41.56
CA LEU E 25 -28.60 28.25 -41.29
C LEU E 25 -27.73 28.69 -42.45
N LYS E 26 -28.28 28.81 -43.66
CA LYS E 26 -27.58 29.53 -44.71
C LYS E 26 -27.40 30.99 -44.32
N GLN E 27 -28.48 31.62 -43.88
CA GLN E 27 -28.40 33.02 -43.50
C GLN E 27 -27.55 33.23 -42.25
N VAL E 28 -27.28 32.17 -41.48
CA VAL E 28 -26.34 32.27 -40.38
C VAL E 28 -24.93 32.34 -40.92
N GLU E 29 -24.55 31.37 -41.76
CA GLU E 29 -23.25 31.38 -42.41
C GLU E 29 -23.04 32.68 -43.17
N GLU E 30 -24.10 33.21 -43.81
CA GLU E 30 -23.97 34.44 -44.58
C GLU E 30 -23.74 35.62 -43.65
N HIS E 31 -24.39 35.63 -42.48
CA HIS E 31 -24.26 36.80 -41.62
C HIS E 31 -22.87 36.90 -41.04
N SER E 32 -22.27 35.78 -40.62
CA SER E 32 -20.97 35.90 -39.96
C SER E 32 -19.83 36.00 -40.96
N ARG E 33 -19.99 35.43 -42.17
CA ARG E 33 -19.05 35.70 -43.24
C ARG E 33 -18.98 37.19 -43.54
N ILE E 34 -20.14 37.83 -43.74
CA ILE E 34 -20.19 39.29 -43.84
C ILE E 34 -19.45 39.94 -42.67
N MET E 35 -19.60 39.38 -41.46
CA MET E 35 -19.05 40.02 -40.27
C MET E 35 -17.53 39.98 -40.24
N VAL E 36 -16.94 38.79 -40.38
CA VAL E 36 -15.49 38.67 -40.31
C VAL E 36 -14.83 39.46 -41.43
N ASN E 37 -15.46 39.50 -42.61
CA ASN E 37 -14.88 40.21 -43.75
C ASN E 37 -14.88 41.71 -43.53
N GLU E 38 -15.91 42.24 -42.89
CA GLU E 38 -15.87 43.66 -42.56
C GLU E 38 -14.82 43.93 -41.49
N TRP E 39 -14.60 42.97 -40.59
CA TRP E 39 -13.56 43.15 -39.58
C TRP E 39 -12.18 43.18 -40.23
N ASN E 40 -11.88 42.17 -41.04
CA ASN E 40 -10.71 42.24 -41.89
C ASN E 40 -10.85 43.41 -42.85
N ARG E 41 -10.52 44.60 -42.39
CA ARG E 41 -10.66 45.83 -43.16
C ARG E 41 -9.39 46.08 -43.99
N PHE E 45 -4.43 46.25 -38.30
CA PHE E 45 -4.44 45.26 -37.22
C PHE E 45 -3.81 43.95 -37.66
N PRO E 46 -2.75 43.54 -36.96
CA PRO E 46 -1.89 42.45 -37.49
C PRO E 46 -2.56 41.08 -37.54
N PHE E 47 -3.64 40.85 -36.81
CA PHE E 47 -4.19 39.50 -36.67
C PHE E 47 -5.59 39.39 -37.24
N PRO E 48 -5.80 38.61 -38.28
CA PRO E 48 -7.10 38.60 -38.96
C PRO E 48 -8.10 37.69 -38.26
N PHE E 49 -9.36 37.97 -38.50
CA PHE E 49 -10.42 37.05 -38.10
C PHE E 49 -10.67 36.08 -39.23
N VAL E 50 -10.99 34.84 -38.87
CA VAL E 50 -11.18 33.76 -39.82
C VAL E 50 -12.52 33.13 -39.49
N PHE E 51 -13.51 33.31 -40.36
CA PHE E 51 -14.76 32.62 -40.12
C PHE E 51 -14.51 31.13 -40.23
N LYS E 52 -14.83 30.38 -39.19
CA LYS E 52 -14.61 28.95 -39.32
C LYS E 52 -15.82 28.30 -39.98
N SER E 53 -16.85 28.06 -39.18
CA SER E 53 -18.02 27.37 -39.67
C SER E 53 -19.15 27.67 -38.70
N VAL E 54 -20.35 27.42 -39.16
CA VAL E 54 -21.49 27.44 -38.25
C VAL E 54 -21.58 26.07 -37.61
N VAL E 55 -21.58 26.05 -36.29
CA VAL E 55 -21.54 24.82 -35.53
C VAL E 55 -22.92 24.60 -34.93
N THR E 56 -23.36 23.37 -34.99
CA THR E 56 -24.77 23.06 -34.76
C THR E 56 -24.95 21.72 -34.08
N THR E 57 -23.88 21.04 -33.70
CA THR E 57 -23.82 19.64 -33.38
C THR E 57 -22.71 19.46 -32.37
N PRO E 58 -22.85 18.56 -31.39
CA PRO E 58 -21.74 18.38 -30.43
C PRO E 58 -20.46 18.00 -31.13
N GLU E 59 -20.53 17.20 -32.18
CA GLU E 59 -19.30 16.80 -32.85
C GLU E 59 -18.72 17.94 -33.68
N GLU E 60 -19.55 18.76 -34.29
CA GLU E 60 -19.01 19.93 -34.97
C GLU E 60 -18.29 20.84 -33.99
N ILE E 61 -18.96 21.19 -32.89
CA ILE E 61 -18.36 22.05 -31.88
C ILE E 61 -17.07 21.43 -31.37
N ARG E 62 -17.09 20.15 -31.04
CA ARG E 62 -15.90 19.54 -30.50
C ARG E 62 -14.74 19.66 -31.48
N ARG E 63 -14.97 19.29 -32.74
CA ARG E 63 -13.87 19.27 -33.72
C ARG E 63 -13.24 20.65 -33.87
N VAL E 64 -14.06 21.69 -33.98
CA VAL E 64 -13.50 23.00 -34.23
C VAL E 64 -12.70 23.47 -33.02
N CYS E 65 -13.17 23.16 -31.80
CA CYS E 65 -12.35 23.42 -30.61
C CYS E 65 -11.11 22.57 -30.62
N LEU E 66 -11.23 21.32 -31.04
CA LEU E 66 -10.06 20.47 -31.21
C LEU E 66 -9.05 21.10 -32.16
N GLU E 67 -9.50 21.47 -33.36
CA GLU E 67 -8.61 22.10 -34.33
C GLU E 67 -8.02 23.39 -33.78
N ALA E 68 -8.82 24.16 -33.04
CA ALA E 68 -8.31 25.38 -32.40
C ALA E 68 -7.13 25.08 -31.49
N ASN E 69 -7.19 23.97 -30.73
CA ASN E 69 -6.08 23.61 -29.85
C ASN E 69 -4.82 23.30 -30.65
N ALA E 70 -4.97 22.57 -31.75
CA ALA E 70 -3.82 22.04 -32.46
C ALA E 70 -3.24 23.03 -33.45
N SER E 71 -3.97 24.10 -33.76
CA SER E 71 -3.50 25.11 -34.70
C SER E 71 -2.54 26.04 -33.97
N GLU E 72 -1.24 25.96 -34.31
CA GLU E 72 -0.28 26.82 -33.62
C GLU E 72 -0.54 28.29 -33.88
N GLN E 73 -1.25 28.63 -34.98
CA GLN E 73 -1.53 30.03 -35.29
C GLN E 73 -2.83 30.54 -34.69
N CYS E 74 -3.74 29.66 -34.27
CA CYS E 74 -4.94 30.13 -33.60
C CYS E 74 -4.55 30.69 -32.22
N ALA E 75 -4.84 31.96 -32.01
CA ALA E 75 -4.48 32.64 -30.78
C ALA E 75 -5.68 32.83 -29.88
N GLY E 76 -6.86 32.42 -30.32
CA GLY E 76 -8.11 32.75 -29.68
C GLY E 76 -9.32 32.30 -30.48
N VAL E 77 -10.40 31.96 -29.80
CA VAL E 77 -11.65 31.59 -30.41
C VAL E 77 -12.69 32.62 -30.00
N VAL E 78 -13.42 33.15 -30.98
CA VAL E 78 -14.49 34.09 -30.71
C VAL E 78 -15.80 33.40 -31.05
N THR E 79 -16.59 33.06 -30.03
CA THR E 79 -17.84 32.35 -30.23
C THR E 79 -19.01 33.31 -30.16
N TRP E 80 -20.03 33.01 -30.95
CA TRP E 80 -21.22 33.85 -31.03
C TRP E 80 -22.37 32.92 -31.33
N MET E 81 -23.37 32.88 -30.46
CA MET E 81 -24.60 32.14 -30.72
C MET E 81 -25.50 33.07 -31.52
N HIS E 82 -25.50 32.92 -32.85
CA HIS E 82 -26.41 33.72 -33.67
C HIS E 82 -27.86 33.40 -33.34
N THR E 83 -28.18 32.12 -33.22
CA THR E 83 -29.46 31.63 -32.77
C THR E 83 -29.26 30.88 -31.46
N PHE E 84 -30.36 30.37 -30.92
CA PHE E 84 -30.26 29.38 -29.86
C PHE E 84 -29.34 28.24 -30.32
N SER E 85 -28.44 27.83 -29.43
CA SER E 85 -27.51 26.75 -29.72
C SER E 85 -27.42 25.89 -28.48
N PRO E 86 -28.45 25.01 -28.24
CA PRO E 86 -28.50 24.19 -27.01
C PRO E 86 -27.14 23.85 -26.44
N ALA E 87 -26.86 24.43 -25.27
CA ALA E 87 -25.49 24.55 -24.80
C ALA E 87 -24.86 23.21 -24.47
N LYS E 88 -25.64 22.23 -23.99
CA LYS E 88 -25.05 20.90 -23.75
C LYS E 88 -24.27 20.42 -24.97
N MET E 89 -24.63 20.89 -26.16
CA MET E 89 -23.87 20.54 -27.36
C MET E 89 -22.44 21.01 -27.26
N TRP E 90 -22.22 22.13 -26.58
CA TRP E 90 -20.92 22.77 -26.51
C TRP E 90 -20.01 22.23 -25.41
N ILE E 91 -20.55 21.48 -24.44
CA ILE E 91 -19.76 21.01 -23.29
C ILE E 91 -18.50 20.29 -23.74
N GLY E 92 -18.65 19.27 -24.57
CA GLY E 92 -17.51 18.51 -25.08
C GLY E 92 -16.42 19.35 -25.69
N GLY E 93 -16.75 20.14 -26.70
CA GLY E 93 -15.84 21.14 -27.23
C GLY E 93 -15.28 22.08 -26.18
N LEU E 94 -16.16 22.76 -25.45
CA LEU E 94 -15.69 23.73 -24.46
C LEU E 94 -14.75 23.10 -23.44
N LEU E 95 -14.97 21.82 -23.11
CA LEU E 95 -14.01 21.12 -22.27
C LEU E 95 -12.67 20.97 -22.98
N GLU E 96 -12.70 20.75 -24.30
CA GLU E 96 -11.45 20.60 -25.05
C GLU E 96 -10.72 21.93 -25.22
N LEU E 97 -11.46 23.02 -25.47
CA LEU E 97 -10.84 24.28 -25.84
C LEU E 97 -9.84 24.74 -24.80
N ARG E 98 -8.60 25.03 -25.27
CA ARG E 98 -7.52 25.54 -24.41
C ARG E 98 -6.90 26.81 -24.98
N LYS E 99 -7.62 27.51 -25.83
CA LYS E 99 -7.23 28.82 -26.34
C LYS E 99 -8.12 29.87 -25.70
N PRO E 100 -7.68 31.13 -25.63
CA PRO E 100 -8.53 32.15 -25.02
C PRO E 100 -9.84 32.30 -25.77
N LEU E 101 -10.93 32.21 -25.04
CA LEU E 101 -12.25 32.30 -25.62
C LEU E 101 -12.77 33.70 -25.43
N LEU E 102 -13.15 34.34 -26.52
CA LEU E 102 -13.91 35.58 -26.46
C LEU E 102 -15.35 35.23 -26.74
N HIS E 103 -16.22 35.51 -25.78
CA HIS E 103 -17.66 35.35 -26.01
C HIS E 103 -18.18 36.65 -26.58
N LEU E 104 -18.48 36.64 -27.87
CA LEU E 104 -18.96 37.83 -28.55
C LEU E 104 -20.47 37.78 -28.53
N HIS E 105 -21.06 38.66 -27.72
CA HIS E 105 -22.50 38.75 -27.56
C HIS E 105 -22.93 39.92 -28.45
N THR E 106 -23.39 39.60 -29.65
CA THR E 106 -23.72 40.63 -30.64
C THR E 106 -24.91 40.16 -31.46
N GLN E 107 -25.44 41.08 -32.24
CA GLN E 107 -26.54 40.81 -33.15
C GLN E 107 -26.14 41.31 -34.53
N PHE E 108 -26.48 40.56 -35.58
CA PHE E 108 -26.20 41.06 -36.91
C PHE E 108 -26.86 42.43 -37.14
N ASN E 109 -28.19 42.46 -37.10
CA ASN E 109 -28.91 43.72 -37.21
C ASN E 109 -28.73 44.56 -35.95
N ARG E 110 -28.48 45.85 -36.15
CA ARG E 110 -28.26 46.73 -35.01
C ARG E 110 -29.57 47.12 -34.34
N ASP E 111 -30.57 47.47 -35.13
CA ASP E 111 -31.82 47.97 -34.57
C ASP E 111 -32.95 47.01 -34.97
N ILE E 112 -33.98 46.98 -34.13
CA ILE E 112 -35.09 46.06 -34.35
C ILE E 112 -35.94 46.56 -35.52
N PRO E 113 -36.22 45.75 -36.52
CA PRO E 113 -37.13 46.19 -37.58
C PRO E 113 -38.58 46.15 -37.10
N TRP E 114 -39.01 47.24 -36.46
CA TRP E 114 -40.34 47.30 -35.84
C TRP E 114 -41.44 46.84 -36.79
N ASP E 115 -41.42 47.33 -38.03
CA ASP E 115 -42.59 47.21 -38.89
C ASP E 115 -42.71 45.85 -39.55
N SER E 116 -41.64 45.06 -39.60
CA SER E 116 -41.67 43.74 -40.20
C SER E 116 -41.34 42.60 -39.25
N ILE E 117 -40.98 42.90 -38.00
CA ILE E 117 -40.52 41.94 -37.00
C ILE E 117 -41.42 40.71 -36.97
N ASP E 118 -41.17 39.78 -37.89
CA ASP E 118 -41.87 38.50 -37.92
C ASP E 118 -41.30 37.62 -36.79
N MET E 119 -41.88 36.43 -36.62
CA MET E 119 -41.21 35.40 -35.85
C MET E 119 -40.11 34.72 -36.67
N ASP E 120 -40.34 34.55 -37.97
CA ASP E 120 -39.28 34.17 -38.90
C ASP E 120 -38.01 34.98 -38.67
N PHE E 121 -38.14 36.31 -38.61
CA PHE E 121 -37.02 37.13 -38.17
C PHE E 121 -36.49 36.62 -36.86
N MET E 122 -37.40 36.41 -35.92
CA MET E 122 -37.07 36.24 -34.53
C MET E 122 -36.61 34.83 -34.22
N ASN E 123 -36.99 33.85 -35.04
CA ASN E 123 -36.45 32.49 -34.91
C ASN E 123 -34.94 32.46 -35.20
N LEU E 124 -34.40 33.43 -35.92
CA LEU E 124 -33.03 33.38 -36.39
C LEU E 124 -32.11 34.41 -35.73
N ASN E 125 -32.65 35.52 -35.23
CA ASN E 125 -31.79 36.46 -34.54
C ASN E 125 -32.01 36.42 -33.04
N GLN E 126 -31.69 35.25 -32.45
CA GLN E 126 -32.05 34.92 -31.09
C GLN E 126 -30.96 35.19 -30.06
N SER E 127 -29.75 35.61 -30.47
CA SER E 127 -28.61 35.65 -29.56
C SER E 127 -28.91 36.37 -28.25
N ALA E 128 -29.91 37.24 -28.27
CA ALA E 128 -30.42 37.85 -27.04
C ALA E 128 -30.57 36.77 -25.97
N HIS E 129 -31.02 35.59 -26.37
CA HIS E 129 -31.06 34.50 -25.42
C HIS E 129 -30.11 33.35 -25.74
N GLY E 130 -29.84 33.07 -27.02
CA GLY E 130 -28.93 31.98 -27.35
C GLY E 130 -27.55 32.17 -26.75
N ASP E 131 -27.08 33.42 -26.67
CA ASP E 131 -25.82 33.69 -26.00
C ASP E 131 -25.92 33.55 -24.49
N ARG E 132 -27.10 33.81 -23.93
CA ARG E 132 -27.23 33.65 -22.49
C ARG E 132 -27.25 32.18 -22.10
N GLU E 133 -27.82 31.33 -22.95
CA GLU E 133 -27.73 29.91 -22.70
C GLU E 133 -26.28 29.44 -22.75
N PHE E 134 -25.52 29.95 -23.72
CA PHE E 134 -24.08 29.69 -23.79
C PHE E 134 -23.34 30.39 -22.64
N GLY E 135 -23.75 31.60 -22.27
CA GLY E 135 -23.18 32.22 -21.08
C GLY E 135 -23.30 31.32 -19.85
N PHE E 136 -24.49 30.77 -19.62
CA PHE E 136 -24.67 29.80 -18.55
C PHE E 136 -23.69 28.65 -18.64
N MET E 137 -23.67 27.97 -19.79
CA MET E 137 -22.86 26.77 -19.92
C MET E 137 -21.39 27.04 -19.64
N VAL E 138 -20.88 28.18 -20.10
CA VAL E 138 -19.47 28.49 -19.87
C VAL E 138 -19.22 28.84 -18.40
N THR E 139 -20.11 29.65 -17.81
CA THR E 139 -20.01 29.90 -16.39
C THR E 139 -20.13 28.60 -15.61
N ARG E 140 -20.99 27.70 -16.06
CA ARG E 140 -21.20 26.45 -15.35
C ARG E 140 -19.94 25.57 -15.39
N LEU E 141 -19.20 25.60 -16.49
CA LEU E 141 -17.95 24.85 -16.52
C LEU E 141 -16.79 25.57 -15.84
N GLY E 142 -17.03 26.76 -15.29
CA GLY E 142 -15.98 27.50 -14.62
C GLY E 142 -14.89 28.06 -15.53
N MET E 143 -15.13 28.12 -16.82
CA MET E 143 -14.09 28.52 -17.76
C MET E 143 -13.84 30.03 -17.70
N PRO E 144 -12.58 30.47 -17.78
CA PRO E 144 -12.32 31.89 -17.96
C PRO E 144 -12.64 32.31 -19.38
N ARG E 145 -13.21 33.50 -19.53
CA ARG E 145 -13.53 34.01 -20.85
C ARG E 145 -13.75 35.51 -20.77
N LYS E 146 -13.42 36.19 -21.85
CA LYS E 146 -13.87 37.55 -22.04
C LYS E 146 -15.30 37.52 -22.60
N VAL E 147 -16.10 38.51 -22.24
CA VAL E 147 -17.47 38.62 -22.74
C VAL E 147 -17.65 40.05 -23.19
N ILE E 148 -17.88 40.24 -24.49
CA ILE E 148 -18.08 41.58 -25.05
C ILE E 148 -19.49 41.62 -25.62
N VAL E 149 -20.21 42.70 -25.32
CA VAL E 149 -21.61 42.84 -25.70
C VAL E 149 -21.84 44.18 -26.37
N GLY E 150 -22.46 44.14 -27.54
CA GLY E 150 -22.64 45.30 -28.39
C GLY E 150 -22.82 44.85 -29.81
N HIS E 151 -23.27 45.76 -30.66
CA HIS E 151 -23.43 45.44 -32.08
C HIS E 151 -22.06 45.13 -32.70
N TRP E 152 -22.05 44.33 -33.77
CA TRP E 152 -20.77 43.92 -34.33
C TRP E 152 -20.05 45.01 -35.10
N GLN E 153 -20.63 46.21 -35.19
CA GLN E 153 -19.94 47.37 -35.77
C GLN E 153 -19.77 48.50 -34.76
N ASP E 154 -20.26 48.36 -33.53
CA ASP E 154 -20.07 49.44 -32.58
C ASP E 154 -18.56 49.63 -32.39
N ALA E 155 -18.17 50.88 -32.13
CA ALA E 155 -16.75 51.18 -32.16
C ALA E 155 -16.04 50.59 -30.95
N GLU E 156 -16.72 50.52 -29.81
CA GLU E 156 -16.09 49.93 -28.62
C GLU E 156 -15.97 48.42 -28.77
N VAL E 157 -16.96 47.78 -29.38
CA VAL E 157 -16.79 46.37 -29.70
C VAL E 157 -15.56 46.15 -30.58
N ALA E 158 -15.08 47.18 -31.29
CA ALA E 158 -13.80 47.04 -31.98
C ALA E 158 -12.65 47.32 -31.04
N ARG E 159 -12.67 48.45 -30.33
CA ARG E 159 -11.63 48.72 -29.35
C ARG E 159 -11.42 47.54 -28.40
N ARG E 160 -12.51 47.02 -27.81
CA ARG E 160 -12.37 45.94 -26.83
C ARG E 160 -11.86 44.66 -27.48
N VAL E 161 -12.50 44.23 -28.57
CA VAL E 161 -12.06 43.03 -29.27
C VAL E 161 -10.59 43.12 -29.67
N ARG E 162 -10.14 44.30 -30.11
CA ARG E 162 -8.74 44.44 -30.46
C ARG E 162 -7.86 44.38 -29.21
N GLY E 163 -8.28 45.01 -28.12
CA GLY E 163 -7.52 44.92 -26.88
C GLY E 163 -7.39 43.48 -26.39
N TRP E 164 -8.50 42.75 -26.40
CA TRP E 164 -8.45 41.35 -26.02
C TRP E 164 -7.52 40.58 -26.95
N ALA E 165 -7.71 40.72 -28.26
CA ALA E 165 -6.93 39.93 -29.21
C ALA E 165 -5.44 40.13 -28.99
N MET E 166 -5.02 41.36 -28.68
CA MET E 166 -3.63 41.62 -28.32
C MET E 166 -3.21 40.76 -27.14
N THR E 167 -4.03 40.74 -26.11
CA THR E 167 -3.78 39.88 -24.96
C THR E 167 -3.65 38.43 -25.38
N ALA E 168 -4.61 37.96 -26.19
CA ALA E 168 -4.63 36.56 -26.59
C ALA E 168 -3.36 36.19 -27.36
N VAL E 169 -2.85 37.12 -28.16
CA VAL E 169 -1.59 36.91 -28.86
C VAL E 169 -0.43 36.86 -27.88
N ALA E 170 -0.41 37.75 -26.87
CA ALA E 170 0.57 37.59 -25.80
C ALA E 170 0.46 36.22 -25.14
N ALA E 171 -0.78 35.78 -24.88
CA ALA E 171 -1.02 34.44 -24.31
C ALA E 171 -0.39 33.36 -25.18
N ALA E 172 -0.56 33.45 -26.51
CA ALA E 172 0.00 32.43 -27.40
C ALA E 172 1.52 32.49 -27.39
N VAL E 173 2.07 33.68 -27.27
CA VAL E 173 3.51 33.81 -27.13
C VAL E 173 3.96 33.22 -25.80
N SER E 174 3.20 33.48 -24.74
CA SER E 174 3.53 32.91 -23.44
C SER E 174 3.62 31.39 -23.51
N ARG E 175 2.70 30.74 -24.24
CA ARG E 175 2.61 29.28 -24.20
C ARG E 175 3.83 28.61 -24.82
N GLY E 176 4.45 29.22 -25.81
CA GLY E 176 5.73 28.74 -26.28
C GLY E 176 6.97 29.44 -25.71
N LEU E 177 6.79 30.46 -24.86
CA LEU E 177 7.85 31.41 -24.57
C LEU E 177 9.02 30.74 -23.90
N LYS E 178 10.18 30.79 -24.54
CA LYS E 178 11.43 30.23 -24.00
C LYS E 178 12.26 31.34 -23.39
N VAL E 179 12.69 31.14 -22.16
CA VAL E 179 13.51 32.07 -21.41
C VAL E 179 14.86 31.40 -21.19
N ALA E 180 15.93 32.18 -21.34
CA ALA E 180 17.29 31.72 -21.04
C ALA E 180 17.79 32.57 -19.89
N ARG E 181 18.14 31.92 -18.79
CA ARG E 181 18.71 32.61 -17.65
C ARG E 181 20.22 32.42 -17.72
N PHE E 182 20.95 33.53 -17.81
CA PHE E 182 22.41 33.46 -17.81
C PHE E 182 22.89 33.65 -16.38
N GLY E 183 22.87 32.56 -15.63
CA GLY E 183 23.21 32.56 -14.22
C GLY E 183 21.97 32.43 -13.36
N ASP E 184 22.21 32.42 -12.05
CA ASP E 184 21.17 32.15 -11.07
C ASP E 184 20.69 33.45 -10.44
N ASN E 185 19.69 33.34 -9.59
CA ASN E 185 19.18 34.51 -8.90
C ASN E 185 20.29 35.20 -8.14
N MET E 186 20.16 36.50 -7.99
CA MET E 186 20.97 37.19 -7.00
C MET E 186 20.77 36.49 -5.65
N ARG E 187 21.86 36.11 -5.04
CA ARG E 187 21.80 35.38 -3.79
C ARG E 187 20.98 36.12 -2.75
N GLN E 188 20.17 35.36 -2.02
CA GLN E 188 19.39 35.79 -0.87
C GLN E 188 18.23 36.71 -1.26
N VAL E 189 18.08 37.06 -2.54
CA VAL E 189 16.88 37.77 -2.99
C VAL E 189 15.68 36.82 -2.99
N ALA E 190 14.53 37.31 -2.53
CA ALA E 190 13.37 36.43 -2.43
C ALA E 190 12.36 36.63 -3.58
N VAL E 191 12.04 37.87 -3.93
CA VAL E 191 10.89 38.12 -4.81
C VAL E 191 11.09 37.56 -6.21
N THR E 192 12.32 37.51 -6.69
CA THR E 192 12.60 37.00 -8.02
C THR E 192 12.66 35.49 -8.04
N GLU E 193 12.57 34.85 -6.89
CA GLU E 193 12.57 33.41 -6.82
C GLU E 193 11.16 32.91 -7.11
N GLY E 194 11.05 31.65 -7.48
CA GLY E 194 9.72 31.11 -7.72
C GLY E 194 9.80 29.70 -8.23
N ASP E 195 8.63 29.14 -8.49
CA ASP E 195 8.53 27.78 -9.00
C ASP E 195 8.49 27.86 -10.51
N LYS E 196 9.61 27.55 -11.17
CA LYS E 196 9.61 27.55 -12.63
C LYS E 196 8.63 26.52 -13.17
N VAL E 197 8.40 25.44 -12.41
CA VAL E 197 7.49 24.38 -12.85
C VAL E 197 6.05 24.85 -12.79
N GLU E 198 5.67 25.54 -11.72
CA GLU E 198 4.33 26.10 -11.67
C GLU E 198 4.12 27.09 -12.79
N ALA E 199 5.15 27.90 -13.06
CA ALA E 199 5.04 28.91 -14.12
C ALA E 199 4.89 28.26 -15.48
N GLU E 200 5.65 27.22 -15.75
CA GLU E 200 5.48 26.53 -17.03
C GLU E 200 4.10 25.94 -17.12
N ALA E 201 3.60 25.35 -16.02
CA ALA E 201 2.24 24.83 -15.99
C ALA E 201 1.21 25.92 -16.27
N ARG E 202 1.34 27.06 -15.57
CA ARG E 202 0.32 28.11 -15.63
C ARG E 202 0.39 28.88 -16.93
N PHE E 203 1.60 29.31 -17.30
CA PHE E 203 1.79 30.25 -18.39
C PHE E 203 2.41 29.59 -19.61
N GLY E 204 3.03 28.43 -19.46
CA GLY E 204 3.73 27.80 -20.55
C GLY E 204 5.19 28.24 -20.73
N TRP E 205 5.71 29.10 -19.83
CA TRP E 205 7.08 29.55 -20.00
C TRP E 205 8.04 28.39 -19.78
N SER E 206 8.90 28.15 -20.74
CA SER E 206 10.03 27.27 -20.54
C SER E 206 11.18 28.15 -20.02
N VAL E 207 11.54 27.98 -18.75
CA VAL E 207 12.58 28.81 -18.11
C VAL E 207 13.72 27.90 -17.68
N ASN E 208 14.90 28.11 -18.26
CA ASN E 208 15.97 27.16 -18.05
C ASN E 208 17.29 27.90 -17.98
N GLY E 209 18.29 27.22 -17.45
CA GLY E 209 19.47 27.90 -16.98
C GLY E 209 20.71 27.48 -17.73
N TYR E 210 21.41 28.48 -18.25
CA TYR E 210 22.68 28.30 -18.92
C TYR E 210 23.74 29.02 -18.10
N GLY E 211 24.91 28.40 -17.98
CA GLY E 211 26.01 29.07 -17.32
C GLY E 211 26.46 30.28 -18.10
N VAL E 212 27.07 31.23 -17.39
CA VAL E 212 27.52 32.44 -18.06
C VAL E 212 28.59 32.12 -19.09
N GLY E 213 29.37 31.06 -18.87
CA GLY E 213 30.32 30.62 -19.88
C GLY E 213 29.70 30.33 -21.22
N ASP E 214 28.46 29.81 -21.25
CA ASP E 214 27.84 29.54 -22.53
C ASP E 214 27.59 30.84 -23.28
N LEU E 215 27.33 31.92 -22.55
CA LEU E 215 27.22 33.23 -23.16
C LEU E 215 28.58 33.80 -23.49
N ALA E 216 29.54 33.66 -22.56
CA ALA E 216 30.91 34.13 -22.78
C ALA E 216 31.51 33.48 -24.02
N GLU E 217 31.37 32.16 -24.12
CA GLU E 217 31.82 31.43 -25.30
C GLU E 217 31.32 32.14 -26.55
N ARG E 218 30.02 32.46 -26.56
CA ARG E 218 29.41 33.04 -27.74
C ARG E 218 29.82 34.50 -27.91
N VAL E 219 30.17 35.18 -26.82
CA VAL E 219 30.64 36.56 -26.92
C VAL E 219 32.07 36.59 -27.46
N ARG E 220 32.91 35.66 -27.02
CA ARG E 220 34.27 35.62 -27.53
C ARG E 220 34.34 35.12 -28.99
N ALA E 221 33.30 34.46 -29.50
CA ALA E 221 33.28 34.07 -30.90
C ALA E 221 32.76 35.16 -31.83
N VAL E 222 32.28 36.27 -31.29
CA VAL E 222 31.93 37.40 -32.14
C VAL E 222 33.19 37.95 -32.77
N SER E 223 33.18 38.06 -34.10
CA SER E 223 34.34 38.59 -34.80
C SER E 223 34.56 40.06 -34.43
N GLU E 224 35.60 40.64 -35.01
CA GLU E 224 35.72 42.09 -34.93
C GLU E 224 35.07 42.78 -36.12
N ALA E 225 35.00 42.11 -37.27
CA ALA E 225 34.30 42.69 -38.42
C ALA E 225 32.85 42.99 -38.07
N GLU E 226 32.17 42.05 -37.39
CA GLU E 226 30.76 42.25 -37.12
C GLU E 226 30.55 43.27 -36.02
N ILE E 227 31.50 43.41 -35.08
CA ILE E 227 31.40 44.52 -34.15
C ILE E 227 31.53 45.84 -34.90
N ASP E 228 32.39 45.89 -35.91
CA ASP E 228 32.47 47.08 -36.75
C ASP E 228 31.10 47.40 -37.35
N ARG E 229 30.54 46.44 -38.07
CA ARG E 229 29.23 46.61 -38.69
C ARG E 229 28.21 47.12 -37.69
N LEU E 230 28.27 46.62 -36.45
CA LEU E 230 27.27 47.01 -35.47
C LEU E 230 27.50 48.41 -34.91
N ILE E 231 28.77 48.84 -34.78
CA ILE E 231 29.00 50.19 -34.28
C ILE E 231 28.55 51.21 -35.32
N ASP E 232 28.72 50.89 -36.60
CA ASP E 232 28.15 51.74 -37.64
C ASP E 232 26.63 51.83 -37.49
N GLU E 233 26.00 50.76 -36.99
CA GLU E 233 24.60 50.86 -36.63
C GLU E 233 24.37 51.65 -35.34
N TYR E 234 25.37 51.73 -34.45
CA TYR E 234 25.17 52.55 -33.26
C TYR E 234 25.24 54.04 -33.59
N GLN E 235 26.19 54.45 -34.44
CA GLN E 235 26.22 55.83 -34.91
C GLN E 235 24.93 56.21 -35.62
N SER E 236 24.36 55.28 -36.39
CA SER E 236 23.18 55.55 -37.19
C SER E 236 21.96 55.90 -36.33
N LEU E 237 22.00 55.68 -35.02
CA LEU E 237 20.80 55.83 -34.19
C LEU E 237 21.02 56.57 -32.89
N TYR E 238 22.22 56.60 -32.34
CA TYR E 238 22.40 57.13 -31.00
C TYR E 238 23.47 58.22 -31.02
N GLU E 239 23.34 59.16 -30.10
CA GLU E 239 24.40 60.11 -29.86
C GLU E 239 25.38 59.52 -28.87
N PHE E 240 26.62 60.01 -28.91
CA PHE E 240 27.69 59.46 -28.09
C PHE E 240 28.16 60.51 -27.08
N ALA E 241 28.39 60.05 -25.85
CA ALA E 241 28.86 60.89 -24.76
C ALA E 241 30.24 61.44 -25.08
N PRO E 242 30.73 62.44 -24.35
CA PRO E 242 32.14 62.83 -24.52
C PRO E 242 33.08 61.65 -24.28
N GLY E 243 33.98 61.42 -25.22
CA GLY E 243 34.94 60.35 -25.10
C GLY E 243 34.40 58.98 -25.46
N CYS E 244 33.20 58.88 -26.00
CA CYS E 244 32.58 57.60 -26.33
C CYS E 244 32.52 57.32 -27.82
N GLU E 245 32.48 58.37 -28.64
CA GLU E 245 32.48 58.24 -30.10
C GLU E 245 33.60 57.31 -30.57
N LYS E 246 33.49 56.85 -31.82
CA LYS E 246 34.56 56.07 -32.43
C LYS E 246 35.87 56.86 -32.35
N GLY E 247 36.93 56.18 -31.92
CA GLY E 247 38.21 56.78 -31.71
C GLY E 247 38.49 57.21 -30.28
N GLY E 248 37.46 57.46 -29.49
CA GLY E 248 37.62 57.98 -28.15
C GLY E 248 38.24 56.97 -27.18
N PRO E 249 38.68 57.45 -26.01
CA PRO E 249 39.28 56.54 -25.03
C PRO E 249 38.29 55.61 -24.36
N LEU E 250 36.98 55.90 -24.43
CA LEU E 250 35.96 55.02 -23.86
C LEU E 250 35.21 54.22 -24.90
N HIS E 251 35.55 54.37 -26.19
CA HIS E 251 34.84 53.67 -27.25
C HIS E 251 35.04 52.16 -27.19
N ASP E 252 36.03 51.66 -26.46
CA ASP E 252 36.15 50.22 -26.34
C ASP E 252 35.10 49.66 -25.39
N GLY E 253 34.71 50.45 -24.38
CA GLY E 253 33.58 50.06 -23.55
C GLY E 253 32.33 49.84 -24.38
N VAL E 254 32.11 50.70 -25.39
CA VAL E 254 30.99 50.51 -26.30
C VAL E 254 31.20 49.26 -27.15
N ARG E 255 32.38 49.13 -27.75
CA ARG E 255 32.68 47.95 -28.55
C ARG E 255 32.32 46.69 -27.78
N GLU E 256 32.65 46.66 -26.48
CA GLU E 256 32.45 45.45 -25.68
C GLU E 256 30.97 45.17 -25.46
N GLN E 257 30.13 46.20 -25.43
CA GLN E 257 28.70 45.95 -25.38
C GLN E 257 28.18 45.53 -26.74
N ALA E 258 28.77 46.04 -27.80
CA ALA E 258 28.37 45.61 -29.14
C ALA E 258 28.68 44.14 -29.31
N ARG E 259 29.85 43.71 -28.83
CA ARG E 259 30.20 42.31 -28.78
C ARG E 259 29.15 41.52 -28.01
N ILE E 260 28.92 41.91 -26.76
CA ILE E 260 27.95 41.23 -25.91
C ILE E 260 26.59 41.16 -26.61
N GLU E 261 26.20 42.23 -27.30
CA GLU E 261 24.94 42.17 -28.03
C GLU E 261 24.98 41.07 -29.07
N LEU E 262 26.07 40.96 -29.80
CA LEU E 262 26.11 40.03 -30.92
C LEU E 262 26.15 38.59 -30.43
N GLY E 263 26.88 38.33 -29.35
CA GLY E 263 26.88 37.00 -28.77
C GLY E 263 25.57 36.65 -28.10
N LEU E 264 24.88 37.65 -27.55
CA LEU E 264 23.57 37.41 -26.95
C LEU E 264 22.54 37.11 -28.02
N ARG E 265 22.45 37.96 -29.03
CA ARG E 265 21.53 37.71 -30.12
C ARG E 265 21.83 36.37 -30.78
N SER E 266 23.12 36.07 -30.93
CA SER E 266 23.53 34.76 -31.43
C SER E 266 22.90 33.64 -30.60
N PHE E 267 23.17 33.67 -29.30
CA PHE E 267 22.72 32.60 -28.41
C PHE E 267 21.19 32.55 -28.35
N LEU E 268 20.54 33.71 -28.19
CA LEU E 268 19.08 33.77 -28.09
C LEU E 268 18.40 33.29 -29.37
N GLU E 269 18.90 33.70 -30.54
CA GLU E 269 18.25 33.30 -31.79
C GLU E 269 18.43 31.80 -32.07
N GLU E 270 19.57 31.24 -31.71
CA GLU E 270 19.78 29.81 -31.92
C GLU E 270 18.78 28.98 -31.10
N GLY E 271 18.55 29.40 -29.86
CA GLY E 271 17.65 28.65 -29.00
C GLY E 271 16.19 28.97 -29.21
N GLY E 272 15.90 30.14 -29.78
CA GLY E 272 14.53 30.57 -29.92
C GLY E 272 13.99 31.26 -28.70
N PHE E 273 14.86 31.69 -27.79
CA PHE E 273 14.42 32.41 -26.61
C PHE E 273 13.91 33.79 -27.01
N GLU E 274 12.82 34.22 -26.38
CA GLU E 274 12.30 35.56 -26.59
C GLU E 274 12.43 36.41 -25.34
N ALA E 275 13.11 35.89 -24.31
CA ALA E 275 13.33 36.57 -23.05
C ALA E 275 14.54 35.96 -22.35
N PHE E 276 15.24 36.76 -21.58
CA PHE E 276 16.41 36.25 -20.89
C PHE E 276 16.66 37.08 -19.63
N THR E 277 17.55 36.57 -18.78
CA THR E 277 17.97 37.24 -17.56
C THR E 277 19.48 37.18 -17.42
N THR E 278 20.04 38.15 -16.72
CA THR E 278 21.45 38.15 -16.33
C THR E 278 21.55 38.42 -14.83
N THR E 279 22.64 37.94 -14.25
CA THR E 279 22.97 38.23 -12.84
C THR E 279 24.35 38.86 -12.78
N PHE E 280 24.48 39.94 -12.01
CA PHE E 280 25.78 40.58 -11.89
C PHE E 280 26.73 39.83 -10.95
N GLU E 281 26.20 38.95 -10.11
CA GLU E 281 27.02 38.14 -9.22
C GLU E 281 27.73 37.01 -9.94
N ASP E 282 27.49 36.84 -11.24
CA ASP E 282 28.00 35.72 -12.02
C ASP E 282 28.26 36.25 -13.43
N LEU E 283 29.50 36.72 -13.64
CA LEU E 283 29.86 37.35 -14.90
C LEU E 283 31.19 36.83 -15.43
N HIS E 284 31.62 35.65 -14.97
CA HIS E 284 32.87 35.05 -15.42
C HIS E 284 32.93 34.95 -16.92
N GLY E 285 33.99 35.53 -17.51
CA GLY E 285 34.18 35.49 -18.94
C GLY E 285 33.50 36.59 -19.70
N MET E 286 32.68 37.41 -19.04
CA MET E 286 32.17 38.66 -19.59
C MET E 286 33.11 39.80 -19.22
N LYS E 287 33.29 40.74 -20.17
CA LYS E 287 34.17 41.84 -19.82
C LYS E 287 33.41 42.98 -19.14
N GLN E 288 32.10 43.08 -19.38
CA GLN E 288 31.24 44.00 -18.63
C GLN E 288 29.93 43.31 -18.31
N LEU E 289 29.18 43.88 -17.37
CA LEU E 289 27.78 43.48 -17.19
C LEU E 289 27.00 43.92 -18.43
N PRO E 290 26.20 43.05 -19.04
CA PRO E 290 25.48 43.43 -20.28
C PRO E 290 24.47 44.52 -19.97
N GLY E 291 24.51 45.60 -20.76
CA GLY E 291 23.70 46.78 -20.52
C GLY E 291 23.13 47.34 -21.80
N LEU E 292 23.94 48.11 -22.52
CA LEU E 292 23.56 48.59 -23.83
C LEU E 292 23.05 47.44 -24.71
N ALA E 293 23.72 46.28 -24.65
CA ALA E 293 23.27 45.12 -25.41
C ALA E 293 21.87 44.71 -24.99
N VAL E 294 21.63 44.61 -23.68
CA VAL E 294 20.30 44.29 -23.18
C VAL E 294 19.27 45.30 -23.71
N GLN E 295 19.53 46.59 -23.48
CA GLN E 295 18.60 47.63 -23.90
C GLN E 295 18.26 47.48 -25.37
N ARG E 296 19.28 47.28 -26.20
CA ARG E 296 19.00 47.07 -27.61
C ARG E 296 18.10 45.86 -27.82
N LEU E 297 18.34 44.79 -27.05
CA LEU E 297 17.57 43.55 -27.23
C LEU E 297 16.14 43.71 -26.73
N MET E 298 15.95 44.38 -25.61
CA MET E 298 14.60 44.72 -25.18
C MET E 298 13.90 45.51 -26.28
N ALA E 299 14.55 46.56 -26.81
CA ALA E 299 13.91 47.37 -27.84
C ALA E 299 13.46 46.53 -29.03
N GLU E 300 14.22 45.49 -29.38
CA GLU E 300 13.73 44.61 -30.42
C GLU E 300 12.60 43.70 -29.93
N GLY E 301 12.31 43.67 -28.64
CA GLY E 301 11.18 42.92 -28.15
C GLY E 301 11.52 41.77 -27.24
N TYR E 302 12.78 41.53 -26.94
CA TYR E 302 13.13 40.53 -25.94
C TYR E 302 12.66 40.98 -24.58
N GLY E 303 12.15 40.03 -23.79
CA GLY E 303 11.96 40.26 -22.39
C GLY E 303 13.29 40.17 -21.66
N PHE E 304 13.46 41.04 -20.67
CA PHE E 304 14.65 40.97 -19.86
C PHE E 304 14.23 41.13 -18.41
N GLY E 305 15.01 40.52 -17.53
CA GLY E 305 14.95 40.78 -16.10
C GLY E 305 16.33 40.66 -15.49
N GLY E 306 16.67 41.54 -14.58
CA GLY E 306 18.00 41.52 -14.00
C GLY E 306 18.01 40.58 -12.84
N GLU E 307 19.21 40.21 -12.41
CA GLU E 307 19.40 39.32 -11.26
C GLU E 307 18.59 38.04 -11.40
N GLY E 308 18.51 37.52 -12.62
CA GLY E 308 17.92 36.22 -12.83
C GLY E 308 16.42 36.21 -12.79
N ASP E 309 15.79 37.36 -12.89
CA ASP E 309 14.36 37.51 -12.65
C ASP E 309 13.62 37.07 -13.89
N TRP E 310 13.32 35.77 -13.95
CA TRP E 310 12.69 35.21 -15.12
C TRP E 310 11.20 35.58 -15.20
N LYS E 311 10.54 35.77 -14.04
CA LYS E 311 9.13 36.14 -14.05
C LYS E 311 8.93 37.51 -14.69
N THR E 312 9.67 38.51 -14.21
CA THR E 312 9.62 39.80 -14.89
C THR E 312 10.07 39.65 -16.32
N ALA E 313 11.11 38.84 -16.55
CA ALA E 313 11.66 38.65 -17.89
C ALA E 313 10.59 38.18 -18.84
N ALA E 314 9.81 37.18 -18.40
CA ALA E 314 8.68 36.72 -19.20
C ALA E 314 7.58 37.77 -19.25
N LEU E 315 7.36 38.49 -18.14
CA LEU E 315 6.34 39.53 -18.13
C LEU E 315 6.63 40.58 -19.20
N VAL E 316 7.88 41.03 -19.26
CA VAL E 316 8.27 42.06 -20.22
C VAL E 316 8.06 41.58 -21.64
N ARG E 317 8.37 40.29 -21.90
CA ARG E 317 8.11 39.76 -23.23
C ARG E 317 6.63 39.84 -23.56
N LEU E 318 5.76 39.37 -22.66
CA LEU E 318 4.34 39.31 -22.94
C LEU E 318 3.73 40.71 -23.10
N MET E 319 4.18 41.65 -22.27
CA MET E 319 3.67 43.00 -22.36
C MET E 319 4.18 43.72 -23.60
N LYS E 320 5.45 43.53 -23.94
CA LYS E 320 5.91 44.11 -25.20
C LYS E 320 5.09 43.56 -26.36
N VAL E 321 4.65 42.31 -26.25
CA VAL E 321 3.76 41.73 -27.26
C VAL E 321 2.39 42.37 -27.18
N MET E 322 1.85 42.49 -25.97
CA MET E 322 0.60 43.21 -25.77
C MET E 322 0.71 44.64 -26.26
N ALA E 323 1.91 45.22 -26.24
CA ALA E 323 2.11 46.62 -26.55
C ALA E 323 2.51 46.87 -28.00
N ASP E 324 2.42 45.86 -28.86
CA ASP E 324 2.85 46.00 -30.25
C ASP E 324 4.30 46.50 -30.34
N GLY E 325 5.07 46.22 -29.29
CA GLY E 325 6.49 46.50 -29.25
C GLY E 325 6.84 47.77 -28.52
N LYS E 326 5.93 48.74 -28.48
CA LYS E 326 6.29 50.09 -28.09
C LYS E 326 6.17 50.31 -26.60
N GLY E 327 6.95 51.27 -26.11
CA GLY E 327 6.73 51.88 -24.81
C GLY E 327 6.75 50.94 -23.64
N THR E 328 7.45 49.83 -23.74
CA THR E 328 7.39 48.78 -22.73
C THR E 328 8.81 48.41 -22.31
N SER E 329 9.05 48.34 -20.99
CA SER E 329 10.42 48.19 -20.53
C SER E 329 10.51 47.43 -19.20
N PHE E 330 11.57 46.66 -19.06
CA PHE E 330 12.04 46.32 -17.72
C PHE E 330 12.21 47.60 -16.91
N MET E 331 12.03 47.51 -15.60
CA MET E 331 11.99 48.71 -14.77
C MET E 331 12.21 48.27 -13.35
N GLU E 332 12.60 49.21 -12.51
CA GLU E 332 12.70 48.95 -11.08
C GLU E 332 12.66 50.28 -10.35
N ASP E 333 11.82 50.37 -9.31
CA ASP E 333 11.73 51.59 -8.54
C ASP E 333 13.07 51.84 -7.88
N TYR E 334 13.72 52.96 -8.18
CA TYR E 334 15.04 53.18 -7.61
C TYR E 334 15.04 54.18 -6.46
N THR E 335 14.39 55.32 -6.62
CA THR E 335 14.41 56.25 -5.52
C THR E 335 13.14 57.07 -5.58
N TYR E 336 12.78 57.65 -4.43
CA TYR E 336 11.55 58.42 -4.28
C TYR E 336 11.84 59.91 -4.17
N HIS E 337 10.90 60.70 -4.70
CA HIS E 337 10.80 62.13 -4.50
C HIS E 337 9.53 62.36 -3.70
N PHE E 338 9.69 62.76 -2.43
CA PHE E 338 8.57 62.90 -1.51
C PHE E 338 8.06 64.34 -1.42
N GLU E 339 8.34 65.18 -2.41
CA GLU E 339 7.93 66.59 -2.36
C GLU E 339 6.41 66.68 -2.39
N PRO E 340 5.76 67.19 -1.35
CA PRO E 340 4.29 67.12 -1.31
C PRO E 340 3.66 67.84 -2.50
N GLY E 341 2.70 67.17 -3.13
CA GLY E 341 2.10 67.67 -4.34
C GLY E 341 2.86 67.37 -5.62
N ASN E 342 4.12 66.97 -5.52
CA ASN E 342 4.94 66.55 -6.66
C ASN E 342 5.69 65.25 -6.30
N GLU E 343 4.98 64.28 -5.75
CA GLU E 343 5.60 63.01 -5.37
C GLU E 343 5.74 62.11 -6.59
N MET E 344 6.92 61.51 -6.73
CA MET E 344 7.24 60.72 -7.90
C MET E 344 8.17 59.58 -7.52
N ILE E 345 8.18 58.57 -8.38
CA ILE E 345 9.17 57.52 -8.33
C ILE E 345 10.15 57.74 -9.48
N LEU E 346 11.44 57.55 -9.20
CA LEU E 346 12.44 57.51 -10.27
C LEU E 346 12.64 56.05 -10.68
N GLY E 347 12.47 55.79 -11.96
CA GLY E 347 12.54 54.43 -12.45
C GLY E 347 13.80 54.21 -13.26
N ALA E 348 14.60 53.22 -12.88
CA ALA E 348 15.86 52.94 -13.56
C ALA E 348 16.23 51.49 -13.31
N HIS E 349 17.34 51.06 -13.92
CA HIS E 349 18.08 49.89 -13.49
C HIS E 349 19.56 50.22 -13.57
N MET E 350 20.40 49.38 -12.98
CA MET E 350 21.82 49.69 -13.00
C MET E 350 22.34 49.96 -14.40
N LEU E 351 21.62 49.51 -15.44
CA LEU E 351 21.96 49.76 -16.83
C LEU E 351 20.76 49.59 -17.76
N GLU E 352 19.93 48.58 -17.47
CA GLU E 352 19.06 47.94 -18.45
C GLU E 352 17.64 48.50 -18.38
N VAL E 353 17.46 49.71 -18.92
CA VAL E 353 16.14 50.29 -19.21
C VAL E 353 15.95 50.21 -20.72
N CYS E 354 14.73 49.89 -21.16
CA CYS E 354 14.54 49.75 -22.61
C CYS E 354 14.35 51.12 -23.25
N PRO E 355 15.04 51.41 -24.36
CA PRO E 355 14.92 52.74 -25.00
C PRO E 355 13.57 53.00 -25.65
N THR E 356 12.67 52.01 -25.69
CA THR E 356 11.33 52.19 -26.27
C THR E 356 10.42 53.07 -25.41
N ILE E 357 10.77 53.30 -24.14
CA ILE E 357 10.08 54.26 -23.30
C ILE E 357 10.78 55.61 -23.29
N ALA E 358 11.77 55.82 -24.16
CA ALA E 358 12.54 57.06 -24.17
C ALA E 358 11.77 58.19 -24.86
N ALA E 359 11.77 59.36 -24.24
CA ALA E 359 11.37 60.59 -24.92
C ALA E 359 12.57 61.39 -25.41
N THR E 360 13.75 61.17 -24.82
CA THR E 360 15.02 61.67 -25.30
C THR E 360 15.48 60.86 -26.52
N ARG E 361 16.43 61.43 -27.27
CA ARG E 361 16.99 60.29 -27.98
C ARG E 361 18.27 59.84 -27.28
N PRO E 362 18.52 58.53 -27.21
CA PRO E 362 19.46 58.01 -26.22
C PRO E 362 20.92 58.23 -26.62
N ARG E 363 21.72 58.61 -25.62
CA ARG E 363 23.16 58.72 -25.77
C ARG E 363 23.85 57.46 -25.25
N ILE E 364 24.87 57.00 -25.97
CA ILE E 364 25.70 55.88 -25.53
C ILE E 364 26.75 56.43 -24.57
N GLU E 365 26.62 56.11 -23.28
CA GLU E 365 27.52 56.60 -22.24
C GLU E 365 28.25 55.43 -21.58
N VAL E 366 29.36 55.76 -20.93
CA VAL E 366 30.21 54.77 -20.28
C VAL E 366 30.63 55.31 -18.92
N HIS E 367 30.25 54.63 -17.84
CA HIS E 367 30.53 55.05 -16.47
C HIS E 367 30.98 53.86 -15.65
N PRO E 368 31.86 54.06 -14.67
CA PRO E 368 32.30 52.93 -13.83
C PRO E 368 31.14 52.38 -13.02
N LEU E 369 30.93 51.07 -13.11
CA LEU E 369 29.87 50.40 -12.35
C LEU E 369 30.50 49.46 -11.34
N SER E 370 30.44 49.86 -10.06
CA SER E 370 31.02 49.03 -9.01
C SER E 370 30.36 47.66 -8.96
N ILE E 371 29.04 47.59 -9.12
CA ILE E 371 28.32 46.34 -8.98
C ILE E 371 28.72 45.38 -10.11
N GLY E 372 28.96 44.12 -9.75
CA GLY E 372 29.46 43.14 -10.69
C GLY E 372 30.97 43.12 -10.85
N GLY E 373 31.65 44.18 -10.39
CA GLY E 373 33.10 44.27 -10.37
C GLY E 373 33.74 44.06 -11.71
N LYS E 374 33.12 44.56 -12.77
CA LYS E 374 33.68 44.41 -14.10
C LYS E 374 33.77 45.78 -14.75
N GLU E 375 34.17 45.81 -16.02
CA GLU E 375 34.63 47.02 -16.67
C GLU E 375 33.49 48.04 -16.79
N ASP E 376 33.87 49.32 -16.93
CA ASP E 376 32.96 50.42 -17.23
C ASP E 376 32.08 50.04 -18.41
N PRO E 377 30.78 49.82 -18.22
CA PRO E 377 29.92 49.36 -19.32
C PRO E 377 29.25 50.51 -20.08
N ALA E 378 29.07 50.28 -21.37
CA ALA E 378 28.26 51.18 -22.17
C ALA E 378 26.79 50.95 -21.89
N ARG E 379 26.01 52.02 -21.91
CA ARG E 379 24.56 51.95 -21.78
C ARG E 379 23.95 53.15 -22.47
N LEU E 380 22.74 52.94 -23.00
CA LEU E 380 21.95 54.06 -23.45
C LEU E 380 21.46 54.85 -22.24
N VAL E 381 21.59 56.17 -22.30
CA VAL E 381 21.06 57.06 -21.28
C VAL E 381 20.01 57.94 -21.94
N PHE E 382 18.90 58.16 -21.23
CA PHE E 382 17.76 58.88 -21.74
C PHE E 382 16.77 59.11 -20.61
N ASP E 383 15.83 60.01 -20.86
CA ASP E 383 14.65 60.21 -20.02
C ASP E 383 13.48 59.44 -20.62
N GLY E 384 12.68 58.83 -19.75
CA GLY E 384 11.46 58.21 -20.20
C GLY E 384 10.37 59.22 -20.52
N GLY E 385 9.50 58.86 -21.46
CA GLY E 385 8.39 59.70 -21.87
C GLY E 385 7.40 59.95 -20.76
N GLU E 386 6.39 60.77 -21.03
CA GLU E 386 5.38 61.06 -20.04
C GLU E 386 4.06 60.46 -20.47
N GLY E 387 3.14 60.33 -19.51
CA GLY E 387 1.78 59.91 -19.82
C GLY E 387 1.39 58.65 -19.05
N ALA E 388 0.21 58.14 -19.41
CA ALA E 388 -0.40 57.06 -18.65
C ALA E 388 0.36 55.77 -18.90
N ALA E 389 0.60 55.02 -17.82
CA ALA E 389 1.30 53.75 -17.94
C ALA E 389 0.84 52.78 -16.86
N VAL E 390 1.18 51.52 -17.07
CA VAL E 390 1.01 50.51 -16.04
C VAL E 390 2.40 50.11 -15.58
N ASN E 391 2.56 49.88 -14.28
CA ASN E 391 3.75 49.25 -13.75
C ASN E 391 3.33 47.94 -13.09
N ALA E 392 3.72 46.82 -13.71
CA ALA E 392 3.22 45.49 -13.39
C ALA E 392 4.33 44.59 -12.89
N SER E 393 4.04 43.79 -11.88
CA SER E 393 5.00 42.76 -11.49
C SER E 393 4.24 41.47 -11.22
N LEU E 394 4.80 40.38 -11.69
CA LEU E 394 4.24 39.06 -11.45
C LEU E 394 5.02 38.39 -10.34
N ILE E 395 4.35 38.02 -9.26
CA ILE E 395 5.06 37.40 -8.15
C ILE E 395 4.55 35.98 -7.91
N ASP E 396 5.37 35.23 -7.16
CA ASP E 396 5.05 33.88 -6.70
C ASP E 396 4.69 33.96 -5.22
N LEU E 397 3.44 33.66 -4.90
CA LEU E 397 3.06 33.65 -3.49
C LEU E 397 3.39 32.33 -2.83
N GLY E 398 3.83 31.33 -3.59
CA GLY E 398 4.12 30.01 -3.08
C GLY E 398 3.17 28.99 -3.66
N HIS E 399 1.91 29.16 -3.38
CA HIS E 399 0.88 28.26 -3.89
C HIS E 399 0.36 28.70 -5.23
N ARG E 400 0.67 29.93 -5.64
CA ARG E 400 0.05 30.50 -6.84
C ARG E 400 0.71 31.83 -7.13
N PHE E 401 0.58 32.26 -8.38
CA PHE E 401 1.15 33.54 -8.74
C PHE E 401 0.13 34.66 -8.51
N ARG E 402 0.64 35.87 -8.40
CA ARG E 402 -0.20 37.05 -8.27
C ARG E 402 0.32 38.11 -9.22
N LEU E 403 -0.56 38.67 -10.02
CA LEU E 403 -0.18 39.71 -10.99
C LEU E 403 -0.63 41.04 -10.40
N ILE E 404 0.35 41.91 -10.13
CA ILE E 404 0.13 43.18 -9.46
C ILE E 404 0.39 44.29 -10.47
N VAL E 405 -0.60 45.17 -10.65
CA VAL E 405 -0.58 46.21 -11.68
C VAL E 405 -0.85 47.54 -11.00
N ASN E 406 0.06 48.49 -11.18
CA ASN E 406 -0.13 49.86 -10.73
C ASN E 406 -0.29 50.76 -11.94
N GLU E 407 -1.46 51.36 -12.09
CA GLU E 407 -1.66 52.43 -13.06
C GLU E 407 -0.87 53.65 -12.61
N VAL E 408 -0.15 54.28 -13.54
CA VAL E 408 0.67 55.45 -13.22
C VAL E 408 0.65 56.44 -14.38
N ASP E 409 1.07 57.66 -14.05
CA ASP E 409 1.24 58.72 -15.03
C ASP E 409 2.71 59.11 -15.03
N ALA E 410 3.41 58.73 -16.08
CA ALA E 410 4.79 59.16 -16.24
C ALA E 410 4.80 60.64 -16.56
N VAL E 411 5.77 61.36 -15.99
CA VAL E 411 5.87 62.81 -16.09
C VAL E 411 7.21 63.19 -16.71
N LYS E 412 7.22 64.27 -17.51
CA LYS E 412 8.47 64.84 -18.01
C LYS E 412 9.28 65.35 -16.83
N PRO E 413 10.56 65.04 -16.75
CA PRO E 413 11.37 65.58 -15.65
C PRO E 413 11.49 67.09 -15.79
N GLU E 414 11.51 67.77 -14.63
CA GLU E 414 11.60 69.23 -14.62
C GLU E 414 13.04 69.71 -14.51
N HIS E 415 13.92 68.92 -13.91
CA HIS E 415 15.34 69.21 -13.78
C HIS E 415 16.15 68.08 -14.36
N ASP E 416 17.10 68.41 -15.23
CA ASP E 416 18.04 67.41 -15.72
C ASP E 416 18.86 66.85 -14.56
N MET E 417 19.22 65.58 -14.67
CA MET E 417 20.09 64.90 -13.71
C MET E 417 21.38 64.58 -14.43
N PRO E 418 22.38 65.47 -14.39
CA PRO E 418 23.44 65.44 -15.40
C PRO E 418 24.54 64.42 -15.16
N LYS E 419 24.78 63.98 -13.92
CA LYS E 419 25.71 62.87 -13.73
C LYS E 419 25.01 61.62 -13.17
N LEU E 420 23.70 61.52 -13.34
CA LEU E 420 23.01 60.23 -13.21
C LEU E 420 23.33 59.39 -14.43
N PRO E 421 24.03 58.26 -14.29
CA PRO E 421 24.60 57.58 -15.46
C PRO E 421 23.70 56.58 -16.16
N VAL E 422 22.44 56.40 -15.77
CA VAL E 422 21.60 55.41 -16.42
C VAL E 422 20.25 56.01 -16.81
N ALA E 423 19.66 55.45 -17.87
CA ALA E 423 18.34 55.88 -18.32
C ALA E 423 17.36 55.83 -17.16
N ARG E 424 16.39 56.74 -17.19
CA ARG E 424 15.48 56.86 -16.07
C ARG E 424 14.13 57.29 -16.58
N ILE E 425 13.12 57.05 -15.75
CA ILE E 425 11.76 57.49 -16.00
C ILE E 425 11.21 57.98 -14.68
N LEU E 426 10.22 58.86 -14.76
CA LEU E 426 9.59 59.45 -13.58
C LEU E 426 8.10 59.22 -13.66
N TRP E 427 7.51 58.74 -12.58
CA TRP E 427 6.09 58.49 -12.65
C TRP E 427 5.47 58.73 -11.29
N LYS E 428 4.21 59.19 -11.33
CA LYS E 428 3.40 59.33 -10.14
C LYS E 428 2.43 58.17 -10.08
N PRO E 429 2.52 57.31 -9.07
CA PRO E 429 1.57 56.20 -8.99
C PRO E 429 0.20 56.69 -8.58
N ARG E 430 -0.82 56.19 -9.27
CA ARG E 430 -2.18 56.38 -8.79
C ARG E 430 -2.43 55.45 -7.60
N PRO E 431 -3.16 55.90 -6.57
CA PRO E 431 -3.83 57.20 -6.45
C PRO E 431 -2.91 58.27 -5.88
N SER E 432 -1.79 57.79 -5.35
CA SER E 432 -0.79 58.60 -4.68
C SER E 432 0.42 57.71 -4.45
N LEU E 433 1.57 58.35 -4.32
CA LEU E 433 2.76 57.61 -3.92
C LEU E 433 2.51 56.91 -2.60
N ARG E 434 1.97 57.65 -1.64
CA ARG E 434 1.78 57.12 -0.30
C ARG E 434 0.91 55.86 -0.32
N ASP E 435 -0.20 55.89 -1.03
CA ASP E 435 -1.13 54.78 -0.92
C ASP E 435 -0.83 53.66 -1.91
N SER E 436 -0.23 53.95 -3.06
CA SER E 436 0.07 52.87 -3.99
C SER E 436 1.27 52.06 -3.52
N ALA E 437 2.28 52.72 -2.96
CA ALA E 437 3.36 52.00 -2.34
C ALA E 437 2.84 51.10 -1.24
N GLU E 438 1.93 51.61 -0.40
CA GLU E 438 1.40 50.77 0.67
C GLU E 438 0.61 49.61 0.09
N ALA E 439 -0.23 49.89 -0.91
CA ALA E 439 -0.91 48.82 -1.60
C ALA E 439 0.10 47.83 -2.18
N TRP E 440 1.02 48.34 -2.99
CA TRP E 440 2.04 47.53 -3.65
C TRP E 440 2.74 46.62 -2.65
N ILE E 441 3.20 47.21 -1.56
CA ILE E 441 3.88 46.46 -0.53
C ILE E 441 2.97 45.36 0.03
N LEU E 442 1.73 45.70 0.42
CA LEU E 442 0.86 44.69 1.04
C LEU E 442 0.57 43.56 0.07
N ALA E 443 0.43 43.88 -1.22
CA ALA E 443 0.34 42.89 -2.26
C ALA E 443 1.63 42.12 -2.46
N GLY E 444 2.73 42.60 -1.92
CA GLY E 444 4.01 41.95 -2.14
C GLY E 444 4.59 42.20 -3.51
N GLY E 445 4.10 43.20 -4.22
CA GLY E 445 4.65 43.59 -5.49
C GLY E 445 6.16 43.57 -5.52
N ALA E 446 6.73 43.20 -6.66
CA ALA E 446 8.17 43.15 -6.75
C ALA E 446 8.71 44.56 -6.97
N HIS E 447 9.95 44.75 -6.55
CA HIS E 447 10.69 45.94 -6.94
C HIS E 447 11.02 45.93 -8.43
N HIS E 448 11.09 44.74 -9.04
CA HIS E 448 11.20 44.62 -10.49
C HIS E 448 9.82 44.61 -11.13
N THR E 449 9.66 45.39 -12.19
CA THR E 449 8.39 45.48 -12.88
C THR E 449 8.62 45.59 -14.38
N CYS E 450 7.53 45.48 -15.11
CA CYS E 450 7.47 45.84 -16.52
C CYS E 450 6.62 47.09 -16.65
N PHE E 451 7.20 48.13 -17.20
CA PHE E 451 6.57 49.42 -17.35
C PHE E 451 6.14 49.58 -18.80
N SER E 452 4.87 49.91 -19.02
CA SER E 452 4.37 50.06 -20.38
C SER E 452 3.41 51.24 -20.53
N PHE E 453 3.66 52.06 -21.55
CA PHE E 453 2.76 53.10 -22.02
C PHE E 453 1.65 52.56 -22.91
N ALA E 454 1.71 51.28 -23.25
CA ALA E 454 0.85 50.72 -24.29
C ALA E 454 0.12 49.48 -23.81
N VAL E 455 0.09 49.23 -22.51
CA VAL E 455 -0.58 48.06 -21.98
C VAL E 455 -1.64 48.53 -21.01
N THR E 456 -2.88 48.19 -21.29
CA THR E 456 -3.94 48.65 -20.43
C THR E 456 -4.05 47.73 -19.22
N THR E 457 -4.57 48.28 -18.13
CA THR E 457 -4.95 47.43 -17.02
C THR E 457 -5.86 46.29 -17.46
N GLU E 458 -6.76 46.55 -18.41
CA GLU E 458 -7.71 45.51 -18.77
C GLU E 458 -7.04 44.35 -19.47
N GLN E 459 -5.93 44.60 -20.16
CA GLN E 459 -5.24 43.51 -20.87
C GLN E 459 -4.50 42.61 -19.89
N LEU E 460 -3.78 43.21 -18.95
CA LEU E 460 -3.17 42.43 -17.88
C LEU E 460 -4.22 41.62 -17.13
N GLN E 461 -5.33 42.24 -16.73
CA GLN E 461 -6.41 41.49 -16.08
C GLN E 461 -6.91 40.39 -17.00
N ASP E 462 -7.12 40.70 -18.28
CA ASP E 462 -7.58 39.68 -19.20
C ASP E 462 -6.55 38.57 -19.32
N PHE E 463 -5.26 38.91 -19.32
CA PHE E 463 -4.25 37.88 -19.44
C PHE E 463 -4.33 36.95 -18.24
N ALA E 464 -4.39 37.53 -17.04
CA ALA E 464 -4.47 36.77 -15.80
C ALA E 464 -5.68 35.85 -15.78
N GLU E 465 -6.81 36.30 -16.34
CA GLU E 465 -7.96 35.40 -16.45
C GLU E 465 -7.66 34.22 -17.38
N MET E 466 -6.94 34.45 -18.48
CA MET E 466 -6.58 33.31 -19.31
C MET E 466 -5.66 32.36 -18.59
N ALA E 467 -4.73 32.88 -17.77
CA ALA E 467 -3.80 32.04 -17.03
C ALA E 467 -4.38 31.49 -15.74
N GLY E 468 -5.45 32.10 -15.24
CA GLY E 468 -6.07 31.57 -14.06
C GLY E 468 -5.25 31.96 -12.85
N ILE E 469 -4.95 33.25 -12.77
CA ILE E 469 -4.23 33.80 -11.63
C ILE E 469 -4.89 35.10 -11.19
N GLU E 470 -4.76 35.38 -9.90
CA GLU E 470 -5.21 36.65 -9.35
C GLU E 470 -4.48 37.80 -10.01
N CYS E 471 -5.22 38.85 -10.31
CA CYS E 471 -4.65 40.10 -10.77
C CYS E 471 -5.25 41.19 -9.89
N VAL E 472 -4.42 41.83 -9.09
CA VAL E 472 -4.89 42.97 -8.30
C VAL E 472 -4.37 44.22 -8.99
N VAL E 473 -5.21 45.26 -9.00
CA VAL E 473 -4.93 46.49 -9.70
C VAL E 473 -4.91 47.61 -8.68
N ILE E 474 -3.88 48.44 -8.73
CA ILE E 474 -3.77 49.61 -7.88
C ILE E 474 -3.90 50.81 -8.78
N ASN E 475 -4.96 51.58 -8.60
CA ASN E 475 -5.15 52.75 -9.45
C ASN E 475 -5.78 53.87 -8.61
N GLU E 476 -6.39 54.84 -9.30
CA GLU E 476 -6.94 56.01 -8.65
C GLU E 476 -8.16 55.67 -7.79
N HIS E 477 -8.82 54.55 -8.08
CA HIS E 477 -9.98 54.07 -7.35
C HIS E 477 -9.60 53.23 -6.15
N THR E 478 -8.33 52.85 -6.08
CA THR E 478 -7.83 52.12 -4.95
C THR E 478 -7.89 52.98 -3.70
N SER E 479 -8.60 52.49 -2.70
CA SER E 479 -8.38 52.88 -1.33
C SER E 479 -7.83 51.64 -0.63
N VAL E 480 -7.05 51.85 0.42
CA VAL E 480 -6.16 50.78 0.86
C VAL E 480 -6.91 49.73 1.66
N SER E 481 -7.84 50.14 2.52
CA SER E 481 -8.53 49.15 3.36
C SER E 481 -9.38 48.20 2.52
N SER E 482 -10.05 48.70 1.48
CA SER E 482 -10.73 47.79 0.56
C SER E 482 -9.74 46.97 -0.25
N PHE E 483 -8.59 47.54 -0.60
CA PHE E 483 -7.55 46.72 -1.23
C PHE E 483 -7.14 45.56 -0.34
N LYS E 484 -6.98 45.81 0.97
CA LYS E 484 -6.61 44.75 1.89
C LYS E 484 -7.66 43.66 1.90
N ASN E 485 -8.94 44.03 1.84
CA ASN E 485 -10.01 43.05 1.81
C ASN E 485 -9.98 42.25 0.52
N GLU E 486 -9.65 42.92 -0.58
CA GLU E 486 -9.54 42.26 -1.86
C GLU E 486 -8.43 41.20 -1.83
N LEU E 487 -7.30 41.50 -1.20
CA LEU E 487 -6.27 40.46 -1.09
C LEU E 487 -6.77 39.28 -0.24
N LYS E 488 -7.46 39.54 0.87
CA LYS E 488 -7.94 38.45 1.70
C LYS E 488 -8.96 37.60 0.94
N TRP E 489 -10.00 38.22 0.39
CA TRP E 489 -11.04 37.43 -0.27
C TRP E 489 -10.52 36.75 -1.52
N ASN E 490 -9.65 37.44 -2.28
CA ASN E 490 -9.03 36.79 -3.44
C ASN E 490 -8.25 35.56 -3.02
N GLU E 491 -7.50 35.67 -1.92
CA GLU E 491 -6.69 34.54 -1.48
C GLU E 491 -7.55 33.31 -1.31
N VAL E 492 -8.70 33.46 -0.68
CA VAL E 492 -9.53 32.29 -0.45
C VAL E 492 -10.10 31.78 -1.75
N PHE E 493 -10.44 32.68 -2.69
CA PHE E 493 -10.94 32.18 -3.96
C PHE E 493 -9.86 31.44 -4.74
N TRP E 494 -8.60 31.91 -4.66
CA TRP E 494 -7.56 31.40 -5.54
C TRP E 494 -6.82 30.18 -4.97
N ARG E 495 -6.94 29.92 -3.67
CA ARG E 495 -6.35 28.73 -3.07
C ARG E 495 -6.83 27.46 -3.75
N GLY E 496 -5.93 26.50 -3.89
CA GLY E 496 -6.29 25.18 -4.36
C GLY E 496 -6.61 25.08 -5.83
N ARG E 497 -6.75 26.21 -6.51
CA ARG E 497 -6.92 26.22 -7.95
C ARG E 497 -5.60 25.95 -8.66
N LEU F 3 -20.31 -41.33 -14.38
CA LEU F 3 -20.23 -42.79 -14.27
C LEU F 3 -20.46 -43.24 -12.84
N SER F 4 -20.47 -42.27 -11.93
CA SER F 4 -20.89 -42.47 -10.54
C SER F 4 -19.79 -43.09 -9.69
N LEU F 5 -19.43 -42.40 -8.61
CA LEU F 5 -18.40 -42.86 -7.70
C LEU F 5 -19.03 -43.45 -6.44
N ARG F 6 -18.25 -44.25 -5.71
CA ARG F 6 -18.63 -44.61 -4.35
C ARG F 6 -18.77 -43.32 -3.52
N PRO F 7 -19.58 -43.33 -2.47
CA PRO F 7 -19.70 -42.11 -1.65
C PRO F 7 -18.44 -41.91 -0.83
N TYR F 8 -17.34 -41.57 -1.51
CA TYR F 8 -16.06 -41.45 -0.86
C TYR F 8 -16.10 -40.33 0.19
N GLU F 9 -15.34 -40.52 1.25
CA GLU F 9 -15.25 -39.57 2.33
C GLU F 9 -13.81 -39.52 2.82
N PHE F 10 -13.44 -38.42 3.46
CA PHE F 10 -12.12 -38.26 4.04
C PHE F 10 -12.20 -38.21 5.56
N TRP F 11 -11.44 -39.08 6.20
CA TRP F 11 -11.46 -39.22 7.64
C TRP F 11 -10.51 -38.21 8.24
N PHE F 12 -11.01 -37.35 9.13
CA PHE F 12 -10.19 -36.33 9.76
C PHE F 12 -9.83 -36.81 11.16
N VAL F 13 -8.57 -37.24 11.32
CA VAL F 13 -8.08 -37.82 12.56
C VAL F 13 -7.21 -36.79 13.25
N THR F 14 -7.63 -36.37 14.44
CA THR F 14 -6.93 -35.37 15.23
C THR F 14 -6.11 -36.10 16.29
N GLY F 15 -4.86 -35.67 16.46
CA GLY F 15 -3.93 -36.30 17.39
C GLY F 15 -3.74 -35.47 18.63
N SER F 16 -3.62 -36.14 19.77
CA SER F 16 -3.38 -35.49 21.05
C SER F 16 -2.85 -36.51 22.06
N GLN F 17 -2.68 -36.06 23.30
CA GLN F 17 -2.06 -36.81 24.39
C GLN F 17 -2.69 -36.40 25.72
N HIS F 18 -2.64 -37.31 26.70
CA HIS F 18 -3.31 -37.08 27.99
C HIS F 18 -2.66 -35.99 28.85
N LEU F 19 -1.47 -35.48 28.49
CA LEU F 19 -0.65 -34.65 29.38
C LEU F 19 -1.29 -33.32 29.78
N TYR F 20 -2.43 -32.94 29.18
CA TYR F 20 -3.13 -31.72 29.55
C TYR F 20 -4.50 -32.00 30.17
N GLY F 21 -4.92 -33.25 30.21
CA GLY F 21 -6.14 -33.65 30.89
C GLY F 21 -7.13 -34.28 29.95
N GLU F 22 -8.33 -34.50 30.48
CA GLU F 22 -9.46 -34.97 29.70
C GLU F 22 -10.36 -33.83 29.25
N GLU F 23 -10.29 -32.68 29.94
CA GLU F 23 -10.99 -31.47 29.51
C GLU F 23 -10.32 -30.80 28.31
N ALA F 24 -8.98 -30.86 28.22
CA ALA F 24 -8.30 -30.38 27.02
C ALA F 24 -8.56 -31.31 25.85
N LEU F 25 -8.72 -32.61 26.13
CA LEU F 25 -9.20 -33.56 25.14
C LEU F 25 -10.62 -33.26 24.69
N LYS F 26 -11.38 -32.51 25.49
CA LYS F 26 -12.69 -32.07 25.05
C LYS F 26 -12.59 -30.83 24.18
N GLN F 27 -11.77 -29.87 24.58
CA GLN F 27 -11.57 -28.70 23.73
C GLN F 27 -11.05 -29.11 22.35
N VAL F 28 -10.22 -30.16 22.27
CA VAL F 28 -9.70 -30.61 20.99
C VAL F 28 -10.79 -31.26 20.16
N GLU F 29 -11.55 -32.18 20.78
CA GLU F 29 -12.68 -32.82 20.09
C GLU F 29 -13.66 -31.80 19.57
N GLU F 30 -13.94 -30.76 20.37
CA GLU F 30 -14.82 -29.68 19.94
C GLU F 30 -14.21 -28.93 18.76
N HIS F 31 -12.98 -28.46 18.92
CA HIS F 31 -12.32 -27.72 17.85
C HIS F 31 -12.32 -28.52 16.56
N SER F 32 -12.08 -29.83 16.66
CA SER F 32 -12.04 -30.66 15.46
C SER F 32 -13.41 -30.75 14.81
N ARG F 33 -14.46 -30.96 15.62
CA ARG F 33 -15.81 -31.10 15.08
C ARG F 33 -16.28 -29.80 14.42
N ILE F 34 -15.91 -28.67 15.01
CA ILE F 34 -16.24 -27.38 14.42
C ILE F 34 -15.60 -27.23 13.04
N MET F 35 -14.38 -27.73 12.88
CA MET F 35 -13.72 -27.64 11.58
C MET F 35 -14.36 -28.56 10.54
N VAL F 36 -14.53 -29.84 10.88
CA VAL F 36 -15.11 -30.79 9.96
C VAL F 36 -16.49 -30.32 9.52
N ASN F 37 -17.34 -29.95 10.49
CA ASN F 37 -18.68 -29.50 10.16
C ASN F 37 -18.65 -28.23 9.31
N GLU F 38 -17.72 -27.30 9.59
CA GLU F 38 -17.64 -26.08 8.77
C GLU F 38 -17.03 -26.32 7.39
N TRP F 39 -16.21 -27.36 7.21
CA TRP F 39 -15.81 -27.71 5.84
C TRP F 39 -16.96 -28.34 5.09
N ASN F 40 -17.82 -29.08 5.78
CA ASN F 40 -18.89 -29.77 5.09
C ASN F 40 -20.02 -28.85 4.66
N ARG F 41 -20.02 -27.58 5.09
CA ARG F 41 -20.86 -26.53 4.50
C ARG F 41 -20.23 -26.12 3.17
N ASP F 42 -20.60 -26.85 2.11
CA ASP F 42 -19.98 -26.72 0.78
C ASP F 42 -20.95 -27.17 -0.32
N PHE F 45 -13.85 -31.08 -2.64
CA PHE F 45 -14.87 -31.05 -1.59
C PHE F 45 -16.30 -31.43 -2.02
N PRO F 46 -16.48 -32.31 -3.02
CA PRO F 46 -17.81 -32.92 -3.17
C PRO F 46 -17.81 -34.27 -2.47
N PHE F 47 -16.90 -34.39 -1.49
CA PHE F 47 -16.78 -35.57 -0.66
C PHE F 47 -16.80 -35.12 0.79
N PRO F 48 -17.60 -35.74 1.63
CA PRO F 48 -17.72 -35.25 3.02
C PRO F 48 -16.47 -35.55 3.82
N PHE F 49 -16.05 -34.57 4.61
CA PHE F 49 -15.09 -34.86 5.65
C PHE F 49 -15.84 -35.47 6.83
N VAL F 50 -15.35 -36.60 7.30
CA VAL F 50 -15.90 -37.32 8.46
C VAL F 50 -14.91 -37.14 9.60
N PHE F 51 -15.36 -36.48 10.67
CA PHE F 51 -14.52 -36.38 11.86
C PHE F 51 -14.50 -37.73 12.55
N LYS F 52 -13.30 -38.28 12.79
CA LYS F 52 -13.10 -39.47 13.60
C LYS F 52 -12.53 -39.06 14.95
N SER F 53 -12.36 -40.03 15.84
CA SER F 53 -11.82 -39.78 17.17
C SER F 53 -10.71 -38.75 17.23
N VAL F 54 -10.62 -38.03 18.33
CA VAL F 54 -9.31 -37.61 18.80
C VAL F 54 -8.57 -38.87 19.25
N VAL F 55 -7.35 -39.04 18.78
CA VAL F 55 -6.58 -40.23 19.11
C VAL F 55 -5.45 -39.82 20.03
N THR F 56 -5.27 -40.59 21.09
CA THR F 56 -4.34 -40.28 22.16
C THR F 56 -3.42 -41.43 22.51
N THR F 57 -3.72 -42.64 22.06
CA THR F 57 -3.01 -43.85 22.41
C THR F 57 -2.52 -44.53 21.14
N PRO F 58 -1.42 -45.28 21.22
CA PRO F 58 -1.06 -46.17 20.11
C PRO F 58 -2.23 -46.98 19.59
N GLU F 59 -3.07 -47.50 20.48
CA GLU F 59 -4.12 -48.41 20.04
C GLU F 59 -5.23 -47.66 19.32
N GLU F 60 -5.62 -46.49 19.83
CA GLU F 60 -6.61 -45.66 19.13
C GLU F 60 -6.09 -45.25 17.75
N ILE F 61 -4.84 -44.83 17.67
CA ILE F 61 -4.25 -44.49 16.38
C ILE F 61 -4.22 -45.72 15.46
N ARG F 62 -3.75 -46.86 15.99
CA ARG F 62 -3.61 -48.03 15.13
C ARG F 62 -4.96 -48.46 14.57
N ARG F 63 -6.04 -48.25 15.32
CA ARG F 63 -7.32 -48.77 14.88
C ARG F 63 -8.03 -47.83 13.91
N VAL F 64 -7.90 -46.52 14.07
CA VAL F 64 -8.48 -45.62 13.07
C VAL F 64 -7.84 -45.87 11.71
N CYS F 65 -6.56 -46.28 11.70
CA CYS F 65 -5.86 -46.56 10.44
C CYS F 65 -6.27 -47.89 9.84
N LEU F 66 -6.23 -48.95 10.66
CA LEU F 66 -6.83 -50.22 10.30
C LEU F 66 -8.21 -50.02 9.68
N GLU F 67 -9.05 -49.22 10.33
CA GLU F 67 -10.40 -48.97 9.85
C GLU F 67 -10.40 -48.17 8.56
N ALA F 68 -9.61 -47.11 8.52
CA ALA F 68 -9.44 -46.35 7.30
C ALA F 68 -9.05 -47.28 6.16
N ASN F 69 -8.05 -48.10 6.40
CA ASN F 69 -7.58 -49.06 5.42
C ASN F 69 -8.71 -49.92 4.89
N ALA F 70 -9.63 -50.32 5.78
CA ALA F 70 -10.65 -51.26 5.37
C ALA F 70 -11.91 -50.61 4.79
N SER F 71 -12.30 -49.42 5.20
CA SER F 71 -13.55 -48.88 4.67
C SER F 71 -13.33 -48.42 3.23
N GLU F 72 -14.09 -49.00 2.30
CA GLU F 72 -13.89 -48.63 0.91
C GLU F 72 -14.40 -47.24 0.62
N GLN F 73 -15.20 -46.66 1.50
CA GLN F 73 -15.63 -45.28 1.34
C GLN F 73 -14.59 -44.28 1.81
N CYS F 74 -13.59 -44.72 2.56
CA CYS F 74 -12.49 -43.84 2.96
C CYS F 74 -11.48 -43.75 1.82
N ALA F 75 -11.37 -42.59 1.20
CA ALA F 75 -10.46 -42.39 0.09
C ALA F 75 -9.21 -41.62 0.48
N GLY F 76 -9.15 -41.13 1.71
CA GLY F 76 -7.94 -40.55 2.24
C GLY F 76 -8.14 -40.26 3.71
N VAL F 77 -7.02 -40.08 4.41
CA VAL F 77 -7.03 -39.73 5.83
C VAL F 77 -6.35 -38.36 5.97
N VAL F 78 -6.99 -37.46 6.69
CA VAL F 78 -6.39 -36.16 6.99
C VAL F 78 -6.06 -36.18 8.47
N THR F 79 -4.79 -35.94 8.80
CA THR F 79 -4.32 -36.03 10.18
C THR F 79 -3.75 -34.70 10.61
N TRP F 80 -4.18 -34.24 11.78
CA TRP F 80 -3.71 -32.98 12.31
C TRP F 80 -3.42 -33.17 13.79
N MET F 81 -2.19 -32.86 14.19
CA MET F 81 -1.83 -32.91 15.60
C MET F 81 -2.31 -31.60 16.22
N HIS F 82 -3.42 -31.65 16.95
CA HIS F 82 -3.90 -30.46 17.66
C HIS F 82 -2.93 -30.07 18.76
N THR F 83 -2.58 -31.02 19.62
CA THR F 83 -1.57 -30.80 20.65
C THR F 83 -0.32 -31.54 20.25
N PHE F 84 0.61 -31.66 21.18
CA PHE F 84 1.67 -32.64 20.99
C PHE F 84 1.05 -34.03 21.07
N SER F 85 1.33 -34.86 20.06
CA SER F 85 0.79 -36.22 19.98
C SER F 85 1.97 -37.13 19.69
N PRO F 86 2.75 -37.48 20.75
CA PRO F 86 4.06 -38.14 20.56
C PRO F 86 4.11 -39.23 19.50
N ALA F 87 5.00 -39.06 18.51
CA ALA F 87 4.80 -39.68 17.22
C ALA F 87 5.06 -41.18 17.18
N LYS F 88 5.83 -41.73 18.13
CA LYS F 88 5.99 -43.18 18.19
C LYS F 88 4.64 -43.88 18.35
N MET F 89 3.71 -43.27 19.07
CA MET F 89 2.35 -43.77 19.11
C MET F 89 1.81 -43.99 17.70
N TRP F 90 2.22 -43.15 16.75
CA TRP F 90 1.65 -43.16 15.42
C TRP F 90 2.28 -44.21 14.51
N ILE F 91 3.40 -44.81 14.93
CA ILE F 91 4.15 -45.75 14.10
C ILE F 91 3.26 -46.90 13.66
N GLY F 92 2.71 -47.64 14.64
CA GLY F 92 1.94 -48.83 14.33
C GLY F 92 0.79 -48.57 13.39
N GLY F 93 0.07 -47.47 13.61
CA GLY F 93 -0.96 -47.09 12.66
C GLY F 93 -0.38 -46.64 11.34
N LEU F 94 0.66 -45.81 11.37
CA LEU F 94 1.22 -45.31 10.11
C LEU F 94 1.77 -46.43 9.25
N LEU F 95 2.21 -47.52 9.89
CA LEU F 95 2.68 -48.67 9.13
C LEU F 95 1.54 -49.34 8.39
N GLU F 96 0.33 -49.31 8.96
CA GLU F 96 -0.80 -49.99 8.36
C GLU F 96 -1.58 -49.11 7.39
N LEU F 97 -1.43 -47.80 7.47
CA LEU F 97 -2.22 -46.90 6.63
C LEU F 97 -1.75 -47.05 5.20
N ARG F 98 -2.62 -47.55 4.32
CA ARG F 98 -2.30 -47.63 2.91
C ARG F 98 -3.26 -46.80 2.06
N LYS F 99 -4.13 -46.03 2.68
CA LYS F 99 -4.91 -45.01 2.00
C LYS F 99 -4.13 -43.71 2.00
N PRO F 100 -4.32 -42.86 1.00
CA PRO F 100 -3.57 -41.61 0.94
C PRO F 100 -3.72 -40.78 2.20
N LEU F 101 -2.61 -40.19 2.62
CA LEU F 101 -2.54 -39.37 3.82
C LEU F 101 -2.28 -37.92 3.48
N LEU F 102 -2.95 -37.02 4.18
CA LEU F 102 -2.73 -35.57 4.09
C LEU F 102 -2.46 -35.07 5.51
N HIS F 103 -1.35 -34.40 5.67
CA HIS F 103 -1.00 -33.84 6.97
C HIS F 103 -1.41 -32.37 6.94
N LEU F 104 -2.57 -32.08 7.52
CA LEU F 104 -3.07 -30.72 7.57
C LEU F 104 -2.41 -30.05 8.76
N HIS F 105 -1.39 -29.27 8.46
CA HIS F 105 -0.62 -28.59 9.48
C HIS F 105 -1.37 -27.28 9.67
N THR F 106 -2.30 -27.28 10.63
CA THR F 106 -3.19 -26.16 10.81
C THR F 106 -3.28 -25.85 12.30
N GLN F 107 -4.37 -25.20 12.68
CA GLN F 107 -4.45 -24.53 13.97
C GLN F 107 -5.86 -24.00 14.06
N PHE F 108 -6.53 -24.18 15.20
CA PHE F 108 -7.89 -23.71 15.32
C PHE F 108 -8.00 -22.20 15.21
N ASN F 109 -7.51 -21.49 16.23
CA ASN F 109 -7.47 -20.04 16.17
C ASN F 109 -6.57 -19.63 15.01
N ARG F 110 -6.87 -18.50 14.39
CA ARG F 110 -5.99 -18.10 13.29
C ARG F 110 -4.85 -17.24 13.77
N ASP F 111 -5.10 -16.32 14.69
CA ASP F 111 -4.08 -15.37 15.10
C ASP F 111 -3.79 -15.51 16.58
N ILE F 112 -2.52 -15.29 16.94
CA ILE F 112 -2.06 -15.38 18.33
C ILE F 112 -2.92 -14.48 19.20
N PRO F 113 -3.76 -15.01 20.08
CA PRO F 113 -4.47 -14.11 20.98
C PRO F 113 -3.51 -13.37 21.89
N TRP F 114 -2.86 -12.31 21.38
CA TRP F 114 -2.13 -11.45 22.28
C TRP F 114 -3.12 -10.86 23.27
N ASP F 115 -2.75 -10.88 24.56
CA ASP F 115 -3.64 -10.54 25.68
C ASP F 115 -4.67 -11.65 25.87
N SER F 116 -4.22 -12.75 26.48
CA SER F 116 -4.93 -14.01 26.65
C SER F 116 -3.89 -15.12 26.70
N ILE F 117 -2.91 -15.04 25.81
CA ILE F 117 -2.04 -16.18 25.56
C ILE F 117 -1.19 -16.44 26.79
N ASP F 118 -1.49 -17.56 27.46
CA ASP F 118 -0.78 -17.99 28.66
C ASP F 118 -0.31 -19.42 28.40
N MET F 119 0.09 -20.13 29.46
CA MET F 119 0.46 -21.52 29.27
C MET F 119 -0.75 -22.40 28.98
N ASP F 120 -1.94 -22.05 29.47
CA ASP F 120 -3.12 -22.88 29.20
C ASP F 120 -3.43 -22.91 27.70
N PHE F 121 -3.29 -21.77 27.03
CA PHE F 121 -3.39 -21.74 25.58
C PHE F 121 -2.19 -22.43 24.92
N MET F 122 -0.97 -22.19 25.45
CA MET F 122 0.23 -22.83 24.90
C MET F 122 0.19 -24.35 25.04
N ASN F 123 -0.58 -24.87 25.99
CA ASN F 123 -0.74 -26.30 26.12
C ASN F 123 -1.81 -26.87 25.19
N LEU F 124 -2.67 -26.02 24.61
CA LEU F 124 -3.77 -26.49 23.78
C LEU F 124 -3.47 -26.41 22.28
N ASN F 125 -3.07 -25.24 21.79
CA ASN F 125 -2.97 -25.00 20.36
C ASN F 125 -1.49 -24.96 19.98
N GLN F 126 -0.85 -26.11 20.14
CA GLN F 126 0.57 -26.25 19.94
C GLN F 126 0.90 -27.05 18.68
N SER F 127 -0.08 -27.17 17.78
CA SER F 127 0.13 -27.59 16.40
C SER F 127 1.50 -27.19 15.88
N ALA F 128 1.97 -25.99 16.24
CA ALA F 128 3.25 -25.51 15.73
C ALA F 128 4.39 -26.45 16.04
N HIS F 129 4.34 -27.20 17.16
CA HIS F 129 5.34 -28.23 17.34
C HIS F 129 4.77 -29.63 17.25
N GLY F 130 3.48 -29.82 17.56
CA GLY F 130 2.88 -31.13 17.42
C GLY F 130 3.02 -31.70 16.02
N ASP F 131 2.62 -30.92 15.01
CA ASP F 131 2.69 -31.39 13.63
C ASP F 131 4.12 -31.67 13.18
N ARG F 132 5.11 -30.96 13.73
CA ARG F 132 6.49 -31.20 13.30
C ARG F 132 7.00 -32.55 13.79
N GLU F 133 6.67 -32.91 15.03
CA GLU F 133 7.05 -34.23 15.51
C GLU F 133 6.32 -35.31 14.74
N PHE F 134 5.05 -35.09 14.39
CA PHE F 134 4.35 -36.05 13.53
C PHE F 134 4.93 -36.03 12.12
N GLY F 135 5.32 -34.85 11.65
CA GLY F 135 5.98 -34.77 10.36
C GLY F 135 7.26 -35.56 10.33
N PHE F 136 8.09 -35.41 11.37
CA PHE F 136 9.30 -36.20 11.44
C PHE F 136 8.96 -37.67 11.30
N MET F 137 7.94 -38.12 12.03
CA MET F 137 7.63 -39.54 12.05
C MET F 137 7.21 -40.06 10.68
N VAL F 138 6.47 -39.26 9.92
CA VAL F 138 6.06 -39.74 8.62
C VAL F 138 7.24 -39.73 7.66
N THR F 139 8.12 -38.73 7.77
CA THR F 139 9.34 -38.74 6.96
C THR F 139 10.24 -39.90 7.34
N ARG F 140 10.47 -40.10 8.63
CA ARG F 140 11.35 -41.14 9.12
C ARG F 140 10.91 -42.52 8.66
N LEU F 141 9.64 -42.67 8.28
CA LEU F 141 9.11 -43.92 7.77
C LEU F 141 9.03 -43.93 6.26
N GLY F 142 9.60 -42.95 5.58
CA GLY F 142 9.56 -42.94 4.14
C GLY F 142 8.17 -42.88 3.53
N MET F 143 7.18 -42.47 4.30
CA MET F 143 5.81 -42.52 3.81
C MET F 143 5.52 -41.35 2.89
N PRO F 144 4.99 -41.58 1.70
CA PRO F 144 4.49 -40.47 0.87
C PRO F 144 3.26 -39.86 1.49
N ARG F 145 3.23 -38.53 1.56
CA ARG F 145 2.03 -37.87 2.02
C ARG F 145 2.05 -36.44 1.54
N LYS F 146 0.84 -35.84 1.51
CA LYS F 146 0.67 -34.44 1.20
C LYS F 146 0.70 -33.65 2.51
N VAL F 147 1.35 -32.49 2.47
CA VAL F 147 1.50 -31.62 3.62
C VAL F 147 0.99 -30.25 3.21
N ILE F 148 -0.07 -29.77 3.86
CA ILE F 148 -0.58 -28.43 3.57
C ILE F 148 -0.57 -27.64 4.86
N VAL F 149 -0.02 -26.42 4.79
CA VAL F 149 0.16 -25.61 5.98
C VAL F 149 -0.67 -24.34 5.88
N GLY F 150 -1.54 -24.13 6.85
CA GLY F 150 -2.25 -22.88 6.99
C GLY F 150 -3.40 -23.03 7.93
N HIS F 151 -4.05 -21.91 8.19
CA HIS F 151 -5.27 -21.93 8.98
C HIS F 151 -6.32 -22.77 8.27
N TRP F 152 -7.16 -23.44 9.06
CA TRP F 152 -8.12 -24.36 8.46
C TRP F 152 -9.21 -23.64 7.69
N GLN F 153 -9.32 -22.30 7.79
CA GLN F 153 -10.33 -21.52 7.10
C GLN F 153 -9.79 -20.78 5.89
N ASP F 154 -8.47 -20.66 5.78
CA ASP F 154 -7.86 -19.90 4.70
C ASP F 154 -8.31 -20.45 3.35
N ALA F 155 -8.54 -19.55 2.40
CA ALA F 155 -9.15 -19.97 1.15
C ALA F 155 -8.20 -20.86 0.34
N GLU F 156 -6.90 -20.57 0.40
CA GLU F 156 -5.95 -21.38 -0.36
C GLU F 156 -5.83 -22.80 0.21
N VAL F 157 -5.87 -22.93 1.55
CA VAL F 157 -5.82 -24.24 2.17
C VAL F 157 -6.91 -25.13 1.59
N ALA F 158 -8.13 -24.59 1.51
CA ALA F 158 -9.26 -25.34 0.94
C ALA F 158 -9.00 -25.70 -0.51
N ARG F 159 -8.48 -24.75 -1.29
CA ARG F 159 -8.06 -25.06 -2.65
C ARG F 159 -7.15 -26.27 -2.66
N ARG F 160 -6.08 -26.24 -1.85
CA ARG F 160 -5.14 -27.33 -1.85
C ARG F 160 -5.79 -28.61 -1.34
N VAL F 161 -6.60 -28.51 -0.28
CA VAL F 161 -7.30 -29.69 0.23
C VAL F 161 -8.26 -30.22 -0.85
N ARG F 162 -8.97 -29.34 -1.54
CA ARG F 162 -9.88 -29.78 -2.58
C ARG F 162 -9.11 -30.47 -3.71
N GLY F 163 -8.05 -29.83 -4.20
CA GLY F 163 -7.22 -30.47 -5.22
C GLY F 163 -6.74 -31.84 -4.78
N TRP F 164 -6.27 -31.94 -3.54
CA TRP F 164 -5.76 -33.23 -3.06
C TRP F 164 -6.87 -34.27 -2.94
N ALA F 165 -8.06 -33.88 -2.48
CA ALA F 165 -9.14 -34.85 -2.33
C ALA F 165 -9.53 -35.45 -3.67
N MET F 166 -9.57 -34.61 -4.72
CA MET F 166 -9.82 -35.15 -6.06
C MET F 166 -8.78 -36.19 -6.41
N THR F 167 -7.51 -35.88 -6.14
CA THR F 167 -6.45 -36.84 -6.40
C THR F 167 -6.64 -38.12 -5.58
N ALA F 168 -6.94 -37.98 -4.29
CA ALA F 168 -7.11 -39.16 -3.46
C ALA F 168 -8.29 -40.02 -3.94
N VAL F 169 -9.33 -39.38 -4.47
CA VAL F 169 -10.46 -40.14 -5.00
C VAL F 169 -10.04 -40.92 -6.25
N ALA F 170 -9.32 -40.26 -7.17
CA ALA F 170 -8.71 -40.98 -8.29
C ALA F 170 -7.92 -42.16 -7.78
N ALA F 171 -7.08 -41.93 -6.76
CA ALA F 171 -6.31 -43.03 -6.18
C ALA F 171 -7.22 -44.17 -5.77
N ALA F 172 -8.40 -43.87 -5.22
CA ALA F 172 -9.33 -44.92 -4.80
C ALA F 172 -9.96 -45.61 -6.01
N VAL F 173 -10.34 -44.85 -7.03
CA VAL F 173 -10.81 -45.49 -8.26
C VAL F 173 -9.71 -46.37 -8.82
N SER F 174 -8.48 -45.86 -8.80
CA SER F 174 -7.32 -46.61 -9.26
C SER F 174 -7.21 -47.97 -8.56
N ARG F 175 -7.43 -48.00 -7.25
CA ARG F 175 -7.36 -49.25 -6.49
C ARG F 175 -8.31 -50.30 -7.06
N GLY F 176 -9.59 -49.98 -7.12
CA GLY F 176 -10.52 -50.87 -7.80
C GLY F 176 -10.22 -51.09 -9.27
N LEU F 177 -9.83 -50.03 -10.00
CA LEU F 177 -10.03 -49.87 -11.45
C LEU F 177 -9.74 -51.12 -12.25
N LYS F 178 -10.77 -51.63 -12.91
CA LYS F 178 -10.64 -52.76 -13.83
C LYS F 178 -10.73 -52.26 -15.27
N VAL F 179 -9.74 -52.61 -16.07
CA VAL F 179 -9.64 -52.23 -17.46
C VAL F 179 -9.91 -53.46 -18.31
N ALA F 180 -10.67 -53.30 -19.39
CA ALA F 180 -10.95 -54.43 -20.29
C ALA F 180 -10.30 -54.18 -21.64
N ARG F 181 -9.32 -55.02 -21.98
CA ARG F 181 -8.65 -54.93 -23.27
C ARG F 181 -9.35 -55.87 -24.25
N PHE F 182 -9.80 -55.30 -25.38
CA PHE F 182 -10.49 -56.06 -26.44
C PHE F 182 -9.51 -56.34 -27.57
N GLY F 183 -8.70 -57.36 -27.37
CA GLY F 183 -7.60 -57.62 -28.26
C GLY F 183 -6.27 -57.12 -27.69
N ASP F 184 -5.19 -57.68 -28.22
CA ASP F 184 -3.85 -57.46 -27.68
C ASP F 184 -3.34 -56.08 -28.06
N ASN F 185 -2.07 -55.83 -27.79
CA ASN F 185 -1.41 -54.61 -28.26
C ASN F 185 -1.18 -54.68 -29.75
N MET F 186 -1.17 -53.49 -30.37
CA MET F 186 -0.75 -53.39 -31.76
C MET F 186 0.61 -54.04 -31.91
N ARG F 187 0.75 -54.90 -32.92
CA ARG F 187 1.97 -55.68 -33.05
C ARG F 187 3.18 -54.78 -33.27
N GLN F 188 4.28 -55.17 -32.63
CA GLN F 188 5.57 -54.50 -32.64
C GLN F 188 5.54 -53.08 -32.03
N VAL F 189 4.43 -52.63 -31.45
CA VAL F 189 4.44 -51.33 -30.77
C VAL F 189 4.98 -51.52 -29.36
N ALA F 190 5.86 -50.59 -28.94
CA ALA F 190 6.63 -50.72 -27.71
C ALA F 190 6.02 -50.02 -26.50
N VAL F 191 5.62 -48.75 -26.64
CA VAL F 191 5.26 -47.98 -25.47
C VAL F 191 3.93 -48.43 -24.88
N THR F 192 3.02 -48.92 -25.72
CA THR F 192 1.75 -49.39 -25.16
C THR F 192 1.91 -50.71 -24.42
N GLU F 193 3.12 -51.27 -24.37
CA GLU F 193 3.35 -52.48 -23.63
C GLU F 193 3.72 -52.16 -22.17
N GLY F 194 3.71 -53.19 -21.34
CA GLY F 194 4.18 -53.06 -19.98
C GLY F 194 3.82 -54.29 -19.16
N ASP F 195 4.11 -54.18 -17.88
CA ASP F 195 3.77 -55.25 -16.93
C ASP F 195 2.44 -54.91 -16.28
N LYS F 196 1.37 -55.57 -16.72
CA LYS F 196 0.08 -55.39 -16.07
C LYS F 196 0.15 -55.81 -14.61
N VAL F 197 1.00 -56.79 -14.31
CA VAL F 197 1.27 -57.18 -12.94
C VAL F 197 1.78 -56.01 -12.13
N GLU F 198 2.86 -55.36 -12.61
CA GLU F 198 3.44 -54.25 -11.87
C GLU F 198 2.42 -53.13 -11.69
N ALA F 199 1.70 -52.80 -12.75
CA ALA F 199 0.68 -51.77 -12.67
C ALA F 199 -0.39 -52.13 -11.66
N GLU F 200 -0.58 -53.43 -11.40
CA GLU F 200 -1.58 -53.84 -10.42
C GLU F 200 -1.01 -53.75 -9.02
N ALA F 201 0.26 -54.10 -8.85
CA ALA F 201 0.92 -53.83 -7.58
C ALA F 201 1.00 -52.33 -7.30
N ARG F 202 1.32 -51.54 -8.34
CA ARG F 202 1.64 -50.14 -8.10
C ARG F 202 0.39 -49.29 -7.98
N PHE F 203 -0.57 -49.52 -8.88
CA PHE F 203 -1.74 -48.69 -9.01
C PHE F 203 -3.03 -49.40 -8.64
N GLY F 204 -3.02 -50.71 -8.53
CA GLY F 204 -4.23 -51.46 -8.22
C GLY F 204 -5.00 -51.90 -9.43
N TRP F 205 -4.55 -51.52 -10.63
CA TRP F 205 -5.26 -51.79 -11.87
C TRP F 205 -5.37 -53.27 -12.15
N SER F 206 -6.58 -53.71 -12.41
CA SER F 206 -6.80 -55.03 -13.01
C SER F 206 -7.07 -54.82 -14.51
N VAL F 207 -6.12 -55.25 -15.36
CA VAL F 207 -6.05 -54.85 -16.74
C VAL F 207 -6.38 -56.12 -17.54
N ASN F 208 -7.63 -56.23 -17.96
CA ASN F 208 -8.32 -57.46 -18.29
C ASN F 208 -8.49 -57.59 -19.81
N GLY F 209 -7.89 -58.64 -20.41
CA GLY F 209 -8.03 -58.92 -21.83
C GLY F 209 -9.03 -60.01 -22.25
N TYR F 210 -10.07 -59.59 -22.95
CA TYR F 210 -11.12 -60.45 -23.49
C TYR F 210 -10.99 -60.45 -25.01
N GLY F 211 -11.10 -61.63 -25.61
CA GLY F 211 -11.11 -61.72 -27.05
C GLY F 211 -12.15 -60.80 -27.64
N VAL F 212 -11.88 -60.24 -28.82
CA VAL F 212 -12.80 -59.27 -29.40
C VAL F 212 -14.15 -59.91 -29.70
N GLY F 213 -14.17 -61.22 -29.93
CA GLY F 213 -15.42 -61.92 -30.14
C GLY F 213 -16.33 -61.96 -28.93
N ASP F 214 -15.76 -61.82 -27.73
CA ASP F 214 -16.60 -61.56 -26.56
C ASP F 214 -17.41 -60.29 -26.78
N LEU F 215 -16.76 -59.27 -27.33
CA LEU F 215 -17.46 -58.02 -27.61
C LEU F 215 -18.38 -58.15 -28.81
N ALA F 216 -17.95 -58.90 -29.83
CA ALA F 216 -18.75 -59.06 -31.04
C ALA F 216 -20.11 -59.66 -30.74
N GLU F 217 -20.17 -60.64 -29.82
CA GLU F 217 -21.45 -61.27 -29.54
C GLU F 217 -22.36 -60.39 -28.69
N ARG F 218 -21.76 -59.58 -27.83
CA ARG F 218 -22.50 -58.58 -27.06
C ARG F 218 -23.19 -57.55 -27.97
N VAL F 219 -22.55 -57.18 -29.08
CA VAL F 219 -23.12 -56.19 -29.98
C VAL F 219 -24.13 -56.82 -30.96
N ARG F 220 -24.17 -58.14 -31.09
CA ARG F 220 -25.21 -58.79 -31.89
C ARG F 220 -26.52 -58.95 -31.12
N ALA F 221 -26.42 -59.23 -29.81
CA ALA F 221 -27.63 -59.36 -28.99
C ALA F 221 -28.40 -58.06 -28.88
N VAL F 222 -27.74 -56.92 -29.09
CA VAL F 222 -28.36 -55.60 -29.03
C VAL F 222 -29.58 -55.51 -29.96
N SER F 223 -30.75 -55.25 -29.38
CA SER F 223 -31.98 -55.04 -30.14
C SER F 223 -31.92 -53.78 -31.01
N GLU F 224 -32.64 -53.82 -32.13
CA GLU F 224 -32.80 -52.61 -32.94
C GLU F 224 -33.55 -51.53 -32.16
N ALA F 225 -34.36 -51.91 -31.18
CA ALA F 225 -35.13 -50.93 -30.42
C ALA F 225 -34.22 -50.13 -29.49
N GLU F 226 -33.24 -50.80 -28.87
CA GLU F 226 -32.23 -50.09 -28.08
C GLU F 226 -31.45 -49.12 -28.96
N ILE F 227 -31.15 -49.53 -30.20
CA ILE F 227 -30.49 -48.63 -31.14
C ILE F 227 -31.37 -47.41 -31.39
N ASP F 228 -32.65 -47.64 -31.67
CA ASP F 228 -33.56 -46.53 -31.92
C ASP F 228 -33.55 -45.55 -30.77
N ARG F 229 -33.41 -46.05 -29.54
CA ARG F 229 -33.52 -45.18 -28.38
C ARG F 229 -32.31 -44.28 -28.26
N LEU F 230 -31.11 -44.86 -28.38
CA LEU F 230 -29.88 -44.07 -28.31
C LEU F 230 -29.80 -43.05 -29.45
N ILE F 231 -30.28 -43.42 -30.64
CA ILE F 231 -30.23 -42.50 -31.77
C ILE F 231 -30.98 -41.21 -31.44
N ASP F 232 -32.12 -41.32 -30.76
CA ASP F 232 -32.84 -40.14 -30.30
C ASP F 232 -32.04 -39.36 -29.27
N GLU F 233 -31.12 -40.01 -28.56
CA GLU F 233 -30.23 -39.27 -27.67
C GLU F 233 -29.15 -38.54 -28.45
N TYR F 234 -28.68 -39.13 -29.55
CA TYR F 234 -27.78 -38.40 -30.46
C TYR F 234 -28.45 -37.16 -31.01
N GLN F 235 -29.65 -37.32 -31.60
CA GLN F 235 -30.46 -36.18 -32.00
C GLN F 235 -30.55 -35.13 -30.90
N SER F 236 -30.64 -35.57 -29.65
CA SER F 236 -30.75 -34.64 -28.53
C SER F 236 -29.47 -33.85 -28.33
N LEU F 237 -28.33 -34.36 -28.82
CA LEU F 237 -27.01 -33.87 -28.44
C LEU F 237 -26.19 -33.35 -29.62
N TYR F 238 -26.15 -34.06 -30.73
CA TYR F 238 -25.10 -33.89 -31.73
C TYR F 238 -25.72 -33.65 -33.09
N GLU F 239 -25.44 -32.50 -33.70
CA GLU F 239 -25.89 -32.26 -35.07
C GLU F 239 -25.29 -33.32 -35.97
N PHE F 240 -26.06 -33.78 -36.95
CA PHE F 240 -25.62 -34.81 -37.87
C PHE F 240 -25.11 -34.19 -39.16
N ALA F 241 -24.11 -34.83 -39.75
CA ALA F 241 -23.62 -34.42 -41.05
C ALA F 241 -24.59 -34.90 -42.12
N PRO F 242 -24.45 -34.40 -43.34
CA PRO F 242 -25.32 -34.87 -44.44
C PRO F 242 -25.25 -36.37 -44.61
N GLY F 243 -26.41 -36.97 -44.89
CA GLY F 243 -26.50 -38.39 -45.11
C GLY F 243 -26.51 -39.26 -43.87
N CYS F 244 -26.20 -38.68 -42.71
CA CYS F 244 -26.22 -39.43 -41.46
C CYS F 244 -27.60 -39.41 -40.79
N GLU F 245 -28.41 -38.39 -41.07
CA GLU F 245 -29.79 -38.31 -40.59
C GLU F 245 -30.53 -39.60 -40.92
N LYS F 246 -31.62 -39.89 -40.19
CA LYS F 246 -32.21 -41.24 -40.20
C LYS F 246 -32.58 -41.72 -41.60
N GLY F 247 -32.68 -40.81 -42.56
CA GLY F 247 -32.93 -41.18 -43.94
C GLY F 247 -31.68 -41.64 -44.66
N GLY F 248 -30.64 -40.79 -44.69
CA GLY F 248 -29.46 -41.03 -45.47
C GLY F 248 -28.82 -42.38 -45.26
N PRO F 249 -28.04 -42.85 -46.24
CA PRO F 249 -27.44 -44.20 -46.14
C PRO F 249 -26.30 -44.30 -45.13
N LEU F 250 -25.74 -43.18 -44.68
CA LEU F 250 -24.72 -43.23 -43.63
C LEU F 250 -25.28 -43.69 -42.28
N HIS F 251 -26.60 -43.82 -42.16
CA HIS F 251 -27.20 -44.13 -40.87
C HIS F 251 -26.88 -45.55 -40.43
N ASP F 252 -26.89 -46.53 -41.35
CA ASP F 252 -26.43 -47.86 -40.97
C ASP F 252 -25.03 -47.80 -40.36
N GLY F 253 -24.26 -46.79 -40.75
CA GLY F 253 -22.99 -46.54 -40.08
C GLY F 253 -23.16 -45.90 -38.71
N VAL F 254 -24.03 -44.89 -38.60
CA VAL F 254 -24.26 -44.26 -37.30
C VAL F 254 -24.93 -45.23 -36.35
N ARG F 255 -25.87 -46.03 -36.86
CA ARG F 255 -26.58 -46.99 -36.02
C ARG F 255 -25.67 -48.11 -35.54
N GLU F 256 -24.69 -48.50 -36.36
CA GLU F 256 -23.75 -49.52 -35.92
C GLU F 256 -22.93 -49.03 -34.73
N GLN F 257 -22.38 -47.81 -34.83
CA GLN F 257 -21.69 -47.18 -33.70
C GLN F 257 -22.56 -47.21 -32.46
N ALA F 258 -23.79 -46.71 -32.57
CA ALA F 258 -24.71 -46.75 -31.44
C ALA F 258 -24.94 -48.18 -30.98
N ARG F 259 -24.93 -49.14 -31.90
CA ARG F 259 -25.02 -50.55 -31.52
C ARG F 259 -23.77 -50.99 -30.77
N ILE F 260 -22.60 -50.61 -31.29
CA ILE F 260 -21.35 -50.89 -30.59
C ILE F 260 -21.37 -50.21 -29.23
N GLU F 261 -21.76 -48.93 -29.18
CA GLU F 261 -21.91 -48.23 -27.91
C GLU F 261 -22.75 -49.00 -26.91
N LEU F 262 -23.79 -49.69 -27.38
CA LEU F 262 -24.67 -50.43 -26.47
C LEU F 262 -24.08 -51.80 -26.10
N GLY F 263 -23.50 -52.50 -27.08
CA GLY F 263 -22.76 -53.71 -26.74
C GLY F 263 -21.62 -53.45 -25.76
N LEU F 264 -20.90 -52.34 -25.94
CA LEU F 264 -19.79 -52.00 -25.05
C LEU F 264 -20.29 -51.71 -23.65
N ARG F 265 -21.18 -50.72 -23.54
CA ARG F 265 -21.68 -50.31 -22.24
C ARG F 265 -22.25 -51.48 -21.48
N SER F 266 -22.98 -52.35 -22.17
CA SER F 266 -23.48 -53.56 -21.55
C SER F 266 -22.33 -54.35 -20.95
N PHE F 267 -21.27 -54.53 -21.73
CA PHE F 267 -20.12 -55.32 -21.31
C PHE F 267 -19.36 -54.64 -20.17
N LEU F 268 -18.98 -53.38 -20.38
CA LEU F 268 -18.21 -52.65 -19.37
C LEU F 268 -18.97 -52.55 -18.06
N GLU F 269 -20.30 -52.44 -18.12
CA GLU F 269 -21.11 -52.38 -16.92
C GLU F 269 -21.25 -53.75 -16.25
N GLU F 270 -21.23 -54.83 -17.02
CA GLU F 270 -21.43 -56.13 -16.40
C GLU F 270 -20.22 -56.52 -15.58
N GLY F 271 -19.03 -56.11 -15.98
CA GLY F 271 -17.79 -56.46 -15.31
C GLY F 271 -17.27 -55.42 -14.35
N GLY F 272 -17.96 -54.28 -14.22
CA GLY F 272 -17.42 -53.21 -13.42
C GLY F 272 -16.16 -52.59 -14.00
N PHE F 273 -15.97 -52.70 -15.31
CA PHE F 273 -14.87 -52.03 -15.97
C PHE F 273 -15.13 -50.54 -16.03
N GLU F 274 -14.14 -49.75 -15.65
CA GLU F 274 -14.24 -48.30 -15.81
C GLU F 274 -13.31 -47.79 -16.92
N ALA F 275 -12.59 -48.68 -17.59
CA ALA F 275 -11.71 -48.30 -18.69
C ALA F 275 -11.52 -49.54 -19.57
N PHE F 276 -11.10 -49.28 -20.81
CA PHE F 276 -11.01 -50.35 -21.80
C PHE F 276 -10.21 -49.87 -23.00
N THR F 277 -9.71 -50.83 -23.75
CA THR F 277 -8.95 -50.56 -24.95
C THR F 277 -9.46 -51.44 -26.08
N THR F 278 -9.27 -50.95 -27.30
CA THR F 278 -9.59 -51.65 -28.53
C THR F 278 -8.33 -51.76 -29.37
N THR F 279 -8.38 -52.60 -30.40
CA THR F 279 -7.26 -52.77 -31.30
C THR F 279 -7.80 -52.94 -32.70
N PHE F 280 -7.30 -52.14 -33.64
CA PHE F 280 -7.81 -52.18 -35.01
C PHE F 280 -7.33 -53.39 -35.78
N GLU F 281 -6.26 -54.05 -35.32
CA GLU F 281 -5.75 -55.27 -35.93
C GLU F 281 -6.50 -56.53 -35.50
N ASP F 282 -7.50 -56.38 -34.61
CA ASP F 282 -8.37 -57.46 -34.15
C ASP F 282 -9.76 -56.84 -34.04
N LEU F 283 -10.57 -57.04 -35.08
CA LEU F 283 -11.95 -56.55 -35.09
C LEU F 283 -12.90 -57.60 -35.63
N HIS F 284 -12.62 -58.88 -35.36
CA HIS F 284 -13.45 -59.95 -35.90
C HIS F 284 -14.81 -60.00 -35.24
N GLY F 285 -15.85 -60.10 -36.07
CA GLY F 285 -17.21 -59.96 -35.64
C GLY F 285 -17.70 -58.54 -35.57
N MET F 286 -16.81 -57.56 -35.67
CA MET F 286 -17.22 -56.17 -35.60
C MET F 286 -17.45 -55.63 -37.00
N LYS F 287 -18.38 -54.69 -37.09
CA LYS F 287 -18.58 -54.05 -38.37
C LYS F 287 -17.65 -52.86 -38.53
N GLN F 288 -17.52 -52.03 -37.50
CA GLN F 288 -16.61 -50.89 -37.52
C GLN F 288 -15.60 -50.98 -36.38
N LEU F 289 -14.62 -50.10 -36.46
CA LEU F 289 -13.76 -49.82 -35.31
C LEU F 289 -14.53 -48.94 -34.33
N PRO F 290 -14.62 -49.32 -33.05
CA PRO F 290 -15.31 -48.47 -32.07
C PRO F 290 -14.80 -47.02 -32.11
N GLY F 291 -15.70 -46.10 -32.39
CA GLY F 291 -15.30 -44.71 -32.57
C GLY F 291 -16.12 -43.75 -31.78
N LEU F 292 -17.22 -43.26 -32.36
CA LEU F 292 -18.15 -42.42 -31.60
C LEU F 292 -18.63 -43.14 -30.35
N ALA F 293 -18.85 -44.46 -30.45
CA ALA F 293 -19.14 -45.27 -29.29
C ALA F 293 -18.08 -45.09 -28.20
N VAL F 294 -16.81 -45.24 -28.57
CA VAL F 294 -15.74 -44.97 -27.63
C VAL F 294 -15.76 -43.52 -27.19
N GLN F 295 -15.96 -42.60 -28.14
CA GLN F 295 -15.97 -41.18 -27.79
C GLN F 295 -17.01 -40.89 -26.72
N ARG F 296 -18.14 -41.59 -26.78
CA ARG F 296 -19.22 -41.30 -25.84
C ARG F 296 -18.96 -41.91 -24.46
N LEU F 297 -18.48 -43.16 -24.41
CA LEU F 297 -18.16 -43.76 -23.12
C LEU F 297 -17.11 -42.95 -22.37
N MET F 298 -16.15 -42.38 -23.10
CA MET F 298 -15.20 -41.47 -22.47
C MET F 298 -15.92 -40.32 -21.80
N ALA F 299 -16.78 -39.62 -22.56
CA ALA F 299 -17.45 -38.44 -22.02
C ALA F 299 -18.26 -38.78 -20.77
N GLU F 300 -18.78 -40.01 -20.69
CA GLU F 300 -19.55 -40.42 -19.52
C GLU F 300 -18.67 -40.75 -18.32
N GLY F 301 -17.47 -41.29 -18.56
CA GLY F 301 -16.54 -41.42 -17.47
C GLY F 301 -15.46 -42.43 -17.73
N TYR F 302 -15.64 -43.27 -18.74
CA TYR F 302 -14.69 -44.34 -18.99
C TYR F 302 -13.36 -43.80 -19.49
N GLY F 303 -12.30 -44.54 -19.15
CA GLY F 303 -11.01 -44.34 -19.77
C GLY F 303 -10.88 -45.23 -20.98
N PHE F 304 -10.20 -44.71 -22.00
CA PHE F 304 -9.93 -45.49 -23.21
C PHE F 304 -8.47 -45.35 -23.57
N GLY F 305 -7.93 -46.39 -24.18
CA GLY F 305 -6.67 -46.29 -24.90
C GLY F 305 -6.76 -46.99 -26.23
N GLY F 306 -6.19 -46.36 -27.26
CA GLY F 306 -6.17 -46.98 -28.55
C GLY F 306 -5.14 -48.09 -28.61
N GLU F 307 -5.40 -49.07 -29.49
CA GLU F 307 -4.44 -50.11 -29.86
C GLU F 307 -3.90 -50.86 -28.65
N GLY F 308 -4.77 -51.12 -27.69
CA GLY F 308 -4.36 -51.93 -26.54
C GLY F 308 -3.63 -51.18 -25.47
N ASP F 309 -3.64 -49.85 -25.51
CA ASP F 309 -2.88 -49.03 -24.57
C ASP F 309 -3.63 -48.99 -23.24
N TRP F 310 -3.46 -50.07 -22.47
CA TRP F 310 -4.12 -50.14 -21.17
C TRP F 310 -3.62 -49.06 -20.22
N LYS F 311 -2.31 -48.78 -20.22
CA LYS F 311 -1.77 -47.74 -19.37
C LYS F 311 -2.55 -46.44 -19.57
N THR F 312 -2.65 -45.96 -20.80
CA THR F 312 -3.34 -44.68 -20.97
C THR F 312 -4.85 -44.81 -20.70
N ALA F 313 -5.45 -45.96 -21.02
CA ALA F 313 -6.85 -46.17 -20.65
C ALA F 313 -7.04 -45.93 -19.16
N ALA F 314 -6.25 -46.61 -18.32
CA ALA F 314 -6.31 -46.39 -16.88
C ALA F 314 -6.02 -44.94 -16.55
N LEU F 315 -5.02 -44.37 -17.20
CA LEU F 315 -4.68 -42.98 -16.93
C LEU F 315 -5.85 -42.07 -17.27
N VAL F 316 -6.56 -42.38 -18.37
CA VAL F 316 -7.66 -41.51 -18.81
C VAL F 316 -8.78 -41.51 -17.78
N ARG F 317 -9.24 -42.71 -17.39
CA ARG F 317 -10.18 -42.85 -16.29
C ARG F 317 -9.74 -41.99 -15.12
N LEU F 318 -8.50 -42.21 -14.65
CA LEU F 318 -8.01 -41.55 -13.43
C LEU F 318 -8.03 -40.04 -13.54
N MET F 319 -7.65 -39.51 -14.72
CA MET F 319 -7.66 -38.06 -14.91
C MET F 319 -9.09 -37.56 -15.10
N LYS F 320 -10.00 -38.41 -15.57
CA LYS F 320 -11.41 -38.03 -15.57
C LYS F 320 -11.94 -37.91 -14.15
N VAL F 321 -11.54 -38.80 -13.27
CA VAL F 321 -11.95 -38.69 -11.87
C VAL F 321 -11.44 -37.39 -11.26
N MET F 322 -10.19 -37.01 -11.54
CA MET F 322 -9.66 -35.80 -10.92
C MET F 322 -10.35 -34.55 -11.43
N ALA F 323 -10.77 -34.55 -12.68
CA ALA F 323 -11.33 -33.37 -13.34
C ALA F 323 -12.81 -33.17 -13.05
N ASP F 324 -13.36 -33.99 -12.16
CA ASP F 324 -14.79 -34.10 -11.97
C ASP F 324 -15.49 -34.46 -13.28
N GLY F 325 -14.78 -35.15 -14.16
CA GLY F 325 -15.34 -35.62 -15.40
C GLY F 325 -15.22 -34.67 -16.56
N LYS F 326 -14.66 -33.47 -16.36
CA LYS F 326 -14.68 -32.41 -17.36
C LYS F 326 -13.32 -32.24 -18.02
N GLY F 327 -13.35 -31.87 -19.31
CA GLY F 327 -12.19 -31.40 -20.04
C GLY F 327 -11.05 -32.39 -20.18
N THR F 328 -11.36 -33.68 -20.31
CA THR F 328 -10.34 -34.72 -20.23
C THR F 328 -10.60 -35.76 -21.30
N SER F 329 -9.55 -36.19 -21.98
CA SER F 329 -9.68 -37.14 -23.07
C SER F 329 -8.33 -37.77 -23.41
N PHE F 330 -8.37 -39.05 -23.77
CA PHE F 330 -7.31 -39.70 -24.55
C PHE F 330 -6.89 -38.79 -25.70
N MET F 331 -5.61 -38.90 -26.09
CA MET F 331 -5.02 -37.95 -27.05
C MET F 331 -3.80 -38.56 -27.73
N GLU F 332 -3.52 -38.08 -28.94
CA GLU F 332 -2.35 -38.56 -29.69
C GLU F 332 -1.84 -37.40 -30.53
N ASP F 333 -0.57 -37.05 -30.38
CA ASP F 333 0.03 -36.03 -31.26
C ASP F 333 0.01 -36.53 -32.69
N TYR F 334 -0.64 -35.82 -33.59
CA TYR F 334 -0.75 -36.39 -34.94
C TYR F 334 0.10 -35.67 -35.98
N THR F 335 0.10 -34.34 -36.02
CA THR F 335 1.11 -33.60 -36.79
C THR F 335 1.48 -32.31 -36.07
N TYR F 336 2.49 -31.64 -36.62
CA TYR F 336 3.02 -30.39 -36.10
C TYR F 336 2.76 -29.22 -37.03
N HIS F 337 2.50 -28.08 -36.42
CA HIS F 337 2.59 -26.80 -37.09
C HIS F 337 3.91 -26.19 -36.66
N PHE F 338 4.88 -26.16 -37.58
CA PHE F 338 6.22 -25.69 -37.27
C PHE F 338 6.46 -24.25 -37.65
N GLU F 339 5.41 -23.53 -38.06
CA GLU F 339 5.49 -22.12 -38.46
C GLU F 339 6.20 -21.29 -37.40
N PRO F 340 7.40 -20.78 -37.68
CA PRO F 340 8.11 -19.94 -36.70
C PRO F 340 7.18 -18.88 -36.12
N GLY F 341 7.26 -18.72 -34.81
CA GLY F 341 6.41 -17.79 -34.08
C GLY F 341 4.98 -18.26 -33.87
N ASN F 342 4.64 -19.47 -34.30
CA ASN F 342 3.28 -19.95 -34.25
C ASN F 342 3.26 -21.48 -34.21
N GLU F 343 4.26 -22.06 -33.55
CA GLU F 343 4.51 -23.49 -33.62
C GLU F 343 3.50 -24.25 -32.76
N MET F 344 2.78 -25.20 -33.36
CA MET F 344 1.69 -25.87 -32.69
C MET F 344 1.73 -27.37 -32.92
N ILE F 345 1.11 -28.11 -31.98
CA ILE F 345 0.85 -29.54 -32.13
C ILE F 345 -0.63 -29.73 -32.45
N LEU F 346 -0.93 -30.62 -33.38
CA LEU F 346 -2.32 -30.99 -33.68
C LEU F 346 -2.57 -32.36 -33.07
N GLY F 347 -3.41 -32.39 -32.04
CA GLY F 347 -3.76 -33.63 -31.37
C GLY F 347 -5.09 -34.16 -31.87
N ALA F 348 -5.11 -35.43 -32.19
CA ALA F 348 -6.30 -36.07 -32.71
C ALA F 348 -6.14 -37.57 -32.43
N HIS F 349 -6.93 -38.39 -33.13
CA HIS F 349 -6.73 -39.83 -33.13
C HIS F 349 -7.67 -40.43 -34.17
N MET F 350 -7.28 -41.62 -34.66
CA MET F 350 -8.04 -42.45 -35.58
C MET F 350 -9.52 -42.12 -35.57
N LEU F 351 -10.16 -42.37 -34.43
CA LEU F 351 -11.59 -42.16 -34.25
C LEU F 351 -11.86 -41.49 -32.91
N GLU F 352 -11.08 -41.87 -31.90
CA GLU F 352 -11.51 -41.85 -30.49
C GLU F 352 -10.99 -40.62 -29.75
N VAL F 353 -11.78 -39.54 -29.75
CA VAL F 353 -11.47 -38.33 -29.00
C VAL F 353 -12.72 -37.95 -28.22
N CYS F 354 -12.56 -37.71 -26.93
CA CYS F 354 -13.73 -37.53 -26.06
C CYS F 354 -14.32 -36.13 -26.28
N PRO F 355 -15.64 -36.02 -26.46
CA PRO F 355 -16.24 -34.70 -26.69
C PRO F 355 -16.15 -33.74 -25.54
N THR F 356 -15.66 -34.15 -24.36
CA THR F 356 -15.65 -33.24 -23.22
C THR F 356 -14.58 -32.15 -23.35
N ILE F 357 -13.70 -32.24 -24.36
CA ILE F 357 -12.73 -31.19 -24.66
C ILE F 357 -13.25 -30.24 -25.75
N ALA F 358 -14.49 -30.41 -26.21
CA ALA F 358 -14.99 -29.71 -27.38
C ALA F 358 -15.39 -28.28 -27.08
N ALA F 359 -14.89 -27.33 -27.89
CA ALA F 359 -15.45 -25.98 -27.90
C ALA F 359 -16.55 -25.82 -28.95
N THR F 360 -16.53 -26.65 -29.99
CA THR F 360 -17.64 -26.80 -30.92
C THR F 360 -18.63 -27.81 -30.38
N ARG F 361 -19.91 -27.54 -30.56
CA ARG F 361 -20.91 -28.55 -30.25
C ARG F 361 -20.60 -29.75 -31.13
N PRO F 362 -20.35 -30.93 -30.57
CA PRO F 362 -19.93 -32.07 -31.39
C PRO F 362 -20.93 -32.36 -32.50
N ARG F 363 -20.41 -32.94 -33.59
CA ARG F 363 -21.21 -33.23 -34.79
C ARG F 363 -20.86 -34.62 -35.30
N ILE F 364 -21.84 -35.52 -35.28
CA ILE F 364 -21.65 -36.84 -35.87
C ILE F 364 -21.32 -36.69 -37.35
N GLU F 365 -20.16 -37.16 -37.75
CA GLU F 365 -19.81 -37.32 -39.16
C GLU F 365 -19.51 -38.78 -39.42
N VAL F 366 -19.58 -39.17 -40.70
CA VAL F 366 -19.21 -40.52 -41.10
C VAL F 366 -18.26 -40.39 -42.29
N HIS F 367 -17.17 -41.17 -42.26
CA HIS F 367 -16.11 -41.12 -43.24
C HIS F 367 -15.54 -42.52 -43.39
N PRO F 368 -14.70 -42.76 -44.40
CA PRO F 368 -14.05 -44.06 -44.51
C PRO F 368 -12.91 -44.19 -43.49
N LEU F 369 -12.42 -45.43 -43.34
CA LEU F 369 -11.28 -45.72 -42.45
C LEU F 369 -10.44 -46.82 -43.07
N SER F 370 -9.26 -46.44 -43.59
CA SER F 370 -8.35 -47.41 -44.19
C SER F 370 -7.97 -48.49 -43.19
N ILE F 371 -7.77 -48.10 -41.93
CA ILE F 371 -7.20 -48.93 -40.88
C ILE F 371 -8.19 -50.02 -40.46
N GLY F 372 -7.66 -51.22 -40.21
CA GLY F 372 -8.48 -52.34 -39.76
C GLY F 372 -9.38 -52.92 -40.84
N GLY F 373 -9.61 -52.14 -41.90
CA GLY F 373 -10.34 -52.60 -43.06
C GLY F 373 -11.74 -53.05 -42.72
N LYS F 374 -12.49 -52.20 -42.04
CA LYS F 374 -13.88 -52.47 -41.69
C LYS F 374 -14.69 -51.24 -42.01
N GLU F 375 -15.99 -51.28 -41.69
CA GLU F 375 -16.96 -50.32 -42.19
C GLU F 375 -16.45 -48.90 -42.00
N ASP F 376 -16.91 -48.01 -42.86
CA ASP F 376 -16.70 -46.57 -42.74
C ASP F 376 -17.39 -46.06 -41.48
N PRO F 377 -16.65 -45.75 -40.41
CA PRO F 377 -17.27 -45.54 -39.10
C PRO F 377 -17.73 -44.11 -38.82
N ALA F 378 -18.72 -44.02 -37.95
CA ALA F 378 -19.21 -42.75 -37.45
C ALA F 378 -18.39 -42.30 -36.26
N ARG F 379 -18.34 -40.99 -36.05
CA ARG F 379 -17.47 -40.45 -35.02
C ARG F 379 -17.85 -39.00 -34.78
N LEU F 380 -17.64 -38.54 -33.54
CA LEU F 380 -17.87 -37.15 -33.23
C LEU F 380 -16.72 -36.31 -33.78
N VAL F 381 -17.05 -35.13 -34.32
CA VAL F 381 -16.09 -34.26 -34.97
C VAL F 381 -16.29 -32.85 -34.45
N PHE F 382 -15.22 -32.22 -33.99
CA PHE F 382 -15.31 -30.93 -33.32
C PHE F 382 -13.90 -30.40 -33.15
N ASP F 383 -13.80 -29.13 -32.76
CA ASP F 383 -12.53 -28.50 -32.43
C ASP F 383 -12.38 -28.45 -30.92
N GLY F 384 -11.23 -28.93 -30.43
CA GLY F 384 -10.95 -28.81 -29.02
C GLY F 384 -10.89 -27.36 -28.56
N GLY F 385 -10.99 -27.18 -27.25
CA GLY F 385 -11.16 -25.87 -26.65
C GLY F 385 -9.87 -25.11 -26.51
N GLU F 386 -9.85 -24.20 -25.54
CA GLU F 386 -8.75 -23.27 -25.35
C GLU F 386 -8.48 -23.11 -23.86
N GLY F 387 -7.25 -22.74 -23.52
CA GLY F 387 -6.84 -22.49 -22.15
C GLY F 387 -5.74 -23.44 -21.70
N ALA F 388 -5.24 -23.17 -20.50
CA ALA F 388 -4.18 -24.01 -19.93
C ALA F 388 -4.63 -25.45 -19.89
N ALA F 389 -3.66 -26.36 -20.05
CA ALA F 389 -3.96 -27.78 -20.06
C ALA F 389 -2.69 -28.56 -19.71
N VAL F 390 -2.86 -29.88 -19.57
CA VAL F 390 -1.77 -30.81 -19.32
C VAL F 390 -1.96 -32.04 -20.20
N ASN F 391 -0.83 -32.61 -20.61
CA ASN F 391 -0.79 -33.80 -21.44
C ASN F 391 0.09 -34.81 -20.71
N ALA F 392 -0.43 -36.00 -20.49
CA ALA F 392 0.19 -36.93 -19.56
C ALA F 392 0.36 -38.30 -20.21
N SER F 393 1.55 -38.86 -20.08
CA SER F 393 1.81 -40.23 -20.47
C SER F 393 2.31 -41.02 -19.27
N LEU F 394 1.80 -42.23 -19.13
CA LEU F 394 2.35 -43.18 -18.18
C LEU F 394 2.99 -44.29 -18.97
N ILE F 395 4.27 -44.53 -18.70
CA ILE F 395 5.07 -45.48 -19.46
C ILE F 395 5.76 -46.43 -18.50
N ASP F 396 6.22 -47.54 -19.04
CA ASP F 396 6.93 -48.56 -18.29
C ASP F 396 8.39 -48.55 -18.75
N LEU F 397 9.28 -48.09 -17.89
CA LEU F 397 10.71 -48.10 -18.18
C LEU F 397 11.32 -49.48 -18.01
N GLY F 398 10.50 -50.49 -17.69
CA GLY F 398 10.93 -51.86 -17.52
C GLY F 398 10.89 -52.30 -16.07
N HIS F 399 11.59 -51.55 -15.25
CA HIS F 399 11.72 -51.82 -13.82
C HIS F 399 10.79 -50.94 -12.99
N ARG F 400 10.20 -49.92 -13.60
CA ARG F 400 9.34 -48.99 -12.88
C ARG F 400 8.65 -48.13 -13.93
N PHE F 401 7.57 -47.49 -13.52
CA PHE F 401 6.77 -46.62 -14.38
C PHE F 401 7.25 -45.19 -14.25
N ARG F 402 7.00 -44.41 -15.29
CA ARG F 402 7.27 -42.99 -15.23
C ARG F 402 6.05 -42.26 -15.77
N LEU F 403 5.64 -41.23 -15.06
CA LEU F 403 4.53 -40.38 -15.48
C LEU F 403 5.11 -39.07 -16.00
N ILE F 404 4.86 -38.75 -17.28
CA ILE F 404 5.37 -37.52 -17.88
C ILE F 404 4.23 -36.54 -18.11
N VAL F 405 4.42 -35.32 -17.66
CA VAL F 405 3.38 -34.30 -17.68
C VAL F 405 3.91 -33.08 -18.41
N ASN F 406 3.32 -32.78 -19.56
CA ASN F 406 3.63 -31.58 -20.33
C ASN F 406 2.53 -30.55 -20.07
N GLU F 407 2.88 -29.46 -19.39
CA GLU F 407 1.95 -28.34 -19.28
C GLU F 407 1.85 -27.65 -20.63
N VAL F 408 0.66 -27.63 -21.21
CA VAL F 408 0.50 -27.04 -22.53
C VAL F 408 -0.54 -25.93 -22.50
N ASP F 409 -0.71 -25.27 -23.63
CA ASP F 409 -1.77 -24.27 -23.82
C ASP F 409 -2.52 -24.63 -25.11
N ALA F 410 -3.79 -25.00 -24.99
CA ALA F 410 -4.62 -25.29 -26.15
C ALA F 410 -5.20 -24.01 -26.73
N VAL F 411 -5.22 -23.92 -28.07
CA VAL F 411 -5.59 -22.67 -28.72
C VAL F 411 -6.76 -22.89 -29.66
N LYS F 412 -7.50 -21.81 -29.90
CA LYS F 412 -8.59 -21.85 -30.87
C LYS F 412 -8.00 -21.96 -32.29
N PRO F 413 -8.44 -22.93 -33.08
CA PRO F 413 -7.95 -23.04 -34.47
C PRO F 413 -8.19 -21.74 -35.24
N GLU F 414 -7.12 -21.23 -35.85
CA GLU F 414 -7.22 -20.00 -36.62
C GLU F 414 -7.88 -20.25 -37.98
N HIS F 415 -7.80 -21.47 -38.52
CA HIS F 415 -8.40 -21.81 -39.80
C HIS F 415 -9.20 -23.10 -39.66
N ASP F 416 -10.08 -23.33 -40.63
CA ASP F 416 -10.87 -24.55 -40.63
C ASP F 416 -10.06 -25.72 -41.18
N MET F 417 -10.58 -26.93 -40.96
CA MET F 417 -10.00 -28.16 -41.53
C MET F 417 -11.15 -29.02 -42.03
N PRO F 418 -11.77 -28.64 -43.15
CA PRO F 418 -13.00 -29.33 -43.57
C PRO F 418 -12.77 -30.74 -44.06
N LYS F 419 -11.56 -31.06 -44.51
CA LYS F 419 -11.27 -32.40 -45.01
C LYS F 419 -10.74 -33.31 -43.92
N LEU F 420 -10.56 -32.79 -42.70
CA LEU F 420 -10.10 -33.60 -41.58
C LEU F 420 -11.31 -34.28 -40.93
N PRO F 421 -11.38 -35.62 -40.97
CA PRO F 421 -12.62 -36.31 -40.63
C PRO F 421 -12.74 -36.82 -39.19
N VAL F 422 -11.93 -36.29 -38.27
CA VAL F 422 -11.97 -36.71 -36.87
C VAL F 422 -11.80 -35.50 -35.96
N ALA F 423 -12.04 -35.71 -34.67
CA ALA F 423 -11.91 -34.64 -33.70
C ALA F 423 -10.45 -34.17 -33.61
N ARG F 424 -10.28 -32.89 -33.29
CA ARG F 424 -9.03 -32.16 -33.45
C ARG F 424 -8.88 -31.17 -32.32
N ILE F 425 -7.69 -31.09 -31.74
CA ILE F 425 -7.39 -29.97 -30.87
C ILE F 425 -5.95 -29.52 -31.13
N LEU F 426 -5.75 -28.20 -31.08
CA LEU F 426 -4.46 -27.57 -31.26
C LEU F 426 -3.94 -27.11 -29.91
N TRP F 427 -2.62 -27.21 -29.73
CA TRP F 427 -2.05 -26.71 -28.49
C TRP F 427 -0.58 -26.39 -28.68
N LYS F 428 -0.12 -25.38 -27.95
CA LYS F 428 1.25 -24.90 -28.02
C LYS F 428 1.96 -25.32 -26.74
N PRO F 429 2.84 -26.32 -26.80
CA PRO F 429 3.37 -26.91 -25.57
C PRO F 429 4.43 -26.03 -24.92
N ARG F 430 4.36 -25.95 -23.59
CA ARG F 430 5.40 -25.23 -22.88
C ARG F 430 6.65 -26.10 -22.73
N PRO F 431 7.84 -25.48 -22.78
CA PRO F 431 8.02 -24.05 -23.03
C PRO F 431 8.04 -23.67 -24.54
N SER F 432 8.09 -24.67 -25.40
CA SER F 432 8.15 -24.49 -26.85
C SER F 432 7.83 -25.84 -27.48
N LEU F 433 7.44 -25.84 -28.74
CA LEU F 433 7.38 -27.11 -29.43
C LEU F 433 8.77 -27.73 -29.46
N ARG F 434 9.80 -26.90 -29.68
CA ARG F 434 11.17 -27.40 -29.73
C ARG F 434 11.55 -28.11 -28.42
N ASP F 435 11.51 -27.42 -27.30
CA ASP F 435 12.07 -28.09 -26.14
C ASP F 435 11.10 -29.09 -25.51
N SER F 436 9.79 -28.80 -25.52
CA SER F 436 8.84 -29.76 -24.95
C SER F 436 9.04 -31.15 -25.54
N ALA F 437 9.17 -31.21 -26.86
CA ALA F 437 9.26 -32.48 -27.56
C ALA F 437 10.60 -33.15 -27.31
N GLU F 438 11.68 -32.38 -27.34
CA GLU F 438 12.97 -32.93 -26.99
C GLU F 438 12.94 -33.51 -25.58
N ALA F 439 12.48 -32.70 -24.62
CA ALA F 439 12.30 -33.18 -23.26
C ALA F 439 11.39 -34.41 -23.24
N TRP F 440 10.24 -34.32 -23.90
CA TRP F 440 9.29 -35.42 -23.93
C TRP F 440 9.96 -36.71 -24.41
N ILE F 441 10.82 -36.59 -25.43
CA ILE F 441 11.42 -37.76 -26.05
C ILE F 441 12.53 -38.33 -25.17
N LEU F 442 13.33 -37.44 -24.56
CA LEU F 442 14.30 -37.86 -23.55
C LEU F 442 13.63 -38.59 -22.40
N ALA F 443 12.45 -38.11 -21.99
CA ALA F 443 11.67 -38.77 -20.96
C ALA F 443 11.06 -40.09 -21.44
N GLY F 444 10.88 -40.25 -22.74
CA GLY F 444 10.27 -41.46 -23.28
C GLY F 444 8.77 -41.43 -23.35
N GLY F 445 8.16 -40.25 -23.21
CA GLY F 445 6.72 -40.13 -23.23
C GLY F 445 6.11 -40.83 -24.43
N ALA F 446 4.93 -41.42 -24.24
CA ALA F 446 4.28 -42.13 -25.33
C ALA F 446 3.73 -41.14 -26.36
N HIS F 447 3.13 -41.69 -27.42
CA HIS F 447 2.37 -40.85 -28.33
C HIS F 447 0.94 -40.70 -27.86
N HIS F 448 0.37 -41.79 -27.35
CA HIS F 448 -0.85 -41.72 -26.58
C HIS F 448 -0.62 -40.91 -25.31
N THR F 449 -1.52 -39.97 -25.04
CA THR F 449 -1.51 -39.23 -23.79
C THR F 449 -2.93 -39.07 -23.28
N CYS F 450 -3.06 -38.58 -22.05
CA CYS F 450 -4.34 -38.08 -21.57
C CYS F 450 -4.25 -36.57 -21.47
N PHE F 451 -4.84 -35.91 -22.46
CA PHE F 451 -4.99 -34.45 -22.47
C PHE F 451 -6.09 -34.05 -21.51
N SER F 452 -5.85 -32.99 -20.73
CA SER F 452 -6.91 -32.53 -19.85
C SER F 452 -6.75 -31.04 -19.57
N PHE F 453 -7.89 -30.37 -19.46
CA PHE F 453 -8.03 -28.95 -19.13
C PHE F 453 -8.19 -28.68 -17.65
N ALA F 454 -8.26 -29.71 -16.82
CA ALA F 454 -8.79 -29.54 -15.47
C ALA F 454 -7.90 -30.23 -14.45
N VAL F 455 -7.28 -31.34 -14.84
CA VAL F 455 -6.23 -31.95 -14.04
C VAL F 455 -5.03 -31.01 -14.02
N THR F 456 -4.55 -30.66 -12.83
CA THR F 456 -3.39 -29.78 -12.70
C THR F 456 -2.15 -30.62 -12.43
N THR F 457 -0.98 -30.10 -12.82
CA THR F 457 0.26 -30.85 -12.64
C THR F 457 0.39 -31.32 -11.19
N GLU F 458 0.10 -30.43 -10.25
CA GLU F 458 0.18 -30.76 -8.83
C GLU F 458 -0.62 -32.03 -8.52
N GLN F 459 -1.79 -32.19 -9.12
CA GLN F 459 -2.56 -33.39 -8.85
C GLN F 459 -1.85 -34.62 -9.37
N LEU F 460 -1.25 -34.53 -10.55
CA LEU F 460 -0.57 -35.70 -11.08
C LEU F 460 0.70 -36.00 -10.30
N GLN F 461 1.47 -34.95 -9.95
CA GLN F 461 2.58 -35.12 -9.03
C GLN F 461 2.13 -35.75 -7.72
N ASP F 462 0.97 -35.33 -7.20
CA ASP F 462 0.42 -35.92 -5.99
C ASP F 462 -0.04 -37.35 -6.23
N PHE F 463 -0.61 -37.63 -7.40
CA PHE F 463 -0.94 -39.02 -7.69
C PHE F 463 0.33 -39.88 -7.73
N ALA F 464 1.37 -39.40 -8.42
CA ALA F 464 2.62 -40.13 -8.52
C ALA F 464 3.21 -40.42 -7.14
N GLU F 465 3.24 -39.41 -6.27
CA GLU F 465 3.63 -39.59 -4.87
C GLU F 465 2.80 -40.69 -4.21
N MET F 466 1.47 -40.61 -4.27
CA MET F 466 0.62 -41.66 -3.69
C MET F 466 0.98 -43.03 -4.25
N ALA F 467 1.14 -43.12 -5.58
CA ALA F 467 1.50 -44.40 -6.18
C ALA F 467 2.97 -44.76 -5.98
N GLY F 468 3.81 -43.77 -5.67
CA GLY F 468 5.22 -44.04 -5.54
C GLY F 468 5.84 -44.35 -6.88
N ILE F 469 5.60 -43.46 -7.83
CA ILE F 469 6.25 -43.51 -9.13
C ILE F 469 6.83 -42.13 -9.39
N GLU F 470 7.86 -42.10 -10.22
CA GLU F 470 8.41 -40.82 -10.67
C GLU F 470 7.39 -40.05 -11.50
N CYS F 471 7.31 -38.76 -11.25
CA CYS F 471 6.58 -37.87 -12.14
C CYS F 471 7.53 -36.76 -12.54
N VAL F 472 7.74 -36.62 -13.84
CA VAL F 472 8.51 -35.53 -14.39
C VAL F 472 7.55 -34.62 -15.13
N VAL F 473 7.83 -33.31 -15.05
CA VAL F 473 6.93 -32.26 -15.52
C VAL F 473 7.69 -31.39 -16.51
N ILE F 474 7.17 -31.30 -17.72
CA ILE F 474 7.67 -30.35 -18.71
C ILE F 474 6.75 -29.14 -18.71
N ASN F 475 7.26 -27.99 -18.32
CA ASN F 475 6.44 -26.79 -18.24
C ASN F 475 7.26 -25.61 -18.75
N GLU F 476 6.85 -24.39 -18.34
CA GLU F 476 7.46 -23.15 -18.81
C GLU F 476 8.86 -22.93 -18.25
N HIS F 477 9.21 -23.56 -17.15
CA HIS F 477 10.55 -23.41 -16.59
C HIS F 477 11.51 -24.50 -17.04
N THR F 478 11.05 -25.42 -17.88
CA THR F 478 11.85 -26.57 -18.23
C THR F 478 13.06 -26.14 -19.06
N SER F 479 14.24 -26.49 -18.60
CA SER F 479 15.44 -26.41 -19.40
C SER F 479 15.86 -27.84 -19.74
N VAL F 480 16.19 -28.09 -21.00
CA VAL F 480 16.48 -29.47 -21.42
C VAL F 480 17.70 -30.02 -20.69
N SER F 481 18.70 -29.17 -20.46
CA SER F 481 19.90 -29.58 -19.75
C SER F 481 19.56 -30.09 -18.35
N SER F 482 18.91 -29.26 -17.54
CA SER F 482 18.57 -29.68 -16.18
C SER F 482 17.55 -30.80 -16.19
N PHE F 483 16.65 -30.82 -17.18
CA PHE F 483 15.71 -31.93 -17.32
C PHE F 483 16.45 -33.25 -17.55
N LYS F 484 17.53 -33.23 -18.34
CA LYS F 484 18.36 -34.42 -18.46
C LYS F 484 18.89 -34.84 -17.09
N ASN F 485 19.23 -33.86 -16.26
CA ASN F 485 19.78 -34.20 -14.96
C ASN F 485 18.69 -34.71 -14.01
N GLU F 486 17.47 -34.15 -14.10
CA GLU F 486 16.33 -34.71 -13.36
C GLU F 486 16.13 -36.19 -13.68
N LEU F 487 16.08 -36.54 -14.98
CA LEU F 487 15.89 -37.93 -15.38
C LEU F 487 17.03 -38.81 -14.89
N LYS F 488 18.25 -38.29 -14.89
CA LYS F 488 19.36 -39.08 -14.36
C LYS F 488 19.23 -39.26 -12.85
N TRP F 489 18.91 -38.18 -12.13
CA TRP F 489 18.89 -38.28 -10.66
C TRP F 489 17.63 -38.98 -10.16
N ASN F 490 16.48 -38.75 -10.80
CA ASN F 490 15.29 -39.50 -10.42
C ASN F 490 15.51 -41.00 -10.60
N GLU F 491 16.23 -41.40 -11.67
CA GLU F 491 16.43 -42.83 -11.91
C GLU F 491 17.20 -43.46 -10.76
N VAL F 492 18.22 -42.77 -10.26
CA VAL F 492 18.95 -43.23 -9.08
C VAL F 492 18.00 -43.47 -7.92
N PHE F 493 17.03 -42.56 -7.72
CA PHE F 493 16.22 -42.61 -6.52
C PHE F 493 15.16 -43.70 -6.58
N TRP F 494 14.68 -44.00 -7.79
CA TRP F 494 13.51 -44.85 -7.93
C TRP F 494 13.84 -46.33 -8.13
N ARG F 495 15.11 -46.71 -8.26
CA ARG F 495 15.43 -48.14 -8.33
C ARG F 495 15.20 -48.80 -6.99
N GLY F 496 14.82 -50.08 -7.05
CA GLY F 496 14.20 -50.73 -5.92
C GLY F 496 12.81 -50.14 -5.74
N ARG F 497 12.53 -49.55 -4.59
CA ARG F 497 11.23 -48.89 -4.34
C ARG F 497 10.03 -49.83 -4.46
C1 MPD G . 18.47 9.01 24.99
C2 MPD G . 18.70 9.64 26.35
O2 MPD G . 18.50 11.07 26.25
CM MPD G . 17.69 9.09 27.36
C3 MPD G . 20.11 9.34 26.82
C4 MPD G . 21.14 9.39 25.69
O4 MPD G . 21.92 10.55 25.88
C5 MPD G . 22.06 8.17 25.69
MN MN H . 5.61 27.00 -4.48
MN MN I . 20.98 12.51 -11.49
C1 RB0 J . -7.03 18.22 38.30
O1 RB0 J . -8.37 17.87 38.13
C2 RB0 J . -6.49 17.39 39.45
O2 RB0 J . -7.53 17.18 40.37
C3 RB0 J . -5.31 18.11 40.10
O3 RB0 J . -4.25 17.21 40.26
C4 RB0 J . -5.70 18.73 41.46
O4 RB0 J . -4.97 19.93 41.63
C5 RB0 J . -5.47 17.74 42.62
O5 RB0 J . -4.26 17.98 43.31
MN MN K . -9.54 16.65 38.96
MN MN L . -14.78 28.01 20.60
C1 MPD M . 42.64 -13.43 8.93
C2 MPD M . 42.41 -14.84 9.44
O2 MPD M . 41.07 -14.90 9.97
CM MPD M . 42.52 -15.86 8.31
C3 MPD M . 43.41 -15.21 10.55
C4 MPD M . 43.27 -14.31 11.79
O4 MPD M . 41.91 -14.11 12.05
C5 MPD M . 43.95 -14.89 13.04
MN MN N . 10.06 -29.53 24.01
C1 RB0 O . 21.61 10.44 -17.95
O1 RB0 O . 22.82 9.73 -17.90
C2 RB0 O . 21.17 10.66 -16.48
O2 RB0 O . 19.95 10.02 -16.22
C3 RB0 O . 20.96 12.12 -16.08
O3 RB0 O . 21.92 12.94 -16.71
C4 RB0 O . 20.98 12.26 -14.54
O4 RB0 O . 21.24 11.07 -13.87
C5 RB0 O . 19.64 12.75 -13.99
O5 RB0 O . 19.89 13.55 -12.86
C1 RB0 P . -38.14 0.29 -7.55
O1 RB0 P . -37.59 1.36 -8.25
C2 RB0 P . -38.82 -0.68 -8.51
O2 RB0 P . -38.12 -0.68 -9.71
C3 RB0 P . -40.23 -0.21 -8.85
O3 RB0 P . -40.34 1.17 -8.60
C4 RB0 P . -41.25 -0.97 -8.02
O4 RB0 P . -41.26 -2.34 -8.36
C5 RB0 P . -42.61 -0.35 -8.32
O5 RB0 P . -42.59 0.94 -7.78
MN MN Q . -36.62 -0.20 -10.83
MN MN R . -25.87 18.75 -8.76
C1 RB0 S . 19.48 45.68 -8.78
O1 RB0 S . 18.96 46.97 -8.67
C2 RB0 S . 19.22 44.97 -7.46
O2 RB0 S . 17.86 44.66 -7.37
C3 RB0 S . 19.61 45.91 -6.33
O3 RB0 S . 19.09 47.19 -6.61
C4 RB0 S . 21.13 45.98 -6.04
O4 RB0 S . 21.95 45.50 -7.07
C5 RB0 S . 21.41 45.18 -4.78
O5 RB0 S . 22.51 45.76 -4.11
MN MN T . 17.28 44.88 -9.93
C1 RB0 U . 4.19 -32.23 25.13
O1 RB0 U . 3.24 -33.09 25.70
C2 RB0 U . 4.69 -31.10 26.01
O2 RB0 U . 3.64 -30.43 26.69
C3 RB0 U . 5.49 -30.08 25.17
O3 RB0 U . 5.46 -30.31 23.79
C4 RB0 U . 6.92 -30.25 25.63
O4 RB0 U . 6.94 -29.97 27.01
C5 RB0 U . 7.77 -29.29 24.82
O5 RB0 U . 7.80 -29.80 23.51
C1 RB0 V . -2.71 -45.47 -37.42
O1 RB0 V . -3.13 -44.19 -37.82
C2 RB0 V . -1.23 -45.44 -37.00
O2 RB0 V . -0.79 -46.70 -36.60
C3 RB0 V . -1.09 -44.42 -35.88
O3 RB0 V . 0.18 -43.80 -35.95
C4 RB0 V . -1.39 -45.11 -34.53
O4 RB0 V . -2.63 -44.65 -34.06
C5 RB0 V . -0.30 -44.85 -33.48
O5 RB0 V . -0.52 -45.58 -32.29
MN MN W . -2.79 -44.46 -31.36
#